data_4YPL
#
_entry.id   4YPL
#
_cell.length_a   169.044
_cell.length_b   169.128
_cell.length_c   135.361
_cell.angle_alpha   90.00
_cell.angle_beta   90.00
_cell.angle_gamma   90.00
#
_symmetry.space_group_name_H-M   'P 21 21 2'
#
loop_
_entity.id
_entity.type
_entity.pdbx_description
1 polymer 'Lon protease'
2 non-polymer N-[(1R)-1-(dihydroxyboranyl)-2-phenylethyl]-Nalpha-(pyrazin-2-ylcarbonyl)-L-phenylalaninamide
3 non-polymer "ADENOSINE-5'-DIPHOSPHATE"
#
_entity_poly.entity_id   1
_entity_poly.type   'polypeptide(L)'
_entity_poly.pdbx_seq_one_letter_code
;GHMGLSDLEALRKKIEEVGMPEAVKTKALKELDRLERMQQGSPEATVARTYLDWLTEVPWSKADPEVLDINHTRQVLDED
HYGLKDVKERILEYLAVRQLTQGLDVRNKAPILVLVGPPGVGKTSLGRSIARSMNRKFHRISLGGVRDEAEIRGHRRTYI
GAMPGKLIHAMKQVGVINPVILLDQIDKMSSDWRGDPASAMLEVLDPEQNNTFTDHYLDVPYDLSKVFFITTANTLQTIP
RPLLDRMEVIEIPGYTNMEKQAIARQYLWPKQVRESGMEGRIEVTDAAILRVISEYTREAGVRGLERELGKIARKGAKFW
LEGAWEGLRTIDASDIPTYLGIPRYRPDKAETEPQVGTAQGLAWTPVGGTLLTIEVAAVPGSGKLSLTGQLGEVMKESAQ
AALTYLRAHTQDYGLPEDFYNKVDLHVHVPDGATPKDGPSAGITMATAIASALSRRPARMDIAMTGEVSLRGKVMPIGGV
KEKLLAAHQAGIHKIVLPKDNEAQLEELPKEVLEGLEIKLVEDVGEVLEYLLLPEPTMPPVVQPSDNRQQPGAGA
;
_entity_poly.pdbx_strand_id   A,B,C,F,D,E
#
# COMPACT_ATOMS: atom_id res chain seq x y z
N SER A 6 -36.28 -56.50 -11.67
CA SER A 6 -35.22 -57.53 -11.45
C SER A 6 -33.79 -57.03 -11.69
N ASP A 7 -33.65 -55.89 -12.36
CA ASP A 7 -32.33 -55.30 -12.60
C ASP A 7 -31.59 -54.93 -11.32
N LEU A 8 -32.36 -54.67 -10.25
CA LEU A 8 -31.76 -54.45 -8.94
C LEU A 8 -30.89 -55.64 -8.55
N GLU A 9 -31.41 -56.85 -8.74
CA GLU A 9 -30.67 -58.05 -8.38
C GLU A 9 -29.76 -58.55 -9.51
N ALA A 10 -29.99 -58.05 -10.72
CA ALA A 10 -28.98 -58.10 -11.77
C ALA A 10 -27.75 -57.39 -11.22
N LEU A 11 -27.99 -56.28 -10.52
CA LEU A 11 -26.93 -55.53 -9.84
C LEU A 11 -26.30 -56.29 -8.67
N ARG A 12 -27.10 -57.06 -7.92
CA ARG A 12 -26.53 -58.00 -6.95
C ARG A 12 -25.52 -58.89 -7.65
N LYS A 13 -25.95 -59.47 -8.78
CA LYS A 13 -25.08 -60.34 -9.57
C LYS A 13 -23.79 -59.60 -9.86
N LYS A 14 -23.90 -58.34 -10.25
CA LYS A 14 -22.73 -57.57 -10.69
C LYS A 14 -21.78 -57.16 -9.57
N ILE A 15 -22.31 -56.84 -8.39
CA ILE A 15 -21.44 -56.59 -7.23
C ILE A 15 -20.60 -57.83 -6.98
N GLU A 16 -21.28 -58.97 -7.02
CA GLU A 16 -20.62 -60.27 -6.81
C GLU A 16 -19.61 -60.56 -7.93
N GLU A 17 -20.03 -60.38 -9.18
CA GLU A 17 -19.21 -60.72 -10.34
C GLU A 17 -17.87 -59.99 -10.33
N VAL A 18 -17.95 -58.67 -10.20
CA VAL A 18 -16.84 -57.77 -10.49
C VAL A 18 -15.86 -57.78 -9.35
N GLY A 19 -14.67 -57.24 -9.58
CA GLY A 19 -13.73 -57.00 -8.52
C GLY A 19 -13.39 -58.33 -7.88
N MET A 20 -13.67 -58.51 -6.59
CA MET A 20 -14.13 -57.47 -5.64
C MET A 20 -13.53 -57.82 -4.29
N PRO A 21 -12.79 -56.89 -3.69
CA PRO A 21 -12.27 -57.26 -2.37
C PRO A 21 -13.46 -57.56 -1.47
N GLU A 22 -13.34 -58.61 -0.66
CA GLU A 22 -14.51 -59.22 -0.01
C GLU A 22 -15.18 -58.31 1.02
N ALA A 23 -14.37 -57.52 1.72
CA ALA A 23 -14.88 -56.63 2.78
C ALA A 23 -15.80 -55.58 2.19
N VAL A 24 -15.31 -54.90 1.15
CA VAL A 24 -16.11 -53.92 0.43
C VAL A 24 -17.32 -54.62 -0.15
N LYS A 25 -17.11 -55.84 -0.66
CA LYS A 25 -18.19 -56.60 -1.27
C LYS A 25 -19.32 -56.76 -0.28
N THR A 26 -19.00 -57.22 0.93
CA THR A 26 -20.02 -57.49 1.93
C THR A 26 -20.81 -56.22 2.24
N LYS A 27 -20.09 -55.12 2.50
CA LYS A 27 -20.72 -53.83 2.82
C LYS A 27 -21.56 -53.34 1.64
N ALA A 28 -21.10 -53.63 0.43
CA ALA A 28 -21.81 -53.28 -0.81
C ALA A 28 -23.17 -53.97 -0.87
N LEU A 29 -23.18 -55.27 -0.63
CA LEU A 29 -24.43 -56.02 -0.59
C LEU A 29 -25.29 -55.58 0.58
N LYS A 30 -24.68 -55.23 1.71
CA LYS A 30 -25.44 -54.66 2.83
C LYS A 30 -26.25 -53.47 2.37
N GLU A 31 -25.60 -52.56 1.66
CA GLU A 31 -26.26 -51.35 1.17
C GLU A 31 -27.33 -51.67 0.14
N LEU A 32 -27.03 -52.58 -0.79
CA LEU A 32 -28.03 -53.04 -1.75
C LEU A 32 -29.26 -53.50 -0.99
N ASP A 33 -29.03 -54.30 0.04
CA ASP A 33 -30.14 -54.91 0.78
C ASP A 33 -30.93 -53.91 1.65
N ARG A 34 -30.26 -52.89 2.20
CA ARG A 34 -30.96 -51.80 2.88
C ARG A 34 -31.86 -51.06 1.89
N LEU A 35 -31.29 -50.66 0.76
CA LEU A 35 -32.06 -49.98 -0.27
C LEU A 35 -33.10 -50.94 -0.83
N GLU A 36 -32.82 -52.24 -0.78
CA GLU A 36 -33.72 -53.28 -1.29
C GLU A 36 -35.19 -53.07 -0.88
N ARG A 37 -35.43 -52.53 0.32
CA ARG A 37 -36.78 -52.08 0.73
C ARG A 37 -37.58 -51.50 -0.44
N MET A 38 -36.88 -50.73 -1.27
CA MET A 38 -37.47 -49.89 -2.30
C MET A 38 -37.99 -50.66 -3.52
N GLN A 39 -39.30 -50.50 -3.76
CA GLN A 39 -39.92 -50.80 -5.04
C GLN A 39 -40.05 -49.51 -5.87
N GLN A 40 -40.34 -48.40 -5.17
CA GLN A 40 -40.25 -47.06 -5.75
C GLN A 40 -39.89 -46.02 -4.68
N GLY A 41 -39.72 -44.78 -5.13
CA GLY A 41 -39.18 -43.69 -4.33
C GLY A 41 -37.92 -43.24 -5.05
N SER A 42 -37.01 -42.52 -4.40
CA SER A 42 -37.23 -41.77 -3.17
C SER A 42 -36.18 -40.73 -3.42
N PRO A 43 -35.83 -39.90 -2.44
CA PRO A 43 -34.56 -39.24 -2.67
C PRO A 43 -33.44 -40.22 -2.39
N GLU A 44 -33.52 -40.89 -1.25
CA GLU A 44 -32.39 -41.64 -0.73
C GLU A 44 -32.10 -42.89 -1.55
N ALA A 45 -33.14 -43.67 -1.82
CA ALA A 45 -33.00 -44.80 -2.73
C ALA A 45 -32.19 -44.39 -3.94
N THR A 46 -32.53 -43.25 -4.55
CA THR A 46 -31.81 -42.83 -5.77
C THR A 46 -30.36 -42.47 -5.49
N VAL A 47 -30.10 -41.86 -4.34
CA VAL A 47 -28.73 -41.60 -3.92
C VAL A 47 -27.97 -42.93 -3.91
N ALA A 48 -28.45 -43.84 -3.07
CA ALA A 48 -27.73 -45.09 -2.79
C ALA A 48 -27.59 -45.98 -4.03
N ARG A 49 -28.63 -46.02 -4.87
CA ARG A 49 -28.57 -46.76 -6.14
C ARG A 49 -27.32 -46.38 -6.92
N THR A 50 -27.10 -45.07 -7.05
CA THR A 50 -25.98 -44.56 -7.84
C THR A 50 -24.67 -44.87 -7.12
N TYR A 51 -24.67 -44.79 -5.80
CA TYR A 51 -23.49 -45.16 -5.04
C TYR A 51 -23.06 -46.58 -5.39
N LEU A 52 -24.00 -47.50 -5.45
CA LEU A 52 -23.69 -48.88 -5.82
C LEU A 52 -23.19 -49.01 -7.26
N ASP A 53 -23.82 -48.25 -8.17
CA ASP A 53 -23.38 -48.22 -9.56
C ASP A 53 -21.90 -47.80 -9.56
N TRP A 54 -21.59 -46.82 -8.72
CA TRP A 54 -20.22 -46.37 -8.52
C TRP A 54 -19.25 -47.47 -8.12
N LEU A 55 -19.57 -48.18 -7.05
CA LEU A 55 -18.71 -49.29 -6.59
C LEU A 55 -18.53 -50.34 -7.68
N THR A 56 -19.58 -50.61 -8.45
CA THR A 56 -19.51 -51.54 -9.57
C THR A 56 -18.58 -51.03 -10.67
N GLU A 57 -18.64 -49.73 -10.91
CA GLU A 57 -17.90 -49.08 -11.98
C GLU A 57 -16.41 -48.82 -11.77
N VAL A 58 -16.02 -48.38 -10.58
CA VAL A 58 -14.59 -48.24 -10.30
C VAL A 58 -13.96 -49.59 -10.58
N PRO A 59 -12.64 -49.63 -10.88
CA PRO A 59 -12.20 -50.95 -11.22
C PRO A 59 -11.73 -51.57 -9.93
N TRP A 60 -11.52 -52.87 -9.93
CA TRP A 60 -10.74 -53.57 -8.91
C TRP A 60 -10.02 -54.70 -9.61
N SER A 61 -8.74 -54.85 -9.33
CA SER A 61 -8.02 -55.99 -9.84
C SER A 61 -7.73 -55.99 -11.35
N LYS A 62 -8.33 -55.10 -12.14
CA LYS A 62 -8.17 -55.13 -13.61
C LYS A 62 -7.01 -54.23 -14.02
N ALA A 63 -5.93 -54.85 -14.52
CA ALA A 63 -4.73 -54.13 -14.91
C ALA A 63 -4.20 -54.66 -16.24
N ASP A 64 -3.71 -53.75 -17.07
CA ASP A 64 -3.03 -54.11 -18.31
C ASP A 64 -1.70 -54.72 -17.99
N PRO A 65 -1.28 -55.71 -18.78
CA PRO A 65 0.13 -56.03 -18.70
C PRO A 65 0.88 -54.94 -19.41
N GLU A 66 2.07 -54.63 -18.91
CA GLU A 66 2.80 -53.44 -19.27
C GLU A 66 4.21 -53.80 -19.65
N VAL A 67 4.89 -52.89 -20.33
CA VAL A 67 6.24 -53.15 -20.82
C VAL A 67 7.24 -52.16 -20.18
N LEU A 68 8.50 -52.58 -20.06
CA LEU A 68 9.52 -51.79 -19.39
C LEU A 68 10.77 -51.74 -20.26
N ASP A 69 10.60 -51.49 -21.56
CA ASP A 69 11.72 -51.54 -22.51
C ASP A 69 12.14 -50.14 -22.94
N ILE A 70 13.23 -49.64 -22.37
CA ILE A 70 13.56 -48.22 -22.57
C ILE A 70 13.88 -47.93 -24.04
N ASN A 71 14.49 -48.87 -24.74
CA ASN A 71 14.80 -48.67 -26.15
C ASN A 71 13.53 -48.49 -26.94
N HIS A 72 12.49 -49.26 -26.58
CA HIS A 72 11.19 -49.08 -27.19
C HIS A 72 10.69 -47.70 -26.84
N THR A 73 10.81 -47.30 -25.59
CA THR A 73 10.32 -45.99 -25.26
C THR A 73 11.08 -44.92 -26.03
N ARG A 74 12.38 -45.09 -26.21
CA ARG A 74 13.15 -44.12 -27.01
C ARG A 74 12.52 -43.94 -28.39
N GLN A 75 12.30 -45.05 -29.08
CA GLN A 75 11.71 -45.02 -30.42
C GLN A 75 10.37 -44.29 -30.45
N VAL A 76 9.55 -44.53 -29.44
CA VAL A 76 8.23 -43.91 -29.39
C VAL A 76 8.44 -42.41 -29.32
N LEU A 77 9.33 -41.98 -28.42
CA LEU A 77 9.60 -40.56 -28.27
C LEU A 77 10.04 -39.94 -29.61
N ASP A 78 10.98 -40.58 -30.29
CA ASP A 78 11.50 -40.07 -31.58
C ASP A 78 10.39 -39.95 -32.62
N GLU A 79 9.44 -40.89 -32.59
CA GLU A 79 8.32 -40.89 -33.52
C GLU A 79 7.32 -39.81 -33.16
N ASP A 80 6.97 -39.77 -31.89
CA ASP A 80 6.00 -38.78 -31.39
C ASP A 80 6.51 -37.34 -31.51
N HIS A 81 7.75 -37.08 -31.08
CA HIS A 81 8.24 -35.71 -30.90
C HIS A 81 9.54 -35.42 -31.62
N TYR A 82 9.52 -34.46 -32.52
CA TYR A 82 10.76 -33.96 -33.13
C TYR A 82 11.51 -33.15 -32.09
N GLY A 83 12.83 -33.12 -32.19
CA GLY A 83 13.63 -32.28 -31.30
C GLY A 83 13.56 -32.77 -29.87
N LEU A 84 13.77 -31.87 -28.90
CA LEU A 84 13.58 -32.21 -27.49
C LEU A 84 14.55 -33.26 -26.98
N LYS A 85 15.77 -33.27 -27.51
CA LYS A 85 16.72 -34.37 -27.29
C LYS A 85 17.13 -34.54 -25.83
N ASP A 86 17.59 -33.46 -25.20
CA ASP A 86 18.04 -33.52 -23.82
C ASP A 86 16.87 -33.87 -22.90
N VAL A 87 15.70 -33.29 -23.20
CA VAL A 87 14.45 -33.58 -22.49
C VAL A 87 14.18 -35.07 -22.49
N LYS A 88 14.20 -35.64 -23.69
CA LYS A 88 13.86 -37.03 -23.88
C LYS A 88 14.78 -37.86 -23.04
N GLU A 89 16.05 -37.51 -23.04
CA GLU A 89 17.05 -38.29 -22.35
C GLU A 89 16.81 -38.31 -20.85
N ARG A 90 16.47 -37.18 -20.26
CA ARG A 90 16.14 -37.15 -18.84
C ARG A 90 14.99 -38.09 -18.54
N ILE A 91 13.96 -38.07 -19.38
CA ILE A 91 12.83 -38.97 -19.21
C ILE A 91 13.33 -40.42 -19.24
N LEU A 92 14.17 -40.73 -20.21
CA LEU A 92 14.66 -42.10 -20.38
C LEU A 92 15.43 -42.62 -19.18
N GLU A 93 16.30 -41.80 -18.61
CA GLU A 93 17.04 -42.20 -17.42
C GLU A 93 16.08 -42.50 -16.28
N TYR A 94 15.08 -41.65 -16.14
CA TYR A 94 14.11 -41.80 -15.07
C TYR A 94 13.35 -43.12 -15.21
N LEU A 95 12.88 -43.40 -16.43
CA LEU A 95 12.16 -44.65 -16.69
C LEU A 95 13.06 -45.84 -16.44
N ALA A 96 14.32 -45.69 -16.83
CA ALA A 96 15.33 -46.74 -16.63
C ALA A 96 15.36 -47.21 -15.19
N VAL A 97 15.50 -46.29 -14.24
CA VAL A 97 15.59 -46.66 -12.84
C VAL A 97 14.41 -47.58 -12.47
N ARG A 98 13.19 -47.08 -12.63
CA ARG A 98 12.02 -47.91 -12.37
C ARG A 98 12.30 -49.30 -12.86
N GLN A 99 12.45 -49.45 -14.17
CA GLN A 99 12.69 -50.75 -14.78
C GLN A 99 13.66 -51.50 -13.89
N LEU A 100 14.75 -50.82 -13.52
CA LEU A 100 15.83 -51.43 -12.74
C LEU A 100 15.50 -51.77 -11.31
N THR A 101 14.44 -51.23 -10.73
CA THR A 101 14.16 -51.51 -9.34
C THR A 101 12.97 -52.44 -9.14
N GLN A 102 13.29 -53.66 -8.72
CA GLN A 102 12.32 -54.64 -8.28
C GLN A 102 12.32 -54.71 -6.77
N GLY A 103 11.19 -54.39 -6.15
CA GLY A 103 10.98 -54.71 -4.75
C GLY A 103 11.64 -53.83 -3.70
N LEU A 104 12.96 -53.70 -3.75
CA LEU A 104 13.73 -53.09 -2.64
C LEU A 104 13.48 -51.60 -2.46
N ASP A 105 12.34 -51.28 -1.85
CA ASP A 105 12.01 -49.91 -1.47
C ASP A 105 12.22 -48.94 -2.63
N VAL A 106 12.07 -49.44 -3.85
CA VAL A 106 12.10 -48.58 -5.04
C VAL A 106 11.13 -47.43 -4.82
N ARG A 107 9.98 -47.74 -4.24
CA ARG A 107 8.96 -46.74 -4.01
C ARG A 107 9.48 -45.75 -2.97
N ASN A 108 10.30 -46.22 -2.03
CA ASN A 108 11.01 -45.31 -1.12
C ASN A 108 11.68 -44.22 -1.95
N LYS A 109 11.23 -42.99 -1.74
CA LYS A 109 11.57 -41.90 -2.65
C LYS A 109 11.22 -42.33 -4.08
N ALA A 110 10.00 -42.82 -4.29
CA ALA A 110 9.48 -43.08 -5.65
C ALA A 110 9.13 -41.74 -6.26
N PRO A 111 10.15 -41.01 -6.78
CA PRO A 111 9.86 -39.63 -7.09
C PRO A 111 8.88 -39.49 -8.24
N ILE A 112 8.15 -38.39 -8.25
CA ILE A 112 7.19 -38.11 -9.29
C ILE A 112 7.75 -37.08 -10.23
N LEU A 113 7.64 -37.40 -11.51
CA LEU A 113 8.18 -36.55 -12.55
C LEU A 113 7.37 -35.26 -12.57
N VAL A 114 8.03 -34.15 -12.87
CA VAL A 114 7.34 -32.88 -13.12
C VAL A 114 7.94 -32.27 -14.36
N LEU A 115 7.05 -31.78 -15.22
CA LEU A 115 7.45 -31.18 -16.48
C LEU A 115 7.13 -29.69 -16.40
N VAL A 116 8.14 -28.86 -16.44
CA VAL A 116 7.96 -27.45 -16.25
C VAL A 116 8.29 -26.70 -17.54
N GLY A 117 7.33 -25.95 -18.04
CA GLY A 117 7.55 -25.02 -19.15
C GLY A 117 6.42 -24.02 -19.10
N PRO A 118 6.49 -22.95 -19.90
CA PRO A 118 5.39 -22.00 -19.83
C PRO A 118 4.14 -22.68 -20.33
N PRO A 119 2.96 -22.11 -20.03
CA PRO A 119 1.80 -22.68 -20.71
C PRO A 119 1.97 -22.44 -22.21
N GLY A 120 1.46 -23.38 -23.02
CA GLY A 120 1.64 -23.30 -24.46
C GLY A 120 2.79 -24.15 -25.01
N VAL A 121 3.49 -24.86 -24.14
CA VAL A 121 4.45 -25.88 -24.59
C VAL A 121 3.95 -27.23 -24.10
N GLY A 122 3.51 -28.06 -25.04
CA GLY A 122 2.81 -29.29 -24.71
C GLY A 122 3.60 -30.19 -23.81
N LYS A 123 2.98 -30.60 -22.70
CA LYS A 123 3.57 -31.55 -21.77
C LYS A 123 2.77 -32.84 -21.73
N THR A 124 1.45 -32.71 -21.82
CA THR A 124 0.54 -33.87 -21.83
C THR A 124 0.88 -34.85 -22.96
N SER A 125 1.37 -34.33 -24.07
CA SER A 125 1.74 -35.13 -25.24
C SER A 125 2.89 -36.07 -24.94
N LEU A 126 3.89 -35.55 -24.21
CA LEU A 126 4.98 -36.36 -23.69
C LEU A 126 4.43 -37.43 -22.78
N GLY A 127 3.47 -37.04 -21.93
CA GLY A 127 2.86 -37.95 -20.98
C GLY A 127 2.13 -39.03 -21.75
N ARG A 128 1.37 -38.62 -22.76
CA ARG A 128 0.55 -39.55 -23.49
C ARG A 128 1.46 -40.57 -24.09
N SER A 129 2.55 -40.08 -24.65
CA SER A 129 3.46 -40.96 -25.37
C SER A 129 4.18 -41.95 -24.45
N ILE A 130 4.46 -41.57 -23.21
CA ILE A 130 5.10 -42.50 -22.28
C ILE A 130 4.21 -43.72 -22.08
N ALA A 131 2.94 -43.47 -21.85
CA ALA A 131 2.03 -44.54 -21.58
C ALA A 131 2.03 -45.48 -22.75
N ARG A 132 2.08 -44.92 -23.94
CA ARG A 132 2.08 -45.71 -25.13
C ARG A 132 3.19 -46.70 -25.03
N SER A 133 4.34 -46.22 -24.58
CA SER A 133 5.54 -47.02 -24.53
C SER A 133 5.38 -48.23 -23.66
N MET A 134 4.49 -48.15 -22.69
CA MET A 134 4.29 -49.28 -21.79
C MET A 134 2.86 -49.81 -21.73
N ASN A 135 2.12 -49.69 -22.82
CA ASN A 135 0.79 -50.30 -22.93
C ASN A 135 -0.09 -49.98 -21.73
N ARG A 136 -0.09 -48.71 -21.34
CA ARG A 136 -0.81 -48.23 -20.19
C ARG A 136 -1.86 -47.24 -20.61
N LYS A 137 -2.98 -47.23 -19.91
CA LYS A 137 -4.05 -46.27 -20.20
C LYS A 137 -3.61 -44.90 -19.69
N PHE A 138 -3.89 -43.87 -20.49
CA PHE A 138 -3.55 -42.51 -20.12
C PHE A 138 -4.82 -41.69 -19.89
N HIS A 139 -4.86 -40.99 -18.77
CA HIS A 139 -5.94 -40.07 -18.46
C HIS A 139 -5.38 -38.83 -17.81
N ARG A 140 -6.05 -37.70 -18.03
CA ARG A 140 -5.59 -36.42 -17.47
C ARG A 140 -6.59 -35.80 -16.52
N ILE A 141 -6.11 -35.52 -15.32
CA ILE A 141 -6.90 -34.84 -14.33
C ILE A 141 -6.41 -33.41 -14.40
N SER A 142 -7.32 -32.44 -14.34
CA SER A 142 -6.94 -31.05 -14.47
C SER A 142 -7.14 -30.31 -13.14
N LEU A 143 -6.06 -29.83 -12.55
CA LEU A 143 -6.14 -29.20 -11.25
C LEU A 143 -6.25 -27.67 -11.32
N GLY A 144 -6.72 -27.14 -12.45
CA GLY A 144 -6.84 -25.70 -12.61
C GLY A 144 -7.73 -25.07 -11.54
N GLY A 145 -7.22 -24.03 -10.88
CA GLY A 145 -8.00 -23.30 -9.88
C GLY A 145 -8.84 -24.23 -9.03
N VAL A 146 -8.27 -25.37 -8.66
CA VAL A 146 -8.98 -26.31 -7.87
C VAL A 146 -8.92 -25.72 -6.49
N ARG A 147 -10.10 -25.51 -5.95
CA ARG A 147 -10.32 -24.62 -4.82
C ARG A 147 -10.43 -25.38 -3.51
N ASP A 148 -11.11 -26.52 -3.54
CA ASP A 148 -11.43 -27.21 -2.30
C ASP A 148 -11.47 -28.72 -2.46
N GLU A 149 -11.27 -29.39 -1.34
CA GLU A 149 -10.97 -30.78 -1.35
C GLU A 149 -12.16 -31.57 -1.78
N ALA A 150 -13.16 -30.90 -2.35
CA ALA A 150 -14.35 -31.59 -2.78
C ALA A 150 -14.00 -32.56 -3.87
N GLU A 151 -13.11 -32.17 -4.76
CA GLU A 151 -12.59 -33.10 -5.72
C GLU A 151 -11.48 -33.71 -4.97
N ILE A 152 -10.66 -34.52 -5.62
CA ILE A 152 -9.51 -35.06 -4.95
C ILE A 152 -9.99 -36.02 -3.93
N ARG A 153 -10.73 -35.49 -2.97
CA ARG A 153 -11.29 -36.27 -1.90
C ARG A 153 -12.76 -36.09 -2.05
N GLY A 154 -13.50 -37.16 -2.07
CA GLY A 154 -14.90 -37.03 -2.44
C GLY A 154 -15.77 -36.21 -1.51
N HIS A 155 -16.85 -35.69 -2.10
CA HIS A 155 -17.96 -35.17 -1.35
C HIS A 155 -18.35 -36.23 -0.32
N ARG A 156 -18.54 -35.84 0.93
CA ARG A 156 -19.08 -36.76 1.91
C ARG A 156 -20.51 -37.07 1.49
N ARG A 157 -20.83 -38.36 1.38
CA ARG A 157 -22.01 -38.81 0.63
C ARG A 157 -23.34 -38.66 1.37
N THR A 158 -23.77 -37.42 1.63
CA THR A 158 -25.08 -37.17 2.23
C THR A 158 -26.08 -36.63 1.22
N TYR A 159 -25.74 -36.70 -0.06
CA TYR A 159 -26.70 -36.49 -1.16
C TYR A 159 -26.15 -36.97 -2.51
N ILE A 160 -27.04 -37.17 -3.47
CA ILE A 160 -26.65 -37.51 -4.84
C ILE A 160 -25.80 -36.40 -5.45
N GLY A 161 -26.21 -35.14 -5.21
CA GLY A 161 -25.52 -33.98 -5.76
C GLY A 161 -24.03 -34.08 -5.53
N ALA A 162 -23.67 -34.55 -4.34
CA ALA A 162 -22.29 -34.79 -3.94
C ALA A 162 -21.70 -35.95 -4.73
N MET A 163 -20.42 -35.85 -5.08
CA MET A 163 -19.74 -36.91 -5.82
C MET A 163 -18.26 -37.04 -5.44
N PRO A 164 -17.59 -38.10 -5.94
CA PRO A 164 -16.23 -38.37 -5.49
C PRO A 164 -15.17 -37.47 -6.10
N GLY A 165 -14.03 -37.37 -5.42
CA GLY A 165 -12.94 -36.53 -5.87
C GLY A 165 -12.56 -37.02 -7.26
N LYS A 166 -12.02 -36.13 -8.09
CA LYS A 166 -11.63 -36.44 -9.48
C LYS A 166 -10.90 -37.77 -9.72
N LEU A 167 -9.98 -38.12 -8.83
CA LEU A 167 -9.23 -39.35 -9.03
C LEU A 167 -10.15 -40.50 -9.33
N ILE A 168 -11.21 -40.64 -8.55
CA ILE A 168 -12.09 -41.77 -8.68
C ILE A 168 -12.87 -41.64 -10.00
N HIS A 169 -13.22 -40.41 -10.37
CA HIS A 169 -13.79 -40.18 -11.69
C HIS A 169 -12.82 -40.64 -12.74
N ALA A 170 -11.53 -40.45 -12.49
CA ALA A 170 -10.46 -40.87 -13.41
C ALA A 170 -10.33 -42.39 -13.51
N MET A 171 -10.27 -43.05 -12.35
CA MET A 171 -10.10 -44.49 -12.29
C MET A 171 -11.31 -45.25 -12.84
N LYS A 172 -12.49 -44.62 -12.82
CA LYS A 172 -13.66 -45.23 -13.43
C LYS A 172 -13.56 -45.24 -14.95
N GLN A 173 -13.13 -44.12 -15.53
CA GLN A 173 -13.17 -43.96 -16.99
C GLN A 173 -12.24 -44.96 -17.64
N VAL A 174 -10.97 -44.93 -17.25
CA VAL A 174 -10.01 -45.93 -17.68
C VAL A 174 -10.47 -47.21 -17.00
N GLY A 175 -10.51 -48.31 -17.73
CA GLY A 175 -11.01 -49.55 -17.15
C GLY A 175 -10.24 -49.96 -15.91
N VAL A 176 -8.96 -49.62 -15.88
CA VAL A 176 -7.99 -50.40 -15.14
C VAL A 176 -7.31 -49.66 -14.01
N ILE A 177 -6.65 -50.42 -13.13
CA ILE A 177 -6.04 -49.93 -11.90
C ILE A 177 -4.63 -49.36 -12.04
N ASN A 178 -4.05 -49.42 -13.25
CA ASN A 178 -2.66 -49.02 -13.45
C ASN A 178 -2.39 -48.11 -14.66
N PRO A 179 -3.29 -47.15 -14.91
CA PRO A 179 -3.19 -46.30 -16.07
C PRO A 179 -2.28 -45.15 -15.73
N VAL A 180 -1.48 -44.66 -16.66
CA VAL A 180 -0.72 -43.44 -16.38
C VAL A 180 -1.73 -42.35 -16.10
N ILE A 181 -1.44 -41.51 -15.11
CA ILE A 181 -2.24 -40.32 -14.82
C ILE A 181 -1.33 -39.10 -14.70
N LEU A 182 -1.81 -38.02 -15.30
CA LEU A 182 -1.04 -36.80 -15.36
C LEU A 182 -1.95 -35.73 -14.76
N LEU A 183 -1.48 -35.10 -13.70
CA LEU A 183 -2.23 -34.07 -13.01
C LEU A 183 -1.74 -32.75 -13.60
N ASP A 184 -2.47 -32.25 -14.58
CA ASP A 184 -2.09 -31.02 -15.26
C ASP A 184 -2.03 -29.90 -14.23
N GLN A 185 -1.22 -28.89 -14.50
CA GLN A 185 -1.24 -27.63 -13.72
C GLN A 185 -1.24 -27.77 -12.19
N ILE A 186 -0.32 -28.57 -11.64
CA ILE A 186 -0.29 -28.79 -10.19
C ILE A 186 -0.06 -27.49 -9.40
N ASP A 187 0.74 -26.58 -9.96
CA ASP A 187 0.99 -25.29 -9.32
C ASP A 187 -0.29 -24.43 -9.06
N LYS A 188 -1.22 -24.44 -10.01
CA LYS A 188 -2.36 -23.52 -10.01
C LYS A 188 -3.30 -23.61 -8.80
N MET A 189 -3.59 -24.81 -8.32
CA MET A 189 -4.58 -24.97 -7.25
C MET A 189 -4.21 -24.21 -5.96
N SER A 190 -5.22 -23.61 -5.33
CA SER A 190 -5.03 -22.91 -4.04
C SER A 190 -6.15 -23.24 -3.06
N SER A 191 -5.91 -22.93 -1.79
CA SER A 191 -6.64 -23.56 -0.67
C SER A 191 -7.60 -22.67 0.13
N ASP A 192 -8.02 -21.54 -0.43
CA ASP A 192 -8.68 -20.52 0.39
C ASP A 192 -9.74 -21.03 1.37
N TRP A 193 -10.73 -21.80 0.94
CA TRP A 193 -11.96 -21.92 1.75
C TRP A 193 -12.33 -23.26 2.40
N ARG A 194 -11.97 -24.40 1.80
CA ARG A 194 -12.38 -25.71 2.34
C ARG A 194 -11.20 -26.65 2.44
N GLY A 195 -10.42 -26.50 3.52
CA GLY A 195 -9.20 -27.25 3.65
C GLY A 195 -8.32 -26.90 2.48
N ASP A 196 -7.11 -27.45 2.44
CA ASP A 196 -6.20 -27.19 1.35
C ASP A 196 -6.08 -28.44 0.52
N PRO A 197 -6.29 -28.35 -0.80
CA PRO A 197 -6.18 -29.55 -1.59
C PRO A 197 -4.83 -30.24 -1.41
N ALA A 198 -3.77 -29.45 -1.40
CA ALA A 198 -2.41 -29.99 -1.40
C ALA A 198 -2.27 -31.11 -0.39
N SER A 199 -2.90 -30.94 0.77
CA SER A 199 -2.90 -31.99 1.75
C SER A 199 -3.49 -33.24 1.15
N ALA A 200 -4.64 -33.09 0.49
CA ALA A 200 -5.29 -34.23 -0.15
C ALA A 200 -4.32 -34.87 -1.10
N MET A 201 -3.69 -34.03 -1.92
CA MET A 201 -2.77 -34.52 -2.95
C MET A 201 -1.65 -35.34 -2.34
N LEU A 202 -1.12 -34.88 -1.21
CA LEU A 202 -0.06 -35.63 -0.56
C LEU A 202 -0.49 -37.04 -0.21
N GLU A 203 -1.71 -37.18 0.33
CA GLU A 203 -2.22 -38.50 0.69
C GLU A 203 -2.28 -39.41 -0.54
N VAL A 204 -2.82 -38.88 -1.63
CA VAL A 204 -2.99 -39.67 -2.83
C VAL A 204 -1.63 -40.13 -3.35
N LEU A 205 -0.64 -39.25 -3.24
CA LEU A 205 0.69 -39.51 -3.78
C LEU A 205 1.73 -40.02 -2.78
N ASP A 206 1.36 -40.24 -1.53
CA ASP A 206 2.32 -40.73 -0.55
C ASP A 206 2.34 -42.25 -0.60
N PRO A 207 3.48 -42.85 -0.97
CA PRO A 207 3.48 -44.30 -1.11
C PRO A 207 3.07 -45.03 0.17
N GLU A 208 3.33 -44.42 1.32
CA GLU A 208 3.00 -45.04 2.60
C GLU A 208 1.49 -45.20 2.79
N GLN A 209 0.73 -44.12 2.56
CA GLN A 209 -0.69 -44.08 2.94
C GLN A 209 -1.67 -44.16 1.77
N ASN A 210 -1.23 -44.65 0.60
CA ASN A 210 -2.08 -44.64 -0.61
C ASN A 210 -2.64 -46.00 -1.07
N ASN A 211 -2.47 -47.05 -0.29
CA ASN A 211 -3.31 -48.24 -0.45
C ASN A 211 -4.42 -48.21 0.58
N THR A 212 -4.33 -47.25 1.50
CA THR A 212 -5.39 -46.95 2.47
C THR A 212 -6.10 -45.67 2.04
N PHE A 213 -5.94 -45.31 0.77
CA PHE A 213 -6.62 -44.14 0.25
C PHE A 213 -8.08 -44.49 0.24
N THR A 214 -8.85 -43.79 1.09
CA THR A 214 -10.29 -44.00 1.15
C THR A 214 -10.95 -42.68 0.74
N ASP A 215 -11.73 -42.73 -0.33
CA ASP A 215 -12.47 -41.54 -0.73
C ASP A 215 -13.61 -41.32 0.23
N HIS A 216 -14.04 -40.07 0.34
CA HIS A 216 -15.11 -39.73 1.23
C HIS A 216 -16.45 -40.20 0.69
N TYR A 217 -16.69 -39.98 -0.61
CA TYR A 217 -17.94 -40.44 -1.20
C TYR A 217 -18.03 -41.96 -1.07
N LEU A 218 -17.04 -42.66 -1.63
CA LEU A 218 -16.91 -44.09 -1.34
C LEU A 218 -16.66 -44.22 0.15
N ASP A 219 -17.08 -45.32 0.72
CA ASP A 219 -16.94 -45.55 2.16
C ASP A 219 -15.56 -46.14 2.47
N VAL A 220 -14.75 -46.38 1.44
CA VAL A 220 -13.81 -47.48 1.48
C VAL A 220 -12.40 -47.14 1.00
N PRO A 221 -11.38 -47.89 1.50
CA PRO A 221 -10.07 -47.69 0.89
C PRO A 221 -10.05 -48.17 -0.54
N TYR A 222 -9.63 -47.29 -1.44
CA TYR A 222 -9.27 -47.69 -2.79
C TYR A 222 -7.76 -47.62 -2.91
N ASP A 223 -7.19 -48.56 -3.67
CA ASP A 223 -5.74 -48.69 -3.80
C ASP A 223 -5.26 -48.17 -5.14
N LEU A 224 -4.44 -47.13 -5.07
CA LEU A 224 -3.81 -46.52 -6.24
C LEU A 224 -2.30 -46.68 -6.19
N SER A 225 -1.81 -47.62 -5.39
CA SER A 225 -0.38 -47.86 -5.29
C SER A 225 0.20 -48.07 -6.70
N LYS A 226 -0.44 -48.97 -7.44
CA LYS A 226 -0.03 -49.31 -8.80
C LYS A 226 -0.70 -48.40 -9.82
N VAL A 227 -0.27 -47.14 -9.85
CA VAL A 227 -0.68 -46.19 -10.86
C VAL A 227 0.52 -45.31 -11.10
N PHE A 228 0.59 -44.72 -12.29
CA PHE A 228 1.73 -43.90 -12.66
C PHE A 228 1.33 -42.44 -12.71
N PHE A 229 2.06 -41.60 -11.99
CA PHE A 229 1.76 -40.19 -11.89
C PHE A 229 2.84 -39.31 -12.55
N ILE A 230 2.38 -38.41 -13.41
CA ILE A 230 3.21 -37.33 -13.92
C ILE A 230 2.49 -36.03 -13.59
N THR A 231 3.21 -34.92 -13.54
CA THR A 231 2.68 -33.63 -13.08
C THR A 231 3.14 -32.51 -14.00
N THR A 232 2.38 -31.43 -14.09
CA THR A 232 2.76 -30.32 -14.97
C THR A 232 2.25 -28.97 -14.47
N ALA A 233 3.09 -27.94 -14.66
CA ALA A 233 2.82 -26.57 -14.20
C ALA A 233 4.03 -25.75 -14.61
N ASN A 234 3.91 -24.42 -14.63
CA ASN A 234 4.99 -23.58 -15.20
C ASN A 234 6.02 -23.05 -14.20
N THR A 235 5.62 -22.87 -12.95
CA THR A 235 6.55 -22.41 -11.91
C THR A 235 6.46 -23.33 -10.73
N LEU A 236 7.58 -23.52 -10.05
CA LEU A 236 7.60 -24.37 -8.87
C LEU A 236 7.27 -23.55 -7.62
N GLN A 237 7.15 -22.22 -7.81
CA GLN A 237 6.92 -21.30 -6.70
C GLN A 237 5.56 -21.48 -6.07
N THR A 238 4.53 -21.78 -6.87
CA THR A 238 3.17 -21.92 -6.32
C THR A 238 2.85 -23.38 -5.93
N ILE A 239 3.85 -24.26 -5.94
CA ILE A 239 3.63 -25.63 -5.51
C ILE A 239 4.15 -25.80 -4.10
N PRO A 240 3.28 -26.24 -3.18
CA PRO A 240 3.64 -26.47 -1.78
C PRO A 240 4.95 -27.23 -1.65
N ARG A 241 5.80 -26.74 -0.74
CA ARG A 241 7.09 -27.38 -0.49
C ARG A 241 6.97 -28.83 -0.01
N PRO A 242 5.82 -29.23 0.55
CA PRO A 242 5.74 -30.65 0.88
C PRO A 242 5.75 -31.56 -0.36
N LEU A 243 4.99 -31.18 -1.39
CA LEU A 243 5.00 -31.90 -2.68
C LEU A 243 6.33 -31.76 -3.39
N LEU A 244 6.80 -30.52 -3.47
CA LEU A 244 7.99 -30.19 -4.26
C LEU A 244 9.18 -31.10 -3.98
N ASP A 245 9.35 -31.51 -2.72
CA ASP A 245 10.55 -32.25 -2.27
C ASP A 245 10.55 -33.72 -2.63
N ARG A 246 9.52 -34.16 -3.35
CA ARG A 246 9.54 -35.47 -3.94
C ARG A 246 9.07 -35.43 -5.38
N MET A 247 10.00 -35.00 -6.24
CA MET A 247 9.79 -34.94 -7.67
C MET A 247 11.17 -34.98 -8.35
N GLU A 248 11.25 -35.57 -9.54
CA GLU A 248 12.39 -35.33 -10.43
C GLU A 248 11.88 -34.34 -11.48
N VAL A 249 12.60 -33.23 -11.63
CA VAL A 249 12.16 -32.12 -12.47
C VAL A 249 12.78 -32.14 -13.86
N ILE A 250 12.05 -32.68 -14.83
CA ILE A 250 12.33 -32.37 -16.21
C ILE A 250 11.97 -30.91 -16.33
N GLU A 251 12.52 -30.25 -17.34
CA GLU A 251 12.17 -28.88 -17.65
C GLU A 251 12.07 -28.80 -19.14
N ILE A 252 11.25 -27.89 -19.62
CA ILE A 252 11.07 -27.70 -21.07
C ILE A 252 10.82 -26.21 -21.32
N PRO A 253 11.83 -25.34 -21.08
CA PRO A 253 11.57 -23.90 -21.06
C PRO A 253 10.91 -23.38 -22.34
N GLY A 254 11.32 -23.85 -23.51
CA GLY A 254 10.68 -23.43 -24.74
C GLY A 254 11.18 -24.15 -25.98
N TYR A 255 10.38 -24.08 -27.04
CA TYR A 255 10.71 -24.73 -28.32
C TYR A 255 11.64 -23.87 -29.16
N THR A 256 12.16 -24.48 -30.22
CA THR A 256 12.96 -23.79 -31.22
C THR A 256 12.35 -23.94 -32.61
N ASN A 257 12.64 -22.97 -33.46
CA ASN A 257 11.93 -22.76 -34.73
C ASN A 257 11.67 -24.06 -35.49
N MET A 258 12.71 -24.88 -35.66
CA MET A 258 12.58 -26.18 -36.30
C MET A 258 11.57 -27.00 -35.54
N GLU A 259 11.78 -27.09 -34.23
CA GLU A 259 10.89 -27.87 -33.38
C GLU A 259 9.47 -27.39 -33.58
N LYS A 260 9.29 -26.07 -33.57
CA LYS A 260 8.00 -25.47 -33.93
C LYS A 260 7.63 -25.87 -35.36
N GLN A 261 8.60 -25.81 -36.24
CA GLN A 261 8.42 -26.19 -37.63
C GLN A 261 7.74 -27.53 -37.72
N ALA A 262 8.41 -28.56 -37.20
CA ALA A 262 7.91 -29.92 -37.31
C ALA A 262 6.55 -30.04 -36.66
N ILE A 263 6.47 -29.65 -35.40
CA ILE A 263 5.22 -29.78 -34.65
C ILE A 263 4.04 -29.18 -35.40
N ALA A 264 4.24 -28.03 -36.02
CA ALA A 264 3.21 -27.35 -36.81
C ALA A 264 2.63 -28.24 -37.89
N ARG A 265 3.50 -28.94 -38.61
CA ARG A 265 3.10 -29.80 -39.70
C ARG A 265 2.31 -31.02 -39.21
N GLN A 266 2.85 -31.71 -38.22
CA GLN A 266 2.30 -33.00 -37.81
C GLN A 266 1.03 -32.79 -37.02
N TYR A 267 1.04 -31.82 -36.10
CA TYR A 267 -0.04 -31.67 -35.13
C TYR A 267 -1.01 -30.54 -35.47
N LEU A 268 -0.50 -29.32 -35.55
CA LEU A 268 -1.35 -28.12 -35.55
C LEU A 268 -2.08 -27.85 -36.85
N TRP A 269 -1.35 -27.90 -37.95
CA TRP A 269 -1.95 -27.61 -39.25
C TRP A 269 -3.10 -28.59 -39.55
N PRO A 270 -2.83 -29.91 -39.51
CA PRO A 270 -3.91 -30.82 -39.86
C PRO A 270 -5.15 -30.63 -38.98
N LYS A 271 -4.96 -30.53 -37.67
CA LYS A 271 -6.09 -30.34 -36.78
C LYS A 271 -6.88 -29.11 -37.20
N GLN A 272 -6.18 -28.01 -37.41
CA GLN A 272 -6.85 -26.74 -37.72
C GLN A 272 -7.59 -26.77 -39.05
N VAL A 273 -6.98 -27.37 -40.06
CA VAL A 273 -7.58 -27.39 -41.39
C VAL A 273 -8.88 -28.20 -41.35
N ARG A 274 -8.81 -29.41 -40.77
CA ARG A 274 -10.01 -30.26 -40.60
C ARG A 274 -11.08 -29.46 -39.88
N GLU A 275 -10.67 -28.85 -38.78
CA GLU A 275 -11.55 -27.98 -38.01
C GLU A 275 -12.06 -26.89 -38.95
N SER A 276 -11.17 -26.40 -39.81
CA SER A 276 -11.59 -25.50 -40.89
C SER A 276 -12.53 -26.21 -41.88
N GLY A 277 -12.24 -27.47 -42.17
CA GLY A 277 -13.02 -28.26 -43.12
C GLY A 277 -12.39 -28.35 -44.50
N MET A 278 -11.30 -27.61 -44.72
CA MET A 278 -10.59 -27.62 -45.99
C MET A 278 -9.50 -28.70 -46.04
N GLU A 279 -9.82 -29.93 -45.64
CA GLU A 279 -8.79 -30.95 -45.48
C GLU A 279 -7.99 -31.11 -46.78
N GLY A 280 -8.69 -31.44 -47.86
CA GLY A 280 -8.06 -31.75 -49.13
C GLY A 280 -7.48 -30.57 -49.88
N ARG A 281 -8.08 -29.39 -49.70
CA ARG A 281 -7.94 -28.31 -50.68
C ARG A 281 -7.11 -27.08 -50.32
N ILE A 282 -6.23 -27.22 -49.33
CA ILE A 282 -5.31 -26.15 -49.02
C ILE A 282 -4.14 -26.73 -48.23
N GLU A 283 -2.98 -26.11 -48.38
CA GLU A 283 -1.73 -26.62 -47.80
C GLU A 283 -0.69 -25.51 -47.80
N VAL A 284 0.29 -25.59 -46.89
CA VAL A 284 1.30 -24.53 -46.77
C VAL A 284 2.72 -25.01 -47.07
N THR A 285 3.47 -24.24 -47.85
CA THR A 285 4.88 -24.52 -48.10
C THR A 285 5.54 -24.65 -46.74
N ASP A 286 6.15 -25.81 -46.50
CA ASP A 286 6.97 -26.02 -45.31
C ASP A 286 7.92 -24.85 -45.11
N ALA A 287 8.55 -24.43 -46.19
CA ALA A 287 9.42 -23.27 -46.15
C ALA A 287 8.58 -22.04 -45.81
N ALA A 288 7.30 -22.10 -46.14
CA ALA A 288 6.38 -20.99 -45.89
C ALA A 288 5.66 -21.05 -44.56
N ILE A 289 5.84 -22.12 -43.78
CA ILE A 289 5.41 -22.08 -42.39
C ILE A 289 6.26 -21.02 -41.70
N LEU A 290 7.58 -21.13 -41.84
CA LEU A 290 8.49 -20.42 -40.97
C LEU A 290 8.28 -18.92 -40.96
N ARG A 291 7.72 -18.37 -42.02
CA ARG A 291 7.27 -16.98 -41.98
C ARG A 291 6.33 -16.77 -40.80
N VAL A 292 5.36 -17.67 -40.68
CA VAL A 292 4.37 -17.57 -39.61
C VAL A 292 5.08 -17.45 -38.28
N ILE A 293 6.08 -18.30 -38.09
CA ILE A 293 6.84 -18.31 -36.83
C ILE A 293 7.53 -16.97 -36.59
N SER A 294 8.36 -16.57 -37.54
CA SER A 294 9.21 -15.39 -37.38
C SER A 294 8.40 -14.12 -37.43
N GLU A 295 7.52 -14.03 -38.40
CA GLU A 295 6.86 -12.77 -38.79
C GLU A 295 5.47 -12.54 -38.21
N TYR A 296 4.89 -13.53 -37.55
CA TYR A 296 3.55 -13.38 -36.98
C TYR A 296 3.38 -13.87 -35.54
N THR A 297 4.34 -14.63 -35.03
CA THR A 297 4.20 -15.31 -33.73
C THR A 297 5.42 -15.07 -32.84
N ARG A 298 5.19 -14.66 -31.60
CA ARG A 298 6.29 -14.35 -30.70
C ARG A 298 6.02 -14.78 -29.28
N GLU A 299 6.28 -16.05 -29.02
CA GLU A 299 6.34 -16.59 -27.69
C GLU A 299 7.04 -17.91 -27.89
N ALA A 300 7.53 -18.52 -26.81
CA ALA A 300 8.23 -19.79 -26.94
C ALA A 300 7.26 -20.85 -27.44
N GLY A 301 6.10 -20.90 -26.80
CA GLY A 301 5.08 -21.88 -27.16
C GLY A 301 4.34 -21.66 -28.47
N VAL A 302 3.93 -22.78 -29.04
CA VAL A 302 3.24 -22.78 -30.30
C VAL A 302 1.81 -22.23 -30.20
N ARG A 303 1.37 -21.90 -29.00
CA ARG A 303 -0.04 -21.66 -28.78
C ARG A 303 -0.45 -20.47 -29.63
N GLY A 304 0.44 -19.50 -29.70
CA GLY A 304 0.26 -18.40 -30.61
C GLY A 304 0.41 -18.89 -32.03
N LEU A 305 1.17 -19.96 -32.23
CA LEU A 305 1.41 -20.46 -33.57
C LEU A 305 0.15 -21.11 -34.06
N GLU A 306 -0.46 -21.90 -33.19
CA GLU A 306 -1.64 -22.65 -33.54
C GLU A 306 -2.69 -21.72 -34.10
N ARG A 307 -2.91 -20.59 -33.45
CA ARG A 307 -4.02 -19.76 -33.88
C ARG A 307 -3.80 -19.18 -35.27
N GLU A 308 -2.62 -18.64 -35.57
CA GLU A 308 -2.43 -18.15 -36.93
C GLU A 308 -2.96 -19.19 -37.91
N LEU A 309 -2.55 -20.44 -37.71
CA LEU A 309 -2.95 -21.55 -38.58
C LEU A 309 -4.46 -21.76 -38.58
N GLY A 310 -5.12 -21.29 -37.52
CA GLY A 310 -6.57 -21.13 -37.55
C GLY A 310 -6.96 -20.06 -38.56
N LYS A 311 -6.30 -18.92 -38.47
CA LYS A 311 -6.59 -17.79 -39.36
C LYS A 311 -6.48 -18.20 -40.83
N ILE A 312 -5.52 -19.07 -41.13
CA ILE A 312 -5.19 -19.43 -42.50
C ILE A 312 -6.34 -20.13 -43.20
N ALA A 313 -6.91 -21.13 -42.53
CA ALA A 313 -7.97 -21.91 -43.12
C ALA A 313 -9.30 -21.14 -43.13
N ARG A 314 -9.65 -20.52 -42.00
CA ARG A 314 -10.87 -19.70 -41.92
C ARG A 314 -10.94 -18.64 -43.01
N LYS A 315 -9.85 -17.94 -43.24
CA LYS A 315 -9.75 -17.08 -44.40
C LYS A 315 -9.75 -18.00 -45.60
N GLY A 316 -9.01 -19.09 -45.50
CA GLY A 316 -9.01 -20.09 -46.57
C GLY A 316 -10.41 -20.37 -47.07
N ALA A 317 -11.32 -20.69 -46.15
CA ALA A 317 -12.70 -21.02 -46.51
C ALA A 317 -13.33 -19.90 -47.33
N LYS A 318 -13.22 -18.66 -46.88
CA LYS A 318 -13.90 -17.56 -47.58
C LYS A 318 -13.48 -17.54 -49.05
N PHE A 319 -12.18 -17.70 -49.29
CA PHE A 319 -11.64 -17.66 -50.65
C PHE A 319 -12.39 -18.68 -51.49
N TRP A 320 -12.67 -19.80 -50.84
CA TRP A 320 -13.57 -20.83 -51.37
C TRP A 320 -14.97 -20.27 -51.56
N LEU A 321 -15.50 -19.64 -50.52
CA LEU A 321 -16.85 -19.05 -50.58
C LEU A 321 -17.04 -18.12 -51.78
N GLU A 322 -16.06 -17.25 -52.01
CA GLU A 322 -16.09 -16.34 -53.14
C GLU A 322 -16.22 -17.13 -54.43
N GLY A 323 -15.38 -18.17 -54.54
CA GLY A 323 -15.38 -19.07 -55.69
C GLY A 323 -14.56 -20.32 -55.42
N ALA A 324 -15.11 -21.48 -55.75
CA ALA A 324 -14.43 -22.75 -55.52
C ALA A 324 -13.21 -22.85 -56.43
N TRP A 325 -12.32 -23.79 -56.10
CA TRP A 325 -11.24 -24.19 -56.99
C TRP A 325 -11.12 -25.70 -56.91
N GLU A 326 -10.66 -26.31 -58.00
CA GLU A 326 -10.46 -27.74 -58.08
C GLU A 326 -8.96 -27.98 -58.05
N GLY A 327 -8.55 -28.98 -57.27
CA GLY A 327 -7.15 -29.21 -56.96
C GLY A 327 -6.91 -28.70 -55.55
N LEU A 328 -5.65 -28.49 -55.21
CA LEU A 328 -5.30 -27.93 -53.89
C LEU A 328 -4.34 -26.74 -54.03
N ARG A 329 -4.70 -25.66 -53.36
CA ARG A 329 -3.81 -24.52 -53.25
C ARG A 329 -2.70 -24.91 -52.31
N THR A 330 -1.46 -24.66 -52.73
CA THR A 330 -0.33 -24.73 -51.82
C THR A 330 0.08 -23.29 -51.62
N ILE A 331 0.20 -22.89 -50.35
CA ILE A 331 0.40 -21.48 -49.99
C ILE A 331 1.83 -21.34 -49.54
N ASP A 332 2.59 -20.50 -50.23
CA ASP A 332 3.99 -20.28 -49.91
C ASP A 332 4.26 -18.87 -49.42
N ALA A 333 5.43 -18.66 -48.83
CA ALA A 333 5.79 -17.42 -48.16
C ALA A 333 5.40 -16.19 -48.97
N SER A 334 5.51 -16.32 -50.30
CA SER A 334 5.01 -15.34 -51.25
C SER A 334 3.59 -14.89 -50.91
N ASP A 335 2.76 -15.85 -50.51
CA ASP A 335 1.32 -15.68 -50.38
C ASP A 335 0.79 -15.49 -48.94
N ILE A 336 1.65 -15.50 -47.93
CA ILE A 336 1.18 -15.41 -46.54
C ILE A 336 0.52 -14.07 -46.22
N PRO A 337 1.16 -12.94 -46.57
CA PRO A 337 0.49 -11.69 -46.25
C PRO A 337 -0.91 -11.63 -46.86
N THR A 338 -1.13 -12.40 -47.93
CA THR A 338 -2.47 -12.61 -48.46
C THR A 338 -3.44 -13.20 -47.41
N TYR A 339 -2.92 -14.04 -46.52
CA TYR A 339 -3.75 -14.77 -45.55
C TYR A 339 -3.81 -14.17 -44.14
N LEU A 340 -2.65 -14.00 -43.50
CA LEU A 340 -2.63 -13.63 -42.09
C LEU A 340 -2.66 -12.14 -41.87
N GLY A 341 -2.46 -11.38 -42.94
CA GLY A 341 -2.71 -9.95 -42.92
C GLY A 341 -1.54 -9.20 -43.52
N ILE A 342 -1.05 -8.21 -42.80
CA ILE A 342 0.24 -7.65 -43.05
C ILE A 342 1.09 -8.50 -42.12
N PRO A 343 2.42 -8.31 -42.06
CA PRO A 343 3.18 -9.08 -41.06
C PRO A 343 3.49 -8.29 -39.79
N ARG A 344 3.28 -8.95 -38.65
CA ARG A 344 3.18 -8.28 -37.36
C ARG A 344 4.52 -7.94 -36.75
N TYR A 345 5.51 -8.80 -36.98
CA TYR A 345 6.86 -8.60 -36.41
C TYR A 345 7.93 -8.54 -37.49
N ARG A 346 9.04 -7.92 -37.14
CA ARG A 346 10.21 -7.88 -38.02
C ARG A 346 11.29 -8.77 -37.43
N PRO A 347 11.63 -9.88 -38.12
CA PRO A 347 12.80 -10.64 -37.68
C PRO A 347 14.04 -9.80 -37.86
N ASP A 348 15.06 -10.08 -37.06
CA ASP A 348 16.30 -9.31 -37.09
C ASP A 348 17.29 -10.01 -38.00
N LYS A 349 17.98 -9.24 -38.84
CA LYS A 349 19.05 -9.79 -39.65
C LYS A 349 20.21 -8.83 -39.69
N ALA A 350 21.40 -9.38 -39.46
CA ALA A 350 22.60 -8.58 -39.40
C ALA A 350 22.85 -7.99 -40.76
N GLU A 351 23.45 -6.80 -40.77
CA GLU A 351 24.07 -6.32 -41.98
C GLU A 351 25.58 -6.33 -41.67
N THR A 352 26.35 -7.07 -42.46
CA THR A 352 27.74 -7.39 -42.12
C THR A 352 28.73 -6.24 -42.35
N GLU A 353 28.51 -5.40 -43.35
CA GLU A 353 29.46 -4.33 -43.63
C GLU A 353 29.96 -3.76 -42.31
N PRO A 354 31.26 -3.90 -42.00
CA PRO A 354 31.71 -3.31 -40.75
C PRO A 354 31.39 -1.83 -40.69
N GLN A 355 30.91 -1.37 -39.53
CA GLN A 355 30.55 0.04 -39.31
C GLN A 355 31.34 0.56 -38.11
N VAL A 356 31.75 1.82 -38.13
CA VAL A 356 32.61 2.34 -37.09
C VAL A 356 31.83 2.46 -35.78
N GLY A 357 32.48 2.08 -34.70
CA GLY A 357 31.93 2.22 -33.36
C GLY A 357 30.60 1.52 -33.16
N THR A 358 30.51 0.26 -33.54
CA THR A 358 29.36 -0.56 -33.15
C THR A 358 29.76 -2.03 -33.09
N ALA A 359 28.98 -2.79 -32.33
CA ALA A 359 29.16 -4.22 -32.20
C ALA A 359 27.79 -4.82 -32.23
N GLN A 360 27.74 -6.11 -32.52
CA GLN A 360 26.46 -6.79 -32.60
C GLN A 360 26.30 -7.68 -31.40
N GLY A 361 25.26 -7.43 -30.61
CA GLY A 361 25.08 -8.11 -29.33
C GLY A 361 23.78 -8.87 -29.23
N LEU A 362 23.80 -9.92 -28.40
CA LEU A 362 22.68 -10.81 -28.22
C LEU A 362 22.01 -10.60 -26.86
N ALA A 363 20.74 -10.99 -26.79
CA ALA A 363 19.92 -10.82 -25.60
C ALA A 363 18.92 -11.96 -25.44
N TRP A 364 18.49 -12.13 -24.19
CA TRP A 364 17.64 -13.24 -23.79
C TRP A 364 16.30 -12.73 -23.28
N THR A 365 15.21 -13.21 -23.87
CA THR A 365 13.87 -12.95 -23.34
C THR A 365 13.20 -14.30 -23.14
N PRO A 366 12.21 -14.38 -22.25
CA PRO A 366 11.60 -15.71 -22.05
C PRO A 366 11.00 -16.25 -23.33
N VAL A 367 10.45 -15.39 -24.17
CA VAL A 367 9.92 -15.80 -25.47
C VAL A 367 11.02 -16.30 -26.40
N GLY A 368 12.19 -15.68 -26.33
CA GLY A 368 13.24 -15.99 -27.30
C GLY A 368 14.56 -15.30 -27.05
N GLY A 369 15.52 -15.60 -27.91
CA GLY A 369 16.80 -14.91 -27.92
C GLY A 369 16.69 -13.84 -28.98
N THR A 370 17.56 -12.84 -28.88
CA THR A 370 17.54 -11.74 -29.83
C THR A 370 18.92 -11.20 -30.02
N LEU A 371 19.13 -10.53 -31.15
CA LEU A 371 20.34 -9.78 -31.37
C LEU A 371 19.98 -8.32 -31.58
N LEU A 372 20.49 -7.48 -30.71
CA LEU A 372 20.35 -6.05 -30.83
C LEU A 372 21.73 -5.50 -31.16
N THR A 373 21.78 -4.23 -31.53
CA THR A 373 23.03 -3.61 -31.91
C THR A 373 23.35 -2.43 -31.03
N ILE A 374 24.52 -2.48 -30.38
CA ILE A 374 25.00 -1.41 -29.54
C ILE A 374 25.84 -0.46 -30.37
N GLU A 375 25.53 0.83 -30.31
CA GLU A 375 26.28 1.82 -31.04
C GLU A 375 26.80 2.86 -30.07
N VAL A 376 28.08 3.19 -30.20
CA VAL A 376 28.73 4.23 -29.42
C VAL A 376 29.24 5.29 -30.35
N ALA A 377 29.20 6.55 -29.91
CA ALA A 377 29.71 7.65 -30.70
C ALA A 377 30.65 8.49 -29.88
N ALA A 378 31.78 8.85 -30.48
CA ALA A 378 32.68 9.83 -29.89
C ALA A 378 32.45 11.18 -30.57
N VAL A 379 32.29 12.22 -29.76
CA VAL A 379 32.08 13.56 -30.26
C VAL A 379 33.00 14.47 -29.46
N PRO A 380 33.37 15.63 -29.99
CA PRO A 380 34.17 16.52 -29.14
C PRO A 380 33.39 16.85 -27.87
N GLY A 381 34.06 16.84 -26.73
CA GLY A 381 33.36 16.88 -25.44
C GLY A 381 34.15 17.37 -24.24
N SER A 382 33.89 16.76 -23.09
CA SER A 382 34.56 17.14 -21.85
C SER A 382 34.85 15.98 -20.87
N GLY A 383 34.45 14.76 -21.26
CA GLY A 383 34.55 13.57 -20.39
C GLY A 383 33.25 13.18 -19.69
N LYS A 384 32.13 13.22 -20.42
CA LYS A 384 30.81 12.91 -19.86
C LYS A 384 30.27 11.70 -20.59
N LEU A 385 29.53 10.86 -19.88
CA LEU A 385 29.03 9.62 -20.46
C LEU A 385 27.51 9.69 -20.59
N SER A 386 27.00 9.22 -21.72
CA SER A 386 25.56 9.14 -21.96
C SER A 386 25.23 7.70 -22.16
N LEU A 387 24.22 7.21 -21.44
CA LEU A 387 23.87 5.79 -21.52
C LEU A 387 22.39 5.67 -21.77
N THR A 388 22.01 5.98 -22.99
CA THR A 388 20.62 6.01 -23.40
C THR A 388 20.20 4.60 -23.88
N GLY A 389 18.92 4.44 -24.21
CA GLY A 389 18.39 3.13 -24.64
C GLY A 389 17.57 2.39 -23.60
N GLN A 390 17.24 3.08 -22.50
CA GLN A 390 16.47 2.51 -21.40
C GLN A 390 17.23 1.36 -20.75
N LEU A 391 18.50 1.61 -20.48
CA LEU A 391 19.37 0.64 -19.87
C LEU A 391 19.13 0.58 -18.38
N GLY A 392 19.13 -0.62 -17.82
CA GLY A 392 19.00 -0.80 -16.39
C GLY A 392 20.23 -0.21 -15.77
N GLU A 393 20.31 -0.27 -14.45
CA GLU A 393 21.43 0.32 -13.72
C GLU A 393 22.64 -0.61 -13.75
N VAL A 394 22.36 -1.90 -13.75
CA VAL A 394 23.40 -2.95 -13.76
C VAL A 394 24.16 -2.92 -15.08
N MET A 395 23.42 -2.60 -16.14
CA MET A 395 23.99 -2.51 -17.46
C MET A 395 24.93 -1.33 -17.53
N LYS A 396 24.43 -0.16 -17.17
CA LYS A 396 25.21 1.06 -17.26
C LYS A 396 26.55 0.86 -16.58
N GLU A 397 26.53 0.30 -15.37
CA GLU A 397 27.76 -0.07 -14.64
C GLU A 397 28.75 -0.89 -15.50
N SER A 398 28.21 -1.64 -16.46
CA SER A 398 29.05 -2.36 -17.41
C SER A 398 29.83 -1.42 -18.31
N ALA A 399 29.16 -0.39 -18.84
CA ALA A 399 29.83 0.60 -19.69
C ALA A 399 30.93 1.31 -18.93
N GLN A 400 30.65 1.63 -17.67
CA GLN A 400 31.64 2.27 -16.81
C GLN A 400 32.86 1.38 -16.67
N ALA A 401 32.63 0.09 -16.47
CA ALA A 401 33.70 -0.89 -16.29
C ALA A 401 34.47 -1.13 -17.57
N ALA A 402 33.74 -1.26 -18.67
CA ALA A 402 34.33 -1.44 -19.97
C ALA A 402 35.01 -0.16 -20.46
N LEU A 403 34.48 0.99 -20.05
CA LEU A 403 35.09 2.27 -20.39
C LEU A 403 36.38 2.49 -19.63
N THR A 404 36.42 2.11 -18.36
CA THR A 404 37.58 2.32 -17.50
C THR A 404 38.76 1.40 -17.82
N TYR A 405 38.47 0.23 -18.39
CA TYR A 405 39.50 -0.64 -18.91
C TYR A 405 40.20 0.12 -20.02
N LEU A 406 39.40 0.64 -20.95
CA LEU A 406 39.92 1.33 -22.14
C LEU A 406 40.66 2.61 -21.81
N ARG A 407 40.22 3.30 -20.76
CA ARG A 407 40.96 4.44 -20.25
C ARG A 407 42.32 3.96 -19.79
N ALA A 408 42.33 2.81 -19.11
CA ALA A 408 43.56 2.25 -18.56
C ALA A 408 44.64 2.01 -19.62
N HIS A 409 44.25 1.44 -20.77
CA HIS A 409 45.21 1.02 -21.79
C HIS A 409 44.99 1.76 -23.11
N THR A 410 45.27 3.06 -23.06
CA THR A 410 45.17 3.90 -24.24
C THR A 410 46.20 3.43 -25.26
N GLN A 411 47.40 3.15 -24.77
CA GLN A 411 48.51 2.81 -25.65
C GLN A 411 48.32 1.42 -26.23
N ASP A 412 47.93 0.47 -25.38
CA ASP A 412 47.77 -0.94 -25.79
C ASP A 412 46.81 -1.09 -26.96
N TYR A 413 45.66 -0.43 -26.88
CA TYR A 413 44.68 -0.49 -27.96
C TYR A 413 44.75 0.73 -28.88
N GLY A 414 45.60 1.69 -28.52
CA GLY A 414 45.93 2.81 -29.43
C GLY A 414 44.86 3.86 -29.52
N LEU A 415 44.23 4.15 -28.40
CA LEU A 415 43.25 5.23 -28.34
C LEU A 415 44.04 6.49 -27.98
N PRO A 416 43.43 7.69 -28.16
CA PRO A 416 44.04 8.94 -27.71
C PRO A 416 44.16 9.03 -26.18
N GLU A 417 45.23 9.63 -25.68
CA GLU A 417 45.46 9.74 -24.23
C GLU A 417 44.61 10.84 -23.59
N ASP A 418 44.35 11.90 -24.34
CA ASP A 418 43.66 13.08 -23.81
C ASP A 418 42.14 12.90 -23.70
N PHE A 419 41.60 11.85 -24.32
CA PHE A 419 40.15 11.70 -24.42
C PHE A 419 39.46 11.63 -23.08
N TYR A 420 40.19 11.27 -22.03
CA TYR A 420 39.57 11.14 -20.71
C TYR A 420 38.84 12.43 -20.34
N ASN A 421 39.37 13.58 -20.78
CA ASN A 421 38.65 14.84 -20.66
C ASN A 421 38.72 15.79 -21.87
N LYS A 422 38.56 15.23 -23.07
CA LYS A 422 38.27 16.04 -24.27
C LYS A 422 37.19 15.43 -25.17
N VAL A 423 36.42 14.49 -24.65
CA VAL A 423 35.38 13.81 -25.44
C VAL A 423 34.17 13.40 -24.60
N ASP A 424 33.00 13.50 -25.21
CA ASP A 424 31.79 12.98 -24.64
C ASP A 424 31.47 11.69 -25.40
N LEU A 425 31.11 10.65 -24.66
CA LEU A 425 30.77 9.34 -25.24
C LEU A 425 29.29 9.11 -25.03
N HIS A 426 28.64 8.55 -26.03
CA HIS A 426 27.23 8.28 -25.94
C HIS A 426 27.04 6.84 -26.35
N VAL A 427 26.60 6.00 -25.42
CA VAL A 427 26.31 4.59 -25.70
C VAL A 427 24.81 4.48 -25.83
N HIS A 428 24.33 4.10 -27.02
CA HIS A 428 22.91 3.88 -27.23
C HIS A 428 22.69 2.48 -27.74
N VAL A 429 21.61 1.88 -27.27
CA VAL A 429 21.22 0.55 -27.72
C VAL A 429 19.75 0.67 -28.06
N PRO A 430 19.40 0.60 -29.37
CA PRO A 430 17.99 0.62 -29.72
C PRO A 430 17.53 -0.80 -29.99
N ASP A 431 16.23 -1.11 -29.96
CA ASP A 431 15.08 -0.20 -29.80
C ASP A 431 15.18 0.74 -28.59
N GLY A 432 14.73 1.98 -28.79
CA GLY A 432 14.69 2.97 -27.69
C GLY A 432 13.58 2.68 -26.70
N ALA A 433 12.47 2.13 -27.17
CA ALA A 433 11.25 1.92 -26.37
C ALA A 433 11.38 0.89 -25.24
N THR A 434 11.97 -0.27 -25.56
CA THR A 434 12.02 -1.42 -24.67
C THR A 434 13.20 -1.35 -23.71
N PRO A 435 12.99 -1.63 -22.42
CA PRO A 435 14.12 -1.47 -21.51
C PRO A 435 15.04 -2.66 -21.58
N LYS A 436 16.32 -2.41 -21.37
CA LYS A 436 17.38 -3.42 -21.48
C LYS A 436 18.20 -3.41 -20.21
N ASP A 437 18.68 -4.55 -19.75
CA ASP A 437 19.49 -4.57 -18.53
C ASP A 437 20.40 -5.79 -18.52
N GLY A 438 21.42 -5.78 -17.67
CA GLY A 438 22.31 -6.94 -17.45
C GLY A 438 23.79 -6.70 -17.76
N PRO A 439 24.73 -7.60 -17.29
CA PRO A 439 26.18 -7.41 -17.49
C PRO A 439 26.80 -8.26 -18.60
N SER A 440 26.00 -8.93 -19.41
CA SER A 440 26.50 -9.88 -20.40
C SER A 440 27.08 -9.20 -21.61
N ALA A 441 27.03 -7.88 -21.65
CA ALA A 441 27.40 -7.16 -22.84
C ALA A 441 28.65 -6.42 -22.53
N GLY A 442 29.17 -6.63 -21.33
CA GLY A 442 30.32 -5.91 -20.89
C GLY A 442 31.34 -5.81 -22.01
N ILE A 443 31.52 -6.89 -22.76
CA ILE A 443 32.50 -6.88 -23.83
C ILE A 443 31.99 -6.18 -25.09
N THR A 444 30.72 -6.41 -25.45
CA THR A 444 30.17 -5.78 -26.64
C THR A 444 30.36 -4.28 -26.58
N MET A 445 30.05 -3.68 -25.43
CA MET A 445 30.21 -2.25 -25.26
C MET A 445 31.69 -1.87 -25.30
N ALA A 446 32.53 -2.71 -24.72
CA ALA A 446 33.96 -2.46 -24.77
C ALA A 446 34.39 -2.28 -26.22
N THR A 447 34.00 -3.24 -27.07
CA THR A 447 34.30 -3.20 -28.49
C THR A 447 33.83 -1.89 -29.13
N ALA A 448 32.53 -1.63 -29.05
CA ALA A 448 31.94 -0.46 -29.67
C ALA A 448 32.71 0.77 -29.26
N ILE A 449 32.84 0.96 -27.95
CA ILE A 449 33.56 2.10 -27.42
C ILE A 449 34.96 2.15 -28.03
N ALA A 450 35.64 1.01 -28.07
CA ALA A 450 37.03 0.95 -28.54
C ALA A 450 37.12 1.51 -29.93
N SER A 451 36.31 0.99 -30.84
CA SER A 451 36.35 1.41 -32.23
C SER A 451 36.03 2.91 -32.33
N ALA A 452 34.96 3.34 -31.69
CA ALA A 452 34.53 4.74 -31.77
C ALA A 452 35.68 5.71 -31.53
N LEU A 453 36.39 5.54 -30.43
CA LEU A 453 37.58 6.35 -30.16
C LEU A 453 38.70 5.99 -31.14
N SER A 454 38.91 4.69 -31.31
CA SER A 454 40.00 4.18 -32.15
C SER A 454 39.82 4.61 -33.60
N ARG A 455 38.57 4.60 -34.05
CA ARG A 455 38.16 4.85 -35.44
C ARG A 455 38.30 3.64 -36.33
N ARG A 456 38.83 2.54 -35.81
CA ARG A 456 38.93 1.36 -36.62
C ARG A 456 37.59 0.71 -36.57
N PRO A 457 36.91 0.59 -37.70
CA PRO A 457 35.61 -0.05 -37.66
C PRO A 457 35.68 -1.46 -37.09
N ALA A 458 34.51 -1.99 -36.79
CA ALA A 458 34.41 -3.27 -36.15
C ALA A 458 33.67 -4.23 -37.08
N ARG A 459 34.12 -5.49 -37.07
CA ARG A 459 33.45 -6.53 -37.82
C ARG A 459 31.99 -6.59 -37.39
N MET A 460 31.12 -7.08 -38.28
CA MET A 460 29.72 -7.34 -37.92
C MET A 460 29.23 -8.69 -38.42
N ASP A 461 30.18 -9.56 -38.79
CA ASP A 461 29.88 -10.95 -39.06
C ASP A 461 29.82 -11.67 -37.72
N ILE A 462 30.46 -11.06 -36.72
CA ILE A 462 30.72 -11.68 -35.43
C ILE A 462 29.82 -11.13 -34.33
N ALA A 463 29.11 -12.03 -33.66
CA ALA A 463 28.13 -11.68 -32.60
C ALA A 463 28.57 -12.29 -31.28
N MET A 464 28.26 -11.62 -30.17
CA MET A 464 28.92 -11.93 -28.91
C MET A 464 28.17 -11.53 -27.67
N THR A 465 28.44 -12.27 -26.60
CA THR A 465 27.95 -11.89 -25.29
C THR A 465 29.02 -12.22 -24.26
N GLY A 466 29.23 -11.33 -23.31
CA GLY A 466 30.24 -11.51 -22.28
C GLY A 466 30.19 -10.38 -21.28
N GLU A 467 30.52 -10.72 -20.02
CA GLU A 467 30.61 -9.75 -18.94
C GLU A 467 32.05 -9.29 -18.90
N VAL A 468 32.36 -8.23 -18.16
CA VAL A 468 33.73 -7.76 -18.10
C VAL A 468 34.09 -7.21 -16.73
N SER A 469 35.38 -7.05 -16.51
CA SER A 469 35.88 -6.54 -15.25
C SER A 469 36.94 -5.49 -15.48
N LEU A 470 37.27 -4.74 -14.43
CA LEU A 470 38.23 -3.66 -14.58
C LEU A 470 39.60 -4.08 -15.13
N ARG A 471 39.98 -5.33 -14.91
CA ARG A 471 41.26 -5.82 -15.42
C ARG A 471 41.13 -6.59 -16.74
N GLY A 472 39.93 -6.57 -17.33
CA GLY A 472 39.70 -7.10 -18.66
C GLY A 472 39.33 -8.57 -18.74
N LYS A 473 39.14 -9.23 -17.61
CA LYS A 473 38.73 -10.62 -17.65
C LYS A 473 37.41 -10.70 -18.40
N VAL A 474 37.09 -11.88 -18.92
CA VAL A 474 35.77 -12.16 -19.45
C VAL A 474 35.19 -13.25 -18.59
N MET A 475 33.89 -13.11 -18.33
CA MET A 475 33.24 -13.88 -17.31
C MET A 475 31.96 -14.51 -17.85
N PRO A 476 31.44 -15.53 -17.15
CA PRO A 476 30.37 -16.29 -17.72
C PRO A 476 29.06 -15.56 -17.63
N ILE A 477 28.12 -16.03 -18.45
CA ILE A 477 26.86 -15.35 -18.66
C ILE A 477 25.70 -16.35 -18.74
N GLY A 478 24.49 -15.83 -18.97
CA GLY A 478 23.28 -16.65 -18.89
C GLY A 478 22.55 -16.92 -20.19
N GLY A 479 21.79 -18.01 -20.17
CA GLY A 479 20.91 -18.38 -21.27
C GLY A 479 21.62 -18.30 -22.62
N VAL A 480 22.58 -19.18 -22.81
CA VAL A 480 23.38 -19.16 -24.04
C VAL A 480 22.68 -19.87 -25.22
N LYS A 481 22.01 -21.00 -24.95
CA LYS A 481 21.28 -21.71 -26.01
C LYS A 481 20.36 -20.72 -26.72
N GLU A 482 19.47 -20.15 -25.92
CA GLU A 482 18.48 -19.22 -26.42
C GLU A 482 19.19 -18.13 -27.19
N LYS A 483 20.27 -17.61 -26.61
CA LYS A 483 21.04 -16.55 -27.26
C LYS A 483 21.66 -16.95 -28.59
N LEU A 484 22.19 -18.16 -28.67
CA LEU A 484 22.96 -18.53 -29.85
C LEU A 484 22.10 -18.89 -31.06
N LEU A 485 20.89 -19.42 -30.81
CA LEU A 485 19.97 -19.80 -31.89
C LEU A 485 19.56 -18.55 -32.65
N ALA A 486 19.03 -17.57 -31.90
CA ALA A 486 18.53 -16.34 -32.48
C ALA A 486 19.56 -15.67 -33.40
N ALA A 487 20.85 -15.84 -33.08
CA ALA A 487 21.94 -15.37 -33.92
C ALA A 487 22.11 -16.23 -35.20
N HIS A 488 21.59 -17.45 -35.17
CA HIS A 488 21.54 -18.30 -36.36
C HIS A 488 20.62 -17.65 -37.38
N GLN A 489 19.39 -17.34 -36.97
CA GLN A 489 18.37 -16.82 -37.89
C GLN A 489 18.89 -15.60 -38.63
N ALA A 490 19.47 -14.69 -37.86
CA ALA A 490 20.07 -13.48 -38.40
C ALA A 490 21.00 -13.76 -39.54
N GLY A 491 21.56 -14.97 -39.57
CA GLY A 491 22.50 -15.37 -40.58
C GLY A 491 23.92 -15.22 -40.08
N ILE A 492 24.09 -15.08 -38.76
CA ILE A 492 25.41 -15.07 -38.16
C ILE A 492 25.82 -16.50 -37.78
N HIS A 493 26.98 -16.92 -38.30
CA HIS A 493 27.54 -18.25 -38.06
C HIS A 493 28.97 -18.10 -37.53
N LYS A 494 29.18 -17.08 -36.71
CA LYS A 494 30.52 -16.68 -36.28
C LYS A 494 30.49 -16.03 -34.89
N ILE A 495 30.42 -16.87 -33.85
CA ILE A 495 30.17 -16.43 -32.46
C ILE A 495 31.44 -16.09 -31.65
N VAL A 496 31.27 -15.30 -30.59
CA VAL A 496 32.27 -15.16 -29.50
C VAL A 496 31.60 -15.41 -28.15
N LEU A 497 32.34 -15.99 -27.21
CA LEU A 497 31.75 -16.56 -26.01
C LEU A 497 32.74 -16.63 -24.86
N PRO A 498 32.27 -16.63 -23.60
CA PRO A 498 33.23 -16.77 -22.52
C PRO A 498 33.68 -18.21 -22.37
N LYS A 499 34.90 -18.39 -21.90
CA LYS A 499 35.48 -19.73 -21.76
C LYS A 499 34.67 -20.61 -20.83
N ASP A 500 34.00 -20.02 -19.85
CA ASP A 500 33.27 -20.81 -18.86
C ASP A 500 31.84 -21.22 -19.30
N ASN A 501 31.48 -20.82 -20.52
CA ASN A 501 30.22 -21.27 -21.13
C ASN A 501 30.40 -22.39 -22.14
N GLU A 502 31.61 -22.92 -22.24
CA GLU A 502 31.86 -24.03 -23.15
C GLU A 502 30.93 -25.18 -22.76
N ALA A 503 30.80 -25.41 -21.47
CA ALA A 503 29.91 -26.44 -20.97
C ALA A 503 28.51 -26.36 -21.57
N GLN A 504 28.00 -25.14 -21.69
CA GLN A 504 26.60 -24.87 -22.07
C GLN A 504 26.31 -25.12 -23.55
N LEU A 505 27.33 -25.38 -24.36
CA LEU A 505 27.13 -25.58 -25.79
C LEU A 505 26.45 -26.89 -26.13
N GLU A 506 26.72 -27.94 -25.37
CA GLU A 506 26.13 -29.26 -25.61
C GLU A 506 24.61 -29.22 -25.60
N GLU A 507 24.06 -28.21 -24.94
CA GLU A 507 22.64 -27.92 -25.01
C GLU A 507 22.25 -27.76 -26.47
N LEU A 508 23.06 -27.03 -27.22
CA LEU A 508 22.77 -26.72 -28.62
C LEU A 508 22.55 -27.97 -29.46
N PRO A 509 21.58 -27.91 -30.38
CA PRO A 509 21.42 -29.07 -31.23
C PRO A 509 22.70 -29.34 -32.01
N LYS A 510 22.98 -30.61 -32.28
CA LYS A 510 24.12 -31.03 -33.10
C LYS A 510 24.18 -30.24 -34.41
N GLU A 511 23.04 -30.18 -35.09
CA GLU A 511 22.92 -29.59 -36.42
C GLU A 511 23.32 -28.12 -36.44
N VAL A 512 23.07 -27.44 -35.33
CA VAL A 512 23.41 -26.02 -35.19
C VAL A 512 24.91 -25.85 -34.93
N LEU A 513 25.42 -26.61 -33.96
CA LEU A 513 26.81 -26.48 -33.52
C LEU A 513 27.79 -26.47 -34.68
N GLU A 514 27.73 -27.53 -35.51
CA GLU A 514 28.59 -27.62 -36.69
C GLU A 514 28.35 -26.44 -37.62
N GLY A 515 27.10 -25.97 -37.66
CA GLY A 515 26.73 -24.78 -38.43
C GLY A 515 27.59 -23.56 -38.14
N LEU A 516 27.67 -23.18 -36.87
CA LEU A 516 28.42 -21.98 -36.46
C LEU A 516 29.79 -22.33 -35.87
N GLU A 517 30.72 -21.38 -35.95
CA GLU A 517 32.05 -21.54 -35.39
C GLU A 517 32.21 -20.63 -34.18
N ILE A 518 32.67 -21.20 -33.07
CA ILE A 518 32.64 -20.51 -31.78
C ILE A 518 34.03 -20.24 -31.21
N LYS A 519 34.32 -18.95 -31.03
CA LYS A 519 35.57 -18.46 -30.44
C LYS A 519 35.36 -18.31 -28.94
N LEU A 520 36.27 -18.87 -28.15
CA LEU A 520 36.18 -18.78 -26.69
C LEU A 520 37.22 -17.79 -26.18
N VAL A 521 36.84 -17.01 -25.18
CA VAL A 521 37.67 -15.93 -24.66
C VAL A 521 37.83 -16.02 -23.17
N GLU A 522 38.92 -15.45 -22.68
CA GLU A 522 39.17 -15.32 -21.26
C GLU A 522 39.78 -13.95 -20.93
N ASP A 523 39.79 -13.05 -21.91
CA ASP A 523 40.22 -11.67 -21.70
C ASP A 523 39.65 -10.80 -22.83
N VAL A 524 39.72 -9.48 -22.67
CA VAL A 524 39.18 -8.56 -23.66
C VAL A 524 40.22 -8.13 -24.69
N GLY A 525 41.48 -8.56 -24.54
CA GLY A 525 42.46 -8.39 -25.61
C GLY A 525 42.18 -9.31 -26.78
N GLU A 526 41.78 -10.54 -26.46
CA GLU A 526 41.44 -11.58 -27.44
C GLU A 526 40.27 -11.21 -28.34
N VAL A 527 39.23 -10.60 -27.77
CA VAL A 527 38.03 -10.26 -28.52
C VAL A 527 38.17 -8.95 -29.28
N LEU A 528 38.79 -7.97 -28.63
CA LEU A 528 38.86 -6.64 -29.19
C LEU A 528 39.44 -6.65 -30.59
N GLU A 529 40.68 -7.10 -30.68
CA GLU A 529 41.43 -6.99 -31.92
C GLU A 529 41.13 -8.16 -32.83
N TYR A 530 40.32 -9.10 -32.35
CA TYR A 530 39.63 -10.04 -33.23
C TYR A 530 38.53 -9.33 -34.05
N LEU A 531 37.93 -8.28 -33.50
CA LEU A 531 36.86 -7.51 -34.19
C LEU A 531 37.28 -6.16 -34.75
N LEU A 532 38.47 -5.68 -34.42
CA LEU A 532 38.88 -4.35 -34.86
C LEU A 532 39.77 -4.39 -36.10
N LEU A 533 39.19 -3.97 -37.22
CA LEU A 533 39.93 -3.86 -38.47
C LEU A 533 41.18 -3.03 -38.18
N PRO A 534 42.28 -3.32 -38.89
CA PRO A 534 43.57 -2.81 -38.39
C PRO A 534 43.73 -1.30 -38.44
N GLU A 535 43.14 -0.65 -39.45
CA GLU A 535 43.39 0.76 -39.71
C GLU A 535 42.12 1.63 -39.60
N PRO A 536 42.25 2.83 -38.97
CA PRO A 536 41.11 3.74 -38.91
C PRO A 536 40.45 3.96 -40.27
N THR A 537 39.13 4.08 -40.26
CA THR A 537 38.34 4.41 -41.45
C THR A 537 37.61 5.72 -41.18
N MET A 538 38.30 6.68 -40.58
CA MET A 538 37.67 7.93 -40.11
C MET A 538 38.72 8.92 -39.58
N PRO A 539 38.50 10.23 -39.76
CA PRO A 539 39.44 11.16 -39.16
C PRO A 539 39.26 11.16 -37.65
N PRO A 540 40.34 11.40 -36.88
CA PRO A 540 40.20 11.42 -35.42
C PRO A 540 39.43 12.66 -34.94
N VAL A 541 39.35 12.83 -33.62
CA VAL A 541 38.64 13.95 -33.01
C VAL A 541 39.36 15.30 -33.17
N VAL A 542 40.68 15.30 -32.98
CA VAL A 542 41.49 16.52 -33.24
C VAL A 542 42.87 16.15 -33.83
N SER B 6 -50.91 -13.55 -2.45
CA SER B 6 -50.87 -14.43 -3.68
C SER B 6 -49.54 -14.47 -4.46
N ASP B 7 -48.54 -13.70 -4.02
CA ASP B 7 -47.21 -13.72 -4.63
C ASP B 7 -46.76 -15.17 -4.82
N LEU B 8 -46.83 -15.94 -3.74
CA LEU B 8 -46.36 -17.31 -3.78
C LEU B 8 -47.10 -18.10 -4.86
N GLU B 9 -48.42 -17.92 -4.97
CA GLU B 9 -49.20 -18.64 -5.99
C GLU B 9 -48.75 -18.30 -7.42
N ALA B 10 -48.62 -17.01 -7.72
CA ALA B 10 -48.16 -16.60 -9.04
C ALA B 10 -46.79 -17.22 -9.37
N LEU B 11 -45.87 -17.13 -8.41
CA LEU B 11 -44.52 -17.72 -8.56
C LEU B 11 -44.58 -19.16 -9.05
N ARG B 12 -45.38 -19.98 -8.37
CA ARG B 12 -45.43 -21.41 -8.65
C ARG B 12 -45.94 -21.69 -10.08
N LYS B 13 -47.01 -21.01 -10.48
CA LYS B 13 -47.51 -21.12 -11.86
C LYS B 13 -46.37 -20.86 -12.83
N LYS B 14 -45.71 -19.70 -12.64
CA LYS B 14 -44.60 -19.28 -13.49
C LYS B 14 -43.52 -20.35 -13.62
N ILE B 15 -43.17 -21.01 -12.50
CA ILE B 15 -42.07 -21.98 -12.50
C ILE B 15 -42.34 -23.18 -13.43
N GLU B 16 -43.51 -23.80 -13.31
CA GLU B 16 -43.87 -24.92 -14.20
C GLU B 16 -44.24 -24.44 -15.60
N GLU B 17 -44.43 -23.13 -15.74
CA GLU B 17 -44.84 -22.53 -17.01
C GLU B 17 -43.69 -22.38 -18.02
N VAL B 18 -42.49 -22.04 -17.55
CA VAL B 18 -41.37 -21.64 -18.44
C VAL B 18 -40.33 -22.74 -18.73
N GLY B 19 -40.61 -23.99 -18.36
CA GLY B 19 -39.76 -25.12 -18.76
C GLY B 19 -38.27 -24.97 -18.48
N MET B 20 -37.96 -24.47 -17.29
CA MET B 20 -36.56 -24.42 -16.84
C MET B 20 -36.03 -25.82 -16.54
N PRO B 21 -34.70 -26.02 -16.59
CA PRO B 21 -34.09 -27.32 -16.30
C PRO B 21 -34.46 -27.96 -14.93
N GLU B 22 -34.81 -29.24 -15.00
CA GLU B 22 -35.52 -29.95 -13.94
C GLU B 22 -34.84 -29.77 -12.58
N ALA B 23 -33.52 -29.91 -12.56
CA ALA B 23 -32.74 -29.68 -11.35
C ALA B 23 -33.04 -28.28 -10.82
N VAL B 24 -33.12 -27.33 -11.73
CA VAL B 24 -33.33 -25.92 -11.35
C VAL B 24 -34.76 -25.73 -10.83
N LYS B 25 -35.73 -26.36 -11.48
CA LYS B 25 -37.10 -26.36 -11.01
C LYS B 25 -37.12 -26.83 -9.56
N THR B 26 -36.45 -27.96 -9.33
CA THR B 26 -36.35 -28.57 -8.01
C THR B 26 -35.74 -27.61 -7.01
N LYS B 27 -34.58 -27.08 -7.37
CA LYS B 27 -33.87 -26.17 -6.49
C LYS B 27 -34.81 -25.02 -6.10
N ALA B 28 -35.47 -24.44 -7.10
CA ALA B 28 -36.41 -23.34 -6.90
C ALA B 28 -37.45 -23.66 -5.84
N LEU B 29 -38.08 -24.82 -5.99
CA LEU B 29 -39.17 -25.21 -5.11
C LEU B 29 -38.68 -25.52 -3.71
N LYS B 30 -37.49 -26.11 -3.59
CA LYS B 30 -36.88 -26.31 -2.29
C LYS B 30 -36.81 -24.95 -1.60
N GLU B 31 -36.20 -23.99 -2.29
CA GLU B 31 -36.08 -22.63 -1.76
C GLU B 31 -37.45 -22.04 -1.41
N LEU B 32 -38.42 -22.21 -2.32
CA LEU B 32 -39.77 -21.68 -2.10
C LEU B 32 -40.37 -22.16 -0.77
N ASP B 33 -40.22 -23.45 -0.47
CA ASP B 33 -40.82 -24.04 0.72
C ASP B 33 -40.06 -23.64 1.99
N ARG B 34 -38.73 -23.71 1.97
CA ARG B 34 -37.95 -23.10 3.06
C ARG B 34 -38.40 -21.65 3.25
N LEU B 35 -38.75 -20.99 2.14
CA LEU B 35 -39.17 -19.58 2.14
C LEU B 35 -40.46 -19.30 2.90
N GLU B 36 -41.46 -20.16 2.72
CA GLU B 36 -42.67 -20.05 3.52
C GLU B 36 -42.31 -20.13 5.01
N ARG B 37 -41.49 -21.10 5.38
CA ARG B 37 -41.20 -21.38 6.79
C ARG B 37 -40.46 -20.24 7.52
N MET B 38 -39.67 -19.48 6.76
CA MET B 38 -38.88 -18.32 7.26
C MET B 38 -39.66 -17.03 7.52
N GLN B 39 -39.05 -16.11 8.27
CA GLN B 39 -39.69 -14.82 8.64
C GLN B 39 -39.32 -13.66 7.73
N GLN B 40 -40.32 -13.14 7.01
CA GLN B 40 -40.07 -12.26 5.86
C GLN B 40 -39.28 -11.03 6.23
N GLY B 41 -39.58 -10.42 7.36
CA GLY B 41 -38.78 -9.30 7.81
C GLY B 41 -37.35 -9.78 7.84
N SER B 42 -37.16 -10.99 8.33
CA SER B 42 -35.79 -11.45 8.51
C SER B 42 -35.01 -11.04 7.27
N PRO B 43 -33.80 -10.49 7.49
CA PRO B 43 -33.00 -10.04 6.36
C PRO B 43 -32.92 -11.14 5.33
N GLU B 44 -32.65 -12.37 5.77
CA GLU B 44 -32.50 -13.48 4.84
C GLU B 44 -33.77 -13.77 4.04
N ALA B 45 -34.91 -13.71 4.67
CA ALA B 45 -36.17 -13.97 3.98
C ALA B 45 -36.37 -13.02 2.81
N THR B 46 -36.09 -11.75 3.07
CA THR B 46 -36.16 -10.70 2.07
C THR B 46 -35.24 -11.03 0.89
N VAL B 47 -33.98 -11.34 1.21
CA VAL B 47 -32.96 -11.66 0.20
C VAL B 47 -33.41 -12.87 -0.63
N ALA B 48 -34.03 -13.85 0.02
CA ALA B 48 -34.49 -15.06 -0.67
C ALA B 48 -35.59 -14.77 -1.70
N ARG B 49 -36.51 -13.88 -1.37
CA ARG B 49 -37.53 -13.49 -2.33
C ARG B 49 -36.85 -12.92 -3.58
N THR B 50 -35.82 -12.12 -3.36
CA THR B 50 -35.08 -11.51 -4.49
C THR B 50 -34.41 -12.59 -5.35
N TYR B 51 -33.83 -13.60 -4.73
CA TYR B 51 -33.21 -14.72 -5.44
C TYR B 51 -34.19 -15.39 -6.37
N LEU B 52 -35.35 -15.74 -5.84
CA LEU B 52 -36.39 -16.38 -6.63
C LEU B 52 -36.76 -15.47 -7.77
N ASP B 53 -36.85 -14.18 -7.45
CA ASP B 53 -37.15 -13.12 -8.43
C ASP B 53 -36.23 -13.22 -9.65
N TRP B 54 -34.93 -13.21 -9.39
CA TRP B 54 -33.95 -13.33 -10.47
C TRP B 54 -34.15 -14.58 -11.32
N LEU B 55 -34.26 -15.74 -10.68
CA LEU B 55 -34.40 -17.00 -11.41
C LEU B 55 -35.62 -17.02 -12.32
N THR B 56 -36.72 -16.45 -11.85
CA THR B 56 -37.98 -16.44 -12.60
C THR B 56 -37.93 -15.50 -13.80
N GLU B 57 -37.29 -14.35 -13.63
CA GLU B 57 -37.26 -13.34 -14.69
C GLU B 57 -36.41 -13.77 -15.88
N VAL B 58 -35.30 -14.47 -15.62
CA VAL B 58 -34.26 -14.67 -16.65
C VAL B 58 -34.78 -15.61 -17.75
N PRO B 59 -34.16 -15.59 -18.96
CA PRO B 59 -34.76 -16.33 -20.09
C PRO B 59 -34.30 -17.74 -20.41
N TRP B 60 -34.81 -18.74 -19.74
CA TRP B 60 -34.50 -20.13 -20.09
C TRP B 60 -35.11 -20.67 -21.39
N SER B 61 -36.11 -20.00 -21.99
CA SER B 61 -36.84 -20.63 -23.11
C SER B 61 -37.03 -19.84 -24.42
N LYS B 62 -37.62 -18.65 -24.35
CA LYS B 62 -38.06 -18.00 -25.58
C LYS B 62 -36.89 -17.65 -26.50
N ALA B 63 -37.14 -17.53 -27.80
CA ALA B 63 -36.15 -17.00 -28.70
C ALA B 63 -36.82 -16.36 -29.90
N ASP B 64 -36.17 -15.33 -30.42
CA ASP B 64 -36.61 -14.70 -31.65
C ASP B 64 -36.11 -15.56 -32.78
N PRO B 65 -36.77 -15.51 -33.96
CA PRO B 65 -36.31 -16.41 -35.00
C PRO B 65 -34.96 -15.98 -35.51
N GLU B 66 -33.93 -16.78 -35.22
CA GLU B 66 -32.60 -16.49 -35.70
C GLU B 66 -32.69 -16.53 -37.20
N VAL B 67 -31.76 -15.85 -37.85
CA VAL B 67 -31.75 -15.83 -39.30
C VAL B 67 -30.34 -15.53 -39.76
N LEU B 68 -30.06 -15.85 -41.02
CA LEU B 68 -28.91 -15.29 -41.70
C LEU B 68 -29.14 -15.25 -43.19
N ASP B 69 -29.12 -14.04 -43.73
CA ASP B 69 -29.32 -13.82 -45.15
C ASP B 69 -28.31 -12.76 -45.53
N ILE B 70 -27.07 -13.18 -45.73
CA ILE B 70 -25.95 -12.24 -45.86
C ILE B 70 -26.24 -11.20 -46.94
N ASN B 71 -27.02 -11.57 -47.95
CA ASN B 71 -27.55 -10.58 -48.89
C ASN B 71 -28.33 -9.55 -48.09
N HIS B 72 -29.18 -10.04 -47.20
CA HIS B 72 -29.97 -9.18 -46.32
C HIS B 72 -29.07 -8.39 -45.38
N THR B 73 -28.04 -9.03 -44.85
CA THR B 73 -27.18 -8.28 -43.97
C THR B 73 -26.54 -7.20 -44.82
N ARG B 74 -26.02 -7.55 -45.98
CA ARG B 74 -25.54 -6.53 -46.92
C ARG B 74 -26.47 -5.30 -46.95
N GLN B 75 -27.74 -5.54 -47.25
CA GLN B 75 -28.76 -4.48 -47.31
C GLN B 75 -28.72 -3.61 -46.05
N VAL B 76 -28.83 -4.25 -44.90
CA VAL B 76 -28.99 -3.55 -43.63
C VAL B 76 -27.75 -2.72 -43.30
N LEU B 77 -26.58 -3.29 -43.54
CA LEU B 77 -25.33 -2.57 -43.31
C LEU B 77 -25.30 -1.28 -44.14
N ASP B 78 -25.63 -1.40 -45.43
CA ASP B 78 -25.64 -0.24 -46.31
C ASP B 78 -26.65 0.81 -45.83
N GLU B 79 -27.82 0.35 -45.40
CA GLU B 79 -28.90 1.21 -44.86
C GLU B 79 -28.57 2.06 -43.64
N ASP B 80 -27.60 1.61 -42.84
CA ASP B 80 -27.34 2.21 -41.52
C ASP B 80 -25.96 2.85 -41.43
N HIS B 81 -25.20 2.83 -42.52
CA HIS B 81 -23.87 3.45 -42.53
C HIS B 81 -23.45 3.91 -43.91
N TYR B 82 -22.50 4.81 -43.93
CA TYR B 82 -21.89 5.26 -45.16
C TYR B 82 -20.44 4.82 -45.16
N GLY B 83 -19.94 4.39 -46.32
CA GLY B 83 -18.55 3.97 -46.45
C GLY B 83 -18.34 2.60 -45.84
N LEU B 84 -17.16 2.37 -45.29
CA LEU B 84 -16.89 1.09 -44.63
C LEU B 84 -17.15 -0.06 -45.61
N LYS B 85 -16.66 0.12 -46.83
CA LYS B 85 -16.74 -0.94 -47.83
C LYS B 85 -15.96 -2.10 -47.26
N ASP B 86 -14.70 -1.80 -46.93
CA ASP B 86 -13.76 -2.77 -46.36
C ASP B 86 -14.36 -3.51 -45.17
N VAL B 87 -14.82 -2.74 -44.20
CA VAL B 87 -15.20 -3.26 -42.90
C VAL B 87 -16.47 -4.11 -43.00
N LYS B 88 -17.44 -3.62 -43.78
CA LYS B 88 -18.67 -4.36 -44.01
C LYS B 88 -18.35 -5.71 -44.62
N GLU B 89 -17.50 -5.70 -45.64
CA GLU B 89 -17.09 -6.94 -46.29
C GLU B 89 -16.46 -7.90 -45.31
N ARG B 90 -15.50 -7.43 -44.50
CA ARG B 90 -14.88 -8.29 -43.49
C ARG B 90 -15.90 -8.90 -42.56
N ILE B 91 -16.89 -8.11 -42.14
CA ILE B 91 -17.98 -8.59 -41.28
C ILE B 91 -18.77 -9.69 -41.95
N LEU B 92 -19.11 -9.48 -43.21
CA LEU B 92 -19.86 -10.46 -43.99
C LEU B 92 -19.04 -11.74 -44.14
N GLU B 93 -17.75 -11.58 -44.40
CA GLU B 93 -16.85 -12.73 -44.56
C GLU B 93 -16.91 -13.54 -43.28
N TYR B 94 -16.73 -12.84 -42.16
CA TYR B 94 -16.84 -13.46 -40.85
C TYR B 94 -18.12 -14.27 -40.74
N LEU B 95 -19.26 -13.62 -41.00
CA LEU B 95 -20.57 -14.26 -40.86
C LEU B 95 -20.75 -15.49 -41.76
N ALA B 96 -20.37 -15.36 -43.04
CA ALA B 96 -20.50 -16.45 -43.98
C ALA B 96 -19.73 -17.67 -43.51
N VAL B 97 -18.46 -17.47 -43.21
CA VAL B 97 -17.59 -18.57 -42.76
C VAL B 97 -18.13 -19.14 -41.46
N ARG B 98 -18.67 -18.25 -40.61
CA ARG B 98 -19.24 -18.67 -39.34
C ARG B 98 -20.36 -19.68 -39.56
N GLN B 99 -21.36 -19.30 -40.34
CA GLN B 99 -22.50 -20.19 -40.60
C GLN B 99 -22.00 -21.49 -41.16
N LEU B 100 -21.03 -21.40 -42.06
CA LEU B 100 -20.41 -22.59 -42.63
C LEU B 100 -19.91 -23.53 -41.53
N THR B 101 -19.44 -22.96 -40.42
CA THR B 101 -18.81 -23.72 -39.32
C THR B 101 -19.69 -24.89 -38.81
N GLN B 102 -19.02 -25.97 -38.43
CA GLN B 102 -19.67 -27.28 -38.24
C GLN B 102 -19.62 -27.84 -36.81
N GLY B 103 -19.73 -26.94 -35.84
CA GLY B 103 -19.89 -27.33 -34.45
C GLY B 103 -20.95 -28.42 -34.25
N LEU B 104 -22.13 -28.29 -34.87
CA LEU B 104 -22.57 -27.06 -35.55
C LEU B 104 -22.77 -26.00 -34.51
N ASP B 105 -23.38 -26.39 -33.40
CA ASP B 105 -23.30 -25.61 -32.18
C ASP B 105 -21.80 -25.46 -32.07
N VAL B 106 -21.28 -24.32 -31.61
CA VAL B 106 -19.88 -24.08 -31.88
C VAL B 106 -19.01 -24.85 -30.95
N ARG B 107 -19.02 -26.14 -31.21
CA ARG B 107 -17.96 -27.07 -30.86
C ARG B 107 -16.73 -26.60 -31.63
N ASN B 108 -16.97 -26.03 -32.81
CA ASN B 108 -15.91 -25.57 -33.67
C ASN B 108 -15.72 -24.07 -33.54
N LYS B 109 -14.48 -23.68 -33.25
CA LYS B 109 -14.15 -22.30 -32.94
C LYS B 109 -14.59 -21.36 -34.06
N ALA B 110 -15.39 -20.37 -33.69
CA ALA B 110 -15.57 -19.18 -34.51
C ALA B 110 -14.95 -18.08 -33.67
N PRO B 111 -14.05 -17.28 -34.26
CA PRO B 111 -13.49 -16.22 -33.41
C PRO B 111 -14.55 -15.25 -32.92
N ILE B 112 -14.17 -14.40 -31.98
CA ILE B 112 -15.06 -13.39 -31.46
C ILE B 112 -14.69 -12.06 -32.06
N LEU B 113 -15.63 -11.44 -32.75
CA LEU B 113 -15.33 -10.21 -33.45
C LEU B 113 -14.91 -9.18 -32.42
N VAL B 114 -13.93 -8.36 -32.78
CA VAL B 114 -13.52 -7.21 -31.99
C VAL B 114 -13.39 -6.07 -32.98
N LEU B 115 -14.08 -4.97 -32.72
CA LEU B 115 -14.07 -3.83 -33.62
C LEU B 115 -13.17 -2.80 -32.98
N VAL B 116 -12.02 -2.54 -33.58
CA VAL B 116 -10.99 -1.73 -32.95
C VAL B 116 -10.88 -0.37 -33.60
N GLY B 117 -10.94 0.69 -32.79
CA GLY B 117 -10.95 2.06 -33.30
C GLY B 117 -11.36 3.06 -32.23
N PRO B 118 -11.13 4.33 -32.46
CA PRO B 118 -11.43 5.34 -31.44
C PRO B 118 -12.94 5.57 -31.21
N PRO B 119 -13.30 6.43 -30.24
CA PRO B 119 -14.71 6.75 -30.07
C PRO B 119 -15.24 7.60 -31.20
N GLY B 120 -16.48 7.31 -31.57
CA GLY B 120 -17.19 8.04 -32.61
C GLY B 120 -17.11 7.38 -33.96
N VAL B 121 -16.50 6.19 -34.03
CA VAL B 121 -16.22 5.56 -35.32
C VAL B 121 -17.33 4.61 -35.78
N GLY B 122 -18.42 4.55 -35.03
CA GLY B 122 -19.60 3.82 -35.50
C GLY B 122 -19.69 2.34 -35.15
N LYS B 123 -18.72 1.81 -34.41
CA LYS B 123 -18.67 0.37 -34.10
C LYS B 123 -19.86 -0.12 -33.29
N THR B 124 -20.17 0.55 -32.19
CA THR B 124 -21.32 0.15 -31.39
C THR B 124 -22.55 0.10 -32.28
N SER B 125 -22.63 1.05 -33.20
CA SER B 125 -23.70 1.06 -34.18
C SER B 125 -23.73 -0.20 -35.07
N LEU B 126 -22.56 -0.65 -35.51
CA LEU B 126 -22.43 -1.83 -36.37
C LEU B 126 -22.99 -3.07 -35.73
N GLY B 127 -22.78 -3.20 -34.42
CA GLY B 127 -23.44 -4.25 -33.66
C GLY B 127 -24.94 -4.11 -33.79
N ARG B 128 -25.44 -2.89 -33.68
CA ARG B 128 -26.85 -2.63 -33.91
C ARG B 128 -27.26 -3.15 -35.28
N SER B 129 -26.52 -2.75 -36.31
CA SER B 129 -26.84 -3.12 -37.68
C SER B 129 -26.87 -4.62 -37.92
N ILE B 130 -26.02 -5.36 -37.21
CA ILE B 130 -25.91 -6.80 -37.43
C ILE B 130 -27.06 -7.58 -36.79
N ALA B 131 -27.65 -7.04 -35.72
CA ALA B 131 -28.70 -7.73 -34.97
C ALA B 131 -30.04 -7.81 -35.70
N ARG B 132 -30.56 -6.65 -36.13
CA ARG B 132 -31.87 -6.56 -36.78
C ARG B 132 -31.91 -7.22 -38.15
N SER B 133 -30.76 -7.30 -38.82
CA SER B 133 -30.61 -8.18 -39.98
C SER B 133 -30.78 -9.63 -39.55
N MET B 134 -30.61 -9.89 -38.26
CA MET B 134 -30.88 -11.20 -37.68
C MET B 134 -32.13 -11.19 -36.79
N ASN B 135 -32.80 -10.04 -36.66
CA ASN B 135 -33.99 -9.92 -35.81
C ASN B 135 -33.72 -10.32 -34.38
N ARG B 136 -32.46 -10.26 -33.98
CA ARG B 136 -32.04 -10.68 -32.66
C ARG B 136 -31.94 -9.44 -31.77
N LYS B 137 -32.32 -9.61 -30.50
CA LYS B 137 -32.26 -8.52 -29.54
C LYS B 137 -30.81 -8.06 -29.43
N PHE B 138 -30.62 -6.75 -29.31
CA PHE B 138 -29.28 -6.17 -29.19
C PHE B 138 -29.07 -5.57 -27.81
N HIS B 139 -27.89 -5.76 -27.24
CA HIS B 139 -27.58 -5.24 -25.92
C HIS B 139 -26.14 -4.73 -25.80
N ARG B 140 -25.95 -3.64 -25.08
CA ARG B 140 -24.62 -3.10 -24.83
C ARG B 140 -24.26 -3.29 -23.37
N ILE B 141 -23.15 -3.99 -23.10
CA ILE B 141 -22.58 -4.05 -21.76
C ILE B 141 -21.24 -3.33 -21.78
N SER B 142 -21.12 -2.29 -20.96
CA SER B 142 -19.87 -1.56 -20.88
C SER B 142 -18.98 -2.20 -19.85
N LEU B 143 -17.90 -2.83 -20.32
CA LEU B 143 -16.90 -3.41 -19.43
C LEU B 143 -15.81 -2.40 -19.04
N GLY B 144 -16.02 -1.12 -19.34
CA GLY B 144 -15.01 -0.11 -19.12
C GLY B 144 -14.84 0.24 -17.66
N GLY B 145 -13.68 -0.11 -17.10
CA GLY B 145 -13.34 0.20 -15.69
C GLY B 145 -13.49 -0.94 -14.71
N VAL B 146 -14.17 -2.00 -15.12
CA VAL B 146 -14.32 -3.20 -14.30
C VAL B 146 -12.97 -3.61 -13.70
N ARG B 147 -12.94 -3.79 -12.38
CA ARG B 147 -11.73 -4.26 -11.69
C ARG B 147 -11.92 -5.55 -10.89
N ASP B 148 -13.15 -5.84 -10.46
CA ASP B 148 -13.43 -7.02 -9.65
C ASP B 148 -14.00 -8.15 -10.50
N GLU B 149 -13.33 -9.31 -10.45
CA GLU B 149 -13.82 -10.55 -11.08
C GLU B 149 -15.28 -10.77 -10.73
N ALA B 150 -15.69 -10.35 -9.54
CA ALA B 150 -17.07 -10.40 -9.11
C ALA B 150 -18.04 -9.84 -10.16
N GLU B 151 -17.73 -8.65 -10.69
CA GLU B 151 -18.60 -7.96 -11.66
C GLU B 151 -19.27 -8.92 -12.65
N ILE B 152 -18.51 -9.86 -13.19
CA ILE B 152 -19.03 -10.81 -14.16
C ILE B 152 -19.74 -11.99 -13.49
N ARG B 153 -19.19 -12.49 -12.40
CA ARG B 153 -19.69 -13.71 -11.71
C ARG B 153 -20.63 -13.52 -10.52
N GLY B 154 -20.83 -12.29 -10.08
CA GLY B 154 -21.68 -12.00 -8.91
C GLY B 154 -21.13 -12.25 -7.50
N HIS B 155 -21.96 -11.91 -6.51
CA HIS B 155 -21.64 -12.05 -5.10
C HIS B 155 -22.51 -13.15 -4.52
N ARG B 156 -21.90 -14.14 -3.87
CA ARG B 156 -22.66 -15.20 -3.23
C ARG B 156 -23.70 -14.58 -2.30
N ARG B 157 -24.82 -15.27 -2.11
CA ARG B 157 -26.03 -14.67 -1.52
C ARG B 157 -25.86 -14.36 -0.04
N THR B 158 -25.25 -15.30 0.68
CA THR B 158 -24.96 -15.12 2.11
C THR B 158 -23.65 -14.39 2.36
N TYR B 159 -22.85 -14.23 1.31
CA TYR B 159 -21.80 -13.21 1.32
C TYR B 159 -22.58 -11.94 1.09
N ILE B 160 -22.89 -11.26 2.19
CA ILE B 160 -24.04 -10.34 2.24
C ILE B 160 -24.24 -9.49 0.98
N GLY B 161 -23.14 -9.20 0.29
CA GLY B 161 -23.19 -8.72 -1.11
C GLY B 161 -24.24 -7.65 -1.34
N ALA B 162 -25.20 -7.87 -2.24
CA ALA B 162 -25.31 -9.06 -3.10
C ALA B 162 -25.93 -8.67 -4.42
N MET B 163 -25.55 -9.37 -5.48
CA MET B 163 -25.98 -9.05 -6.85
C MET B 163 -25.74 -10.23 -7.78
N PRO B 164 -26.36 -10.22 -8.98
CA PRO B 164 -25.90 -11.12 -10.02
C PRO B 164 -25.11 -10.36 -11.09
N GLY B 165 -24.33 -11.11 -11.87
CA GLY B 165 -23.38 -10.52 -12.79
C GLY B 165 -23.96 -9.77 -13.96
N LYS B 166 -23.10 -8.94 -14.55
CA LYS B 166 -23.43 -8.15 -15.74
C LYS B 166 -24.05 -8.99 -16.84
N LEU B 167 -23.62 -10.24 -16.96
CA LEU B 167 -24.14 -11.12 -18.00
C LEU B 167 -25.54 -11.62 -17.71
N ILE B 168 -25.87 -11.84 -16.44
CA ILE B 168 -27.22 -12.25 -16.09
C ILE B 168 -28.13 -11.04 -16.07
N HIS B 169 -27.61 -9.91 -15.61
CA HIS B 169 -28.33 -8.64 -15.69
C HIS B 169 -28.79 -8.43 -17.12
N ALA B 170 -27.86 -8.52 -18.06
CA ALA B 170 -28.15 -8.32 -19.47
C ALA B 170 -29.28 -9.22 -19.91
N MET B 171 -29.22 -10.49 -19.50
CA MET B 171 -30.22 -11.49 -19.89
C MET B 171 -31.60 -11.17 -19.30
N LYS B 172 -31.63 -10.83 -18.02
CA LYS B 172 -32.89 -10.42 -17.38
C LYS B 172 -33.49 -9.22 -18.08
N GLN B 173 -32.66 -8.20 -18.29
CA GLN B 173 -33.12 -6.93 -18.87
C GLN B 173 -33.06 -6.91 -20.40
N VAL B 174 -32.84 -8.08 -21.01
CA VAL B 174 -32.92 -8.23 -22.46
C VAL B 174 -34.12 -9.12 -22.76
N GLY B 175 -34.20 -10.26 -22.09
CA GLY B 175 -35.44 -11.06 -22.06
C GLY B 175 -35.54 -12.30 -22.95
N VAL B 176 -34.49 -12.62 -23.70
CA VAL B 176 -34.43 -13.90 -24.46
C VAL B 176 -33.05 -14.54 -24.33
N ILE B 177 -32.98 -15.84 -24.61
CA ILE B 177 -31.69 -16.56 -24.64
C ILE B 177 -30.84 -16.23 -25.87
N ASN B 178 -31.48 -15.69 -26.90
CA ASN B 178 -30.91 -15.54 -28.21
C ASN B 178 -30.18 -14.23 -28.52
N PRO B 179 -29.97 -13.35 -27.52
CA PRO B 179 -29.75 -11.97 -27.94
C PRO B 179 -28.37 -11.72 -28.49
N VAL B 180 -28.17 -10.51 -29.02
CA VAL B 180 -26.84 -10.02 -29.33
C VAL B 180 -26.40 -9.16 -28.13
N ILE B 181 -25.17 -9.36 -27.69
CA ILE B 181 -24.64 -8.65 -26.54
C ILE B 181 -23.24 -8.12 -26.88
N LEU B 182 -23.22 -6.96 -27.55
CA LEU B 182 -21.97 -6.25 -27.81
C LEU B 182 -21.29 -6.03 -26.47
N LEU B 183 -19.97 -6.22 -26.41
CA LEU B 183 -19.22 -6.07 -25.17
C LEU B 183 -18.30 -4.87 -25.35
N ASP B 184 -18.74 -3.70 -24.89
CA ASP B 184 -17.94 -2.49 -24.98
C ASP B 184 -16.66 -2.60 -24.17
N GLN B 185 -15.62 -1.96 -24.67
CA GLN B 185 -14.49 -1.60 -23.84
C GLN B 185 -13.90 -2.78 -23.10
N ILE B 186 -13.47 -3.78 -23.84
CA ILE B 186 -12.71 -4.89 -23.27
C ILE B 186 -11.24 -4.47 -23.02
N ASP B 187 -10.81 -3.37 -23.63
CA ASP B 187 -9.48 -2.82 -23.33
C ASP B 187 -9.33 -2.52 -21.86
N LYS B 188 -10.40 -2.03 -21.24
CA LYS B 188 -10.30 -1.26 -20.00
C LYS B 188 -10.56 -2.04 -18.70
N MET B 189 -10.39 -3.35 -18.75
CA MET B 189 -10.57 -4.17 -17.57
C MET B 189 -9.33 -4.04 -16.70
N SER B 190 -9.55 -3.86 -15.40
CA SER B 190 -8.52 -3.35 -14.47
C SER B 190 -7.68 -4.43 -13.82
N SER B 191 -6.63 -3.98 -13.14
CA SER B 191 -5.58 -4.84 -12.59
C SER B 191 -5.61 -4.95 -11.06
N ASP B 192 -5.86 -6.16 -10.58
CA ASP B 192 -5.49 -6.58 -9.22
C ASP B 192 -6.17 -5.86 -8.06
N TRP B 193 -7.35 -5.31 -8.29
CA TRP B 193 -8.03 -4.54 -7.25
C TRP B 193 -8.45 -5.28 -5.96
N ARG B 194 -8.85 -6.56 -5.97
CA ARG B 194 -8.29 -7.62 -6.79
C ARG B 194 -9.34 -8.71 -7.13
N GLY B 195 -8.87 -9.85 -7.63
CA GLY B 195 -9.72 -10.80 -8.34
C GLY B 195 -9.44 -10.51 -9.81
N ASP B 196 -9.64 -11.50 -10.68
CA ASP B 196 -9.32 -11.36 -12.12
C ASP B 196 -10.52 -11.34 -13.08
N PRO B 197 -10.87 -10.15 -13.61
CA PRO B 197 -12.03 -10.06 -14.50
C PRO B 197 -11.83 -10.80 -15.83
N ALA B 198 -10.62 -10.73 -16.36
CA ALA B 198 -10.35 -11.29 -17.68
C ALA B 198 -10.57 -12.79 -17.69
N SER B 199 -10.11 -13.44 -16.62
CA SER B 199 -10.32 -14.87 -16.42
C SER B 199 -11.81 -15.16 -16.50
N ALA B 200 -12.61 -14.39 -15.76
CA ALA B 200 -14.06 -14.56 -15.75
C ALA B 200 -14.62 -14.49 -17.16
N MET B 201 -14.19 -13.47 -17.90
CA MET B 201 -14.67 -13.25 -19.26
C MET B 201 -14.37 -14.43 -20.18
N LEU B 202 -13.17 -14.99 -20.03
CA LEU B 202 -12.75 -16.14 -20.81
C LEU B 202 -13.75 -17.28 -20.63
N GLU B 203 -14.10 -17.60 -19.37
CA GLU B 203 -15.10 -18.63 -19.11
C GLU B 203 -16.34 -18.35 -19.93
N VAL B 204 -16.86 -17.12 -19.85
CA VAL B 204 -18.16 -16.84 -20.45
C VAL B 204 -18.10 -17.00 -21.98
N LEU B 205 -16.98 -16.66 -22.60
CA LEU B 205 -16.85 -16.78 -24.07
C LEU B 205 -16.51 -18.21 -24.58
N ASP B 206 -15.59 -18.90 -23.89
CA ASP B 206 -15.15 -20.27 -24.26
C ASP B 206 -16.30 -21.22 -24.56
N PRO B 207 -16.34 -21.83 -25.75
CA PRO B 207 -17.57 -22.53 -26.13
C PRO B 207 -17.92 -23.78 -25.34
N GLU B 208 -16.92 -24.54 -24.88
CA GLU B 208 -17.17 -25.73 -24.04
C GLU B 208 -17.50 -25.34 -22.60
N GLN B 209 -16.77 -24.37 -22.07
CA GLN B 209 -17.00 -23.87 -20.71
C GLN B 209 -18.31 -23.10 -20.58
N ASN B 210 -18.63 -22.24 -21.55
CA ASN B 210 -19.67 -21.22 -21.37
C ASN B 210 -21.05 -21.75 -21.04
N ASN B 211 -21.47 -22.83 -21.69
CA ASN B 211 -22.84 -23.32 -21.51
C ASN B 211 -23.13 -23.67 -20.05
N THR B 212 -22.26 -24.43 -19.40
CA THR B 212 -22.38 -24.60 -17.96
C THR B 212 -21.64 -23.40 -17.39
N PHE B 213 -22.36 -22.33 -17.12
CA PHE B 213 -21.77 -21.12 -16.54
C PHE B 213 -22.47 -20.85 -15.23
N THR B 214 -21.70 -20.73 -14.15
CA THR B 214 -22.29 -20.66 -12.83
C THR B 214 -21.69 -19.52 -12.02
N ASP B 215 -22.35 -18.36 -12.07
CA ASP B 215 -21.89 -17.21 -11.31
C ASP B 215 -22.40 -17.35 -9.87
N HIS B 216 -21.65 -16.80 -8.94
CA HIS B 216 -21.77 -17.17 -7.53
C HIS B 216 -23.13 -16.87 -6.94
N TYR B 217 -23.74 -15.79 -7.39
CA TYR B 217 -25.03 -15.38 -6.88
C TYR B 217 -26.15 -16.36 -7.21
N LEU B 218 -26.23 -16.75 -8.47
CA LEU B 218 -27.32 -17.57 -8.98
C LEU B 218 -27.21 -19.03 -8.51
N ASP B 219 -26.00 -19.56 -8.41
CA ASP B 219 -25.74 -20.93 -7.92
C ASP B 219 -26.41 -21.97 -8.80
N VAL B 220 -26.40 -21.72 -10.10
CA VAL B 220 -27.03 -22.59 -11.11
C VAL B 220 -26.24 -22.36 -12.39
N PRO B 221 -26.25 -23.32 -13.32
CA PRO B 221 -25.62 -23.02 -14.60
C PRO B 221 -26.61 -22.51 -15.61
N TYR B 222 -26.30 -21.36 -16.20
CA TYR B 222 -27.03 -20.82 -17.34
C TYR B 222 -26.11 -20.99 -18.54
N ASP B 223 -26.67 -21.38 -19.68
CA ASP B 223 -25.86 -21.50 -20.90
C ASP B 223 -26.06 -20.30 -21.80
N LEU B 224 -24.95 -19.65 -22.12
CA LEU B 224 -24.95 -18.49 -22.98
C LEU B 224 -24.52 -19.00 -24.34
N SER B 225 -24.80 -20.29 -24.55
CA SER B 225 -24.34 -21.01 -25.72
C SER B 225 -24.94 -20.43 -26.99
N LYS B 226 -26.20 -20.05 -26.93
CA LYS B 226 -26.89 -19.51 -28.10
C LYS B 226 -26.60 -18.03 -28.36
N VAL B 227 -25.87 -17.39 -27.45
CA VAL B 227 -25.64 -15.94 -27.54
C VAL B 227 -24.61 -15.65 -28.64
N PHE B 228 -24.76 -14.48 -29.26
CA PHE B 228 -23.82 -13.99 -30.28
C PHE B 228 -23.05 -12.80 -29.73
N PHE B 229 -21.76 -12.97 -29.51
CA PHE B 229 -20.98 -11.97 -28.80
C PHE B 229 -20.16 -11.08 -29.73
N ILE B 230 -20.23 -9.78 -29.47
CA ILE B 230 -19.39 -8.82 -30.17
C ILE B 230 -18.63 -8.01 -29.12
N THR B 231 -17.43 -7.61 -29.50
CA THR B 231 -16.56 -6.86 -28.64
C THR B 231 -16.24 -5.56 -29.32
N THR B 232 -15.79 -4.58 -28.54
CA THR B 232 -15.29 -3.35 -29.10
C THR B 232 -14.13 -2.90 -28.24
N ALA B 233 -13.25 -2.15 -28.87
CA ALA B 233 -11.97 -1.81 -28.28
C ALA B 233 -11.40 -0.60 -28.99
N ASN B 234 -10.49 0.08 -28.31
CA ASN B 234 -9.76 1.21 -28.89
C ASN B 234 -8.30 0.84 -29.20
N THR B 235 -7.79 -0.16 -28.50
CA THR B 235 -6.42 -0.66 -28.66
C THR B 235 -6.40 -2.12 -28.32
N LEU B 236 -5.35 -2.82 -28.72
CA LEU B 236 -5.18 -4.22 -28.34
C LEU B 236 -4.11 -4.37 -27.24
N GLN B 237 -3.27 -3.37 -27.09
CA GLN B 237 -2.23 -3.43 -26.09
C GLN B 237 -2.78 -3.58 -24.67
N THR B 238 -4.11 -3.51 -24.51
CA THR B 238 -4.72 -3.68 -23.19
C THR B 238 -5.81 -4.75 -23.18
N ILE B 239 -5.78 -5.68 -24.14
CA ILE B 239 -6.61 -6.88 -24.03
C ILE B 239 -5.65 -8.01 -23.67
N PRO B 240 -5.95 -8.78 -22.60
CA PRO B 240 -5.04 -9.88 -22.32
C PRO B 240 -4.91 -10.80 -23.52
N ARG B 241 -3.71 -11.35 -23.73
CA ARG B 241 -3.44 -12.18 -24.90
C ARG B 241 -4.28 -13.45 -24.86
N PRO B 242 -4.53 -14.01 -23.67
CA PRO B 242 -5.39 -15.18 -23.64
C PRO B 242 -6.74 -14.90 -24.30
N LEU B 243 -7.25 -13.69 -24.11
CA LEU B 243 -8.48 -13.26 -24.80
C LEU B 243 -8.27 -13.00 -26.28
N LEU B 244 -7.19 -12.32 -26.61
CA LEU B 244 -6.89 -11.99 -28.00
C LEU B 244 -6.98 -13.21 -28.90
N ASP B 245 -6.27 -14.27 -28.52
CA ASP B 245 -6.19 -15.48 -29.34
C ASP B 245 -7.57 -15.94 -29.83
N ARG B 246 -8.61 -15.56 -29.11
CA ARG B 246 -9.97 -15.91 -29.51
C ARG B 246 -10.45 -15.07 -30.70
N MET B 247 -9.97 -13.82 -30.81
CA MET B 247 -10.67 -12.79 -31.61
C MET B 247 -10.17 -12.69 -33.05
N GLU B 248 -11.11 -12.39 -33.95
CA GLU B 248 -10.80 -11.98 -35.33
C GLU B 248 -11.05 -10.49 -35.44
N VAL B 249 -10.01 -9.73 -35.76
CA VAL B 249 -10.05 -8.28 -35.67
C VAL B 249 -10.75 -7.66 -36.88
N ILE B 250 -11.40 -6.51 -36.67
CA ILE B 250 -11.84 -5.64 -37.77
C ILE B 250 -11.51 -4.19 -37.43
N GLU B 251 -10.24 -3.86 -37.59
CA GLU B 251 -9.71 -2.52 -37.38
C GLU B 251 -10.47 -1.39 -38.14
N ILE B 252 -10.92 -0.39 -37.39
CA ILE B 252 -11.55 0.83 -37.93
C ILE B 252 -10.71 2.02 -37.49
N PRO B 253 -10.15 2.79 -38.45
CA PRO B 253 -9.21 3.84 -38.03
C PRO B 253 -9.80 5.25 -37.77
N GLY B 254 -10.91 5.58 -38.41
CA GLY B 254 -11.49 6.93 -38.32
C GLY B 254 -11.99 7.41 -39.67
N TYR B 255 -12.18 8.71 -39.81
CA TYR B 255 -12.79 9.26 -41.02
C TYR B 255 -12.03 10.43 -41.63
N THR B 256 -12.11 10.52 -42.95
CA THR B 256 -11.53 11.61 -43.71
C THR B 256 -12.57 12.68 -44.00
N ASN B 257 -12.14 13.94 -43.95
CA ASN B 257 -13.05 15.07 -43.95
C ASN B 257 -14.20 14.96 -44.93
N MET B 258 -13.89 14.50 -46.14
CA MET B 258 -14.93 14.19 -47.11
C MET B 258 -15.83 13.08 -46.59
N GLU B 259 -15.23 12.01 -46.06
CA GLU B 259 -16.04 10.94 -45.49
C GLU B 259 -16.94 11.50 -44.40
N LYS B 260 -16.40 12.41 -43.59
CA LYS B 260 -17.21 13.09 -42.56
C LYS B 260 -18.46 13.76 -43.16
N GLN B 261 -18.27 14.55 -44.22
CA GLN B 261 -19.40 15.27 -44.84
C GLN B 261 -20.50 14.31 -45.25
N ALA B 262 -20.11 13.19 -45.85
CA ALA B 262 -21.07 12.22 -46.34
C ALA B 262 -21.85 11.56 -45.19
N ILE B 263 -21.16 11.23 -44.08
CA ILE B 263 -21.85 10.65 -42.91
C ILE B 263 -22.89 11.66 -42.44
N ALA B 264 -22.45 12.91 -42.35
CA ALA B 264 -23.26 14.00 -41.82
C ALA B 264 -24.47 14.31 -42.69
N ARG B 265 -24.28 14.36 -44.01
CA ARG B 265 -25.38 14.67 -44.93
C ARG B 265 -26.41 13.56 -44.93
N GLN B 266 -25.96 12.34 -45.14
CA GLN B 266 -26.88 11.21 -45.29
C GLN B 266 -27.40 10.70 -43.97
N TYR B 267 -26.60 10.80 -42.91
CA TYR B 267 -26.96 10.09 -41.66
C TYR B 267 -27.26 10.95 -40.41
N LEU B 268 -26.31 11.77 -39.96
CA LEU B 268 -26.48 12.48 -38.68
C LEU B 268 -27.41 13.69 -38.79
N TRP B 269 -27.29 14.47 -39.86
CA TRP B 269 -28.09 15.67 -40.01
C TRP B 269 -29.59 15.35 -40.09
N PRO B 270 -30.00 14.43 -40.99
CA PRO B 270 -31.42 14.04 -40.95
C PRO B 270 -31.85 13.42 -39.63
N LYS B 271 -30.96 12.68 -38.98
CA LYS B 271 -31.31 12.00 -37.73
C LYS B 271 -31.84 12.98 -36.68
N GLN B 272 -31.16 14.10 -36.52
CA GLN B 272 -31.48 15.04 -35.45
C GLN B 272 -32.76 15.82 -35.74
N VAL B 273 -32.80 16.46 -36.91
CA VAL B 273 -33.96 17.29 -37.28
C VAL B 273 -35.27 16.58 -36.95
N ARG B 274 -35.42 15.35 -37.42
CA ARG B 274 -36.62 14.59 -37.12
C ARG B 274 -36.62 14.32 -35.62
N GLU B 275 -35.43 14.09 -35.07
CA GLU B 275 -35.30 13.82 -33.64
C GLU B 275 -35.79 14.99 -32.80
N SER B 276 -35.63 16.21 -33.31
CA SER B 276 -36.09 17.42 -32.63
C SER B 276 -37.42 17.97 -33.17
N GLY B 277 -38.17 17.10 -33.86
CA GLY B 277 -39.45 17.45 -34.48
C GLY B 277 -39.35 18.60 -35.47
N MET B 278 -38.16 18.77 -36.04
CA MET B 278 -37.88 19.92 -36.87
C MET B 278 -37.81 19.58 -38.36
N GLU B 279 -38.22 18.36 -38.73
CA GLU B 279 -38.05 17.92 -40.11
C GLU B 279 -38.79 18.86 -41.05
N GLY B 280 -38.09 19.31 -42.09
CA GLY B 280 -38.67 20.20 -43.10
C GLY B 280 -38.90 21.65 -42.69
N ARG B 281 -38.47 22.01 -41.47
CA ARG B 281 -38.57 23.39 -40.99
C ARG B 281 -37.20 24.05 -40.91
N ILE B 282 -36.16 23.25 -41.20
CA ILE B 282 -34.77 23.70 -41.18
C ILE B 282 -33.96 22.87 -42.17
N GLU B 283 -32.80 23.40 -42.59
CA GLU B 283 -31.83 22.63 -43.37
C GLU B 283 -30.46 23.25 -43.32
N VAL B 284 -29.43 22.41 -43.48
CA VAL B 284 -28.04 22.83 -43.38
C VAL B 284 -27.41 22.87 -44.76
N THR B 285 -26.83 24.01 -45.09
CA THR B 285 -26.14 24.17 -46.38
C THR B 285 -24.90 23.29 -46.39
N ASP B 286 -24.64 22.67 -47.54
CA ASP B 286 -23.60 21.65 -47.65
C ASP B 286 -22.19 22.17 -47.38
N ALA B 287 -21.87 23.32 -47.95
CA ALA B 287 -20.59 23.99 -47.70
C ALA B 287 -20.39 24.33 -46.21
N ALA B 288 -21.49 24.51 -45.50
CA ALA B 288 -21.47 24.83 -44.07
C ALA B 288 -21.02 23.63 -43.25
N ILE B 289 -21.53 22.45 -43.59
CA ILE B 289 -21.16 21.25 -42.85
C ILE B 289 -19.63 21.19 -42.69
N LEU B 290 -18.92 21.23 -43.81
CA LEU B 290 -17.45 21.19 -43.74
C LEU B 290 -16.93 22.27 -42.81
N ARG B 291 -17.66 23.37 -42.66
CA ARG B 291 -17.28 24.36 -41.68
C ARG B 291 -17.32 23.71 -40.30
N VAL B 292 -18.42 23.04 -40.00
CA VAL B 292 -18.61 22.40 -38.69
C VAL B 292 -17.41 21.51 -38.37
N ILE B 293 -17.05 20.66 -39.32
CA ILE B 293 -15.90 19.78 -39.18
C ILE B 293 -14.60 20.56 -39.00
N SER B 294 -14.36 21.50 -39.90
CA SER B 294 -13.09 22.23 -39.93
C SER B 294 -12.86 23.16 -38.74
N GLU B 295 -13.88 23.91 -38.34
CA GLU B 295 -13.73 24.94 -37.31
C GLU B 295 -14.34 24.58 -35.95
N TYR B 296 -15.16 23.52 -35.89
CA TYR B 296 -15.85 23.13 -34.64
C TYR B 296 -15.70 21.66 -34.17
N THR B 297 -14.74 20.92 -34.74
CA THR B 297 -14.36 19.60 -34.21
C THR B 297 -12.91 19.33 -34.54
N ARG B 298 -12.20 18.70 -33.61
CA ARG B 298 -10.83 18.23 -33.86
C ARG B 298 -10.67 16.85 -33.29
N GLU B 299 -11.16 15.86 -34.05
CA GLU B 299 -11.31 14.50 -33.54
C GLU B 299 -11.39 13.53 -34.69
N ALA B 300 -11.03 12.28 -34.45
CA ALA B 300 -10.98 11.27 -35.51
C ALA B 300 -12.38 10.85 -35.98
N GLY B 301 -13.32 10.74 -35.05
CA GLY B 301 -14.67 10.24 -35.35
C GLY B 301 -15.77 11.29 -35.27
N VAL B 302 -17.02 10.83 -35.42
CA VAL B 302 -18.18 11.73 -35.56
C VAL B 302 -18.93 12.12 -34.26
N ARG B 303 -18.55 11.56 -33.10
CA ARG B 303 -19.27 11.84 -31.84
C ARG B 303 -19.44 13.34 -31.63
N GLY B 304 -18.32 14.03 -31.59
CA GLY B 304 -18.31 15.46 -31.35
C GLY B 304 -19.14 16.20 -32.39
N LEU B 305 -19.05 15.78 -33.64
CA LEU B 305 -19.82 16.39 -34.70
C LEU B 305 -21.29 16.30 -34.34
N GLU B 306 -21.77 15.08 -34.16
CA GLU B 306 -23.16 14.83 -33.82
C GLU B 306 -23.62 15.68 -32.65
N ARG B 307 -22.72 16.00 -31.72
CA ARG B 307 -23.05 16.93 -30.64
C ARG B 307 -23.27 18.34 -31.17
N GLU B 308 -22.51 18.75 -32.16
CA GLU B 308 -22.75 20.04 -32.81
C GLU B 308 -24.02 20.04 -33.66
N LEU B 309 -24.12 19.08 -34.57
CA LEU B 309 -25.30 18.99 -35.41
C LEU B 309 -26.58 18.99 -34.60
N GLY B 310 -26.57 18.32 -33.46
CA GLY B 310 -27.71 18.36 -32.53
C GLY B 310 -27.97 19.75 -32.02
N LYS B 311 -26.89 20.46 -31.66
CA LYS B 311 -27.01 21.81 -31.13
C LYS B 311 -27.74 22.71 -32.12
N ILE B 312 -27.40 22.60 -33.40
CA ILE B 312 -27.95 23.47 -34.44
C ILE B 312 -29.46 23.29 -34.63
N ALA B 313 -29.90 22.04 -34.66
CA ALA B 313 -31.33 21.75 -34.79
C ALA B 313 -32.06 22.20 -33.53
N ARG B 314 -31.46 21.91 -32.37
CA ARG B 314 -32.09 22.24 -31.09
C ARG B 314 -32.27 23.73 -30.86
N LYS B 315 -31.25 24.53 -31.18
CA LYS B 315 -31.43 25.97 -31.20
C LYS B 315 -32.57 26.28 -32.16
N GLY B 316 -32.46 25.72 -33.36
CA GLY B 316 -33.45 25.92 -34.41
C GLY B 316 -34.87 25.86 -33.90
N ALA B 317 -35.21 24.80 -33.18
CA ALA B 317 -36.54 24.66 -32.57
C ALA B 317 -36.82 25.84 -31.66
N LYS B 318 -35.85 26.14 -30.79
CA LYS B 318 -35.95 27.29 -29.92
C LYS B 318 -36.35 28.50 -30.72
N PHE B 319 -35.63 28.76 -31.81
CA PHE B 319 -35.92 29.91 -32.69
C PHE B 319 -37.30 29.83 -33.37
N TRP B 320 -37.73 28.63 -33.75
CA TRP B 320 -39.02 28.45 -34.40
C TRP B 320 -40.17 29.07 -33.61
N LEU B 321 -40.18 28.81 -32.32
CA LEU B 321 -41.28 29.24 -31.48
C LEU B 321 -41.28 30.77 -31.21
N GLU B 322 -40.11 31.37 -31.11
CA GLU B 322 -40.00 32.80 -30.78
C GLU B 322 -40.45 33.64 -31.96
N GLY B 323 -39.89 33.31 -33.12
CA GLY B 323 -40.34 33.83 -34.40
C GLY B 323 -40.45 32.62 -35.29
N ALA B 324 -41.44 32.59 -36.18
CA ALA B 324 -41.84 31.34 -36.85
C ALA B 324 -41.88 31.45 -38.37
N TRP B 325 -40.70 31.62 -38.96
CA TRP B 325 -40.57 31.75 -40.38
C TRP B 325 -40.92 30.38 -40.94
N GLU B 326 -41.83 30.32 -41.90
CA GLU B 326 -42.25 29.03 -42.43
C GLU B 326 -41.84 28.86 -43.90
N GLY B 327 -42.00 27.65 -44.41
CA GLY B 327 -41.04 27.11 -45.35
C GLY B 327 -39.93 26.73 -44.41
N LEU B 328 -38.70 26.64 -44.91
CA LEU B 328 -37.56 26.27 -44.06
C LEU B 328 -36.36 27.18 -44.24
N ARG B 329 -35.59 27.34 -43.16
CA ARG B 329 -34.40 28.17 -43.16
C ARG B 329 -33.22 27.31 -43.51
N THR B 330 -32.45 27.71 -44.52
CA THR B 330 -31.26 26.96 -44.91
C THR B 330 -30.03 27.74 -44.45
N ILE B 331 -29.27 27.12 -43.57
CA ILE B 331 -28.15 27.80 -42.94
C ILE B 331 -26.98 27.75 -43.91
N ASP B 332 -26.34 28.90 -44.06
CA ASP B 332 -25.20 29.05 -44.94
C ASP B 332 -23.98 29.26 -44.04
N ALA B 333 -22.80 28.92 -44.56
CA ALA B 333 -21.56 28.99 -43.78
C ALA B 333 -21.56 30.22 -42.88
N SER B 334 -21.80 31.38 -43.50
CA SER B 334 -21.87 32.64 -42.79
C SER B 334 -22.72 32.54 -41.51
N ASP B 335 -23.84 31.83 -41.59
CA ASP B 335 -24.82 31.78 -40.50
C ASP B 335 -24.67 30.57 -39.59
N ILE B 336 -23.53 29.86 -39.69
CA ILE B 336 -23.23 28.80 -38.74
C ILE B 336 -22.94 29.35 -37.34
N PRO B 337 -22.04 30.34 -37.23
CA PRO B 337 -21.66 30.85 -35.92
C PRO B 337 -22.81 31.28 -34.99
N THR B 338 -23.90 31.76 -35.57
CA THR B 338 -25.10 32.10 -34.79
C THR B 338 -25.49 30.94 -33.91
N TYR B 339 -25.44 29.75 -34.49
CA TYR B 339 -25.84 28.54 -33.79
C TYR B 339 -24.73 28.02 -32.88
N LEU B 340 -23.48 28.12 -33.33
CA LEU B 340 -22.34 27.52 -32.61
C LEU B 340 -21.32 28.54 -32.12
N GLY B 341 -21.77 29.76 -31.86
CA GLY B 341 -20.87 30.81 -31.40
C GLY B 341 -19.76 31.10 -32.40
N ILE B 342 -18.53 31.04 -31.92
CA ILE B 342 -17.37 31.51 -32.66
C ILE B 342 -16.54 30.29 -33.06
N PRO B 343 -15.91 30.30 -34.24
CA PRO B 343 -15.18 29.08 -34.61
C PRO B 343 -14.15 28.75 -33.56
N ARG B 344 -14.21 27.53 -33.04
CA ARG B 344 -13.36 27.12 -31.93
C ARG B 344 -11.91 26.92 -32.36
N TYR B 345 -11.73 26.27 -33.51
CA TYR B 345 -10.40 26.05 -34.09
C TYR B 345 -10.18 27.00 -35.28
N ARG B 346 -9.65 28.19 -34.97
CA ARG B 346 -9.50 29.26 -35.95
C ARG B 346 -8.81 28.68 -37.19
N PRO B 347 -9.26 29.11 -38.38
CA PRO B 347 -8.93 28.37 -39.61
C PRO B 347 -7.43 28.21 -39.89
N ASP B 348 -6.70 29.32 -39.94
CA ASP B 348 -5.34 29.30 -40.47
C ASP B 348 -4.25 29.21 -39.41
N LYS B 349 -3.30 28.26 -39.53
CA LYS B 349 -3.03 27.44 -40.74
C LYS B 349 -2.37 28.24 -41.87
N ALA B 350 -1.97 29.47 -41.56
CA ALA B 350 -0.99 30.20 -42.36
C ALA B 350 0.35 30.06 -41.65
N GLU B 351 0.37 29.19 -40.64
CA GLU B 351 1.59 28.82 -39.94
C GLU B 351 2.31 27.65 -40.63
N THR B 352 1.95 27.41 -41.89
CA THR B 352 2.62 26.41 -42.73
C THR B 352 3.81 27.01 -43.47
N GLU B 353 4.01 28.32 -43.31
CA GLU B 353 5.29 28.96 -43.60
C GLU B 353 6.41 28.15 -42.94
N PRO B 354 7.51 27.90 -43.68
CA PRO B 354 8.67 27.38 -42.98
C PRO B 354 9.16 28.34 -41.91
N GLN B 355 9.43 27.78 -40.73
CA GLN B 355 9.95 28.54 -39.59
C GLN B 355 11.24 27.87 -39.17
N VAL B 356 12.04 28.58 -38.39
CA VAL B 356 13.33 28.07 -37.92
C VAL B 356 13.16 27.57 -36.50
N GLY B 357 13.71 26.39 -36.25
CA GLY B 357 13.57 25.74 -34.96
C GLY B 357 12.18 25.22 -34.69
N THR B 358 11.56 24.62 -35.71
CA THR B 358 10.32 23.87 -35.50
C THR B 358 10.21 22.77 -36.54
N ALA B 359 9.43 21.75 -36.19
CA ALA B 359 9.14 20.66 -37.10
C ALA B 359 7.78 20.10 -36.74
N GLN B 360 7.06 19.59 -37.74
CA GLN B 360 5.71 19.08 -37.53
C GLN B 360 5.79 17.58 -37.45
N GLY B 361 5.36 17.03 -36.32
CA GLY B 361 5.47 15.60 -36.06
C GLY B 361 4.19 15.04 -35.49
N LEU B 362 3.91 13.78 -35.84
CA LEU B 362 2.69 13.12 -35.42
C LEU B 362 2.83 12.46 -34.05
N ALA B 363 1.69 12.30 -33.38
CA ALA B 363 1.56 11.56 -32.13
C ALA B 363 0.23 10.87 -32.16
N TRP B 364 0.06 9.83 -31.35
CA TRP B 364 -1.22 9.18 -31.24
C TRP B 364 -1.55 8.58 -29.88
N THR B 365 -2.82 8.22 -29.73
CA THR B 365 -3.40 7.65 -28.53
C THR B 365 -4.51 6.72 -29.01
N PRO B 366 -4.99 5.81 -28.14
CA PRO B 366 -6.16 5.02 -28.55
C PRO B 366 -7.42 5.86 -28.84
N VAL B 367 -7.53 7.03 -28.22
CA VAL B 367 -8.67 7.94 -28.48
C VAL B 367 -8.57 8.64 -29.83
N GLY B 368 -7.36 8.91 -30.28
CA GLY B 368 -7.19 9.69 -31.47
C GLY B 368 -5.83 9.58 -32.09
N GLY B 369 -5.38 10.69 -32.65
CA GLY B 369 -4.12 10.80 -33.37
C GLY B 369 -4.02 12.29 -33.48
N THR B 370 -2.81 12.84 -33.40
CA THR B 370 -2.67 14.29 -33.25
C THR B 370 -1.55 14.76 -34.12
N LEU B 371 -1.52 16.05 -34.39
CA LEU B 371 -0.36 16.69 -34.99
C LEU B 371 0.24 17.62 -33.96
N LEU B 372 1.51 17.46 -33.68
CA LEU B 372 2.16 18.25 -32.65
C LEU B 372 3.47 18.81 -33.14
N THR B 373 3.73 20.04 -32.74
CA THR B 373 4.87 20.78 -33.24
C THR B 373 5.94 20.80 -32.18
N ILE B 374 7.17 20.63 -32.63
CA ILE B 374 8.32 20.67 -31.77
C ILE B 374 9.06 21.95 -32.04
N GLU B 375 9.46 22.63 -30.98
CA GLU B 375 10.18 23.87 -31.09
C GLU B 375 11.48 23.70 -30.38
N VAL B 376 12.52 24.32 -30.92
CA VAL B 376 13.84 24.22 -30.34
C VAL B 376 14.46 25.60 -30.43
N ALA B 377 15.30 25.93 -29.45
CA ALA B 377 15.88 27.25 -29.38
C ALA B 377 17.37 27.13 -29.14
N ALA B 378 18.15 27.91 -29.88
CA ALA B 378 19.56 28.06 -29.62
C ALA B 378 19.80 29.46 -29.11
N VAL B 379 20.31 29.56 -27.89
CA VAL B 379 20.67 30.85 -27.31
C VAL B 379 22.10 30.71 -26.86
N PRO B 380 22.83 31.81 -26.77
CA PRO B 380 24.18 31.69 -26.24
C PRO B 380 24.17 30.89 -24.94
N GLY B 381 25.09 29.94 -24.85
CA GLY B 381 25.09 29.01 -23.75
C GLY B 381 26.44 28.42 -23.49
N SER B 382 26.47 27.45 -22.57
CA SER B 382 27.65 26.70 -22.19
C SER B 382 27.49 25.20 -22.45
N GLY B 383 26.47 24.81 -23.18
CA GLY B 383 26.32 23.41 -23.57
C GLY B 383 25.32 22.57 -22.80
N LYS B 384 24.48 23.21 -21.99
CA LYS B 384 23.41 22.52 -21.29
C LYS B 384 22.22 22.28 -22.21
N LEU B 385 21.38 21.34 -21.83
CA LEU B 385 20.23 20.93 -22.66
C LEU B 385 18.97 20.79 -21.83
N SER B 386 17.88 21.38 -22.32
CA SER B 386 16.64 21.50 -21.56
C SER B 386 15.51 20.95 -22.38
N LEU B 387 14.74 20.03 -21.81
CA LEU B 387 13.63 19.36 -22.51
C LEU B 387 12.35 19.48 -21.67
N THR B 388 11.30 20.01 -22.30
CA THR B 388 10.06 20.41 -21.63
C THR B 388 8.85 19.92 -22.41
N GLY B 389 7.66 20.10 -21.85
CA GLY B 389 6.43 19.61 -22.47
C GLY B 389 5.94 18.30 -21.89
N GLN B 390 6.39 18.00 -20.67
CA GLN B 390 6.09 16.73 -19.99
C GLN B 390 6.55 15.55 -20.81
N LEU B 391 7.77 15.64 -21.32
CA LEU B 391 8.36 14.55 -22.07
C LEU B 391 8.66 13.47 -21.07
N GLY B 392 8.78 12.23 -21.55
CA GLY B 392 9.06 11.08 -20.70
C GLY B 392 10.44 10.51 -21.01
N GLU B 393 11.02 9.81 -20.05
CA GLU B 393 12.44 9.48 -20.12
C GLU B 393 12.80 8.81 -21.45
N VAL B 394 11.85 8.06 -22.03
CA VAL B 394 12.06 7.44 -23.35
C VAL B 394 12.16 8.52 -24.44
N MET B 395 11.38 9.58 -24.29
CA MET B 395 11.43 10.66 -25.26
C MET B 395 12.65 11.52 -25.09
N LYS B 396 13.01 11.83 -23.84
CA LYS B 396 14.19 12.65 -23.59
C LYS B 396 15.44 11.96 -24.18
N GLU B 397 15.55 10.66 -23.96
CA GLU B 397 16.63 9.90 -24.55
C GLU B 397 16.63 10.05 -26.08
N SER B 398 15.47 10.31 -26.66
CA SER B 398 15.36 10.57 -28.10
C SER B 398 16.07 11.85 -28.53
N ALA B 399 16.04 12.88 -27.70
CA ALA B 399 16.75 14.12 -27.98
C ALA B 399 18.25 13.87 -27.98
N GLN B 400 18.75 13.27 -26.92
CA GLN B 400 20.16 13.05 -26.77
C GLN B 400 20.69 12.20 -27.93
N ALA B 401 19.87 11.28 -28.43
CA ALA B 401 20.23 10.51 -29.63
C ALA B 401 20.17 11.38 -30.88
N ALA B 402 19.14 12.21 -30.99
CA ALA B 402 19.04 13.13 -32.10
C ALA B 402 20.12 14.19 -31.99
N LEU B 403 20.32 14.72 -30.80
CA LEU B 403 21.32 15.73 -30.61
C LEU B 403 22.68 15.16 -30.96
N THR B 404 23.03 14.03 -30.36
CA THR B 404 24.38 13.51 -30.50
C THR B 404 24.74 13.39 -31.96
N TYR B 405 23.93 12.68 -32.73
CA TYR B 405 24.18 12.48 -34.16
C TYR B 405 24.68 13.78 -34.79
N LEU B 406 23.86 14.83 -34.68
CA LEU B 406 24.27 16.14 -35.17
C LEU B 406 25.58 16.59 -34.54
N ARG B 407 25.79 16.26 -33.28
CA ARG B 407 27.06 16.57 -32.61
C ARG B 407 28.24 16.01 -33.40
N ALA B 408 28.04 14.85 -34.03
CA ALA B 408 29.10 14.16 -34.76
C ALA B 408 29.08 14.41 -36.28
N HIS B 409 28.30 15.38 -36.73
CA HIS B 409 28.21 15.72 -38.14
C HIS B 409 28.19 17.25 -38.20
N THR B 410 29.16 17.85 -37.52
CA THR B 410 29.20 19.28 -37.31
C THR B 410 29.32 20.05 -38.62
N GLN B 411 30.08 19.50 -39.57
CA GLN B 411 30.40 20.19 -40.81
C GLN B 411 29.55 19.76 -42.00
N ASP B 412 28.89 18.60 -41.92
CA ASP B 412 27.93 18.22 -42.96
C ASP B 412 26.85 19.30 -43.12
N TYR B 413 26.34 19.80 -42.00
CA TYR B 413 25.13 20.63 -42.00
C TYR B 413 25.40 22.09 -41.67
N GLY B 414 26.66 22.50 -41.72
CA GLY B 414 27.04 23.89 -41.47
C GLY B 414 26.56 24.38 -40.12
N LEU B 415 26.79 23.56 -39.10
CA LEU B 415 26.50 23.94 -37.72
C LEU B 415 27.84 24.22 -37.07
N PRO B 416 27.88 25.16 -36.10
CA PRO B 416 29.14 25.67 -35.53
C PRO B 416 30.19 24.61 -35.19
N GLU B 417 31.46 24.91 -35.43
CA GLU B 417 32.45 23.86 -35.22
C GLU B 417 32.45 23.46 -33.74
N ASP B 418 32.43 24.44 -32.84
CA ASP B 418 32.46 24.16 -31.42
C ASP B 418 31.23 24.79 -30.79
N PHE B 419 30.06 24.21 -31.04
CA PHE B 419 28.83 24.73 -30.41
C PHE B 419 28.34 23.86 -29.26
N TYR B 420 28.93 22.68 -29.13
CA TYR B 420 28.61 21.81 -28.04
C TYR B 420 28.92 22.49 -26.72
N ASN B 421 29.85 23.44 -26.71
CA ASN B 421 30.19 24.14 -25.48
C ASN B 421 30.13 25.67 -25.60
N LYS B 422 29.39 26.16 -26.60
CA LYS B 422 29.06 27.61 -26.73
C LYS B 422 27.56 27.95 -26.55
N VAL B 423 26.73 26.92 -26.54
CA VAL B 423 25.30 27.05 -26.78
C VAL B 423 24.50 26.10 -25.91
N ASP B 424 23.44 26.64 -25.30
CA ASP B 424 22.46 25.86 -24.61
C ASP B 424 21.38 25.61 -25.60
N LEU B 425 20.80 24.43 -25.57
CA LEU B 425 19.62 24.16 -26.37
C LEU B 425 18.42 23.96 -25.48
N HIS B 426 17.24 24.05 -26.07
CA HIS B 426 15.98 23.90 -25.36
C HIS B 426 14.99 23.28 -26.32
N VAL B 427 14.25 22.28 -25.86
CA VAL B 427 13.22 21.66 -26.68
C VAL B 427 11.89 21.71 -25.97
N HIS B 428 10.89 22.31 -26.61
CA HIS B 428 9.55 22.32 -26.08
C HIS B 428 8.66 21.57 -27.02
N VAL B 429 7.65 20.96 -26.44
CA VAL B 429 6.58 20.32 -27.16
C VAL B 429 5.34 20.75 -26.40
N PRO B 430 4.45 21.52 -27.04
CA PRO B 430 3.28 21.96 -26.32
C PRO B 430 2.07 21.10 -26.71
N ASP B 431 0.94 21.22 -26.00
CA ASP B 431 0.82 22.09 -24.81
C ASP B 431 1.65 21.57 -23.64
N GLY B 432 1.96 22.47 -22.71
CA GLY B 432 2.74 22.10 -21.54
C GLY B 432 2.01 21.09 -20.66
N ALA B 433 0.68 21.21 -20.62
CA ALA B 433 -0.16 20.45 -19.69
C ALA B 433 -0.17 18.94 -19.93
N THR B 434 -0.55 18.55 -21.16
CA THR B 434 -0.68 17.13 -21.56
C THR B 434 0.67 16.41 -21.36
N PRO B 435 0.64 15.10 -21.05
CA PRO B 435 1.89 14.39 -21.00
C PRO B 435 2.10 13.70 -22.32
N LYS B 436 3.33 13.72 -22.81
CA LYS B 436 3.66 13.06 -24.05
C LYS B 436 4.95 12.32 -23.88
N ASP B 437 5.13 11.25 -24.66
CA ASP B 437 6.30 10.40 -24.52
C ASP B 437 6.47 9.58 -25.79
N GLY B 438 7.54 8.79 -25.82
CA GLY B 438 7.78 7.81 -26.87
C GLY B 438 9.03 8.16 -27.67
N PRO B 439 9.50 7.22 -28.50
CA PRO B 439 10.65 7.50 -29.38
C PRO B 439 10.46 7.89 -30.88
N SER B 440 9.26 7.87 -31.48
CA SER B 440 9.09 8.02 -32.94
C SER B 440 9.34 9.42 -33.46
N ALA B 441 9.66 10.31 -32.53
CA ALA B 441 9.85 11.71 -32.79
C ALA B 441 11.33 11.97 -32.96
N GLY B 442 12.08 10.90 -33.17
CA GLY B 442 13.49 11.04 -33.31
C GLY B 442 13.78 12.07 -34.37
N ILE B 443 13.28 11.81 -35.56
CA ILE B 443 13.56 12.69 -36.71
C ILE B 443 12.79 13.99 -36.66
N THR B 444 11.66 14.02 -35.98
CA THR B 444 10.94 15.25 -35.81
C THR B 444 11.81 16.25 -35.06
N MET B 445 12.50 15.76 -34.02
CA MET B 445 13.37 16.59 -33.20
C MET B 445 14.65 16.95 -33.92
N ALA B 446 15.27 15.98 -34.60
CA ALA B 446 16.54 16.20 -35.28
C ALA B 446 16.45 17.41 -36.20
N THR B 447 15.45 17.38 -37.08
CA THR B 447 15.18 18.46 -38.01
C THR B 447 15.16 19.78 -37.28
N ALA B 448 14.30 19.86 -36.26
CA ALA B 448 14.14 21.09 -35.52
C ALA B 448 15.47 21.47 -34.87
N ILE B 449 16.13 20.49 -34.26
CA ILE B 449 17.39 20.77 -33.59
C ILE B 449 18.40 21.30 -34.59
N ALA B 450 18.50 20.60 -35.72
CA ALA B 450 19.39 20.97 -36.81
C ALA B 450 19.08 22.39 -37.25
N SER B 451 17.80 22.60 -37.57
CA SER B 451 17.34 23.86 -38.08
C SER B 451 17.76 25.03 -37.21
N ALA B 452 17.53 24.94 -35.90
CA ALA B 452 17.78 26.05 -34.99
C ALA B 452 19.24 26.52 -35.00
N LEU B 453 20.16 25.57 -35.16
CA LEU B 453 21.60 25.87 -35.16
C LEU B 453 22.08 26.47 -36.48
N SER B 454 21.61 25.92 -37.61
CA SER B 454 21.93 26.47 -38.94
C SER B 454 21.39 27.88 -39.10
N ARG B 455 20.15 28.06 -38.64
CA ARG B 455 19.31 29.18 -39.02
C ARG B 455 18.66 28.88 -40.37
N ARG B 456 18.69 27.62 -40.78
CA ARG B 456 17.99 27.21 -41.97
C ARG B 456 16.54 27.01 -41.54
N PRO B 457 15.59 27.72 -42.15
CA PRO B 457 14.19 27.42 -41.88
C PRO B 457 13.87 26.03 -42.31
N ALA B 458 12.81 25.48 -41.73
CA ALA B 458 12.41 24.11 -41.98
C ALA B 458 10.98 24.08 -42.46
N ARG B 459 10.74 23.33 -43.53
CA ARG B 459 9.40 23.17 -44.10
C ARG B 459 8.46 22.78 -42.98
N MET B 460 7.18 23.15 -43.10
CA MET B 460 6.18 22.80 -42.07
C MET B 460 4.76 22.48 -42.57
N ASP B 461 4.67 22.09 -43.85
CA ASP B 461 3.49 21.41 -44.42
C ASP B 461 3.79 19.92 -44.53
N ILE B 462 4.85 19.50 -43.86
CA ILE B 462 5.35 18.14 -43.95
C ILE B 462 5.35 17.55 -42.54
N ALA B 463 4.83 16.33 -42.43
CA ALA B 463 4.66 15.66 -41.16
C ALA B 463 5.39 14.33 -41.19
N MET B 464 6.07 14.01 -40.09
CA MET B 464 7.06 12.94 -40.09
C MET B 464 7.15 12.26 -38.75
N THR B 465 7.38 10.95 -38.79
CA THR B 465 7.43 10.19 -37.58
C THR B 465 8.46 9.09 -37.80
N GLY B 466 9.55 9.15 -37.04
CA GLY B 466 10.60 8.17 -37.14
C GLY B 466 11.47 8.16 -35.92
N GLU B 467 12.22 7.06 -35.76
CA GLU B 467 13.12 6.86 -34.62
C GLU B 467 14.56 6.89 -35.12
N VAL B 468 15.44 7.46 -34.32
CA VAL B 468 16.80 7.65 -34.75
C VAL B 468 17.82 6.90 -33.87
N SER B 469 18.81 6.30 -34.53
CA SER B 469 19.96 5.63 -33.88
C SER B 469 21.14 6.54 -34.10
N LEU B 470 22.06 6.60 -33.15
CA LEU B 470 23.20 7.52 -33.22
C LEU B 470 23.87 7.61 -34.59
N ARG B 471 23.97 6.49 -35.29
CA ARG B 471 24.51 6.50 -36.63
C ARG B 471 23.50 7.05 -37.67
N GLY B 472 22.22 7.13 -37.28
CA GLY B 472 21.24 7.94 -38.00
C GLY B 472 20.13 7.18 -38.71
N LYS B 473 20.15 5.85 -38.67
CA LYS B 473 19.07 5.07 -39.28
C LYS B 473 17.71 5.59 -38.83
N VAL B 474 16.71 5.49 -39.68
CA VAL B 474 15.34 5.79 -39.28
C VAL B 474 14.67 4.45 -39.11
N MET B 475 14.13 4.22 -37.91
CA MET B 475 13.70 2.89 -37.53
C MET B 475 12.19 2.86 -37.38
N PRO B 476 11.59 1.68 -37.59
CA PRO B 476 10.14 1.48 -37.64
C PRO B 476 9.39 2.00 -36.43
N ILE B 477 8.11 2.28 -36.65
CA ILE B 477 7.26 2.86 -35.63
C ILE B 477 5.82 2.37 -35.83
N GLY B 478 4.91 2.78 -34.96
CA GLY B 478 3.55 2.25 -34.97
C GLY B 478 2.43 3.28 -35.07
N GLY B 479 1.21 2.78 -35.16
CA GLY B 479 0.02 3.62 -35.23
C GLY B 479 -0.14 4.39 -36.53
N VAL B 480 0.48 3.89 -37.59
CA VAL B 480 0.76 4.69 -38.78
C VAL B 480 -0.49 5.15 -39.54
N LYS B 481 -1.49 4.28 -39.66
CA LYS B 481 -2.78 4.72 -40.23
C LYS B 481 -3.42 5.84 -39.40
N GLU B 482 -3.31 5.71 -38.08
CA GLU B 482 -3.92 6.66 -37.14
C GLU B 482 -3.26 8.06 -37.19
N LYS B 483 -1.94 8.09 -37.27
CA LYS B 483 -1.22 9.34 -37.38
C LYS B 483 -1.40 9.98 -38.74
N LEU B 484 -1.37 9.17 -39.81
CA LEU B 484 -1.47 9.72 -41.17
C LEU B 484 -2.83 10.38 -41.40
N LEU B 485 -3.89 9.71 -40.96
CA LEU B 485 -5.24 10.28 -41.03
C LEU B 485 -5.32 11.67 -40.39
N ALA B 486 -4.87 11.77 -39.15
CA ALA B 486 -4.87 13.02 -38.41
C ALA B 486 -4.16 14.12 -39.17
N ALA B 487 -3.14 13.73 -39.93
CA ALA B 487 -2.45 14.66 -40.81
C ALA B 487 -3.30 15.01 -42.01
N HIS B 488 -3.85 13.99 -42.66
CA HIS B 488 -4.67 14.16 -43.84
C HIS B 488 -5.85 15.06 -43.55
N GLN B 489 -6.63 14.68 -42.54
CA GLN B 489 -7.84 15.38 -42.15
C GLN B 489 -7.52 16.77 -41.57
N ALA B 490 -6.40 16.89 -40.86
CA ALA B 490 -5.95 18.21 -40.40
C ALA B 490 -5.35 19.00 -41.54
N GLY B 491 -5.11 18.33 -42.66
CA GLY B 491 -4.80 18.99 -43.93
C GLY B 491 -3.33 19.06 -44.28
N ILE B 492 -2.50 18.29 -43.58
CA ILE B 492 -1.09 18.21 -43.88
C ILE B 492 -0.94 17.03 -44.85
N HIS B 493 -0.75 17.34 -46.13
CA HIS B 493 -0.81 16.34 -47.23
C HIS B 493 0.54 15.78 -47.68
N LYS B 494 1.64 16.41 -47.27
CA LYS B 494 2.99 15.91 -47.57
C LYS B 494 3.56 15.17 -46.35
N ILE B 495 3.98 13.92 -46.52
CA ILE B 495 4.38 13.05 -45.40
C ILE B 495 5.81 12.49 -45.56
N VAL B 496 6.49 12.27 -44.44
CA VAL B 496 7.81 11.61 -44.39
C VAL B 496 7.76 10.47 -43.37
N LEU B 497 8.19 9.29 -43.77
CA LEU B 497 7.87 8.08 -43.03
C LEU B 497 9.00 7.06 -43.06
N PRO B 498 9.26 6.35 -41.94
CA PRO B 498 10.35 5.38 -41.98
C PRO B 498 10.14 4.35 -43.08
N LYS B 499 11.24 3.88 -43.64
CA LYS B 499 11.21 2.98 -44.79
C LYS B 499 10.58 1.66 -44.39
N ASP B 500 11.07 1.08 -43.30
CA ASP B 500 10.58 -0.23 -42.86
C ASP B 500 9.07 -0.28 -42.59
N ASN B 501 8.40 0.87 -42.67
CA ASN B 501 6.93 0.94 -42.54
C ASN B 501 6.16 0.87 -43.86
N GLU B 502 6.82 0.60 -44.98
CA GLU B 502 6.14 0.45 -46.25
C GLU B 502 4.95 -0.48 -46.07
N ALA B 503 5.19 -1.58 -45.36
CA ALA B 503 4.16 -2.58 -45.11
C ALA B 503 2.83 -1.93 -44.79
N GLN B 504 2.84 -1.07 -43.79
CA GLN B 504 1.59 -0.53 -43.19
C GLN B 504 0.84 0.52 -44.03
N LEU B 505 1.43 0.94 -45.15
CA LEU B 505 0.73 1.81 -46.10
C LEU B 505 -0.53 1.15 -46.62
N GLU B 506 -0.55 -0.17 -46.68
CA GLU B 506 -1.71 -0.93 -47.10
C GLU B 506 -2.94 -0.59 -46.28
N GLU B 507 -2.75 -0.41 -44.98
CA GLU B 507 -3.86 -0.21 -44.03
C GLU B 507 -4.72 1.01 -44.33
N LEU B 508 -4.21 1.92 -45.14
CA LEU B 508 -4.92 3.15 -45.37
C LEU B 508 -5.96 2.92 -46.43
N PRO B 509 -7.10 3.59 -46.31
CA PRO B 509 -8.07 3.73 -47.40
C PRO B 509 -7.55 4.65 -48.52
N LYS B 510 -7.92 4.33 -49.75
CA LYS B 510 -7.14 4.74 -50.93
C LYS B 510 -6.93 6.20 -51.27
N GLU B 511 -7.87 7.06 -50.91
CA GLU B 511 -7.76 8.47 -51.26
C GLU B 511 -7.09 9.11 -50.10
N VAL B 512 -7.05 8.34 -49.02
CA VAL B 512 -6.31 8.70 -47.83
C VAL B 512 -4.92 8.39 -48.23
N LEU B 513 -4.78 7.21 -48.82
CA LEU B 513 -3.52 6.86 -49.41
C LEU B 513 -3.32 7.85 -50.52
N GLU B 514 -4.41 8.11 -51.25
CA GLU B 514 -4.36 8.98 -52.41
C GLU B 514 -4.08 10.43 -52.09
N GLY B 515 -4.63 10.90 -50.98
CA GLY B 515 -4.47 12.29 -50.63
C GLY B 515 -3.01 12.52 -50.39
N LEU B 516 -2.40 11.58 -49.69
CA LEU B 516 -1.10 11.81 -49.07
C LEU B 516 0.10 11.68 -49.98
N GLU B 517 1.02 12.64 -49.90
CA GLU B 517 2.30 12.47 -50.56
C GLU B 517 3.29 12.00 -49.53
N ILE B 518 3.88 10.83 -49.79
CA ILE B 518 4.68 10.13 -48.78
C ILE B 518 6.11 9.92 -49.25
N LYS B 519 7.08 10.32 -48.43
CA LYS B 519 8.46 9.92 -48.64
C LYS B 519 8.86 8.84 -47.64
N LEU B 520 9.47 7.76 -48.12
CA LEU B 520 9.93 6.69 -47.25
C LEU B 520 11.44 6.80 -47.08
N VAL B 521 11.89 6.92 -45.83
CA VAL B 521 13.27 7.24 -45.50
C VAL B 521 13.84 6.15 -44.62
N GLU B 522 15.04 5.69 -44.90
CA GLU B 522 15.74 4.75 -44.02
C GLU B 522 16.99 5.37 -43.40
N ASP B 523 17.19 6.66 -43.60
CA ASP B 523 18.33 7.33 -43.00
C ASP B 523 17.92 8.72 -42.60
N VAL B 524 18.40 9.18 -41.45
CA VAL B 524 17.94 10.46 -40.89
C VAL B 524 18.62 11.64 -41.57
N GLY B 525 19.84 11.44 -42.05
CA GLY B 525 20.55 12.48 -42.78
C GLY B 525 19.72 12.99 -43.96
N GLU B 526 19.23 12.06 -44.77
CA GLU B 526 18.37 12.35 -45.93
C GLU B 526 17.41 13.49 -45.61
N VAL B 527 16.70 13.32 -44.50
CA VAL B 527 15.53 14.12 -44.14
C VAL B 527 15.83 15.60 -44.19
N LEU B 528 16.96 16.00 -43.63
CA LEU B 528 17.24 17.41 -43.42
C LEU B 528 17.23 18.16 -44.75
N GLU B 529 17.88 17.58 -45.75
CA GLU B 529 17.90 18.15 -47.09
C GLU B 529 16.48 18.28 -47.62
N TYR B 530 15.66 17.26 -47.38
CA TYR B 530 14.25 17.34 -47.75
C TYR B 530 13.54 18.51 -47.08
N LEU B 531 13.87 18.76 -45.82
CA LEU B 531 13.11 19.70 -44.99
C LEU B 531 13.72 21.08 -44.70
N LEU B 532 15.04 21.21 -44.78
CA LEU B 532 15.68 22.50 -44.50
C LEU B 532 16.09 23.17 -45.81
N LEU B 533 15.55 24.37 -46.03
CA LEU B 533 15.77 25.11 -47.26
C LEU B 533 17.20 25.66 -47.28
N PRO B 534 17.71 26.05 -48.46
CA PRO B 534 19.15 26.26 -48.64
C PRO B 534 19.89 27.20 -47.69
N GLU B 535 19.32 28.36 -47.33
CA GLU B 535 20.15 29.42 -46.72
C GLU B 535 19.68 29.99 -45.37
N PRO B 536 20.64 30.17 -44.42
CA PRO B 536 20.37 30.85 -43.16
C PRO B 536 19.49 32.08 -43.29
N THR B 537 18.54 32.20 -42.37
CA THR B 537 17.51 33.21 -42.44
C THR B 537 17.61 34.22 -41.29
N MET B 538 18.74 34.16 -40.58
CA MET B 538 18.97 35.02 -39.43
C MET B 538 20.46 34.90 -39.08
N PRO B 539 21.06 35.97 -38.55
CA PRO B 539 22.49 35.87 -38.21
C PRO B 539 22.83 34.63 -37.37
N PRO B 540 23.93 33.92 -37.72
CA PRO B 540 24.42 32.86 -36.85
C PRO B 540 24.52 33.29 -35.38
N VAL B 541 24.18 32.35 -34.50
CA VAL B 541 23.93 32.61 -33.07
C VAL B 541 24.86 33.62 -32.42
N VAL B 542 26.15 33.30 -32.42
CA VAL B 542 27.17 33.88 -31.50
C VAL B 542 27.26 32.97 -30.27
N LEU C 5 -69.01 5.32 5.62
CA LEU C 5 -68.66 4.08 4.84
C LEU C 5 -69.38 4.01 3.50
N SER C 6 -70.70 4.18 3.53
CA SER C 6 -71.49 4.28 2.30
C SER C 6 -71.16 5.57 1.55
N ASP C 7 -70.39 6.44 2.18
CA ASP C 7 -69.65 7.48 1.46
C ASP C 7 -68.59 6.79 0.58
N LEU C 8 -68.24 5.56 0.94
CA LEU C 8 -67.35 4.74 0.12
C LEU C 8 -68.16 3.77 -0.78
N GLU C 9 -69.46 3.64 -0.49
CA GLU C 9 -70.42 3.24 -1.51
C GLU C 9 -70.42 4.36 -2.57
N ALA C 10 -70.29 5.60 -2.10
CA ALA C 10 -70.04 6.74 -2.97
C ALA C 10 -68.62 6.70 -3.58
N LEU C 11 -67.72 5.96 -2.93
CA LEU C 11 -66.41 5.60 -3.51
C LEU C 11 -66.58 4.70 -4.74
N ARG C 12 -67.62 3.87 -4.70
CA ARG C 12 -68.06 3.11 -5.86
C ARG C 12 -68.53 4.03 -6.97
N LYS C 13 -69.28 5.05 -6.58
CA LYS C 13 -69.62 6.13 -7.49
C LYS C 13 -68.33 6.75 -8.01
N LYS C 14 -67.38 6.98 -7.09
CA LYS C 14 -66.07 7.53 -7.45
C LYS C 14 -65.46 6.68 -8.56
N ILE C 15 -65.40 5.37 -8.36
CA ILE C 15 -64.81 4.46 -9.35
C ILE C 15 -65.34 4.79 -10.75
N GLU C 16 -66.66 4.93 -10.88
CA GLU C 16 -67.28 5.13 -12.18
C GLU C 16 -66.84 6.42 -12.89
N GLU C 17 -66.39 7.44 -12.14
CA GLU C 17 -65.99 8.74 -12.74
C GLU C 17 -64.47 8.98 -12.87
N VAL C 18 -63.74 8.88 -11.76
CA VAL C 18 -62.28 9.00 -11.78
C VAL C 18 -61.71 8.04 -12.83
N GLY C 19 -61.03 8.58 -13.83
CA GLY C 19 -60.59 7.76 -14.94
C GLY C 19 -61.80 7.19 -15.61
N MET C 20 -61.85 5.88 -15.90
CA MET C 20 -60.83 4.89 -15.52
C MET C 20 -60.62 3.95 -16.72
N PRO C 21 -59.39 3.44 -16.91
CA PRO C 21 -59.20 2.49 -18.01
C PRO C 21 -60.16 1.30 -17.98
N GLU C 22 -60.42 0.74 -19.15
CA GLU C 22 -61.46 -0.30 -19.34
C GLU C 22 -61.26 -1.53 -18.46
N ALA C 23 -60.01 -1.92 -18.21
CA ALA C 23 -59.72 -3.02 -17.31
C ALA C 23 -59.47 -2.45 -15.91
N VAL C 24 -59.22 -1.15 -15.81
CA VAL C 24 -58.93 -0.55 -14.50
C VAL C 24 -60.13 -0.74 -13.56
N LYS C 25 -61.34 -0.60 -14.11
CA LYS C 25 -62.55 -0.80 -13.35
C LYS C 25 -62.45 -2.24 -12.88
N THR C 26 -62.44 -2.43 -11.56
CA THR C 26 -62.13 -3.74 -11.01
C THR C 26 -62.93 -4.08 -9.74
N LYS C 27 -63.20 -5.37 -9.63
CA LYS C 27 -64.14 -5.93 -8.68
C LYS C 27 -63.71 -5.70 -7.25
N ALA C 28 -62.41 -5.45 -7.04
CA ALA C 28 -61.87 -5.40 -5.71
C ALA C 28 -62.35 -4.12 -5.10
N LEU C 29 -63.67 -4.04 -5.09
CA LEU C 29 -64.45 -3.21 -4.21
C LEU C 29 -64.57 -3.92 -2.87
N LYS C 30 -64.54 -5.26 -2.94
CA LYS C 30 -64.74 -6.10 -1.78
C LYS C 30 -63.92 -5.64 -0.58
N GLU C 31 -62.84 -4.89 -0.84
CA GLU C 31 -61.95 -4.46 0.22
C GLU C 31 -62.75 -3.64 1.18
N LEU C 32 -63.68 -2.87 0.65
CA LEU C 32 -64.61 -2.22 1.52
C LEU C 32 -65.38 -3.30 2.25
N ASP C 33 -65.77 -4.34 1.51
CA ASP C 33 -66.65 -5.37 2.05
C ASP C 33 -66.06 -6.03 3.29
N ARG C 34 -64.75 -6.23 3.31
CA ARG C 34 -64.09 -6.72 4.52
C ARG C 34 -64.11 -5.73 5.70
N LEU C 35 -63.79 -4.47 5.46
CA LEU C 35 -63.51 -3.59 6.60
C LEU C 35 -64.73 -3.34 7.49
N GLU C 36 -65.91 -3.18 6.88
CA GLU C 36 -67.15 -3.13 7.65
C GLU C 36 -67.21 -4.39 8.49
N ARG C 37 -66.84 -5.50 7.86
CA ARG C 37 -66.75 -6.76 8.56
C ARG C 37 -65.77 -6.58 9.71
N MET C 38 -64.69 -5.85 9.43
CA MET C 38 -63.59 -5.68 10.38
C MET C 38 -64.11 -5.03 11.68
N GLN C 39 -63.58 -5.47 12.82
CA GLN C 39 -64.16 -5.14 14.13
C GLN C 39 -64.27 -3.62 14.35
N GLN C 40 -63.28 -2.87 13.87
CA GLN C 40 -63.28 -1.40 13.93
C GLN C 40 -63.33 -0.84 15.36
N GLY C 41 -62.63 -1.51 16.28
CA GLY C 41 -62.28 -0.93 17.57
C GLY C 41 -61.30 0.22 17.39
N SER C 42 -60.20 0.00 16.69
CA SER C 42 -59.77 -1.31 16.16
C SER C 42 -58.25 -1.37 16.12
N PRO C 43 -57.65 -2.47 16.60
CA PRO C 43 -56.23 -2.68 16.28
C PRO C 43 -56.03 -2.95 14.78
N GLU C 44 -56.95 -3.72 14.19
CA GLU C 44 -56.81 -4.20 12.81
C GLU C 44 -57.48 -3.24 11.84
N ALA C 45 -58.76 -2.96 12.07
CA ALA C 45 -59.57 -2.17 11.13
C ALA C 45 -58.93 -0.86 10.71
N THR C 46 -58.27 -0.18 11.66
CA THR C 46 -57.69 1.14 11.39
C THR C 46 -56.56 1.10 10.34
N VAL C 47 -55.68 0.11 10.43
CA VAL C 47 -54.61 -0.04 9.44
C VAL C 47 -55.24 -0.19 8.07
N ALA C 48 -56.29 -0.99 7.99
CA ALA C 48 -56.95 -1.26 6.72
C ALA C 48 -57.58 0.01 6.12
N ARG C 49 -58.29 0.78 6.92
CA ARG C 49 -58.94 1.95 6.35
C ARG C 49 -57.84 2.66 5.59
N THR C 50 -56.64 2.64 6.17
CA THR C 50 -55.53 3.38 5.64
C THR C 50 -55.29 3.02 4.18
N TYR C 51 -55.33 1.74 3.85
CA TYR C 51 -55.19 1.33 2.46
C TYR C 51 -56.28 2.01 1.68
N LEU C 52 -57.45 2.08 2.29
CA LEU C 52 -58.56 2.74 1.63
C LEU C 52 -58.16 4.19 1.38
N ASP C 53 -57.67 4.86 2.43
CA ASP C 53 -57.32 6.27 2.29
C ASP C 53 -56.27 6.42 1.19
N TRP C 54 -55.20 5.65 1.33
CA TRP C 54 -54.00 5.84 0.53
C TRP C 54 -54.37 5.55 -0.93
N LEU C 55 -55.11 4.46 -1.14
CA LEU C 55 -55.65 4.12 -2.47
C LEU C 55 -56.84 4.96 -2.93
N THR C 56 -57.73 5.33 -2.00
CA THR C 56 -59.14 5.63 -2.33
C THR C 56 -59.26 6.58 -3.50
N GLU C 57 -58.34 7.51 -3.53
CA GLU C 57 -58.32 8.49 -4.58
C GLU C 57 -58.05 7.73 -5.86
N VAL C 58 -57.12 6.78 -5.77
CA VAL C 58 -56.50 6.16 -6.95
C VAL C 58 -56.01 7.33 -7.82
N PRO C 59 -55.54 8.43 -7.15
CA PRO C 59 -55.53 9.61 -7.98
C PRO C 59 -55.01 9.24 -9.32
N TRP C 60 -55.83 9.48 -10.33
CA TRP C 60 -55.63 8.82 -11.59
C TRP C 60 -55.75 9.77 -12.75
N SER C 61 -56.96 10.20 -13.07
CA SER C 61 -57.20 10.83 -14.38
C SER C 61 -57.44 12.32 -14.37
N LYS C 62 -57.07 13.02 -13.29
CA LYS C 62 -57.19 14.47 -13.28
C LYS C 62 -56.11 15.01 -14.21
N ALA C 63 -56.39 14.94 -15.50
CA ALA C 63 -55.53 15.48 -16.51
C ALA C 63 -55.69 16.99 -16.50
N ASP C 64 -54.59 17.69 -16.23
CA ASP C 64 -54.59 19.11 -15.86
C ASP C 64 -54.00 19.93 -17.02
N PRO C 65 -54.81 20.82 -17.67
CA PRO C 65 -54.35 21.41 -18.92
C PRO C 65 -53.02 22.09 -18.73
N GLU C 66 -52.10 21.83 -19.65
CA GLU C 66 -50.82 22.49 -19.62
C GLU C 66 -50.80 23.53 -20.69
N VAL C 67 -49.97 24.54 -20.49
CA VAL C 67 -49.90 25.66 -21.39
C VAL C 67 -48.48 25.77 -21.91
N LEU C 68 -48.28 25.37 -23.16
CA LEU C 68 -46.95 25.38 -23.73
C LEU C 68 -46.81 26.50 -24.75
N ASP C 69 -46.13 27.55 -24.31
CA ASP C 69 -45.60 28.63 -25.10
C ASP C 69 -44.18 28.69 -24.56
N ILE C 70 -43.24 29.16 -25.36
CA ILE C 70 -41.87 29.35 -24.88
C ILE C 70 -41.68 30.76 -24.32
N ASN C 71 -42.05 31.76 -25.10
CA ASN C 71 -41.71 33.14 -24.72
C ASN C 71 -42.16 33.43 -23.31
N HIS C 72 -43.32 32.90 -22.96
CA HIS C 72 -43.77 32.92 -21.60
C HIS C 72 -42.70 32.24 -20.75
N THR C 73 -42.31 31.04 -21.15
CA THR C 73 -41.28 30.28 -20.43
C THR C 73 -39.98 31.05 -20.24
N ARG C 74 -39.46 31.64 -21.33
CA ARG C 74 -38.26 32.47 -21.22
C ARG C 74 -38.51 33.58 -20.21
N GLN C 75 -39.70 34.18 -20.28
CA GLN C 75 -40.06 35.27 -19.38
C GLN C 75 -40.04 34.80 -17.93
N VAL C 76 -40.57 33.61 -17.70
CA VAL C 76 -40.74 33.10 -16.34
C VAL C 76 -39.42 32.78 -15.67
N LEU C 77 -38.51 32.16 -16.41
CA LEU C 77 -37.18 31.88 -15.89
C LEU C 77 -36.47 33.17 -15.51
N ASP C 78 -36.65 34.20 -16.34
CA ASP C 78 -35.96 35.47 -16.13
C ASP C 78 -36.40 36.24 -14.89
N GLU C 79 -37.67 36.15 -14.53
CA GLU C 79 -38.19 36.79 -13.31
C GLU C 79 -37.70 36.05 -12.07
N ASP C 80 -37.89 34.73 -12.08
CA ASP C 80 -37.52 33.90 -10.95
C ASP C 80 -36.02 33.91 -10.72
N HIS C 81 -35.25 33.50 -11.72
CA HIS C 81 -33.79 33.40 -11.60
C HIS C 81 -33.04 34.52 -12.30
N TYR C 82 -32.22 35.25 -11.56
CA TYR C 82 -31.38 36.30 -12.14
C TYR C 82 -30.10 35.69 -12.68
N GLY C 83 -29.89 35.83 -13.98
CA GLY C 83 -28.67 35.32 -14.62
C GLY C 83 -28.81 33.96 -15.28
N LEU C 84 -27.75 33.14 -15.23
CA LEU C 84 -27.78 31.80 -15.80
C LEU C 84 -28.14 31.86 -17.28
N LYS C 85 -27.64 32.88 -17.94
CA LYS C 85 -27.92 33.13 -19.36
C LYS C 85 -27.73 31.88 -20.20
N ASP C 86 -26.59 31.22 -20.05
CA ASP C 86 -26.34 29.97 -20.77
C ASP C 86 -27.34 28.91 -20.36
N VAL C 87 -27.50 28.75 -19.06
CA VAL C 87 -28.31 27.65 -18.54
C VAL C 87 -29.69 27.76 -19.12
N LYS C 88 -30.32 28.93 -18.98
CA LYS C 88 -31.70 29.09 -19.35
C LYS C 88 -31.96 28.71 -20.80
N GLU C 89 -31.16 29.29 -21.70
CA GLU C 89 -31.32 29.07 -23.15
C GLU C 89 -31.37 27.57 -23.39
N ARG C 90 -30.39 26.86 -22.84
CA ARG C 90 -30.34 25.40 -22.92
C ARG C 90 -31.64 24.72 -22.49
N ILE C 91 -32.27 25.27 -21.45
CA ILE C 91 -33.55 24.75 -20.98
C ILE C 91 -34.67 25.04 -21.99
N LEU C 92 -34.53 26.11 -22.76
CA LEU C 92 -35.54 26.44 -23.77
C LEU C 92 -35.44 25.48 -24.95
N GLU C 93 -34.20 25.16 -25.31
CA GLU C 93 -33.92 24.33 -26.46
C GLU C 93 -34.50 22.95 -26.19
N TYR C 94 -34.22 22.43 -25.00
CA TYR C 94 -34.72 21.13 -24.58
C TYR C 94 -36.24 21.07 -24.59
N LEU C 95 -36.89 22.14 -24.13
CA LEU C 95 -38.35 22.19 -24.10
C LEU C 95 -38.93 22.28 -25.50
N ALA C 96 -38.41 23.20 -26.31
CA ALA C 96 -38.89 23.37 -27.69
C ALA C 96 -39.01 22.01 -28.39
N VAL C 97 -37.89 21.31 -28.43
CA VAL C 97 -37.85 20.02 -29.10
C VAL C 97 -38.86 19.09 -28.45
N ARG C 98 -38.94 19.13 -27.12
CA ARG C 98 -39.91 18.30 -26.39
C ARG C 98 -41.33 18.62 -26.81
N GLN C 99 -41.59 19.90 -27.04
CA GLN C 99 -42.89 20.38 -27.51
C GLN C 99 -43.25 19.84 -28.90
N LEU C 100 -42.35 20.03 -29.85
CA LEU C 100 -42.56 19.60 -31.23
C LEU C 100 -42.55 18.07 -31.31
N THR C 101 -41.65 17.46 -30.56
CA THR C 101 -41.39 16.03 -30.65
C THR C 101 -42.51 15.15 -30.07
N GLN C 102 -43.57 15.73 -29.53
CA GLN C 102 -44.72 14.92 -29.12
C GLN C 102 -46.01 15.14 -29.91
N GLY C 103 -46.11 16.24 -30.65
CA GLY C 103 -47.16 16.37 -31.67
C GLY C 103 -47.00 15.21 -32.65
N LEU C 104 -45.74 14.89 -32.92
CA LEU C 104 -45.33 13.68 -33.61
C LEU C 104 -45.10 12.64 -32.52
N ASP C 105 -44.61 11.44 -32.85
CA ASP C 105 -44.44 10.44 -31.80
C ASP C 105 -43.05 9.82 -31.61
N VAL C 106 -42.84 9.32 -30.39
CA VAL C 106 -41.52 9.03 -29.84
C VAL C 106 -41.01 7.62 -30.16
N ARG C 107 -40.72 7.41 -31.44
CA ARG C 107 -39.85 6.31 -31.85
C ARG C 107 -38.43 6.74 -31.44
N ASN C 108 -38.32 8.02 -31.09
CA ASN C 108 -37.06 8.72 -30.80
C ASN C 108 -36.28 8.33 -29.53
N LYS C 109 -36.98 7.94 -28.47
CA LYS C 109 -36.36 7.65 -27.16
C LYS C 109 -35.84 8.92 -26.47
N ALA C 110 -36.69 9.96 -26.47
CA ALA C 110 -36.32 11.30 -25.97
C ALA C 110 -35.82 11.31 -24.53
N PRO C 111 -34.65 11.95 -24.30
CA PRO C 111 -33.83 11.74 -23.13
C PRO C 111 -34.24 12.63 -21.98
N ILE C 112 -34.32 12.05 -20.79
CA ILE C 112 -34.70 12.81 -19.59
C ILE C 112 -33.52 13.65 -19.05
N LEU C 113 -33.70 14.29 -17.88
CA LEU C 113 -32.84 15.42 -17.53
C LEU C 113 -32.01 15.34 -16.25
N VAL C 114 -30.79 15.84 -16.36
CA VAL C 114 -29.85 15.91 -15.26
C VAL C 114 -29.38 17.34 -15.20
N LEU C 115 -29.47 17.93 -14.02
CA LEU C 115 -28.89 19.23 -13.77
C LEU C 115 -27.66 18.96 -12.92
N VAL C 116 -26.48 19.16 -13.50
CA VAL C 116 -25.22 18.91 -12.83
C VAL C 116 -24.67 20.22 -12.27
N GLY C 117 -24.49 20.24 -10.95
CA GLY C 117 -23.91 21.39 -10.24
C GLY C 117 -23.47 20.98 -8.86
N PRO C 118 -22.55 21.74 -8.24
CA PRO C 118 -22.14 21.36 -6.90
C PRO C 118 -23.31 21.40 -5.93
N PRO C 119 -23.17 20.76 -4.77
CA PRO C 119 -24.17 21.04 -3.73
C PRO C 119 -24.06 22.51 -3.35
N GLY C 120 -25.15 23.09 -2.90
CA GLY C 120 -25.18 24.50 -2.59
C GLY C 120 -25.53 25.35 -3.79
N VAL C 121 -25.82 24.72 -4.93
CA VAL C 121 -26.32 25.44 -6.08
C VAL C 121 -27.72 24.94 -6.35
N GLY C 122 -28.69 25.85 -6.36
CA GLY C 122 -30.10 25.49 -6.35
C GLY C 122 -30.60 24.98 -7.69
N LYS C 123 -30.89 23.69 -7.75
CA LYS C 123 -31.37 23.04 -8.98
C LYS C 123 -32.88 22.81 -8.95
N THR C 124 -33.46 22.68 -7.77
CA THR C 124 -34.89 22.51 -7.65
C THR C 124 -35.59 23.75 -8.15
N SER C 125 -35.14 24.89 -7.64
CA SER C 125 -35.67 26.20 -7.99
C SER C 125 -35.93 26.30 -9.48
N LEU C 126 -35.00 25.76 -10.27
CA LEU C 126 -35.15 25.73 -11.71
C LEU C 126 -36.29 24.82 -12.11
N GLY C 127 -36.47 23.73 -11.39
CA GLY C 127 -37.54 22.79 -11.70
C GLY C 127 -38.91 23.44 -11.71
N ARG C 128 -39.22 24.16 -10.64
CA ARG C 128 -40.57 24.70 -10.45
C ARG C 128 -40.91 25.70 -11.53
N SER C 129 -39.97 26.58 -11.83
CA SER C 129 -40.16 27.58 -12.87
C SER C 129 -40.56 26.95 -14.20
N ILE C 130 -39.95 25.82 -14.53
CA ILE C 130 -40.42 25.02 -15.65
C ILE C 130 -41.81 24.47 -15.33
N ALA C 131 -41.99 24.01 -14.10
CA ALA C 131 -43.28 23.47 -13.68
C ALA C 131 -44.43 24.46 -13.87
N ARG C 132 -44.25 25.67 -13.35
CA ARG C 132 -45.30 26.67 -13.31
C ARG C 132 -45.44 27.44 -14.63
N SER C 133 -44.50 27.24 -15.55
CA SER C 133 -44.58 27.86 -16.89
C SER C 133 -45.16 26.91 -17.91
N MET C 134 -45.74 25.81 -17.43
CA MET C 134 -46.54 24.94 -18.27
C MET C 134 -47.91 24.66 -17.67
N ASN C 135 -48.17 25.24 -16.49
CA ASN C 135 -49.44 25.08 -15.78
C ASN C 135 -49.63 23.70 -15.18
N ARG C 136 -48.59 22.88 -15.14
CA ARG C 136 -48.66 21.61 -14.45
C ARG C 136 -47.96 21.75 -13.13
N LYS C 137 -48.46 21.06 -12.10
CA LYS C 137 -47.92 21.21 -10.74
C LYS C 137 -46.56 20.53 -10.63
N PHE C 138 -45.98 20.57 -9.43
CA PHE C 138 -44.61 20.09 -9.23
C PHE C 138 -44.45 19.35 -7.91
N HIS C 139 -43.51 18.40 -7.87
CA HIS C 139 -43.17 17.70 -6.64
C HIS C 139 -41.75 17.16 -6.74
N ARG C 140 -41.00 17.30 -5.66
CA ARG C 140 -39.62 16.82 -5.62
C ARG C 140 -39.61 15.47 -4.94
N ILE C 141 -38.98 14.48 -5.58
CA ILE C 141 -38.72 13.22 -4.90
C ILE C 141 -37.26 13.15 -4.58
N SER C 142 -36.94 13.32 -3.30
CA SER C 142 -35.59 13.13 -2.82
C SER C 142 -35.21 11.67 -3.06
N LEU C 143 -34.02 11.45 -3.60
CA LEU C 143 -33.44 10.13 -3.64
C LEU C 143 -32.13 10.12 -2.85
N GLY C 144 -31.81 11.24 -2.21
CA GLY C 144 -30.59 11.36 -1.41
C GLY C 144 -30.53 10.27 -0.37
N GLY C 145 -29.49 9.45 -0.43
CA GLY C 145 -29.28 8.39 0.54
C GLY C 145 -30.50 7.49 0.73
N VAL C 146 -30.91 6.84 -0.35
CA VAL C 146 -31.96 5.82 -0.25
C VAL C 146 -31.32 4.45 -0.49
N ARG C 147 -31.56 3.57 0.46
CA ARG C 147 -30.86 2.30 0.58
C ARG C 147 -31.92 1.23 0.65
N ASP C 148 -32.61 1.04 -0.47
CA ASP C 148 -33.69 0.07 -0.54
C ASP C 148 -34.19 -0.11 -1.98
N GLU C 149 -35.10 -1.07 -2.17
CA GLU C 149 -35.76 -1.28 -3.46
C GLU C 149 -37.26 -1.00 -3.48
N ALA C 150 -37.83 -0.70 -2.32
CA ALA C 150 -39.29 -0.68 -2.19
C ALA C 150 -39.96 0.37 -3.07
N GLU C 151 -39.32 1.53 -3.20
CA GLU C 151 -40.03 2.73 -3.64
C GLU C 151 -40.45 2.70 -5.08
N ILE C 152 -39.57 2.33 -5.99
CA ILE C 152 -39.89 2.49 -7.42
C ILE C 152 -40.93 1.45 -7.89
N ARG C 153 -40.62 0.17 -7.72
CA ARG C 153 -41.64 -0.84 -7.81
C ARG C 153 -42.13 -0.41 -6.45
N GLY C 154 -43.03 -1.12 -5.79
CA GLY C 154 -43.57 -0.58 -4.56
C GLY C 154 -43.13 -1.40 -3.36
N HIS C 155 -43.57 -1.01 -2.18
CA HIS C 155 -43.26 -1.79 -0.99
C HIS C 155 -43.68 -3.24 -1.04
N ARG C 156 -42.69 -4.13 -1.06
CA ARG C 156 -42.94 -5.58 -1.11
C ARG C 156 -43.57 -6.22 0.11
N ARG C 157 -42.93 -6.10 1.26
CA ARG C 157 -43.35 -6.88 2.41
C ARG C 157 -42.74 -6.34 3.68
N THR C 158 -43.15 -6.82 4.84
CA THR C 158 -44.13 -7.89 5.03
C THR C 158 -45.53 -7.37 4.68
N TYR C 159 -46.43 -8.26 4.26
CA TYR C 159 -47.84 -7.90 4.14
C TYR C 159 -48.37 -7.49 5.50
N ILE C 160 -49.18 -6.45 5.60
CA ILE C 160 -49.50 -5.59 4.49
C ILE C 160 -48.20 -4.86 4.25
N GLY C 161 -47.74 -4.81 2.99
CA GLY C 161 -46.52 -4.07 2.68
C GLY C 161 -46.72 -2.66 3.21
N ALA C 162 -45.92 -2.28 4.21
CA ALA C 162 -46.17 -1.13 5.11
C ALA C 162 -46.04 0.32 4.59
N MET C 163 -45.00 0.64 3.82
CA MET C 163 -44.85 2.00 3.32
C MET C 163 -44.54 1.97 1.84
N PRO C 164 -43.29 1.55 1.41
CA PRO C 164 -42.02 1.53 2.15
C PRO C 164 -41.26 2.86 2.38
N GLY C 165 -41.14 3.78 1.41
CA GLY C 165 -41.29 3.56 -0.02
C GLY C 165 -41.99 4.52 -0.96
N LYS C 166 -41.94 4.05 -2.21
CA LYS C 166 -42.80 4.32 -3.35
C LYS C 166 -43.28 5.72 -3.31
N LEU C 167 -42.34 6.63 -3.51
CA LEU C 167 -42.58 8.03 -3.25
C LEU C 167 -43.81 8.47 -4.05
N ILE C 168 -44.12 7.71 -5.09
CA ILE C 168 -45.33 7.90 -5.82
C ILE C 168 -46.48 7.89 -4.83
N HIS C 169 -46.29 7.20 -3.71
CA HIS C 169 -47.23 7.28 -2.62
C HIS C 169 -47.31 8.74 -2.21
N ALA C 170 -46.16 9.38 -2.14
CA ALA C 170 -46.13 10.80 -1.93
C ALA C 170 -46.70 11.47 -3.16
N MET C 171 -46.35 10.95 -4.33
CA MET C 171 -46.73 11.58 -5.59
C MET C 171 -48.22 11.74 -5.72
N LYS C 172 -48.93 10.65 -5.53
CA LYS C 172 -50.33 10.63 -5.94
C LYS C 172 -50.96 11.87 -5.41
N GLN C 173 -50.61 12.19 -4.17
CA GLN C 173 -51.26 13.30 -3.53
C GLN C 173 -51.13 14.46 -4.50
N VAL C 174 -50.00 14.54 -5.17
CA VAL C 174 -49.71 15.72 -5.95
C VAL C 174 -51.03 16.25 -6.52
N GLY C 175 -51.78 15.38 -7.17
CA GLY C 175 -53.08 15.72 -7.67
C GLY C 175 -53.24 15.72 -9.17
N VAL C 176 -52.35 15.08 -9.94
CA VAL C 176 -52.59 14.89 -11.39
C VAL C 176 -51.63 13.91 -12.06
N ILE C 177 -52.08 13.40 -13.21
CA ILE C 177 -51.28 12.63 -14.15
C ILE C 177 -50.02 13.29 -14.74
N ASN C 178 -50.06 14.58 -15.06
CA ASN C 178 -48.96 15.21 -15.81
C ASN C 178 -47.99 16.08 -14.98
N PRO C 179 -47.86 15.81 -13.66
CA PRO C 179 -47.01 16.71 -12.88
C PRO C 179 -45.58 16.78 -13.40
N VAL C 180 -44.81 17.72 -12.86
CA VAL C 180 -43.36 17.72 -13.00
C VAL C 180 -42.80 17.12 -11.73
N ILE C 181 -42.15 15.97 -11.87
CA ILE C 181 -41.59 15.29 -10.72
C ILE C 181 -40.09 15.30 -10.83
N LEU C 182 -39.44 15.91 -9.85
CA LEU C 182 -38.00 16.06 -9.84
C LEU C 182 -37.43 15.06 -8.89
N LEU C 183 -36.43 14.34 -9.36
CA LEU C 183 -35.78 13.30 -8.57
C LEU C 183 -34.43 13.86 -8.23
N ASP C 184 -34.26 14.20 -6.94
CA ASP C 184 -33.08 14.91 -6.49
C ASP C 184 -31.99 13.93 -6.14
N GLN C 185 -30.74 14.38 -6.21
CA GLN C 185 -29.58 13.56 -5.84
C GLN C 185 -29.68 12.15 -6.40
N ILE C 186 -30.05 12.04 -7.67
CA ILE C 186 -30.02 10.77 -8.37
C ILE C 186 -28.64 10.11 -8.23
N ASP C 187 -27.60 10.93 -8.27
CA ASP C 187 -26.24 10.39 -8.25
C ASP C 187 -26.00 9.67 -6.96
N LYS C 188 -26.48 10.23 -5.86
CA LYS C 188 -26.15 9.73 -4.52
C LYS C 188 -27.08 8.59 -4.08
N MET C 189 -27.08 7.54 -4.90
CA MET C 189 -27.68 6.25 -4.55
C MET C 189 -26.94 5.27 -5.47
N SER C 190 -27.08 3.95 -5.35
CA SER C 190 -28.15 3.22 -4.68
C SER C 190 -27.94 2.98 -3.18
N SER C 191 -26.94 3.61 -2.58
CA SER C 191 -26.55 3.30 -1.21
C SER C 191 -26.30 1.79 -1.10
N ASP C 192 -25.90 1.17 -2.22
CA ASP C 192 -25.43 -0.21 -2.27
C ASP C 192 -26.24 -1.21 -1.41
N TRP C 193 -27.56 -1.19 -1.55
CA TRP C 193 -28.42 -2.03 -0.71
C TRP C 193 -29.64 -2.63 -1.43
N ARG C 194 -30.55 -3.21 -0.63
CA ARG C 194 -31.56 -4.20 -1.09
C ARG C 194 -32.06 -3.96 -2.51
N GLY C 195 -31.86 -4.97 -3.35
CA GLY C 195 -32.29 -4.93 -4.75
C GLY C 195 -31.64 -3.83 -5.57
N ASP C 196 -32.05 -3.72 -6.84
CA ASP C 196 -31.40 -2.80 -7.79
C ASP C 196 -32.24 -1.54 -8.01
N PRO C 197 -32.28 -0.61 -7.04
CA PRO C 197 -33.07 0.60 -7.30
C PRO C 197 -32.68 1.28 -8.59
N ALA C 198 -31.39 1.45 -8.79
CA ALA C 198 -30.85 2.24 -9.90
C ALA C 198 -31.28 1.77 -11.29
N SER C 199 -31.16 0.47 -11.56
CA SER C 199 -31.62 -0.07 -12.84
C SER C 199 -33.14 0.00 -12.87
N ALA C 200 -33.73 -0.46 -11.77
CA ALA C 200 -35.16 -0.48 -11.63
C ALA C 200 -35.66 0.93 -11.84
N MET C 201 -34.92 1.86 -11.26
CA MET C 201 -35.26 3.25 -11.36
C MET C 201 -35.41 3.55 -12.82
N LEU C 202 -34.51 2.99 -13.62
CA LEU C 202 -34.58 3.20 -15.06
C LEU C 202 -35.95 2.87 -15.57
N GLU C 203 -36.60 1.92 -14.94
CA GLU C 203 -37.91 1.47 -15.41
C GLU C 203 -38.83 2.65 -15.51
N VAL C 204 -38.87 3.42 -14.42
CA VAL C 204 -39.79 4.54 -14.34
C VAL C 204 -39.47 5.49 -15.46
N LEU C 205 -38.19 5.62 -15.79
CA LEU C 205 -37.77 6.48 -16.89
C LEU C 205 -37.98 5.82 -18.25
N ASP C 206 -38.53 4.61 -18.25
CA ASP C 206 -38.75 3.90 -19.49
C ASP C 206 -39.64 4.71 -20.42
N PRO C 207 -39.24 4.85 -21.69
CA PRO C 207 -40.14 5.47 -22.63
C PRO C 207 -40.80 4.43 -23.50
N GLU C 208 -40.31 3.19 -23.43
CA GLU C 208 -40.89 2.08 -24.16
C GLU C 208 -41.62 1.16 -23.19
N GLN C 209 -41.67 1.58 -21.92
CA GLN C 209 -42.61 1.03 -20.95
C GLN C 209 -43.82 1.95 -20.99
N ASN C 210 -44.56 1.91 -22.10
CA ASN C 210 -45.77 2.72 -22.23
C ASN C 210 -46.74 2.30 -21.14
N ASN C 211 -46.89 0.99 -21.03
CA ASN C 211 -47.62 0.36 -19.94
C ASN C 211 -47.04 0.83 -18.61
N THR C 212 -47.89 1.37 -17.74
CA THR C 212 -47.35 1.98 -16.54
C THR C 212 -46.71 0.94 -15.59
N PHE C 213 -46.20 1.48 -14.49
CA PHE C 213 -45.28 0.86 -13.58
C PHE C 213 -46.00 0.57 -12.27
N THR C 214 -45.73 -0.62 -11.77
CA THR C 214 -46.75 -1.49 -11.25
C THR C 214 -46.68 -1.83 -9.75
N ASP C 215 -46.32 -0.90 -8.86
CA ASP C 215 -46.17 -1.33 -7.47
C ASP C 215 -46.26 -0.34 -6.33
N HIS C 216 -45.94 -0.90 -5.15
CA HIS C 216 -46.43 -0.62 -3.76
C HIS C 216 -46.34 0.77 -3.07
N TYR C 217 -46.90 0.91 -1.85
CA TYR C 217 -47.26 -0.20 -0.91
C TYR C 217 -48.43 -1.18 -1.18
N LEU C 218 -49.57 -0.69 -1.64
CA LEU C 218 -50.55 -1.56 -2.21
C LEU C 218 -50.02 -1.81 -3.59
N ASP C 219 -50.02 -3.08 -3.98
CA ASP C 219 -49.34 -3.56 -5.20
C ASP C 219 -49.83 -2.89 -6.47
N VAL C 220 -51.12 -2.56 -6.47
CA VAL C 220 -52.00 -2.58 -7.63
C VAL C 220 -51.38 -1.96 -8.86
N PRO C 221 -51.68 -2.53 -10.04
CA PRO C 221 -51.16 -2.11 -11.32
C PRO C 221 -51.24 -0.64 -11.77
N TYR C 222 -50.55 -0.45 -12.88
CA TYR C 222 -49.80 0.74 -13.29
C TYR C 222 -50.56 2.05 -13.53
N ASP C 223 -49.92 3.19 -13.23
CA ASP C 223 -50.36 4.49 -13.78
C ASP C 223 -49.33 5.64 -13.69
N LEU C 224 -48.41 5.77 -14.65
CA LEU C 224 -47.27 6.71 -14.53
C LEU C 224 -46.72 7.10 -15.90
N SER C 225 -47.58 6.93 -16.89
CA SER C 225 -47.21 7.06 -18.28
C SER C 225 -46.76 8.49 -18.62
N LYS C 226 -47.50 9.48 -18.10
CA LYS C 226 -47.47 10.87 -18.61
C LYS C 226 -46.42 11.78 -18.00
N VAL C 227 -46.09 11.57 -16.72
CA VAL C 227 -45.30 12.54 -15.93
C VAL C 227 -44.08 13.01 -16.70
N PHE C 228 -43.72 14.28 -16.52
CA PHE C 228 -42.55 14.89 -17.11
C PHE C 228 -41.43 14.96 -16.07
N PHE C 229 -40.29 14.34 -16.40
CA PHE C 229 -39.26 14.03 -15.40
C PHE C 229 -37.99 14.88 -15.46
N ILE C 230 -37.59 15.37 -14.30
CA ILE C 230 -36.32 16.05 -14.15
C ILE C 230 -35.60 15.44 -12.96
N THR C 231 -34.29 15.28 -13.12
CA THR C 231 -33.44 14.52 -12.22
C THR C 231 -32.21 15.35 -11.96
N THR C 232 -31.59 15.23 -10.80
CA THR C 232 -30.45 16.09 -10.49
C THR C 232 -29.43 15.52 -9.51
N ALA C 233 -28.16 15.72 -9.85
CA ALA C 233 -27.03 15.19 -9.08
C ALA C 233 -25.88 16.19 -9.06
N ASN C 234 -24.92 15.96 -8.15
CA ASN C 234 -23.74 16.82 -8.01
C ASN C 234 -22.59 16.44 -8.96
N THR C 235 -22.43 15.14 -9.16
CA THR C 235 -21.36 14.61 -9.99
C THR C 235 -21.87 13.51 -10.91
N LEU C 236 -21.44 13.57 -12.15
CA LEU C 236 -22.06 12.86 -13.25
C LEU C 236 -21.65 11.40 -13.31
N GLN C 237 -20.41 11.11 -12.93
CA GLN C 237 -19.81 9.80 -13.18
C GLN C 237 -20.22 8.74 -12.14
N THR C 238 -21.08 9.14 -11.20
CA THR C 238 -21.46 8.29 -10.07
C THR C 238 -22.83 7.66 -10.27
N ILE C 239 -23.26 7.51 -11.52
CA ILE C 239 -24.60 6.98 -11.80
C ILE C 239 -24.57 5.96 -12.94
N PRO C 240 -25.45 4.94 -12.90
CA PRO C 240 -25.39 3.84 -13.87
C PRO C 240 -25.22 4.32 -15.29
N ARG C 241 -24.37 3.65 -16.08
CA ARG C 241 -24.17 4.02 -17.47
C ARG C 241 -25.46 3.90 -18.27
N PRO C 242 -26.22 2.80 -18.06
CA PRO C 242 -27.31 2.60 -19.01
C PRO C 242 -28.29 3.76 -19.01
N LEU C 243 -28.61 4.29 -17.82
CA LEU C 243 -29.50 5.45 -17.72
C LEU C 243 -28.75 6.66 -18.19
N LEU C 244 -27.58 6.87 -17.59
CA LEU C 244 -26.75 8.02 -17.91
C LEU C 244 -26.61 8.18 -19.42
N ASP C 245 -26.51 7.08 -20.16
CA ASP C 245 -26.46 7.13 -21.62
C ASP C 245 -27.71 7.78 -22.22
N ARG C 246 -28.87 7.57 -21.61
CA ARG C 246 -30.12 8.22 -22.04
C ARG C 246 -30.43 9.48 -21.22
N MET C 247 -29.51 10.44 -21.20
CA MET C 247 -29.70 11.70 -20.44
C MET C 247 -29.22 12.90 -21.21
N GLU C 248 -29.84 14.05 -20.92
CA GLU C 248 -29.45 15.34 -21.47
C GLU C 248 -28.88 16.12 -20.30
N VAL C 249 -27.65 16.61 -20.45
CA VAL C 249 -26.90 17.16 -19.32
C VAL C 249 -26.71 18.65 -19.44
N ILE C 250 -27.24 19.41 -18.47
CA ILE C 250 -27.02 20.85 -18.40
C ILE C 250 -26.09 21.18 -17.24
N GLU C 251 -24.82 21.46 -17.58
CA GLU C 251 -23.80 21.75 -16.58
C GLU C 251 -24.21 23.07 -15.95
N ILE C 252 -23.93 23.20 -14.65
CA ILE C 252 -24.43 24.35 -13.87
C ILE C 252 -23.43 24.77 -12.77
N PRO C 253 -22.18 25.08 -13.18
CA PRO C 253 -21.01 25.04 -12.29
C PRO C 253 -21.09 25.88 -11.02
N GLY C 254 -21.61 27.11 -11.11
CA GLY C 254 -21.63 28.02 -9.98
C GLY C 254 -22.23 29.39 -10.30
N TYR C 255 -22.02 30.34 -9.38
CA TYR C 255 -22.64 31.65 -9.48
C TYR C 255 -21.62 32.76 -9.54
N THR C 256 -21.87 33.75 -10.39
CA THR C 256 -21.21 35.05 -10.29
C THR C 256 -21.49 35.59 -8.91
N ASN C 257 -20.64 36.49 -8.41
CA ASN C 257 -20.99 37.27 -7.21
C ASN C 257 -22.42 37.77 -7.29
N MET C 258 -22.74 38.40 -8.41
CA MET C 258 -24.00 39.10 -8.58
C MET C 258 -25.19 38.17 -8.54
N GLU C 259 -25.09 37.05 -9.23
CA GLU C 259 -26.16 36.07 -9.18
C GLU C 259 -26.33 35.71 -7.72
N LYS C 260 -25.20 35.49 -7.04
CA LYS C 260 -25.19 35.21 -5.62
C LYS C 260 -25.94 36.32 -4.89
N GLN C 261 -25.68 37.55 -5.28
CA GLN C 261 -26.27 38.72 -4.65
C GLN C 261 -27.79 38.76 -4.78
N ALA C 262 -28.30 38.46 -5.96
CA ALA C 262 -29.74 38.51 -6.20
C ALA C 262 -30.47 37.37 -5.52
N ILE C 263 -29.97 36.15 -5.69
CA ILE C 263 -30.56 35.01 -4.98
C ILE C 263 -30.62 35.26 -3.47
N ALA C 264 -29.54 35.83 -2.93
CA ALA C 264 -29.48 36.17 -1.51
C ALA C 264 -30.59 37.13 -1.11
N ARG C 265 -30.80 38.14 -1.95
CA ARG C 265 -31.83 39.14 -1.71
C ARG C 265 -33.21 38.56 -1.91
N GLN C 266 -33.41 37.88 -3.02
CA GLN C 266 -34.70 37.32 -3.37
C GLN C 266 -35.17 36.21 -2.44
N TYR C 267 -34.28 35.30 -2.06
CA TYR C 267 -34.68 34.09 -1.34
C TYR C 267 -34.01 33.94 0.01
N LEU C 268 -32.71 33.77 0.03
CA LEU C 268 -32.02 33.32 1.24
C LEU C 268 -32.27 34.25 2.43
N TRP C 269 -32.14 35.55 2.21
CA TRP C 269 -32.15 36.52 3.31
C TRP C 269 -33.49 36.62 4.04
N PRO C 270 -34.59 36.87 3.30
CA PRO C 270 -35.83 37.05 4.00
C PRO C 270 -36.22 35.79 4.74
N LYS C 271 -36.00 34.62 4.12
CA LYS C 271 -36.39 33.34 4.73
C LYS C 271 -35.83 33.29 6.13
N GLN C 272 -34.51 33.43 6.26
CA GLN C 272 -33.89 33.37 7.56
C GLN C 272 -34.51 34.38 8.50
N VAL C 273 -34.80 35.57 7.99
CA VAL C 273 -35.55 36.56 8.76
C VAL C 273 -36.89 35.98 9.21
N ARG C 274 -37.68 35.49 8.26
CA ARG C 274 -39.00 34.91 8.60
C ARG C 274 -38.84 33.70 9.52
N GLU C 275 -37.91 32.81 9.17
CA GLU C 275 -37.56 31.67 10.01
C GLU C 275 -36.82 32.11 11.26
N SER C 276 -36.25 33.32 11.22
CA SER C 276 -35.68 33.92 12.42
C SER C 276 -36.78 34.20 13.43
N GLY C 277 -37.95 34.59 12.94
CA GLY C 277 -38.98 35.13 13.81
C GLY C 277 -38.55 36.52 14.28
N MET C 278 -37.92 37.28 13.37
CA MET C 278 -37.55 38.68 13.60
C MET C 278 -37.89 39.53 12.37
N GLU C 279 -39.11 39.37 11.87
CA GLU C 279 -39.43 39.74 10.49
C GLU C 279 -39.57 41.22 10.22
N GLY C 280 -40.20 41.93 11.15
CA GLY C 280 -40.62 43.29 10.91
C GLY C 280 -39.48 44.29 10.83
N ARG C 281 -38.56 44.22 11.79
CA ARG C 281 -37.70 45.35 12.15
C ARG C 281 -36.21 45.09 11.97
N ILE C 282 -35.83 44.61 10.78
CA ILE C 282 -34.44 44.29 10.51
C ILE C 282 -34.20 44.06 9.01
N GLU C 283 -33.14 44.67 8.49
CA GLU C 283 -32.83 44.63 7.05
C GLU C 283 -31.32 44.68 6.78
N VAL C 284 -30.93 44.18 5.61
CA VAL C 284 -29.54 44.12 5.20
C VAL C 284 -29.33 44.98 3.96
N THR C 285 -28.13 45.56 3.85
CA THR C 285 -27.77 46.47 2.76
C THR C 285 -27.08 45.74 1.64
N ASP C 286 -27.46 46.04 0.40
CA ASP C 286 -26.92 45.32 -0.77
C ASP C 286 -25.43 45.56 -1.00
N ALA C 287 -24.98 46.76 -0.68
CA ALA C 287 -23.55 47.09 -0.73
C ALA C 287 -22.76 46.33 0.34
N ALA C 288 -23.38 46.19 1.50
CA ALA C 288 -22.82 45.48 2.64
C ALA C 288 -23.26 44.03 2.74
N ILE C 289 -24.26 43.64 1.97
CA ILE C 289 -24.62 42.24 1.91
C ILE C 289 -23.47 41.50 1.25
N LEU C 290 -22.80 42.16 0.32
CA LEU C 290 -21.68 41.58 -0.40
C LEU C 290 -20.58 41.19 0.56
N ARG C 291 -20.27 42.08 1.51
CA ARG C 291 -19.26 41.80 2.53
C ARG C 291 -19.39 40.38 3.10
N VAL C 292 -20.61 39.84 3.14
CA VAL C 292 -20.83 38.46 3.57
C VAL C 292 -20.28 37.46 2.56
N ILE C 293 -20.60 37.67 1.28
CA ILE C 293 -20.15 36.76 0.20
C ILE C 293 -18.63 36.73 0.15
N SER C 294 -18.06 37.93 0.10
CA SER C 294 -16.64 38.16 -0.15
C SER C 294 -15.74 37.80 1.02
N GLU C 295 -16.13 38.16 2.24
CA GLU C 295 -15.24 38.07 3.40
C GLU C 295 -15.42 36.84 4.26
N TYR C 296 -16.59 36.22 4.20
CA TYR C 296 -16.93 35.11 5.11
C TYR C 296 -17.24 33.80 4.39
N THR C 297 -17.05 33.76 3.08
CA THR C 297 -17.53 32.64 2.28
C THR C 297 -16.63 32.31 1.10
N ARG C 298 -16.19 31.05 1.04
CA ARG C 298 -15.46 30.55 -0.13
C ARG C 298 -16.21 29.32 -0.60
N GLU C 299 -16.90 29.47 -1.73
CA GLU C 299 -17.67 28.40 -2.32
C GLU C 299 -18.21 28.92 -3.63
N ALA C 300 -18.79 28.05 -4.44
CA ALA C 300 -19.47 28.47 -5.68
C ALA C 300 -20.99 28.49 -5.49
N GLY C 301 -21.49 27.63 -4.60
CA GLY C 301 -22.89 27.64 -4.22
C GLY C 301 -23.21 28.75 -3.23
N VAL C 302 -24.38 28.65 -2.59
CA VAL C 302 -24.78 29.60 -1.55
C VAL C 302 -24.86 28.92 -0.18
N ARG C 303 -24.40 27.69 -0.08
CA ARG C 303 -24.61 26.89 1.07
C ARG C 303 -24.00 27.57 2.25
N GLY C 304 -22.79 28.02 2.11
CA GLY C 304 -22.13 28.81 3.15
C GLY C 304 -22.76 30.17 3.36
N LEU C 305 -23.30 30.77 2.31
CA LEU C 305 -23.83 32.14 2.40
C LEU C 305 -25.12 32.22 3.19
N GLU C 306 -26.05 31.33 2.92
CA GLU C 306 -27.30 31.29 3.68
C GLU C 306 -27.02 31.09 5.15
N ARG C 307 -26.18 30.08 5.44
CA ARG C 307 -25.74 29.78 6.79
C ARG C 307 -25.29 31.05 7.52
N GLU C 308 -24.38 31.79 6.90
CA GLU C 308 -23.90 33.06 7.47
C GLU C 308 -25.05 34.05 7.58
N LEU C 309 -25.90 34.07 6.57
CA LEU C 309 -27.13 34.89 6.63
C LEU C 309 -28.02 34.39 7.76
N GLY C 310 -27.92 33.11 8.09
CA GLY C 310 -28.56 32.58 9.28
C GLY C 310 -28.11 33.30 10.54
N LYS C 311 -26.79 33.47 10.68
CA LYS C 311 -26.18 34.02 11.90
C LYS C 311 -26.63 35.45 12.15
N ILE C 312 -26.72 36.22 11.06
CA ILE C 312 -27.12 37.61 11.17
C ILE C 312 -28.49 37.70 11.81
N ALA C 313 -29.46 36.97 11.25
CA ALA C 313 -30.83 36.99 11.78
C ALA C 313 -30.86 36.51 13.23
N ARG C 314 -30.36 35.30 13.47
CA ARG C 314 -30.50 34.70 14.80
C ARG C 314 -29.76 35.52 15.85
N LYS C 315 -28.60 36.07 15.51
CA LYS C 315 -27.98 37.06 16.38
C LYS C 315 -28.91 38.25 16.39
N GLY C 316 -29.42 38.62 15.22
CA GLY C 316 -30.38 39.73 15.10
C GLY C 316 -31.47 39.74 16.15
N ALA C 317 -32.07 38.58 16.41
CA ALA C 317 -33.06 38.47 17.46
C ALA C 317 -32.42 38.84 18.80
N LYS C 318 -31.23 38.30 19.05
CA LYS C 318 -30.52 38.51 20.32
C LYS C 318 -30.62 39.95 20.83
N PHE C 319 -30.36 40.91 19.94
CA PHE C 319 -30.19 42.29 20.36
C PHE C 319 -31.51 42.88 20.86
N TRP C 320 -32.63 42.31 20.43
CA TRP C 320 -33.94 42.72 20.96
C TRP C 320 -33.83 42.98 22.46
N LEU C 321 -33.06 42.09 23.12
CA LEU C 321 -33.06 41.93 24.57
C LEU C 321 -32.34 42.97 25.46
N GLU C 322 -31.16 43.44 25.10
CA GLU C 322 -30.52 44.56 25.84
C GLU C 322 -31.31 45.84 25.62
N GLY C 323 -31.62 46.10 24.35
CA GLY C 323 -32.58 47.13 23.96
C GLY C 323 -33.38 46.57 22.81
N ALA C 324 -34.70 46.52 22.97
CA ALA C 324 -35.57 46.06 21.89
C ALA C 324 -36.03 47.28 21.09
N TRP C 325 -35.29 47.57 20.02
CA TRP C 325 -35.46 48.81 19.25
C TRP C 325 -36.77 48.87 18.43
N GLU C 326 -37.12 50.08 18.01
CA GLU C 326 -38.35 50.35 17.26
C GLU C 326 -38.09 50.32 15.76
N GLY C 327 -39.16 50.53 14.98
CA GLY C 327 -39.05 50.76 13.53
C GLY C 327 -38.44 49.61 12.75
N LEU C 328 -37.28 49.85 12.16
CA LEU C 328 -36.52 48.82 11.44
C LEU C 328 -35.05 49.11 11.63
N ARG C 329 -34.19 48.13 11.35
CA ARG C 329 -32.76 48.39 11.31
C ARG C 329 -32.20 47.89 10.00
N THR C 330 -31.48 48.77 9.30
CA THR C 330 -30.76 48.38 8.09
C THR C 330 -29.30 48.13 8.45
N ILE C 331 -28.87 46.86 8.39
CA ILE C 331 -27.53 46.47 8.80
C ILE C 331 -26.56 46.67 7.63
N ASP C 332 -25.78 47.75 7.63
CA ASP C 332 -24.87 48.00 6.53
C ASP C 332 -23.48 47.35 6.72
N ALA C 333 -22.58 47.58 5.77
CA ALA C 333 -21.37 46.78 5.58
C ALA C 333 -20.56 46.89 6.82
N SER C 334 -20.28 48.13 7.18
CA SER C 334 -19.59 48.44 8.41
C SER C 334 -20.54 48.23 9.59
N ASP C 335 -21.19 47.07 9.61
CA ASP C 335 -21.92 46.57 10.78
C ASP C 335 -21.67 45.08 10.97
N ILE C 336 -21.34 44.38 9.89
CA ILE C 336 -21.41 42.94 9.87
C ILE C 336 -20.47 42.30 10.88
N PRO C 337 -19.25 42.82 11.03
CA PRO C 337 -18.37 42.10 11.94
C PRO C 337 -18.98 41.90 13.32
N THR C 338 -19.85 42.83 13.73
CA THR C 338 -20.58 42.70 15.00
C THR C 338 -21.32 41.39 15.13
N TYR C 339 -21.95 40.97 14.05
CA TYR C 339 -22.74 39.74 14.03
C TYR C 339 -21.81 38.57 13.71
N LEU C 340 -20.92 38.79 12.73
CA LEU C 340 -20.10 37.71 12.15
C LEU C 340 -18.59 37.93 12.25
N GLY C 341 -18.15 39.11 12.67
CA GLY C 341 -16.74 39.44 12.64
C GLY C 341 -16.01 38.46 13.52
N ILE C 342 -14.70 38.33 13.37
CA ILE C 342 -13.92 39.06 12.38
C ILE C 342 -13.90 38.21 11.10
N PRO C 343 -13.79 38.86 9.93
CA PRO C 343 -13.88 38.08 8.69
C PRO C 343 -13.10 36.77 8.66
N ARG C 344 -13.66 35.80 7.98
CA ARG C 344 -13.03 34.50 7.77
C ARG C 344 -11.94 34.64 6.73
N TYR C 345 -12.26 35.41 5.68
CA TYR C 345 -11.40 35.48 4.49
C TYR C 345 -11.08 36.90 4.06
N ARG C 346 -9.86 37.06 3.56
CA ARG C 346 -9.42 38.31 2.98
C ARG C 346 -9.69 38.22 1.50
N PRO C 347 -10.36 39.23 0.92
CA PRO C 347 -10.74 39.14 -0.48
C PRO C 347 -9.71 39.82 -1.39
N ASP C 348 -9.72 39.46 -2.66
CA ASP C 348 -8.73 39.98 -3.59
C ASP C 348 -8.95 41.46 -3.85
N LYS C 349 -7.87 42.22 -3.81
CA LYS C 349 -7.91 43.63 -4.17
C LYS C 349 -6.76 43.93 -5.14
N ALA C 350 -7.08 44.67 -6.19
CA ALA C 350 -6.09 45.03 -7.20
C ALA C 350 -5.12 46.07 -6.66
N GLU C 351 -3.82 45.74 -6.70
CA GLU C 351 -2.75 46.64 -6.29
C GLU C 351 -2.74 47.89 -7.15
N THR C 352 -2.88 47.68 -8.46
CA THR C 352 -3.15 48.76 -9.42
C THR C 352 -2.18 49.96 -9.42
N GLU C 353 -0.90 49.72 -9.11
CA GLU C 353 0.18 50.66 -9.39
C GLU C 353 1.28 49.79 -9.98
N PRO C 354 2.00 50.27 -11.02
CA PRO C 354 2.98 49.38 -11.63
C PRO C 354 4.22 49.17 -10.76
N GLN C 355 4.94 48.08 -11.04
CA GLN C 355 6.14 47.75 -10.30
C GLN C 355 7.13 46.96 -11.18
N VAL C 356 8.42 47.06 -10.86
CA VAL C 356 9.43 46.32 -11.59
C VAL C 356 9.33 44.85 -11.25
N GLY C 357 9.20 44.04 -12.28
CA GLY C 357 9.34 42.60 -12.16
C GLY C 357 8.23 41.98 -11.35
N THR C 358 6.99 42.28 -11.74
CA THR C 358 5.81 41.71 -11.10
C THR C 358 4.67 41.82 -12.12
N ALA C 359 3.75 40.85 -12.10
CA ALA C 359 2.65 40.81 -13.05
C ALA C 359 1.41 40.23 -12.43
N GLN C 360 0.26 40.38 -13.10
CA GLN C 360 -1.02 39.90 -12.59
C GLN C 360 -1.51 38.73 -13.41
N GLY C 361 -1.76 37.62 -12.75
CA GLY C 361 -2.15 36.37 -13.40
C GLY C 361 -3.30 35.76 -12.66
N LEU C 362 -4.18 35.10 -13.41
CA LEU C 362 -5.44 34.64 -12.86
C LEU C 362 -5.50 33.13 -12.84
N ALA C 363 -6.10 32.58 -11.79
CA ALA C 363 -6.15 31.13 -11.60
C ALA C 363 -7.56 30.68 -11.26
N TRP C 364 -7.79 29.40 -11.48
CA TRP C 364 -9.10 28.82 -11.35
C TRP C 364 -9.10 27.68 -10.31
N THR C 365 -9.84 27.90 -9.23
CA THR C 365 -10.08 26.90 -8.21
C THR C 365 -11.56 26.60 -8.23
N PRO C 366 -11.96 25.33 -8.19
CA PRO C 366 -13.38 25.01 -8.32
C PRO C 366 -14.35 25.85 -7.50
N VAL C 367 -13.88 26.44 -6.40
CA VAL C 367 -14.72 27.31 -5.57
C VAL C 367 -14.76 28.77 -6.06
N GLY C 368 -14.27 29.01 -7.28
CA GLY C 368 -14.27 30.36 -7.87
C GLY C 368 -13.11 30.60 -8.82
N GLY C 369 -12.59 31.81 -8.81
CA GLY C 369 -11.38 32.15 -9.54
C GLY C 369 -10.56 33.08 -8.67
N THR C 370 -9.25 33.08 -8.84
CA THR C 370 -8.38 33.90 -7.99
C THR C 370 -7.56 34.85 -8.81
N LEU C 371 -7.15 35.93 -8.18
CA LEU C 371 -6.22 36.87 -8.77
C LEU C 371 -4.87 36.64 -8.11
N LEU C 372 -3.87 36.23 -8.87
CA LEU C 372 -2.56 35.89 -8.33
C LEU C 372 -1.44 36.65 -9.02
N THR C 373 -0.35 36.82 -8.29
CA THR C 373 0.70 37.73 -8.68
C THR C 373 2.05 37.04 -8.72
N ILE C 374 2.57 36.86 -9.94
CA ILE C 374 3.93 36.37 -10.12
C ILE C 374 4.81 37.56 -9.81
N GLU C 375 5.89 37.31 -9.08
CA GLU C 375 6.85 38.37 -8.78
C GLU C 375 8.22 37.79 -9.01
N VAL C 376 9.09 38.57 -9.64
CA VAL C 376 10.41 38.10 -10.05
C VAL C 376 11.50 39.09 -9.65
N ALA C 377 12.67 38.53 -9.33
CA ALA C 377 13.84 39.31 -8.97
C ALA C 377 14.95 39.06 -9.99
N ALA C 378 15.86 40.01 -10.08
CA ALA C 378 17.08 39.84 -10.83
C ALA C 378 18.21 40.37 -9.96
N VAL C 379 19.12 39.49 -9.59
CA VAL C 379 20.24 39.86 -8.76
C VAL C 379 21.51 39.54 -9.54
N PRO C 380 22.57 40.36 -9.38
CA PRO C 380 23.79 39.91 -10.03
C PRO C 380 24.00 38.46 -9.62
N GLY C 381 24.29 37.59 -10.59
CA GLY C 381 24.23 36.14 -10.37
C GLY C 381 25.26 35.30 -11.10
N SER C 382 25.09 33.98 -10.95
CA SER C 382 25.90 32.96 -11.62
C SER C 382 25.16 32.38 -12.83
N GLY C 383 23.89 32.73 -12.98
CA GLY C 383 23.06 32.22 -14.10
C GLY C 383 22.06 31.15 -13.69
N LYS C 384 21.70 31.13 -12.41
CA LYS C 384 20.78 30.14 -11.87
C LYS C 384 19.32 30.58 -12.09
N LEU C 385 18.42 29.83 -11.47
CA LEU C 385 17.00 30.10 -11.50
C LEU C 385 16.44 29.37 -10.27
N SER C 386 15.60 30.04 -9.49
CA SER C 386 14.85 29.39 -8.42
C SER C 386 13.39 29.59 -8.76
N LEU C 387 12.59 28.55 -8.61
CA LEU C 387 11.15 28.66 -8.86
C LEU C 387 10.39 28.28 -7.59
N THR C 388 10.03 29.29 -6.80
CA THR C 388 9.45 29.08 -5.47
C THR C 388 8.01 29.53 -5.46
N GLY C 389 7.30 29.25 -4.37
CA GLY C 389 5.87 29.46 -4.29
C GLY C 389 5.10 28.16 -4.48
N GLN C 390 5.79 27.05 -4.20
CA GLN C 390 5.20 25.73 -4.30
C GLN C 390 4.60 25.54 -5.68
N LEU C 391 5.42 25.71 -6.70
CA LEU C 391 4.95 25.59 -8.10
C LEU C 391 4.93 24.14 -8.57
N GLY C 392 3.90 23.77 -9.33
CA GLY C 392 3.82 22.43 -9.87
C GLY C 392 4.92 22.26 -10.89
N GLU C 393 5.00 21.10 -11.53
CA GLU C 393 6.11 20.85 -12.45
C GLU C 393 5.86 21.47 -13.82
N VAL C 394 4.63 21.41 -14.31
CA VAL C 394 4.29 22.01 -15.62
C VAL C 394 4.52 23.52 -15.56
N MET C 395 4.16 24.12 -14.44
CA MET C 395 4.31 25.55 -14.27
C MET C 395 5.78 25.93 -14.26
N LYS C 396 6.62 25.12 -13.66
CA LYS C 396 8.06 25.36 -13.69
C LYS C 396 8.62 25.20 -15.11
N GLU C 397 8.11 24.23 -15.86
CA GLU C 397 8.54 24.04 -17.25
C GLU C 397 8.15 25.27 -18.08
N SER C 398 7.01 25.89 -17.81
CA SER C 398 6.58 27.05 -18.58
C SER C 398 7.45 28.27 -18.31
N ALA C 399 7.98 28.37 -17.09
CA ALA C 399 8.87 29.48 -16.71
C ALA C 399 10.16 29.40 -17.49
N GLN C 400 10.64 28.17 -17.65
CA GLN C 400 11.84 27.94 -18.41
C GLN C 400 11.57 28.42 -19.83
N ALA C 401 10.46 27.96 -20.40
CA ALA C 401 10.06 28.31 -21.77
C ALA C 401 9.91 29.81 -21.93
N ALA C 402 9.38 30.46 -20.90
CA ALA C 402 9.27 31.90 -20.89
C ALA C 402 10.64 32.50 -20.80
N LEU C 403 11.43 32.02 -19.86
CA LEU C 403 12.77 32.53 -19.66
C LEU C 403 13.61 32.45 -20.93
N THR C 404 13.46 31.34 -21.67
CA THR C 404 14.29 31.06 -22.85
C THR C 404 13.96 31.95 -24.07
N TYR C 405 12.68 32.21 -24.33
CA TYR C 405 12.29 33.13 -25.39
C TYR C 405 13.10 34.42 -25.24
N LEU C 406 13.05 34.98 -24.05
CA LEU C 406 13.75 36.21 -23.78
C LEU C 406 15.23 36.03 -24.04
N ARG C 407 15.81 34.93 -23.56
CA ARG C 407 17.20 34.66 -23.87
C ARG C 407 17.43 34.58 -25.38
N ALA C 408 16.39 34.23 -26.11
CA ALA C 408 16.46 34.17 -27.58
C ALA C 408 16.00 35.44 -28.29
N HIS C 409 15.83 36.54 -27.55
CA HIS C 409 15.39 37.81 -28.13
C HIS C 409 15.88 38.99 -27.28
N THR C 410 17.19 39.12 -27.13
CA THR C 410 17.76 40.08 -26.18
C THR C 410 17.57 41.55 -26.58
N GLN C 411 17.96 41.89 -27.80
CA GLN C 411 17.86 43.28 -28.26
C GLN C 411 16.42 43.71 -28.40
N ASP C 412 15.60 42.79 -28.91
CA ASP C 412 14.25 43.11 -29.32
C ASP C 412 13.45 43.77 -28.20
N TYR C 413 13.73 43.40 -26.95
CA TYR C 413 13.10 44.02 -25.77
C TYR C 413 14.08 44.79 -24.86
N GLY C 414 15.25 45.14 -25.41
CA GLY C 414 16.26 45.91 -24.67
C GLY C 414 16.68 45.28 -23.36
N LEU C 415 16.97 43.98 -23.42
CA LEU C 415 17.42 43.23 -22.25
C LEU C 415 18.93 43.17 -22.26
N PRO C 416 19.55 43.01 -21.09
CA PRO C 416 21.00 42.77 -21.00
C PRO C 416 21.42 41.59 -21.88
N GLU C 417 22.45 41.75 -22.69
CA GLU C 417 22.82 40.70 -23.65
C GLU C 417 23.39 39.47 -22.98
N ASP C 418 24.09 39.68 -21.87
CA ASP C 418 24.78 38.59 -21.17
C ASP C 418 24.05 38.09 -19.92
N PHE C 419 22.77 38.44 -19.75
CA PHE C 419 22.06 38.06 -18.52
C PHE C 419 22.11 36.56 -18.30
N TYR C 420 21.97 35.78 -19.36
CA TYR C 420 22.07 34.32 -19.26
C TYR C 420 23.30 33.87 -18.46
N ASN C 421 24.30 34.74 -18.36
CA ASN C 421 25.59 34.41 -17.76
C ASN C 421 25.84 35.07 -16.42
N LYS C 422 25.20 36.21 -16.14
CA LYS C 422 25.59 37.07 -15.02
C LYS C 422 24.54 37.24 -13.91
N VAL C 423 23.27 37.10 -14.28
CA VAL C 423 22.15 37.48 -13.42
C VAL C 423 21.42 36.23 -12.96
N ASP C 424 21.08 36.20 -11.68
CA ASP C 424 20.28 35.12 -11.10
C ASP C 424 18.85 35.59 -10.97
N LEU C 425 17.92 34.74 -11.39
CA LEU C 425 16.50 35.07 -11.31
C LEU C 425 15.83 34.27 -10.22
N HIS C 426 14.61 34.67 -9.93
CA HIS C 426 13.80 34.01 -8.93
C HIS C 426 12.36 34.33 -9.30
N VAL C 427 11.51 33.32 -9.37
CA VAL C 427 10.10 33.53 -9.60
C VAL C 427 9.31 33.10 -8.39
N HIS C 428 8.62 34.04 -7.77
CA HIS C 428 7.80 33.75 -6.62
C HIS C 428 6.35 34.06 -6.90
N VAL C 429 5.47 33.32 -6.24
CA VAL C 429 4.03 33.43 -6.45
C VAL C 429 3.38 33.22 -5.08
N PRO C 430 3.25 34.29 -4.30
CA PRO C 430 2.62 34.17 -2.99
C PRO C 430 1.16 33.68 -3.00
N ASP C 431 0.66 33.16 -1.89
CA ASP C 431 1.45 33.00 -0.66
C ASP C 431 2.31 31.75 -0.86
N GLY C 432 3.16 31.46 0.13
CA GLY C 432 4.20 30.43 0.03
C GLY C 432 3.75 29.00 0.21
N ALA C 433 2.54 28.80 0.70
CA ALA C 433 2.09 27.49 1.19
C ALA C 433 0.95 26.82 0.39
N THR C 434 0.44 27.43 -0.67
CA THR C 434 -0.75 26.86 -1.36
C THR C 434 -0.42 26.43 -2.75
N PRO C 435 -0.35 25.11 -3.00
CA PRO C 435 0.29 24.69 -4.23
C PRO C 435 -0.42 25.19 -5.49
N LYS C 436 0.39 25.54 -6.48
CA LYS C 436 -0.11 25.98 -7.76
C LYS C 436 0.52 25.13 -8.85
N ASP C 437 -0.07 25.15 -10.03
CA ASP C 437 0.43 24.38 -11.16
C ASP C 437 -0.32 24.84 -12.40
N GLY C 438 0.13 24.32 -13.55
CA GLY C 438 -0.48 24.62 -14.83
C GLY C 438 0.42 25.48 -15.70
N PRO C 439 0.19 25.48 -17.03
CA PRO C 439 1.12 26.18 -17.85
C PRO C 439 0.59 27.51 -18.31
N SER C 440 -0.58 27.90 -17.83
CA SER C 440 -1.32 29.03 -18.40
C SER C 440 -0.71 30.38 -18.04
N ALA C 441 0.17 30.41 -17.04
CA ALA C 441 0.84 31.65 -16.66
C ALA C 441 1.96 31.92 -17.61
N GLY C 442 2.05 31.14 -18.67
CA GLY C 442 3.21 31.22 -19.51
C GLY C 442 3.55 32.67 -19.78
N ILE C 443 2.55 33.45 -20.18
CA ILE C 443 2.75 34.85 -20.53
C ILE C 443 2.96 35.77 -19.34
N THR C 444 2.28 35.48 -18.23
CA THR C 444 2.43 36.26 -17.02
C THR C 444 3.87 36.23 -16.53
N MET C 445 4.49 35.05 -16.59
CA MET C 445 5.87 34.87 -16.14
C MET C 445 6.84 35.55 -17.08
N ALA C 446 6.58 35.44 -18.37
CA ALA C 446 7.41 36.10 -19.37
C ALA C 446 7.46 37.61 -19.15
N THR C 447 6.31 38.17 -18.78
CA THR C 447 6.19 39.60 -18.52
C THR C 447 6.98 40.00 -17.27
N ALA C 448 6.76 39.32 -16.16
CA ALA C 448 7.44 39.65 -14.91
C ALA C 448 8.95 39.50 -15.08
N ILE C 449 9.36 38.49 -15.85
CA ILE C 449 10.78 38.28 -16.16
C ILE C 449 11.34 39.48 -16.91
N ALA C 450 10.70 39.81 -18.03
CA ALA C 450 11.19 40.83 -18.95
C ALA C 450 11.41 42.17 -18.28
N SER C 451 10.47 42.56 -17.42
CA SER C 451 10.60 43.81 -16.67
C SER C 451 11.83 43.75 -15.80
N ALA C 452 11.94 42.68 -15.04
CA ALA C 452 13.01 42.53 -14.05
C ALA C 452 14.38 42.70 -14.69
N LEU C 453 14.56 42.11 -15.87
CA LEU C 453 15.80 42.23 -16.60
C LEU C 453 15.91 43.60 -17.23
N SER C 454 14.91 43.95 -18.04
CA SER C 454 14.90 45.25 -18.72
C SER C 454 14.85 46.42 -17.74
N ARG C 455 14.38 46.13 -16.54
CA ARG C 455 14.23 47.11 -15.48
C ARG C 455 13.06 48.07 -15.76
N ARG C 456 12.18 47.65 -16.67
CA ARG C 456 11.05 48.47 -17.09
C ARG C 456 9.83 48.07 -16.31
N PRO C 457 9.18 49.03 -15.63
CA PRO C 457 8.07 48.58 -14.81
C PRO C 457 7.01 47.91 -15.66
N ALA C 458 6.23 47.05 -15.03
CA ALA C 458 5.06 46.45 -15.66
C ALA C 458 3.81 46.98 -14.96
N ARG C 459 2.80 47.30 -15.75
CA ARG C 459 1.57 47.85 -15.19
C ARG C 459 0.69 46.76 -14.60
N MET C 460 -0.07 47.16 -13.58
CA MET C 460 -0.84 46.27 -12.74
C MET C 460 -2.32 46.62 -12.69
N ASP C 461 -2.77 47.37 -13.70
CA ASP C 461 -4.18 47.62 -13.92
C ASP C 461 -4.62 46.81 -15.13
N ILE C 462 -3.75 45.88 -15.56
CA ILE C 462 -4.06 44.88 -16.56
C ILE C 462 -3.75 43.51 -15.97
N ALA C 463 -4.62 42.55 -16.27
CA ALA C 463 -4.49 41.20 -15.79
C ALA C 463 -4.57 40.26 -16.99
N MET C 464 -3.88 39.13 -16.91
CA MET C 464 -3.65 38.33 -18.10
C MET C 464 -3.53 36.85 -17.84
N THR C 465 -3.93 36.05 -18.82
CA THR C 465 -3.70 34.62 -18.78
C THR C 465 -3.57 34.04 -20.19
N GLY C 466 -2.44 33.38 -20.42
CA GLY C 466 -2.13 32.75 -21.69
C GLY C 466 -0.93 31.83 -21.53
N GLU C 467 -0.94 30.71 -22.28
CA GLU C 467 0.21 29.82 -22.34
C GLU C 467 1.14 30.27 -23.46
N VAL C 468 2.44 30.12 -23.24
CA VAL C 468 3.45 30.55 -24.21
C VAL C 468 4.24 29.34 -24.68
N SER C 469 4.77 29.44 -25.88
CA SER C 469 5.62 28.41 -26.46
C SER C 469 7.02 28.98 -26.66
N LEU C 470 7.97 28.14 -27.07
CA LEU C 470 9.33 28.64 -27.34
C LEU C 470 9.30 29.76 -28.36
N ARG C 471 8.58 29.55 -29.46
CA ARG C 471 8.43 30.57 -30.50
C ARG C 471 7.83 31.85 -29.93
N GLY C 472 7.01 31.72 -28.91
CA GLY C 472 6.39 32.87 -28.28
C GLY C 472 4.92 32.95 -28.62
N LYS C 473 4.47 32.05 -29.49
CA LYS C 473 3.06 32.00 -29.88
C LYS C 473 2.25 31.74 -28.65
N VAL C 474 1.16 32.49 -28.49
CA VAL C 474 0.32 32.38 -27.29
C VAL C 474 -0.82 31.40 -27.55
N MET C 475 -0.62 30.18 -27.07
CA MET C 475 -1.61 29.14 -27.19
C MET C 475 -2.70 29.40 -26.17
N PRO C 476 -3.91 28.83 -26.40
CA PRO C 476 -5.04 29.19 -25.58
C PRO C 476 -5.08 28.39 -24.33
N ILE C 477 -5.89 28.89 -23.42
CA ILE C 477 -6.11 28.28 -22.11
C ILE C 477 -7.59 28.18 -21.81
N GLY C 478 -7.91 27.61 -20.66
CA GLY C 478 -9.30 27.46 -20.26
C GLY C 478 -9.49 27.97 -18.85
N GLY C 479 -10.74 28.08 -18.45
CA GLY C 479 -11.07 28.72 -17.19
C GLY C 479 -11.46 30.16 -17.40
N VAL C 480 -11.98 30.46 -18.59
CA VAL C 480 -12.11 31.84 -19.04
C VAL C 480 -13.12 32.58 -18.19
N LYS C 481 -14.32 32.02 -18.12
CA LYS C 481 -15.42 32.65 -17.40
C LYS C 481 -15.01 32.98 -15.96
N GLU C 482 -14.43 31.98 -15.30
CA GLU C 482 -14.10 32.03 -13.88
C GLU C 482 -13.04 33.06 -13.49
N LYS C 483 -12.01 33.16 -14.33
CA LYS C 483 -10.83 33.98 -14.04
C LYS C 483 -11.13 35.45 -14.26
N LEU C 484 -11.80 35.73 -15.38
CA LEU C 484 -12.15 37.09 -15.73
C LEU C 484 -13.05 37.72 -14.66
N LEU C 485 -14.09 36.99 -14.24
CA LEU C 485 -14.97 37.45 -13.18
C LEU C 485 -14.13 37.80 -11.96
N ALA C 486 -13.19 36.93 -11.66
CA ALA C 486 -12.28 37.13 -10.52
C ALA C 486 -11.59 38.47 -10.59
N ALA C 487 -11.17 38.86 -11.79
CA ALA C 487 -10.52 40.14 -12.00
C ALA C 487 -11.50 41.28 -11.77
N HIS C 488 -12.67 41.19 -12.41
CA HIS C 488 -13.68 42.24 -12.33
C HIS C 488 -14.08 42.53 -10.89
N GLN C 489 -14.52 41.49 -10.17
CA GLN C 489 -14.87 41.65 -8.78
C GLN C 489 -13.67 42.24 -8.05
N ALA C 490 -12.47 41.80 -8.41
CA ALA C 490 -11.24 42.35 -7.84
C ALA C 490 -11.01 43.80 -8.24
N GLY C 491 -11.63 44.23 -9.32
CA GLY C 491 -11.63 45.63 -9.73
C GLY C 491 -10.63 45.97 -10.81
N ILE C 492 -10.37 45.01 -11.70
CA ILE C 492 -9.51 45.22 -12.85
C ILE C 492 -10.35 45.06 -14.09
N HIS C 493 -10.27 46.03 -14.99
CA HIS C 493 -11.15 46.08 -16.16
C HIS C 493 -10.43 45.91 -17.49
N LYS C 494 -9.13 45.69 -17.44
CA LYS C 494 -8.35 45.45 -18.64
C LYS C 494 -7.80 44.03 -18.59
N ILE C 495 -7.85 43.34 -19.72
CA ILE C 495 -7.58 41.90 -19.79
C ILE C 495 -6.71 41.58 -21.01
N VAL C 496 -5.85 40.58 -20.87
CA VAL C 496 -5.06 40.08 -21.99
C VAL C 496 -5.30 38.60 -22.08
N LEU C 497 -5.58 38.13 -23.28
CA LEU C 497 -6.14 36.81 -23.46
C LEU C 497 -5.71 36.28 -24.81
N PRO C 498 -5.49 34.96 -24.92
CA PRO C 498 -5.25 34.39 -26.24
C PRO C 498 -6.42 34.64 -27.17
N LYS C 499 -6.16 34.81 -28.46
CA LYS C 499 -7.25 34.98 -29.42
C LYS C 499 -8.09 33.71 -29.42
N ASP C 500 -7.43 32.57 -29.57
CA ASP C 500 -8.10 31.26 -29.62
C ASP C 500 -9.19 31.11 -28.55
N ASN C 501 -8.99 31.77 -27.42
CA ASN C 501 -9.98 31.79 -26.35
C ASN C 501 -11.11 32.81 -26.52
N GLU C 502 -11.17 33.48 -27.68
CA GLU C 502 -12.25 34.43 -27.94
C GLU C 502 -13.59 33.70 -27.96
N ALA C 503 -13.60 32.46 -28.45
CA ALA C 503 -14.84 31.71 -28.55
C ALA C 503 -15.63 31.67 -27.25
N GLN C 504 -14.91 31.61 -26.13
CA GLN C 504 -15.53 31.38 -24.83
C GLN C 504 -15.90 32.63 -24.03
N LEU C 505 -15.86 33.79 -24.68
CA LEU C 505 -16.31 35.02 -24.04
C LEU C 505 -17.83 35.06 -23.99
N GLU C 506 -18.48 34.31 -24.88
CA GLU C 506 -19.96 34.22 -24.85
C GLU C 506 -20.44 33.79 -23.47
N GLU C 507 -19.61 32.99 -22.79
CA GLU C 507 -19.93 32.43 -21.48
C GLU C 507 -20.15 33.47 -20.38
N LEU C 508 -19.38 34.55 -20.40
CA LEU C 508 -19.49 35.57 -19.38
C LEU C 508 -20.82 36.29 -19.51
N PRO C 509 -21.34 36.84 -18.39
CA PRO C 509 -22.56 37.62 -18.51
C PRO C 509 -22.30 38.88 -19.30
N LYS C 510 -23.31 39.37 -20.01
CA LYS C 510 -23.13 40.53 -20.88
C LYS C 510 -22.60 41.70 -20.07
N GLU C 511 -23.20 41.96 -18.92
CA GLU C 511 -22.86 43.12 -18.10
C GLU C 511 -21.41 43.16 -17.64
N VAL C 512 -20.76 42.02 -17.52
CA VAL C 512 -19.33 42.02 -17.20
C VAL C 512 -18.53 42.35 -18.46
N LEU C 513 -18.88 41.70 -19.57
CA LEU C 513 -18.21 41.95 -20.85
C LEU C 513 -18.16 43.43 -21.11
N GLU C 514 -19.30 44.09 -20.92
CA GLU C 514 -19.38 45.54 -21.02
C GLU C 514 -18.36 46.17 -20.08
N GLY C 515 -18.18 45.54 -18.93
CA GLY C 515 -17.25 46.00 -17.90
C GLY C 515 -15.76 46.02 -18.24
N LEU C 516 -15.30 45.12 -19.11
CA LEU C 516 -13.87 44.97 -19.37
C LEU C 516 -13.44 45.34 -20.79
N GLU C 517 -12.18 45.77 -20.92
CA GLU C 517 -11.53 46.00 -22.22
C GLU C 517 -10.52 44.88 -22.48
N ILE C 518 -10.84 44.03 -23.45
CA ILE C 518 -10.08 42.82 -23.67
C ILE C 518 -9.18 42.93 -24.90
N LYS C 519 -7.88 42.75 -24.68
CA LYS C 519 -6.93 42.63 -25.78
C LYS C 519 -6.69 41.15 -26.07
N LEU C 520 -6.74 40.79 -27.35
CA LEU C 520 -6.49 39.41 -27.77
C LEU C 520 -5.15 39.32 -28.48
N VAL C 521 -4.34 38.33 -28.09
CA VAL C 521 -2.98 38.21 -28.59
C VAL C 521 -2.76 36.86 -29.28
N GLU C 522 -1.92 36.84 -30.30
CA GLU C 522 -1.51 35.60 -30.99
C GLU C 522 -0.03 35.32 -30.82
N ASP C 523 0.73 36.39 -30.58
CA ASP C 523 2.16 36.29 -30.32
C ASP C 523 2.42 37.03 -29.04
N VAL C 524 3.52 36.69 -28.39
CA VAL C 524 3.83 37.26 -27.07
C VAL C 524 4.51 38.61 -27.16
N GLY C 525 4.79 39.08 -28.36
CA GLY C 525 5.23 40.46 -28.52
C GLY C 525 4.17 41.41 -28.00
N GLU C 526 2.94 41.18 -28.48
CA GLU C 526 1.77 42.02 -28.14
C GLU C 526 1.69 42.22 -26.63
N VAL C 527 1.93 41.14 -25.91
CA VAL C 527 1.78 41.09 -24.46
C VAL C 527 2.74 42.06 -23.78
N LEU C 528 3.92 42.22 -24.35
CA LEU C 528 4.97 43.04 -23.76
C LEU C 528 5.03 44.46 -24.33
N GLU C 529 4.37 44.70 -25.46
CA GLU C 529 4.18 46.07 -25.94
C GLU C 529 3.12 46.77 -25.08
N TYR C 530 2.07 46.04 -24.78
CA TYR C 530 0.93 46.57 -24.02
C TYR C 530 1.25 46.75 -22.55
N LEU C 531 2.18 45.96 -22.03
CA LEU C 531 2.34 45.80 -20.57
C LEU C 531 3.52 46.51 -19.94
N LEU C 532 4.55 46.77 -20.74
CA LEU C 532 5.79 47.32 -20.21
C LEU C 532 5.88 48.80 -20.54
N LEU C 533 6.03 49.62 -19.50
CA LEU C 533 6.23 51.06 -19.71
C LEU C 533 7.53 51.26 -20.50
N PRO C 534 7.56 52.29 -21.36
CA PRO C 534 8.71 52.41 -22.24
C PRO C 534 10.01 52.62 -21.48
N GLU C 535 9.93 53.35 -20.36
CA GLU C 535 11.14 53.86 -19.69
C GLU C 535 11.47 53.14 -18.39
N PRO C 536 12.76 52.78 -18.18
CA PRO C 536 13.13 51.96 -17.02
C PRO C 536 13.28 52.72 -15.70
N THR C 537 12.55 52.29 -14.68
CA THR C 537 12.53 52.96 -13.36
C THR C 537 13.74 52.68 -12.48
N MET C 538 14.72 51.92 -12.97
CA MET C 538 15.84 51.49 -12.16
C MET C 538 17.09 51.21 -13.03
N PRO C 539 18.26 50.99 -12.39
CA PRO C 539 19.47 50.78 -13.17
C PRO C 539 19.65 49.32 -13.58
N PRO C 540 20.03 49.07 -14.86
CA PRO C 540 20.16 47.67 -15.28
C PRO C 540 21.15 46.95 -14.38
N VAL C 541 21.13 45.62 -14.45
CA VAL C 541 21.76 44.80 -13.40
C VAL C 541 23.29 44.67 -13.54
N VAL C 542 23.86 45.24 -14.61
CA VAL C 542 25.31 45.45 -14.72
C VAL C 542 25.59 46.73 -15.53
N SER D 6 -26.14 -44.13 10.33
CA SER D 6 -25.17 -45.04 9.63
C SER D 6 -23.94 -45.31 10.51
N ASP D 7 -22.87 -45.82 9.93
CA ASP D 7 -21.62 -45.93 10.63
C ASP D 7 -21.04 -44.54 10.78
N LEU D 8 -21.75 -43.58 10.20
CA LEU D 8 -21.49 -42.20 10.46
C LEU D 8 -22.09 -41.90 11.82
N GLU D 9 -23.14 -42.63 12.18
CA GLU D 9 -23.48 -42.73 13.58
C GLU D 9 -22.33 -43.50 14.18
N ALA D 10 -22.01 -44.64 13.60
CA ALA D 10 -21.08 -45.56 14.23
C ALA D 10 -19.79 -44.84 14.52
N LEU D 11 -19.34 -44.05 13.56
CA LEU D 11 -18.11 -43.32 13.71
C LEU D 11 -18.18 -42.51 14.99
N ARG D 12 -19.40 -42.07 15.30
CA ARG D 12 -19.63 -41.30 16.50
C ARG D 12 -19.19 -42.13 17.68
N LYS D 13 -19.58 -43.40 17.64
CA LYS D 13 -19.38 -44.28 18.78
C LYS D 13 -17.90 -44.46 19.07
N LYS D 14 -17.10 -44.65 18.03
CA LYS D 14 -15.66 -44.86 18.19
C LYS D 14 -15.00 -43.65 18.82
N ILE D 15 -15.67 -42.51 18.67
CA ILE D 15 -15.07 -41.24 18.95
C ILE D 15 -14.90 -41.10 20.45
N GLU D 16 -15.70 -41.86 21.17
CA GLU D 16 -15.44 -42.04 22.58
C GLU D 16 -14.12 -42.76 22.78
N GLU D 17 -13.79 -43.66 21.86
CA GLU D 17 -12.69 -44.58 22.06
C GLU D 17 -11.34 -43.92 22.33
N VAL D 18 -11.05 -42.86 21.59
CA VAL D 18 -9.66 -42.39 21.47
C VAL D 18 -9.04 -41.87 22.78
N GLY D 19 -9.74 -41.01 23.51
CA GLY D 19 -9.33 -40.68 24.89
C GLY D 19 -9.13 -39.21 25.27
N MET D 20 -10.04 -38.35 24.86
CA MET D 20 -10.00 -36.98 25.37
C MET D 20 -10.03 -37.06 26.89
N PRO D 21 -9.47 -36.05 27.56
CA PRO D 21 -9.95 -35.84 28.93
C PRO D 21 -11.47 -35.66 28.82
N GLU D 22 -12.21 -36.07 29.84
CA GLU D 22 -13.69 -35.95 29.83
C GLU D 22 -14.16 -34.58 29.34
N ALA D 23 -13.38 -33.54 29.67
CA ALA D 23 -13.69 -32.17 29.28
C ALA D 23 -13.85 -32.08 27.77
N VAL D 24 -12.80 -32.51 27.07
CA VAL D 24 -12.80 -32.47 25.61
C VAL D 24 -13.92 -33.39 25.11
N LYS D 25 -14.08 -34.53 25.76
CA LYS D 25 -15.06 -35.49 25.29
C LYS D 25 -16.44 -34.83 25.31
N THR D 26 -16.78 -34.22 26.44
CA THR D 26 -18.09 -33.59 26.59
C THR D 26 -18.30 -32.47 25.59
N LYS D 27 -17.30 -31.61 25.45
CA LYS D 27 -17.34 -30.54 24.46
C LYS D 27 -17.62 -31.09 23.06
N ALA D 28 -16.91 -32.16 22.71
CA ALA D 28 -17.10 -32.85 21.44
C ALA D 28 -18.54 -33.33 21.27
N LEU D 29 -19.07 -33.98 22.30
CA LEU D 29 -20.43 -34.51 22.26
C LEU D 29 -21.39 -33.39 21.92
N LYS D 30 -21.22 -32.24 22.59
CA LYS D 30 -22.07 -31.06 22.36
C LYS D 30 -22.10 -30.64 20.89
N GLU D 31 -20.93 -30.43 20.29
CA GLU D 31 -20.87 -30.02 18.90
C GLU D 31 -21.49 -31.07 17.98
N LEU D 32 -21.27 -32.35 18.30
CA LEU D 32 -21.86 -33.46 17.53
C LEU D 32 -23.39 -33.42 17.51
N ASP D 33 -23.98 -33.08 18.65
CA ASP D 33 -25.43 -32.95 18.73
C ASP D 33 -25.89 -31.82 17.82
N ARG D 34 -25.30 -30.65 18.01
CA ARG D 34 -25.63 -29.51 17.19
C ARG D 34 -25.61 -29.98 15.75
N LEU D 35 -24.48 -30.56 15.33
CA LEU D 35 -24.36 -31.13 14.00
C LEU D 35 -25.66 -31.81 13.57
N GLU D 36 -26.17 -32.70 14.42
CA GLU D 36 -27.38 -33.47 14.10
C GLU D 36 -28.49 -32.50 13.80
N ARG D 37 -28.63 -31.53 14.68
CA ARG D 37 -29.69 -30.55 14.59
C ARG D 37 -29.73 -29.99 13.20
N MET D 38 -28.54 -29.62 12.76
CA MET D 38 -28.40 -28.82 11.58
C MET D 38 -28.94 -29.58 10.38
N GLN D 39 -29.07 -28.85 9.28
CA GLN D 39 -29.89 -29.29 8.16
C GLN D 39 -29.40 -30.68 7.74
N GLN D 40 -28.08 -30.89 7.73
CA GLN D 40 -27.55 -32.25 7.74
C GLN D 40 -28.19 -33.01 6.57
N GLY D 41 -27.78 -32.71 5.33
CA GLY D 41 -26.59 -31.92 5.01
C GLY D 41 -26.84 -30.51 4.50
N SER D 42 -26.17 -29.57 5.14
CA SER D 42 -26.26 -28.15 4.84
C SER D 42 -24.88 -27.61 5.10
N PRO D 43 -24.57 -26.44 4.54
CA PRO D 43 -23.18 -25.95 4.61
C PRO D 43 -22.55 -25.96 6.00
N GLU D 44 -23.19 -25.34 6.99
CA GLU D 44 -22.56 -25.35 8.29
C GLU D 44 -22.47 -26.77 8.85
N ALA D 45 -23.50 -27.59 8.63
CA ALA D 45 -23.44 -28.98 9.08
C ALA D 45 -22.18 -29.68 8.56
N THR D 46 -21.86 -29.49 7.28
CA THR D 46 -20.71 -30.18 6.68
C THR D 46 -19.40 -29.71 7.32
N VAL D 47 -19.25 -28.41 7.55
CA VAL D 47 -18.05 -27.89 8.21
C VAL D 47 -17.97 -28.39 9.64
N ALA D 48 -19.12 -28.55 10.28
CA ALA D 48 -19.17 -29.11 11.63
C ALA D 48 -18.61 -30.52 11.61
N ARG D 49 -19.01 -31.29 10.60
CA ARG D 49 -18.50 -32.64 10.42
C ARG D 49 -16.97 -32.60 10.29
N THR D 50 -16.48 -31.66 9.49
CA THR D 50 -15.04 -31.52 9.26
C THR D 50 -14.32 -31.21 10.56
N TYR D 51 -14.81 -30.26 11.34
CA TYR D 51 -14.17 -30.00 12.61
C TYR D 51 -14.20 -31.29 13.40
N LEU D 52 -15.40 -31.84 13.58
CA LEU D 52 -15.52 -33.05 14.36
C LEU D 52 -14.40 -34.02 14.00
N ASP D 53 -14.24 -34.26 12.70
CA ASP D 53 -13.25 -35.20 12.17
C ASP D 53 -11.83 -34.81 12.57
N TRP D 54 -11.47 -33.56 12.29
CA TRP D 54 -10.21 -32.99 12.76
C TRP D 54 -10.02 -33.33 14.20
N LEU D 55 -10.92 -32.80 15.02
CA LEU D 55 -10.85 -32.90 16.45
C LEU D 55 -10.61 -34.34 16.89
N THR D 56 -11.45 -35.25 16.40
CA THR D 56 -11.34 -36.65 16.82
C THR D 56 -10.02 -37.34 16.44
N GLU D 57 -9.57 -37.13 15.20
CA GLU D 57 -8.45 -37.88 14.61
C GLU D 57 -7.07 -37.30 14.94
N VAL D 58 -7.04 -36.14 15.57
CA VAL D 58 -5.78 -35.57 16.07
C VAL D 58 -5.22 -36.55 17.12
N PRO D 59 -3.88 -36.76 17.19
CA PRO D 59 -3.43 -37.84 18.06
C PRO D 59 -3.52 -37.61 19.57
N TRP D 60 -4.43 -38.32 20.23
CA TRP D 60 -4.56 -38.28 21.70
C TRP D 60 -3.97 -39.50 22.39
N SER D 61 -2.89 -39.30 23.14
CA SER D 61 -2.26 -40.39 23.90
C SER D 61 -2.23 -41.73 23.17
N LYS D 62 -1.71 -41.72 21.95
CA LYS D 62 -1.46 -42.93 21.19
C LYS D 62 0.04 -43.02 21.06
N ALA D 63 0.75 -42.72 22.14
CA ALA D 63 2.22 -42.66 22.10
C ALA D 63 2.80 -43.96 21.56
N ASP D 64 4.11 -43.97 21.34
CA ASP D 64 4.83 -45.20 20.99
C ASP D 64 6.04 -45.31 21.92
N PRO D 65 6.58 -46.54 22.11
CA PRO D 65 7.54 -46.70 23.20
C PRO D 65 8.75 -45.83 22.98
N GLU D 66 9.09 -45.00 23.96
CA GLU D 66 10.24 -44.13 23.80
C GLU D 66 11.43 -44.97 24.16
N VAL D 67 12.25 -45.28 23.17
CA VAL D 67 13.54 -45.87 23.42
C VAL D 67 14.39 -44.80 24.10
N LEU D 68 15.31 -45.27 24.94
CA LEU D 68 16.12 -44.39 25.74
C LEU D 68 17.27 -43.84 24.94
N ASP D 69 17.86 -42.76 25.46
CA ASP D 69 19.16 -42.32 25.02
C ASP D 69 20.14 -43.36 25.55
N ILE D 70 21.37 -43.34 25.05
CA ILE D 70 22.38 -44.34 25.40
C ILE D 70 23.62 -44.02 24.55
N ASN D 71 24.71 -44.75 24.74
CA ASN D 71 25.74 -44.78 23.74
C ASN D 71 25.10 -45.03 22.37
N HIS D 72 24.25 -46.04 22.26
CA HIS D 72 23.70 -46.48 20.97
C HIS D 72 23.39 -45.31 20.03
N THR D 73 22.61 -44.33 20.50
CA THR D 73 22.30 -43.14 19.71
C THR D 73 23.57 -42.54 19.10
N ARG D 74 24.67 -42.57 19.85
CA ARG D 74 25.98 -42.15 19.34
C ARG D 74 26.37 -42.91 18.08
N GLN D 75 26.17 -44.22 18.07
CA GLN D 75 26.60 -45.05 16.96
C GLN D 75 25.66 -44.92 15.74
N VAL D 76 24.36 -44.70 15.96
CA VAL D 76 23.41 -44.49 14.86
C VAL D 76 23.89 -43.30 14.06
N LEU D 77 24.34 -42.27 14.79
CA LEU D 77 25.02 -41.14 14.19
C LEU D 77 26.21 -41.60 13.35
N ASP D 78 27.15 -42.32 13.96
CA ASP D 78 28.42 -42.69 13.30
C ASP D 78 28.23 -43.30 11.92
N GLU D 79 27.26 -44.18 11.75
CA GLU D 79 27.01 -44.78 10.44
C GLU D 79 26.31 -43.83 9.47
N ASP D 80 25.41 -42.96 9.95
CA ASP D 80 24.63 -42.09 9.07
C ASP D 80 25.35 -40.83 8.60
N HIS D 81 26.56 -40.56 9.10
CA HIS D 81 27.34 -39.40 8.68
C HIS D 81 28.83 -39.63 8.89
N TYR D 82 29.64 -39.05 8.01
CA TYR D 82 31.10 -39.08 8.18
C TYR D 82 31.57 -37.77 8.75
N GLY D 83 32.43 -37.83 9.77
CA GLY D 83 33.01 -36.64 10.39
C GLY D 83 32.11 -36.08 11.46
N LEU D 84 32.11 -34.76 11.61
CA LEU D 84 31.25 -34.12 12.60
C LEU D 84 31.60 -34.69 13.95
N LYS D 85 32.90 -34.74 14.25
CA LYS D 85 33.38 -35.33 15.50
C LYS D 85 32.71 -34.60 16.65
N ASP D 86 32.88 -33.29 16.67
CA ASP D 86 32.45 -32.42 17.76
C ASP D 86 30.93 -32.28 17.79
N VAL D 87 30.34 -32.04 16.63
CA VAL D 87 28.90 -31.82 16.51
C VAL D 87 28.20 -32.96 17.20
N LYS D 88 28.60 -34.18 16.84
CA LYS D 88 28.01 -35.36 17.41
C LYS D 88 28.12 -35.30 18.93
N GLU D 89 29.31 -35.01 19.44
CA GLU D 89 29.52 -34.94 20.89
C GLU D 89 28.51 -33.98 21.50
N ARG D 90 28.38 -32.81 20.88
CA ARG D 90 27.46 -31.77 21.34
C ARG D 90 26.02 -32.26 21.33
N ILE D 91 25.65 -32.94 20.25
CA ILE D 91 24.33 -33.56 20.15
C ILE D 91 24.16 -34.53 21.33
N LEU D 92 25.19 -35.35 21.51
CA LEU D 92 25.21 -36.37 22.55
C LEU D 92 25.15 -35.73 23.91
N GLU D 93 25.99 -34.73 24.12
CA GLU D 93 26.05 -34.03 25.42
C GLU D 93 24.72 -33.37 25.74
N TYR D 94 24.09 -32.78 24.74
CA TYR D 94 22.75 -32.22 24.90
C TYR D 94 21.78 -33.27 25.45
N LEU D 95 21.81 -34.46 24.85
CA LEU D 95 20.91 -35.52 25.24
C LEU D 95 21.18 -36.11 26.65
N ALA D 96 22.44 -36.13 27.08
CA ALA D 96 22.79 -36.64 28.40
C ALA D 96 22.00 -35.86 29.45
N VAL D 97 22.13 -34.54 29.41
CA VAL D 97 21.41 -33.68 30.34
C VAL D 97 19.92 -33.95 30.27
N ARG D 98 19.42 -34.14 29.04
CA ARG D 98 17.99 -34.35 28.82
C ARG D 98 17.47 -35.43 29.75
N GLN D 99 18.31 -36.44 30.00
CA GLN D 99 17.95 -37.53 30.89
C GLN D 99 17.58 -37.08 32.30
N LEU D 100 18.46 -36.28 32.90
CA LEU D 100 18.28 -35.82 34.26
C LEU D 100 16.96 -35.08 34.34
N THR D 101 16.76 -34.18 33.40
CA THR D 101 15.48 -33.52 33.23
C THR D 101 14.35 -34.55 33.10
N GLN D 102 14.65 -35.70 32.49
CA GLN D 102 13.72 -36.83 32.50
C GLN D 102 13.85 -37.65 33.78
N GLY D 103 14.89 -37.39 34.56
CA GLY D 103 14.93 -37.80 35.97
C GLY D 103 13.88 -37.01 36.76
N LEU D 104 13.40 -35.93 36.16
CA LEU D 104 12.20 -35.17 36.59
C LEU D 104 12.39 -34.35 37.88
N ASP D 105 13.51 -33.64 37.96
CA ASP D 105 13.71 -32.65 39.00
C ASP D 105 12.57 -31.62 38.90
N VAL D 106 12.38 -31.10 37.69
CA VAL D 106 11.16 -30.40 37.28
C VAL D 106 10.65 -31.25 36.10
N ARG D 107 9.37 -31.13 35.75
CA ARG D 107 8.85 -31.90 34.63
C ARG D 107 9.77 -31.72 33.44
N ASN D 108 9.97 -30.46 33.07
CA ASN D 108 10.91 -30.09 32.02
C ASN D 108 11.35 -28.64 32.14
N LYS D 109 12.61 -28.39 31.78
CA LYS D 109 13.14 -27.03 31.67
C LYS D 109 14.23 -26.93 30.58
N ALA D 110 14.23 -27.86 29.63
CA ALA D 110 15.30 -27.98 28.65
C ALA D 110 15.26 -26.88 27.61
N PRO D 111 16.38 -26.62 26.94
CA PRO D 111 16.38 -25.70 25.81
C PRO D 111 16.18 -26.48 24.52
N ILE D 112 15.40 -25.93 23.58
CA ILE D 112 15.33 -26.53 22.24
C ILE D 112 16.60 -26.18 21.49
N LEU D 113 16.89 -26.93 20.44
CA LEU D 113 18.10 -26.65 19.68
C LEU D 113 17.88 -26.42 18.20
N VAL D 114 18.86 -25.75 17.64
CA VAL D 114 18.88 -25.33 16.28
C VAL D 114 20.20 -25.84 15.73
N LEU D 115 20.19 -26.19 14.46
CA LEU D 115 21.38 -26.64 13.80
C LEU D 115 21.57 -25.67 12.65
N VAL D 116 22.70 -24.96 12.65
CA VAL D 116 22.93 -23.94 11.64
C VAL D 116 24.10 -24.26 10.75
N GLY D 117 23.83 -24.17 9.46
CA GLY D 117 24.82 -24.35 8.42
C GLY D 117 24.21 -24.11 7.06
N PRO D 118 25.02 -23.72 6.08
CA PRO D 118 24.46 -23.55 4.75
C PRO D 118 23.68 -24.79 4.28
N PRO D 119 22.96 -24.68 3.16
CA PRO D 119 22.18 -25.82 2.68
C PRO D 119 23.05 -26.93 2.12
N GLY D 120 22.68 -28.16 2.46
CA GLY D 120 23.43 -29.36 2.03
C GLY D 120 24.29 -30.01 3.11
N VAL D 121 24.57 -29.31 4.21
CA VAL D 121 25.43 -29.87 5.28
C VAL D 121 24.76 -30.95 6.14
N GLY D 122 23.52 -31.29 5.82
CA GLY D 122 22.87 -32.42 6.45
C GLY D 122 22.41 -32.13 7.86
N LYS D 123 21.82 -30.96 8.07
CA LYS D 123 21.12 -30.67 9.30
C LYS D 123 19.87 -31.54 9.30
N THR D 124 19.06 -31.32 8.26
CA THR D 124 17.77 -31.96 8.07
C THR D 124 17.77 -33.47 8.24
N SER D 125 18.92 -34.12 8.04
CA SER D 125 19.03 -35.56 8.20
C SER D 125 19.64 -36.01 9.54
N LEU D 126 20.37 -35.11 10.21
CA LEU D 126 20.91 -35.44 11.52
C LEU D 126 19.79 -35.79 12.46
N GLY D 127 18.80 -34.91 12.52
CA GLY D 127 17.61 -35.12 13.33
C GLY D 127 16.88 -36.38 12.92
N ARG D 128 16.83 -36.63 11.61
CA ARG D 128 16.21 -37.83 11.08
C ARG D 128 16.81 -39.06 11.76
N SER D 129 18.15 -39.05 11.87
CA SER D 129 18.91 -40.14 12.46
C SER D 129 19.11 -40.00 13.97
N ILE D 130 18.41 -39.07 14.60
CA ILE D 130 18.30 -39.02 16.05
C ILE D 130 16.95 -39.62 16.44
N ALA D 131 15.91 -39.24 15.70
CA ALA D 131 14.59 -39.85 15.85
C ALA D 131 14.75 -41.37 15.86
N ARG D 132 15.52 -41.87 14.90
CA ARG D 132 15.81 -43.28 14.78
C ARG D 132 16.42 -43.78 16.09
N SER D 133 17.30 -42.99 16.69
CA SER D 133 17.91 -43.35 17.97
C SER D 133 16.88 -43.65 19.06
N MET D 134 15.81 -42.87 19.12
CA MET D 134 14.78 -43.03 20.15
C MET D 134 13.55 -43.75 19.62
N ASN D 135 13.64 -44.32 18.42
CA ASN D 135 12.54 -45.09 17.83
C ASN D 135 11.31 -44.24 17.50
N ARG D 136 11.43 -42.92 17.66
CA ARG D 136 10.29 -42.04 17.51
C ARG D 136 10.04 -41.77 16.03
N LYS D 137 8.77 -41.66 15.65
CA LYS D 137 8.43 -41.24 14.29
C LYS D 137 9.12 -39.92 13.99
N PHE D 138 9.20 -39.57 12.72
CA PHE D 138 9.84 -38.34 12.29
C PHE D 138 8.94 -37.57 11.32
N HIS D 139 8.86 -36.26 11.51
CA HIS D 139 8.10 -35.40 10.60
C HIS D 139 8.83 -34.08 10.45
N ARG D 140 8.79 -33.53 9.23
CA ARG D 140 9.42 -32.25 8.98
C ARG D 140 8.37 -31.18 8.69
N ILE D 141 8.55 -30.03 9.32
CA ILE D 141 7.80 -28.84 8.98
C ILE D 141 8.80 -27.78 8.56
N SER D 142 8.58 -27.19 7.39
CA SER D 142 9.41 -26.10 6.92
C SER D 142 8.65 -24.82 7.14
N LEU D 143 9.22 -23.93 7.95
CA LEU D 143 8.51 -22.75 8.41
C LEU D 143 8.58 -21.57 7.47
N GLY D 144 9.68 -21.40 6.74
CA GLY D 144 9.82 -20.30 5.79
C GLY D 144 8.95 -20.48 4.55
N GLY D 145 8.34 -19.42 4.01
CA GLY D 145 8.30 -18.07 4.61
C GLY D 145 6.88 -17.74 5.00
N VAL D 146 6.65 -17.44 6.28
CA VAL D 146 5.30 -17.26 6.81
C VAL D 146 5.06 -15.82 7.27
N ARG D 147 4.28 -15.09 6.48
CA ARG D 147 3.84 -13.75 6.86
C ARG D 147 3.17 -13.78 8.22
N ASP D 148 2.25 -14.73 8.37
CA ASP D 148 1.19 -14.65 9.35
C ASP D 148 1.36 -15.59 10.53
N GLU D 149 1.22 -15.02 11.72
CA GLU D 149 1.11 -15.81 12.95
C GLU D 149 -0.08 -16.77 12.92
N ALA D 150 -1.02 -16.50 12.00
CA ALA D 150 -2.21 -17.33 11.84
C ALA D 150 -1.95 -18.77 11.41
N GLU D 151 -0.89 -19.03 10.65
CA GLU D 151 -0.64 -20.38 10.12
C GLU D 151 -0.33 -21.35 11.26
N ILE D 152 0.52 -20.93 12.19
CA ILE D 152 0.87 -21.76 13.34
C ILE D 152 -0.33 -21.92 14.27
N ARG D 153 -0.99 -20.81 14.58
CA ARG D 153 -2.15 -20.84 15.46
C ARG D 153 -3.44 -21.27 14.76
N GLY D 154 -3.57 -21.02 13.47
CA GLY D 154 -4.82 -21.28 12.77
C GLY D 154 -5.93 -20.32 13.16
N HIS D 155 -7.10 -20.54 12.55
CA HIS D 155 -8.23 -19.62 12.64
C HIS D 155 -9.29 -20.00 13.66
N ARG D 156 -10.42 -19.31 13.55
CA ARG D 156 -11.62 -19.47 14.34
C ARG D 156 -12.30 -20.78 13.94
N ARG D 157 -13.19 -21.30 14.77
CA ARG D 157 -13.75 -22.65 14.59
C ARG D 157 -14.81 -22.77 13.48
N THR D 158 -15.81 -21.89 13.53
CA THR D 158 -16.93 -21.93 12.59
C THR D 158 -16.91 -20.62 11.83
N TYR D 159 -15.74 -20.24 11.34
CA TYR D 159 -15.54 -18.85 11.01
C TYR D 159 -16.46 -18.20 9.98
N ILE D 160 -16.88 -18.90 8.91
CA ILE D 160 -16.71 -20.34 8.68
C ILE D 160 -15.29 -20.73 8.26
N GLY D 161 -14.67 -19.93 7.39
CA GLY D 161 -13.40 -20.29 6.74
C GLY D 161 -12.17 -20.34 7.64
N ALA D 162 -11.75 -21.56 7.99
CA ALA D 162 -10.61 -21.77 8.89
C ALA D 162 -10.04 -23.16 8.72
N MET D 163 -8.71 -23.25 8.72
CA MET D 163 -7.99 -24.54 8.78
C MET D 163 -7.11 -24.43 10.00
N PRO D 164 -6.73 -25.57 10.60
CA PRO D 164 -6.07 -25.46 11.90
C PRO D 164 -4.65 -24.88 11.88
N GLY D 165 -3.80 -25.38 10.99
CA GLY D 165 -2.44 -24.89 10.92
C GLY D 165 -1.36 -25.95 10.91
N LYS D 166 -0.12 -25.48 10.98
CA LYS D 166 1.05 -26.32 10.74
C LYS D 166 1.30 -27.34 11.82
N LEU D 167 1.10 -26.95 13.08
CA LEU D 167 1.38 -27.87 14.18
C LEU D 167 0.36 -28.99 14.23
N ILE D 168 -0.91 -28.62 14.18
CA ILE D 168 -1.98 -29.61 14.24
C ILE D 168 -1.84 -30.63 13.13
N HIS D 169 -1.76 -30.15 11.90
CA HIS D 169 -1.66 -31.06 10.76
C HIS D 169 -0.52 -32.04 11.01
N ALA D 170 0.66 -31.49 11.28
CA ALA D 170 1.83 -32.30 11.49
C ALA D 170 1.53 -33.34 12.56
N MET D 171 1.11 -32.86 13.71
CA MET D 171 0.82 -33.74 14.83
C MET D 171 -0.16 -34.81 14.40
N LYS D 172 -1.29 -34.36 13.88
CA LYS D 172 -2.36 -35.26 13.51
C LYS D 172 -1.84 -36.30 12.56
N GLN D 173 -1.09 -35.82 11.59
CA GLN D 173 -0.54 -36.63 10.54
C GLN D 173 0.33 -37.66 11.21
N VAL D 174 1.19 -37.17 12.09
CA VAL D 174 2.23 -37.98 12.68
C VAL D 174 1.59 -39.24 13.25
N GLY D 175 0.44 -39.04 13.89
CA GLY D 175 -0.39 -40.13 14.35
C GLY D 175 0.01 -40.70 15.70
N VAL D 176 1.15 -40.25 16.23
CA VAL D 176 1.64 -40.60 17.56
C VAL D 176 1.68 -39.36 18.44
N ILE D 177 1.73 -39.56 19.74
CA ILE D 177 1.83 -38.44 20.67
C ILE D 177 3.23 -37.85 20.78
N ASN D 178 4.28 -38.64 20.61
CA ASN D 178 5.63 -38.20 20.94
C ASN D 178 6.63 -38.10 19.78
N PRO D 179 6.16 -37.74 18.58
CA PRO D 179 7.12 -37.80 17.49
C PRO D 179 8.18 -36.73 17.63
N VAL D 180 9.36 -36.95 17.07
CA VAL D 180 10.30 -35.88 16.85
C VAL D 180 9.70 -34.99 15.79
N ILE D 181 9.99 -33.70 15.86
CA ILE D 181 9.55 -32.77 14.84
C ILE D 181 10.68 -31.80 14.58
N LEU D 182 10.94 -31.56 13.30
CA LEU D 182 11.96 -30.65 12.87
C LEU D 182 11.29 -29.43 12.30
N LEU D 183 11.62 -28.27 12.85
CA LEU D 183 11.08 -27.01 12.39
C LEU D 183 12.12 -26.43 11.45
N ASP D 184 11.95 -26.72 10.16
CA ASP D 184 12.94 -26.36 9.15
C ASP D 184 12.85 -24.88 8.84
N GLN D 185 13.99 -24.30 8.53
CA GLN D 185 14.06 -22.88 8.19
C GLN D 185 13.26 -22.03 9.17
N ILE D 186 13.55 -22.18 10.45
CA ILE D 186 13.02 -21.30 11.50
C ILE D 186 13.34 -19.85 11.22
N ASP D 187 14.53 -19.60 10.66
CA ASP D 187 15.04 -18.25 10.48
C ASP D 187 14.36 -17.45 9.35
N LYS D 188 13.51 -18.09 8.55
CA LYS D 188 12.90 -17.41 7.39
C LYS D 188 11.50 -16.86 7.64
N MET D 189 10.97 -17.02 8.86
CA MET D 189 9.64 -16.52 9.15
C MET D 189 9.63 -15.00 9.02
N SER D 190 8.73 -14.48 8.19
CA SER D 190 8.68 -13.04 7.85
C SER D 190 8.35 -12.13 9.03
N SER D 191 7.45 -12.57 9.91
CA SER D 191 7.03 -11.75 11.06
C SER D 191 6.50 -10.37 10.67
N ASP D 192 5.94 -10.25 9.47
CA ASP D 192 5.30 -9.01 9.04
C ASP D 192 3.97 -8.89 9.77
N TRP D 193 3.13 -7.97 9.34
CA TRP D 193 1.70 -8.13 9.51
C TRP D 193 1.33 -9.20 8.47
N ARG D 194 0.22 -9.92 8.65
CA ARG D 194 -0.81 -9.67 9.66
C ARG D 194 -0.32 -9.54 11.11
N GLY D 195 0.41 -10.54 11.59
CA GLY D 195 0.95 -10.55 12.95
C GLY D 195 2.28 -11.30 12.95
N ASP D 196 2.90 -11.44 14.12
CA ASP D 196 4.20 -12.11 14.20
C ASP D 196 4.09 -13.59 14.59
N PRO D 197 4.34 -14.51 13.64
CA PRO D 197 4.23 -15.91 14.01
C PRO D 197 5.12 -16.27 15.18
N ALA D 198 6.38 -15.86 15.10
CA ALA D 198 7.41 -16.24 16.07
C ALA D 198 6.90 -16.24 17.49
N SER D 199 6.17 -15.20 17.86
CA SER D 199 5.51 -15.14 19.16
C SER D 199 4.73 -16.42 19.41
N ALA D 200 3.88 -16.78 18.47
CA ALA D 200 3.06 -17.99 18.58
C ALA D 200 3.89 -19.21 18.99
N MET D 201 5.09 -19.33 18.43
CA MET D 201 5.99 -20.43 18.74
C MET D 201 6.24 -20.54 20.25
N LEU D 202 6.37 -19.40 20.93
CA LEU D 202 6.78 -19.40 22.33
C LEU D 202 5.81 -20.22 23.16
N GLU D 203 4.52 -20.07 22.85
CA GLU D 203 3.50 -20.95 23.38
C GLU D 203 3.85 -22.41 23.04
N VAL D 204 4.11 -22.63 21.75
CA VAL D 204 4.49 -23.96 21.26
C VAL D 204 5.75 -24.48 21.96
N LEU D 205 6.74 -23.61 22.17
CA LEU D 205 8.09 -24.03 22.57
C LEU D 205 8.49 -23.76 24.02
N ASP D 206 7.86 -22.78 24.68
CA ASP D 206 7.97 -22.67 26.14
C ASP D 206 7.12 -23.84 26.64
N PRO D 207 7.64 -24.63 27.59
CA PRO D 207 6.75 -25.66 28.13
C PRO D 207 5.47 -25.02 28.67
N GLU D 208 5.66 -23.90 29.39
CA GLU D 208 4.63 -23.30 30.24
C GLU D 208 3.25 -23.29 29.57
N GLN D 209 3.21 -22.81 28.34
CA GLN D 209 2.01 -22.88 27.53
C GLN D 209 2.00 -24.18 26.77
N ASN D 210 3.18 -24.70 26.47
CA ASN D 210 3.31 -25.88 25.63
C ASN D 210 2.32 -26.97 25.97
N ASN D 211 2.14 -27.18 27.26
CA ASN D 211 1.23 -28.18 27.81
C ASN D 211 -0.27 -27.86 27.75
N THR D 212 -0.60 -26.60 27.49
CA THR D 212 -2.00 -26.13 27.51
C THR D 212 -2.44 -25.70 26.12
N PHE D 213 -2.10 -24.46 25.78
CA PHE D 213 -2.79 -23.72 24.72
C PHE D 213 -2.72 -24.37 23.34
N THR D 214 -3.50 -23.84 22.42
CA THR D 214 -3.78 -24.60 21.24
C THR D 214 -4.32 -23.79 20.08
N ASP D 215 -4.33 -24.45 18.92
CA ASP D 215 -4.91 -23.93 17.72
C ASP D 215 -6.26 -23.26 17.93
N HIS D 216 -6.50 -22.26 17.09
CA HIS D 216 -7.68 -21.44 17.18
C HIS D 216 -8.82 -22.22 16.57
N TYR D 217 -8.50 -23.06 15.60
CA TYR D 217 -9.50 -23.98 15.04
C TYR D 217 -9.87 -25.05 16.05
N LEU D 218 -8.88 -25.70 16.66
CA LEU D 218 -9.18 -26.52 17.82
C LEU D 218 -9.62 -25.53 18.87
N ASP D 219 -10.41 -25.98 19.84
CA ASP D 219 -10.88 -25.09 20.91
C ASP D 219 -10.39 -25.59 22.25
N VAL D 220 -9.30 -26.37 22.21
CA VAL D 220 -8.89 -27.16 23.36
C VAL D 220 -7.37 -27.29 23.41
N PRO D 221 -6.81 -27.39 24.63
CA PRO D 221 -5.38 -27.47 24.76
C PRO D 221 -4.86 -28.78 24.18
N TYR D 222 -3.70 -28.73 23.53
CA TYR D 222 -2.98 -29.94 23.12
C TYR D 222 -1.72 -29.93 23.97
N ASP D 223 -1.41 -31.02 24.66
CA ASP D 223 -0.15 -31.08 25.38
C ASP D 223 0.94 -31.38 24.37
N LEU D 224 1.71 -30.35 24.04
CA LEU D 224 2.85 -30.50 23.15
C LEU D 224 4.12 -30.71 23.96
N SER D 225 4.00 -30.81 25.27
CA SER D 225 5.15 -31.16 26.10
C SER D 225 5.69 -32.53 25.69
N LYS D 226 4.80 -33.40 25.25
CA LYS D 226 5.17 -34.77 24.89
C LYS D 226 6.09 -34.84 23.67
N VAL D 227 5.93 -33.89 22.74
CA VAL D 227 6.71 -33.87 21.50
C VAL D 227 8.18 -33.53 21.76
N PHE D 228 9.05 -34.02 20.89
CA PHE D 228 10.46 -33.62 20.87
C PHE D 228 10.73 -32.73 19.65
N PHE D 229 11.38 -31.59 19.88
CA PHE D 229 11.59 -30.59 18.83
C PHE D 229 13.06 -30.45 18.43
N ILE D 230 13.29 -30.36 17.13
CA ILE D 230 14.58 -29.98 16.59
C ILE D 230 14.32 -28.85 15.60
N THR D 231 15.33 -28.01 15.40
CA THR D 231 15.19 -26.81 14.61
C THR D 231 16.27 -26.76 13.55
N THR D 232 16.03 -25.95 12.52
CA THR D 232 16.93 -25.86 11.40
C THR D 232 17.03 -24.41 10.94
N ALA D 233 18.23 -23.93 10.68
CA ALA D 233 18.39 -22.55 10.25
C ALA D 233 19.72 -22.39 9.52
N ASN D 234 19.79 -21.49 8.55
CA ASN D 234 21.07 -21.26 7.87
C ASN D 234 21.86 -20.12 8.49
N THR D 235 21.23 -19.33 9.34
CA THR D 235 21.91 -18.22 9.99
C THR D 235 21.17 -17.78 11.24
N LEU D 236 21.94 -17.35 12.24
CA LEU D 236 21.40 -17.05 13.55
C LEU D 236 20.88 -15.63 13.71
N GLN D 237 21.17 -14.77 12.74
CA GLN D 237 20.93 -13.33 12.90
C GLN D 237 19.48 -12.93 12.67
N THR D 238 18.70 -13.76 12.01
CA THR D 238 17.31 -13.41 11.69
C THR D 238 16.31 -14.28 12.44
N ILE D 239 16.77 -14.86 13.53
CA ILE D 239 15.95 -15.61 14.46
C ILE D 239 15.65 -14.69 15.65
N PRO D 240 14.35 -14.54 16.04
CA PRO D 240 14.04 -13.54 17.07
C PRO D 240 14.66 -13.86 18.43
N ARG D 241 15.29 -12.86 19.03
CA ARG D 241 16.05 -13.09 20.26
C ARG D 241 15.18 -13.68 21.36
N PRO D 242 13.86 -13.38 21.35
CA PRO D 242 12.99 -14.14 22.27
C PRO D 242 13.08 -15.63 21.96
N LEU D 243 13.06 -15.95 20.67
CA LEU D 243 13.24 -17.33 20.21
C LEU D 243 14.66 -17.81 20.37
N LEU D 244 15.63 -16.99 19.97
CA LEU D 244 17.03 -17.40 20.03
C LEU D 244 17.42 -17.69 21.47
N ASP D 245 17.04 -16.79 22.38
CA ASP D 245 17.41 -16.92 23.78
C ASP D 245 17.04 -18.32 24.30
N ARG D 246 15.90 -18.84 23.85
CA ARG D 246 15.41 -20.12 24.35
C ARG D 246 16.10 -21.38 23.79
N MET D 247 17.02 -21.22 22.82
CA MET D 247 17.63 -22.39 22.16
C MET D 247 19.06 -22.60 22.58
N GLU D 248 19.57 -23.79 22.27
CA GLU D 248 21.00 -24.08 22.37
C GLU D 248 21.50 -24.41 20.97
N VAL D 249 22.58 -23.74 20.55
CA VAL D 249 23.05 -23.83 19.16
C VAL D 249 24.19 -24.85 18.93
N ILE D 250 24.06 -25.58 17.82
CA ILE D 250 25.08 -26.50 17.32
C ILE D 250 25.38 -26.03 15.91
N GLU D 251 26.65 -25.72 15.64
CA GLU D 251 27.02 -25.04 14.39
C GLU D 251 27.74 -25.92 13.37
N ILE D 252 27.10 -26.10 12.22
CA ILE D 252 27.60 -26.91 11.11
C ILE D 252 27.89 -26.01 9.91
N PRO D 253 29.15 -25.71 9.64
CA PRO D 253 29.52 -24.73 8.62
C PRO D 253 29.66 -25.24 7.18
N GLY D 254 30.25 -26.43 7.00
CA GLY D 254 30.53 -26.96 5.66
C GLY D 254 31.62 -28.01 5.71
N TYR D 255 32.11 -28.40 4.54
CA TYR D 255 33.13 -29.44 4.41
C TYR D 255 34.28 -29.04 3.50
N THR D 256 35.50 -29.43 3.87
CA THR D 256 36.65 -29.26 3.00
C THR D 256 36.56 -30.35 1.97
N ASN D 257 37.32 -30.24 0.89
CA ASN D 257 37.25 -31.20 -0.23
C ASN D 257 37.57 -32.63 0.18
N MET D 258 38.56 -32.78 1.06
CA MET D 258 39.02 -34.10 1.52
C MET D 258 38.01 -34.80 2.42
N GLU D 259 37.26 -34.02 3.19
CA GLU D 259 36.10 -34.55 3.91
C GLU D 259 35.06 -34.93 2.87
N LYS D 260 34.87 -34.07 1.90
CA LYS D 260 33.81 -34.22 0.91
C LYS D 260 33.98 -35.50 0.10
N GLN D 261 35.23 -35.90 -0.11
CA GLN D 261 35.52 -37.17 -0.76
C GLN D 261 35.04 -38.35 0.08
N ALA D 262 35.27 -38.29 1.39
CA ALA D 262 34.89 -39.37 2.29
C ALA D 262 33.37 -39.52 2.42
N ILE D 263 32.65 -38.40 2.57
CA ILE D 263 31.19 -38.43 2.55
C ILE D 263 30.73 -39.05 1.23
N ALA D 264 31.40 -38.71 0.15
CA ALA D 264 31.00 -39.12 -1.19
C ALA D 264 31.17 -40.62 -1.47
N ARG D 265 32.32 -41.19 -1.12
CA ARG D 265 32.62 -42.61 -1.39
C ARG D 265 31.93 -43.48 -0.37
N GLN D 266 32.00 -43.08 0.89
CA GLN D 266 31.38 -43.88 1.94
C GLN D 266 29.86 -43.78 1.95
N TYR D 267 29.31 -42.60 1.65
CA TYR D 267 27.85 -42.36 1.77
C TYR D 267 27.05 -42.04 0.52
N LEU D 268 27.48 -41.07 -0.29
CA LEU D 268 26.64 -40.57 -1.39
C LEU D 268 26.77 -41.30 -2.72
N TRP D 269 27.92 -41.90 -2.98
CA TRP D 269 28.07 -42.64 -4.21
C TRP D 269 27.24 -43.92 -4.19
N PRO D 270 27.45 -44.79 -3.18
CA PRO D 270 26.68 -46.04 -3.16
C PRO D 270 25.26 -45.91 -2.61
N LYS D 271 24.84 -44.74 -2.13
CA LYS D 271 23.43 -44.53 -1.86
C LYS D 271 22.71 -44.43 -3.20
N GLN D 272 23.16 -43.52 -4.03
CA GLN D 272 22.49 -43.29 -5.30
C GLN D 272 22.57 -44.56 -6.16
N VAL D 273 23.73 -45.22 -6.15
CA VAL D 273 23.91 -46.51 -6.82
C VAL D 273 22.86 -47.58 -6.45
N ARG D 274 22.49 -47.65 -5.18
CA ARG D 274 21.50 -48.61 -4.72
C ARG D 274 20.12 -48.21 -5.20
N GLU D 275 19.82 -46.92 -5.10
CA GLU D 275 18.52 -46.38 -5.52
C GLU D 275 18.33 -46.58 -7.03
N SER D 276 19.36 -46.31 -7.80
CA SER D 276 19.30 -46.51 -9.24
C SER D 276 19.06 -47.97 -9.61
N GLY D 277 19.30 -48.87 -8.68
CA GLY D 277 19.16 -50.31 -8.92
C GLY D 277 20.34 -50.87 -9.67
N MET D 278 21.37 -50.03 -9.83
CA MET D 278 22.56 -50.40 -10.56
C MET D 278 23.60 -51.03 -9.67
N GLU D 279 23.20 -51.47 -8.48
CA GLU D 279 24.17 -51.97 -7.50
C GLU D 279 25.09 -53.01 -8.13
N GLY D 280 26.40 -52.79 -7.97
CA GLY D 280 27.41 -53.75 -8.38
C GLY D 280 27.62 -53.88 -9.87
N ARG D 281 26.97 -53.02 -10.65
CA ARG D 281 27.15 -52.98 -12.10
C ARG D 281 27.90 -51.72 -12.55
N ILE D 282 28.04 -50.74 -11.64
CA ILE D 282 28.66 -49.46 -11.97
C ILE D 282 29.46 -49.00 -10.77
N GLU D 283 30.59 -48.34 -11.01
CA GLU D 283 31.40 -47.81 -9.92
C GLU D 283 32.24 -46.65 -10.44
N VAL D 284 32.71 -45.83 -9.50
CA VAL D 284 33.43 -44.62 -9.79
C VAL D 284 34.81 -44.62 -9.12
N THR D 285 35.80 -44.11 -9.83
CA THR D 285 37.17 -44.03 -9.33
C THR D 285 37.25 -42.97 -8.25
N ASP D 286 38.07 -43.19 -7.22
CA ASP D 286 38.17 -42.21 -6.13
C ASP D 286 38.59 -40.81 -6.61
N ALA D 287 39.51 -40.77 -7.57
CA ALA D 287 39.86 -39.51 -8.23
C ALA D 287 38.85 -39.04 -9.28
N ALA D 288 37.81 -39.83 -9.51
CA ALA D 288 36.76 -39.48 -10.45
C ALA D 288 35.74 -38.65 -9.69
N ILE D 289 35.48 -39.05 -8.44
CA ILE D 289 34.61 -38.30 -7.56
C ILE D 289 35.13 -36.88 -7.49
N LEU D 290 36.42 -36.73 -7.19
CA LEU D 290 37.00 -35.41 -7.00
C LEU D 290 36.64 -34.48 -8.14
N ARG D 291 36.93 -34.91 -9.37
CA ARG D 291 36.61 -34.11 -10.54
C ARG D 291 35.14 -33.68 -10.45
N VAL D 292 34.29 -34.57 -9.96
CA VAL D 292 32.90 -34.23 -9.70
C VAL D 292 32.83 -33.13 -8.64
N ILE D 293 33.56 -33.29 -7.54
CA ILE D 293 33.49 -32.31 -6.46
C ILE D 293 33.83 -30.91 -6.93
N SER D 294 34.99 -30.77 -7.56
CA SER D 294 35.57 -29.46 -7.82
C SER D 294 35.09 -28.83 -9.12
N GLU D 295 35.10 -29.59 -10.21
CA GLU D 295 34.69 -29.07 -11.50
C GLU D 295 33.19 -28.80 -11.66
N TYR D 296 32.35 -29.49 -10.89
CA TYR D 296 30.89 -29.43 -11.11
C TYR D 296 30.06 -28.86 -9.97
N THR D 297 30.71 -28.31 -8.95
CA THR D 297 29.95 -27.83 -7.79
C THR D 297 30.68 -26.73 -7.00
N ARG D 298 30.18 -25.50 -7.10
CA ARG D 298 30.61 -24.42 -6.22
C ARG D 298 29.53 -24.24 -5.17
N GLU D 299 29.69 -24.91 -4.05
CA GLU D 299 28.73 -24.86 -2.95
C GLU D 299 29.43 -25.35 -1.71
N ALA D 300 28.89 -25.03 -0.54
CA ALA D 300 29.56 -25.31 0.73
C ALA D 300 29.13 -26.62 1.38
N GLY D 301 27.99 -27.16 0.94
CA GLY D 301 27.46 -28.45 1.40
C GLY D 301 27.30 -29.43 0.24
N VAL D 302 26.91 -30.66 0.56
CA VAL D 302 27.00 -31.77 -0.40
C VAL D 302 25.77 -32.01 -1.29
N ARG D 303 24.73 -31.19 -1.16
CA ARG D 303 23.51 -31.36 -1.98
C ARG D 303 23.85 -31.31 -3.47
N GLY D 304 24.78 -30.43 -3.81
CA GLY D 304 25.25 -30.32 -5.19
C GLY D 304 26.04 -31.53 -5.66
N LEU D 305 26.76 -32.15 -4.74
CA LEU D 305 27.48 -33.38 -5.04
C LEU D 305 26.50 -34.53 -5.19
N GLU D 306 25.60 -34.64 -4.22
CA GLU D 306 24.57 -35.68 -4.25
C GLU D 306 23.82 -35.66 -5.57
N ARG D 307 23.51 -34.45 -6.04
CA ARG D 307 22.77 -34.30 -7.29
C ARG D 307 23.53 -34.78 -8.53
N GLU D 308 24.84 -34.54 -8.58
CA GLU D 308 25.61 -34.96 -9.76
C GLU D 308 26.06 -36.43 -9.69
N LEU D 309 26.43 -36.90 -8.50
CA LEU D 309 26.69 -38.33 -8.31
C LEU D 309 25.44 -39.10 -8.68
N GLY D 310 24.29 -38.55 -8.33
CA GLY D 310 23.01 -39.06 -8.77
C GLY D 310 22.87 -39.11 -10.28
N LYS D 311 23.41 -38.12 -10.96
CA LYS D 311 23.34 -38.05 -12.42
C LYS D 311 24.09 -39.18 -13.08
N ILE D 312 25.15 -39.67 -12.42
CA ILE D 312 25.98 -40.75 -12.98
C ILE D 312 25.24 -42.09 -12.97
N ALA D 313 24.49 -42.33 -11.90
CA ALA D 313 23.69 -43.53 -11.79
C ALA D 313 22.58 -43.56 -12.82
N ARG D 314 21.88 -42.44 -13.00
CA ARG D 314 20.81 -42.35 -13.97
C ARG D 314 21.32 -42.71 -15.36
N LYS D 315 22.36 -42.00 -15.77
CA LYS D 315 23.00 -42.22 -17.06
C LYS D 315 23.63 -43.63 -17.06
N GLY D 316 24.12 -44.04 -15.89
CA GLY D 316 24.66 -45.38 -15.73
C GLY D 316 23.62 -46.44 -16.03
N ALA D 317 22.38 -46.18 -15.63
CA ALA D 317 21.28 -47.13 -15.79
C ALA D 317 20.71 -47.09 -17.19
N LYS D 318 20.51 -45.89 -17.72
CA LYS D 318 20.01 -45.77 -19.08
C LYS D 318 20.96 -46.50 -20.00
N PHE D 319 22.24 -46.19 -19.85
CA PHE D 319 23.30 -46.76 -20.68
C PHE D 319 23.28 -48.28 -20.74
N TRP D 320 23.17 -48.89 -19.58
CA TRP D 320 23.24 -50.34 -19.47
C TRP D 320 22.15 -50.97 -20.31
N LEU D 321 20.97 -50.43 -20.17
CA LEU D 321 19.81 -51.03 -20.75
C LEU D 321 19.90 -50.89 -22.23
N GLU D 322 20.60 -49.86 -22.67
CA GLU D 322 20.92 -49.76 -24.08
C GLU D 322 22.03 -50.75 -24.43
N GLY D 323 22.67 -51.32 -23.42
CA GLY D 323 23.86 -52.13 -23.67
C GLY D 323 24.23 -53.15 -22.62
N ALA D 324 25.53 -53.32 -22.41
CA ALA D 324 25.99 -54.21 -21.35
C ALA D 324 27.44 -53.91 -21.02
N TRP D 325 27.78 -54.30 -19.81
CA TRP D 325 29.09 -54.80 -19.50
C TRP D 325 28.60 -56.19 -19.44
N GLU D 326 29.48 -57.15 -19.28
CA GLU D 326 29.03 -58.45 -18.86
C GLU D 326 28.26 -58.30 -17.54
N GLY D 327 28.76 -57.54 -16.56
CA GLY D 327 30.13 -57.01 -16.50
C GLY D 327 30.18 -55.87 -15.49
N LEU D 328 31.35 -55.29 -15.26
CA LEU D 328 31.47 -54.18 -14.30
C LEU D 328 32.17 -52.98 -14.95
N ARG D 329 31.52 -51.81 -14.84
CA ARG D 329 31.99 -50.58 -15.46
C ARG D 329 32.51 -49.60 -14.41
N THR D 330 33.78 -49.19 -14.54
CA THR D 330 34.31 -48.15 -13.67
C THR D 330 34.85 -46.94 -14.41
N ILE D 331 34.70 -45.80 -13.74
CA ILE D 331 34.82 -44.49 -14.34
C ILE D 331 35.88 -43.71 -13.59
N ASP D 332 36.81 -43.12 -14.32
CA ASP D 332 37.87 -42.29 -13.71
C ASP D 332 37.70 -40.89 -14.24
N ALA D 333 38.61 -39.99 -13.89
CA ALA D 333 38.50 -38.60 -14.33
C ALA D 333 38.20 -38.51 -15.83
N SER D 334 38.93 -39.29 -16.63
CA SER D 334 38.79 -39.27 -18.09
C SER D 334 37.34 -39.47 -18.58
N ASP D 335 36.66 -40.42 -17.97
CA ASP D 335 35.33 -40.83 -18.42
C ASP D 335 34.16 -40.10 -17.73
N ILE D 336 34.40 -38.95 -17.09
CA ILE D 336 33.30 -38.20 -16.44
C ILE D 336 32.51 -37.27 -17.37
N PRO D 337 33.18 -36.36 -18.11
CA PRO D 337 32.38 -35.42 -18.89
C PRO D 337 31.45 -36.11 -19.87
N THR D 338 31.68 -37.39 -20.14
CA THR D 338 30.70 -38.21 -20.82
C THR D 338 29.37 -38.20 -20.06
N TYR D 339 29.47 -38.39 -18.75
CA TYR D 339 28.31 -38.50 -17.88
C TYR D 339 27.69 -37.17 -17.52
N LEU D 340 28.52 -36.14 -17.36
CA LEU D 340 28.04 -34.85 -16.86
C LEU D 340 28.05 -33.78 -17.95
N GLY D 341 29.17 -33.67 -18.64
CA GLY D 341 29.35 -32.68 -19.70
C GLY D 341 30.70 -31.99 -19.51
N ILE D 342 30.95 -30.93 -20.25
CA ILE D 342 32.16 -30.14 -20.05
C ILE D 342 31.98 -29.41 -18.71
N PRO D 343 33.08 -29.10 -18.00
CA PRO D 343 32.96 -28.86 -16.56
C PRO D 343 32.28 -27.58 -16.07
N ARG D 344 32.59 -26.45 -16.70
CA ARG D 344 32.12 -25.12 -16.25
C ARG D 344 32.63 -24.64 -14.87
N TYR D 345 33.72 -25.22 -14.37
CA TYR D 345 34.50 -24.58 -13.29
C TYR D 345 35.99 -24.84 -13.51
N ARG D 346 36.77 -23.77 -13.58
CA ARG D 346 38.19 -23.88 -13.30
C ARG D 346 38.23 -24.15 -11.78
N PRO D 347 38.66 -25.35 -11.35
CA PRO D 347 38.39 -25.69 -9.95
C PRO D 347 39.20 -24.82 -9.00
N ASP D 348 40.50 -24.83 -9.20
CA ASP D 348 41.40 -23.80 -8.72
C ASP D 348 41.86 -23.27 -10.08
N LYS D 349 42.15 -21.97 -10.24
CA LYS D 349 42.16 -20.95 -9.19
C LYS D 349 41.81 -19.60 -9.84
N ALA D 350 41.59 -18.56 -9.04
CA ALA D 350 41.79 -17.20 -9.53
C ALA D 350 43.31 -17.11 -9.59
N GLU D 351 43.86 -16.44 -10.60
CA GLU D 351 45.33 -16.44 -10.82
C GLU D 351 46.03 -15.73 -9.69
N THR D 352 46.76 -16.52 -8.91
CA THR D 352 47.31 -16.04 -7.66
C THR D 352 48.69 -15.44 -7.87
N GLU D 353 48.79 -14.42 -8.71
CA GLU D 353 50.06 -13.74 -8.93
C GLU D 353 49.94 -12.23 -8.70
N PRO D 354 51.01 -11.61 -8.17
CA PRO D 354 51.06 -10.16 -8.00
C PRO D 354 50.38 -9.40 -9.14
N GLN D 355 49.27 -8.74 -8.82
CA GLN D 355 48.48 -8.01 -9.79
C GLN D 355 48.42 -6.58 -9.32
N VAL D 356 48.49 -5.64 -10.26
CA VAL D 356 48.40 -4.21 -9.89
C VAL D 356 46.95 -3.76 -9.85
N GLY D 357 46.53 -3.34 -8.66
CA GLY D 357 45.23 -2.67 -8.45
C GLY D 357 44.10 -3.51 -7.91
N THR D 358 44.43 -4.71 -7.42
CA THR D 358 43.46 -5.76 -7.13
C THR D 358 43.79 -6.47 -5.81
N ALA D 359 42.76 -6.90 -5.07
CA ALA D 359 42.96 -7.63 -3.83
C ALA D 359 41.92 -8.73 -3.67
N GLN D 360 42.18 -9.66 -2.75
CA GLN D 360 41.37 -10.87 -2.61
C GLN D 360 40.51 -10.88 -1.34
N GLY D 361 39.21 -10.72 -1.53
CA GLY D 361 38.28 -10.55 -0.41
C GLY D 361 37.30 -11.68 -0.31
N LEU D 362 36.72 -11.80 0.87
CA LEU D 362 35.80 -12.88 1.20
C LEU D 362 34.48 -12.27 1.58
N ALA D 363 33.40 -13.03 1.36
CA ALA D 363 32.05 -12.57 1.69
C ALA D 363 31.21 -13.78 1.92
N TRP D 364 30.05 -13.57 2.53
CA TRP D 364 29.17 -14.70 2.81
C TRP D 364 27.68 -14.37 2.79
N THR D 365 26.91 -15.43 2.87
CA THR D 365 25.46 -15.39 2.81
C THR D 365 25.06 -16.54 3.70
N PRO D 366 23.79 -16.64 4.08
CA PRO D 366 23.40 -17.88 4.73
C PRO D 366 23.65 -19.09 3.83
N VAL D 367 23.59 -18.84 2.51
CA VAL D 367 23.83 -19.86 1.49
C VAL D 367 25.23 -20.49 1.56
N GLY D 368 26.21 -19.66 1.87
CA GLY D 368 27.59 -20.13 1.94
C GLY D 368 28.53 -18.94 1.84
N GLY D 369 29.82 -19.22 1.81
CA GLY D 369 30.86 -18.21 1.63
C GLY D 369 31.41 -18.18 0.23
N THR D 370 32.00 -17.06 -0.16
CA THR D 370 32.56 -16.89 -1.49
C THR D 370 33.88 -16.12 -1.43
N LEU D 371 34.88 -16.62 -2.15
CA LEU D 371 36.04 -15.81 -2.47
C LEU D 371 35.51 -14.73 -3.39
N LEU D 372 36.11 -13.54 -3.39
CA LEU D 372 35.71 -12.46 -4.29
C LEU D 372 36.83 -11.48 -4.47
N THR D 373 37.05 -11.10 -5.72
CA THR D 373 38.19 -10.29 -6.10
C THR D 373 37.73 -8.87 -6.30
N ILE D 374 38.41 -7.93 -5.65
CA ILE D 374 38.08 -6.52 -5.74
C ILE D 374 39.10 -5.84 -6.63
N GLU D 375 38.63 -5.02 -7.55
CA GLU D 375 39.47 -4.39 -8.56
C GLU D 375 39.34 -2.91 -8.50
N VAL D 376 40.49 -2.23 -8.59
CA VAL D 376 40.56 -0.76 -8.65
C VAL D 376 41.40 -0.35 -9.84
N ALA D 377 40.96 0.70 -10.52
CA ALA D 377 41.67 1.24 -11.65
C ALA D 377 42.03 2.67 -11.32
N ALA D 378 43.30 3.02 -11.48
CA ALA D 378 43.75 4.41 -11.34
C ALA D 378 43.99 4.93 -12.73
N VAL D 379 43.28 5.96 -13.12
CA VAL D 379 43.34 6.45 -14.47
C VAL D 379 43.41 7.94 -14.30
N PRO D 380 44.20 8.65 -15.12
CA PRO D 380 44.44 10.02 -14.72
C PRO D 380 43.10 10.76 -14.62
N GLY D 381 43.03 11.80 -13.80
CA GLY D 381 41.73 12.40 -13.54
C GLY D 381 41.60 13.79 -12.98
N SER D 382 40.34 14.11 -12.72
CA SER D 382 39.90 15.07 -11.74
C SER D 382 39.60 14.10 -10.62
N GLY D 383 39.53 14.52 -9.35
CA GLY D 383 39.35 13.54 -8.24
C GLY D 383 38.00 12.89 -7.99
N LYS D 384 37.61 11.95 -8.85
CA LYS D 384 36.28 11.32 -8.85
C LYS D 384 36.30 9.88 -8.37
N LEU D 385 35.36 9.56 -7.48
CA LEU D 385 35.19 8.18 -7.05
C LEU D 385 33.95 7.58 -7.69
N SER D 386 34.14 6.49 -8.40
CA SER D 386 33.03 5.70 -8.96
C SER D 386 33.07 4.34 -8.28
N LEU D 387 31.91 3.81 -7.87
CA LEU D 387 31.84 2.59 -7.07
C LEU D 387 30.89 1.58 -7.68
N THR D 388 31.29 1.03 -8.82
CA THR D 388 30.53 0.03 -9.56
C THR D 388 30.54 -1.28 -8.79
N GLY D 389 29.78 -2.26 -9.26
CA GLY D 389 29.84 -3.60 -8.74
C GLY D 389 28.60 -3.95 -7.96
N GLN D 390 27.59 -3.08 -8.03
CA GLN D 390 26.34 -3.31 -7.31
C GLN D 390 26.57 -3.29 -5.79
N LEU D 391 27.30 -2.29 -5.33
CA LEU D 391 27.64 -2.13 -3.93
C LEU D 391 26.57 -1.36 -3.18
N GLY D 392 25.92 -2.06 -2.26
CA GLY D 392 25.00 -1.43 -1.34
C GLY D 392 25.71 -0.27 -0.72
N GLU D 393 24.97 0.52 0.07
CA GLU D 393 25.47 1.79 0.61
C GLU D 393 26.66 1.65 1.57
N VAL D 394 26.52 0.76 2.55
CA VAL D 394 27.52 0.62 3.61
C VAL D 394 28.88 0.21 3.04
N MET D 395 28.86 -0.50 1.92
CA MET D 395 30.09 -0.91 1.27
C MET D 395 30.77 0.29 0.63
N LYS D 396 29.99 1.15 -0.01
CA LYS D 396 30.53 2.33 -0.65
C LYS D 396 31.21 3.16 0.42
N GLU D 397 30.49 3.41 1.50
CA GLU D 397 30.99 4.19 2.63
C GLU D 397 32.28 3.59 3.14
N SER D 398 32.37 2.27 3.15
CA SER D 398 33.62 1.59 3.48
C SER D 398 34.74 1.95 2.52
N ALA D 399 34.42 2.06 1.23
CA ALA D 399 35.40 2.48 0.25
C ALA D 399 35.86 3.92 0.51
N GLN D 400 34.95 4.79 0.94
CA GLN D 400 35.32 6.16 1.22
C GLN D 400 36.25 6.22 2.41
N ALA D 401 35.84 5.63 3.54
CA ALA D 401 36.65 5.64 4.75
C ALA D 401 38.02 5.03 4.54
N ALA D 402 38.09 4.04 3.65
CA ALA D 402 39.37 3.46 3.28
C ALA D 402 40.20 4.43 2.46
N LEU D 403 39.56 5.12 1.53
CA LEU D 403 40.24 6.09 0.70
C LEU D 403 40.80 7.24 1.53
N THR D 404 40.05 7.69 2.52
CA THR D 404 40.43 8.84 3.34
C THR D 404 41.72 8.56 4.10
N TYR D 405 41.82 7.39 4.72
CA TYR D 405 43.02 7.00 5.50
C TYR D 405 44.30 7.06 4.65
N LEU D 406 44.19 6.59 3.41
CA LEU D 406 45.28 6.69 2.45
C LEU D 406 45.59 8.16 2.15
N ARG D 407 44.55 8.98 2.06
CA ARG D 407 44.71 10.39 1.75
C ARG D 407 45.53 11.11 2.81
N ALA D 408 45.30 10.74 4.05
CA ALA D 408 46.06 11.30 5.15
C ALA D 408 47.55 10.95 5.02
N HIS D 409 47.83 9.69 4.72
CA HIS D 409 49.16 9.11 4.92
C HIS D 409 50.03 8.97 3.64
N THR D 410 49.85 9.86 2.67
CA THR D 410 50.64 9.80 1.43
C THR D 410 52.13 9.60 1.68
N GLN D 411 52.67 10.43 2.57
CA GLN D 411 54.09 10.36 2.91
C GLN D 411 54.45 8.96 3.33
N ASP D 412 53.64 8.38 4.21
CA ASP D 412 53.95 7.07 4.80
C ASP D 412 54.02 5.94 3.76
N TYR D 413 53.04 5.84 2.88
CA TYR D 413 52.99 4.76 1.88
C TYR D 413 53.47 5.21 0.50
N GLY D 414 54.02 6.41 0.44
CA GLY D 414 54.63 6.90 -0.78
C GLY D 414 53.71 6.79 -1.97
N LEU D 415 52.48 7.29 -1.79
CA LEU D 415 51.56 7.49 -2.89
C LEU D 415 51.91 8.84 -3.47
N PRO D 416 51.37 9.18 -4.66
CA PRO D 416 51.57 10.54 -5.16
C PRO D 416 50.76 11.53 -4.35
N GLU D 417 51.39 12.60 -3.88
CA GLU D 417 50.68 13.63 -3.09
C GLU D 417 49.62 14.33 -3.94
N ASP D 418 49.75 14.31 -5.25
CA ASP D 418 48.86 15.18 -6.02
C ASP D 418 47.63 14.46 -6.56
N PHE D 419 47.30 13.28 -6.07
CA PHE D 419 46.34 12.45 -6.82
C PHE D 419 44.92 12.98 -6.94
N TYR D 420 44.29 13.29 -5.81
CA TYR D 420 42.84 13.53 -5.80
C TYR D 420 42.31 14.58 -6.78
N ASN D 421 43.14 15.48 -7.28
CA ASN D 421 42.71 16.30 -8.40
C ASN D 421 42.79 15.47 -9.66
N LYS D 422 43.92 14.76 -9.79
CA LYS D 422 44.42 14.16 -11.03
C LYS D 422 44.14 12.73 -11.37
N VAL D 423 43.22 12.07 -10.67
CA VAL D 423 43.16 10.60 -10.71
C VAL D 423 41.77 10.11 -10.31
N ASP D 424 41.19 9.30 -11.17
CA ASP D 424 39.87 8.84 -10.93
C ASP D 424 39.99 7.41 -10.61
N LEU D 425 39.45 7.04 -9.45
CA LEU D 425 39.49 5.65 -9.03
C LEU D 425 38.15 5.00 -9.27
N HIS D 426 38.19 3.82 -9.88
CA HIS D 426 37.01 3.04 -10.08
C HIS D 426 37.18 1.75 -9.29
N VAL D 427 36.25 1.48 -8.38
CA VAL D 427 36.27 0.25 -7.61
C VAL D 427 35.15 -0.65 -8.13
N HIS D 428 35.49 -1.89 -8.41
CA HIS D 428 34.54 -2.82 -9.01
C HIS D 428 34.68 -4.16 -8.30
N VAL D 429 33.56 -4.83 -8.10
CA VAL D 429 33.52 -6.15 -7.53
C VAL D 429 32.62 -7.08 -8.36
N PRO D 430 33.18 -7.67 -9.43
CA PRO D 430 32.37 -8.61 -10.20
C PRO D 430 32.09 -9.86 -9.37
N ASP D 431 31.11 -10.68 -9.74
CA ASP D 431 30.13 -10.39 -10.80
C ASP D 431 29.33 -9.15 -10.48
N GLY D 432 28.83 -8.52 -11.53
CA GLY D 432 28.16 -7.23 -11.40
C GLY D 432 26.68 -7.35 -11.17
N ALA D 433 26.11 -8.52 -11.48
CA ALA D 433 24.66 -8.73 -11.38
C ALA D 433 24.20 -9.18 -10.00
N THR D 434 25.13 -9.37 -9.06
CA THR D 434 24.81 -9.87 -7.73
C THR D 434 24.94 -8.78 -6.68
N PRO D 435 23.87 -8.53 -5.90
CA PRO D 435 23.99 -7.49 -4.88
C PRO D 435 25.00 -7.89 -3.83
N LYS D 436 25.93 -6.96 -3.58
CA LYS D 436 26.97 -7.11 -2.56
C LYS D 436 26.90 -5.93 -1.61
N ASP D 437 27.29 -6.12 -0.37
CA ASP D 437 27.21 -5.05 0.61
C ASP D 437 27.93 -5.46 1.89
N GLY D 438 28.49 -4.48 2.62
CA GLY D 438 29.09 -4.72 3.93
C GLY D 438 30.44 -4.02 4.17
N PRO D 439 30.78 -3.74 5.45
CA PRO D 439 32.03 -3.08 5.86
C PRO D 439 33.28 -3.94 6.07
N SER D 440 33.18 -5.26 5.94
CA SER D 440 34.29 -6.14 6.32
C SER D 440 35.32 -6.25 5.23
N ALA D 441 35.17 -5.42 4.21
CA ALA D 441 36.06 -5.41 3.07
C ALA D 441 36.85 -4.13 3.03
N GLY D 442 36.89 -3.42 4.15
CA GLY D 442 37.54 -2.15 4.17
C GLY D 442 38.98 -2.36 3.76
N ILE D 443 39.69 -3.18 4.51
CA ILE D 443 41.11 -3.31 4.30
C ILE D 443 41.36 -3.76 2.89
N THR D 444 40.50 -4.63 2.40
CA THR D 444 40.69 -5.14 1.07
C THR D 444 40.69 -4.04 0.03
N MET D 445 39.85 -3.05 0.23
CA MET D 445 39.84 -1.88 -0.63
C MET D 445 40.95 -0.91 -0.29
N ALA D 446 41.46 -0.93 0.94
CA ALA D 446 42.63 -0.11 1.27
C ALA D 446 43.77 -0.65 0.47
N THR D 447 43.94 -1.96 0.54
CA THR D 447 44.97 -2.63 -0.22
C THR D 447 44.78 -2.36 -1.71
N ALA D 448 43.60 -2.61 -2.22
CA ALA D 448 43.36 -2.57 -3.66
C ALA D 448 43.59 -1.19 -4.24
N ILE D 449 43.07 -0.17 -3.56
CA ILE D 449 43.24 1.22 -3.97
C ILE D 449 44.72 1.61 -3.88
N ALA D 450 45.34 1.31 -2.72
CA ALA D 450 46.74 1.68 -2.44
C ALA D 450 47.68 1.07 -3.45
N SER D 451 47.39 -0.17 -3.85
CA SER D 451 48.14 -0.80 -4.91
C SER D 451 47.95 -0.05 -6.23
N ALA D 452 46.75 0.48 -6.45
CA ALA D 452 46.41 1.14 -7.71
C ALA D 452 47.20 2.42 -7.90
N LEU D 453 47.37 3.19 -6.84
CA LEU D 453 48.12 4.44 -6.91
C LEU D 453 49.60 4.18 -6.73
N SER D 454 49.93 3.32 -5.78
CA SER D 454 51.31 2.99 -5.47
C SER D 454 51.96 2.36 -6.68
N ARG D 455 51.18 1.58 -7.43
CA ARG D 455 51.63 0.89 -8.65
C ARG D 455 52.38 -0.40 -8.32
N ARG D 456 52.34 -0.79 -7.05
CA ARG D 456 52.97 -2.00 -6.62
C ARG D 456 51.94 -3.11 -6.67
N PRO D 457 52.30 -4.27 -7.25
CA PRO D 457 51.33 -5.34 -7.20
C PRO D 457 50.95 -5.70 -5.78
N ALA D 458 49.83 -6.40 -5.66
CA ALA D 458 49.37 -6.93 -4.38
C ALA D 458 49.30 -8.45 -4.46
N ARG D 459 49.90 -9.11 -3.48
CA ARG D 459 49.86 -10.56 -3.40
C ARG D 459 48.41 -11.07 -3.42
N MET D 460 48.20 -12.16 -4.16
CA MET D 460 46.90 -12.77 -4.25
C MET D 460 46.87 -14.22 -3.79
N ASP D 461 47.91 -14.64 -3.09
CA ASP D 461 47.91 -15.89 -2.37
C ASP D 461 47.32 -15.68 -0.95
N ILE D 462 46.90 -14.44 -0.67
CA ILE D 462 46.30 -14.10 0.61
C ILE D 462 44.93 -13.51 0.35
N ALA D 463 43.98 -13.95 1.17
CA ALA D 463 42.62 -13.43 1.17
C ALA D 463 42.46 -12.77 2.51
N MET D 464 41.59 -11.78 2.61
CA MET D 464 41.51 -11.01 3.86
C MET D 464 40.14 -10.41 4.11
N THR D 465 39.82 -10.24 5.38
CA THR D 465 38.62 -9.49 5.72
C THR D 465 38.76 -8.76 7.04
N GLY D 466 38.42 -7.47 6.99
CA GLY D 466 38.47 -6.58 8.13
C GLY D 466 37.67 -5.35 7.79
N GLU D 467 37.34 -4.56 8.81
CA GLU D 467 36.72 -3.27 8.61
C GLU D 467 37.76 -2.25 9.02
N VAL D 468 37.93 -1.21 8.22
CA VAL D 468 38.95 -0.23 8.54
C VAL D 468 38.29 1.02 9.09
N SER D 469 38.28 1.14 10.41
CA SER D 469 37.93 2.42 11.05
C SER D 469 38.85 3.47 10.45
N LEU D 470 38.42 4.72 10.51
CA LEU D 470 39.08 5.81 9.79
C LEU D 470 40.51 6.13 10.27
N ARG D 471 40.72 6.09 11.60
CA ARG D 471 42.07 6.20 12.19
C ARG D 471 43.06 5.27 11.51
N GLY D 472 42.54 4.18 10.93
CA GLY D 472 43.37 3.12 10.36
C GLY D 472 43.17 1.83 11.12
N LYS D 473 42.53 1.89 12.29
CA LYS D 473 42.31 0.67 13.07
C LYS D 473 41.49 -0.33 12.25
N VAL D 474 41.65 -1.60 12.58
CA VAL D 474 41.06 -2.71 11.84
C VAL D 474 40.13 -3.48 12.77
N MET D 475 38.85 -3.49 12.44
CA MET D 475 37.83 -3.78 13.43
C MET D 475 37.26 -5.18 13.25
N PRO D 476 36.92 -5.84 14.37
CA PRO D 476 36.47 -7.23 14.35
C PRO D 476 35.33 -7.45 13.39
N ILE D 477 35.10 -8.71 13.02
CA ILE D 477 34.36 -9.01 11.82
C ILE D 477 33.50 -10.28 11.91
N GLY D 478 32.44 -10.30 11.11
CA GLY D 478 31.43 -11.35 11.16
C GLY D 478 31.71 -12.52 10.25
N GLY D 479 30.99 -13.62 10.48
CA GLY D 479 31.07 -14.83 9.68
C GLY D 479 32.45 -15.43 9.44
N VAL D 480 33.24 -15.59 10.49
CA VAL D 480 34.65 -15.98 10.31
C VAL D 480 34.81 -17.37 9.66
N LYS D 481 34.20 -18.38 10.27
CA LYS D 481 34.29 -19.77 9.75
C LYS D 481 33.81 -19.89 8.32
N GLU D 482 32.72 -19.22 7.99
CA GLU D 482 32.11 -19.39 6.68
C GLU D 482 32.97 -18.82 5.55
N LYS D 483 33.64 -17.69 5.80
CA LYS D 483 34.54 -17.10 4.81
C LYS D 483 35.86 -17.84 4.69
N LEU D 484 36.35 -18.36 5.81
CA LEU D 484 37.61 -19.14 5.81
C LEU D 484 37.52 -20.49 5.07
N LEU D 485 36.37 -21.14 5.20
CA LEU D 485 36.13 -22.41 4.51
C LEU D 485 36.14 -22.22 3.01
N ALA D 486 35.36 -21.25 2.55
CA ALA D 486 35.28 -20.91 1.14
C ALA D 486 36.63 -20.56 0.55
N ALA D 487 37.55 -20.08 1.41
CA ALA D 487 38.91 -19.74 1.00
C ALA D 487 39.85 -20.95 0.92
N HIS D 488 39.54 -22.01 1.69
CA HIS D 488 40.24 -23.29 1.56
C HIS D 488 39.85 -23.89 0.19
N GLN D 489 38.55 -24.00 -0.03
CA GLN D 489 37.98 -24.62 -1.22
C GLN D 489 38.49 -23.97 -2.49
N ALA D 490 38.79 -22.68 -2.42
CA ALA D 490 39.23 -21.94 -3.59
C ALA D 490 40.73 -22.07 -3.80
N GLY D 491 41.42 -22.60 -2.79
CA GLY D 491 42.86 -22.89 -2.89
C GLY D 491 43.75 -21.77 -2.39
N ILE D 492 43.19 -20.83 -1.64
CA ILE D 492 43.97 -19.80 -0.97
C ILE D 492 44.28 -20.28 0.43
N HIS D 493 45.54 -20.23 0.82
CA HIS D 493 45.96 -20.78 2.11
C HIS D 493 46.58 -19.77 3.06
N LYS D 494 46.37 -18.49 2.79
CA LYS D 494 46.75 -17.43 3.72
C LYS D 494 45.53 -16.55 3.96
N ILE D 495 45.43 -16.01 5.16
CA ILE D 495 44.31 -15.18 5.54
C ILE D 495 44.80 -14.03 6.39
N VAL D 496 44.31 -12.83 6.11
CA VAL D 496 44.49 -11.71 7.02
C VAL D 496 43.18 -11.48 7.75
N LEU D 497 43.29 -11.23 9.04
CA LEU D 497 42.16 -11.26 9.91
C LEU D 497 42.43 -10.28 11.04
N PRO D 498 41.39 -9.58 11.53
CA PRO D 498 41.60 -8.64 12.62
C PRO D 498 41.87 -9.38 13.94
N LYS D 499 42.69 -8.80 14.81
CA LYS D 499 43.05 -9.45 16.06
C LYS D 499 41.78 -9.77 16.81
N ASP D 500 40.96 -8.73 17.03
CA ASP D 500 39.74 -8.84 17.84
C ASP D 500 38.78 -9.93 17.35
N ASN D 501 39.03 -10.47 16.16
CA ASN D 501 38.41 -11.70 15.70
C ASN D 501 39.12 -12.98 16.16
N GLU D 502 40.06 -12.87 17.09
CA GLU D 502 40.92 -14.00 17.45
C GLU D 502 40.13 -15.16 18.04
N ALA D 503 39.16 -14.84 18.90
CA ALA D 503 38.43 -15.85 19.65
C ALA D 503 37.69 -16.84 18.74
N GLN D 504 37.20 -16.35 17.59
CA GLN D 504 36.31 -17.14 16.72
C GLN D 504 37.07 -18.26 16.02
N LEU D 505 38.39 -18.29 16.12
CA LEU D 505 39.18 -19.35 15.51
C LEU D 505 39.05 -20.66 16.29
N GLU D 506 38.90 -20.57 17.61
CA GLU D 506 38.71 -21.76 18.46
C GLU D 506 37.47 -22.57 18.09
N GLU D 507 36.62 -22.02 17.23
CA GLU D 507 35.43 -22.70 16.74
C GLU D 507 35.59 -23.07 15.25
N LEU D 508 36.83 -23.12 14.78
CA LEU D 508 37.12 -23.61 13.45
C LEU D 508 37.40 -25.10 13.51
N PRO D 509 36.83 -25.88 12.58
CA PRO D 509 37.26 -27.27 12.52
C PRO D 509 38.77 -27.35 12.28
N LYS D 510 39.46 -28.16 13.08
CA LYS D 510 40.91 -28.40 12.93
C LYS D 510 41.25 -28.62 11.46
N GLU D 511 40.42 -29.42 10.78
CA GLU D 511 40.61 -29.75 9.38
C GLU D 511 40.96 -28.51 8.57
N VAL D 512 40.13 -27.49 8.70
CA VAL D 512 40.35 -26.22 8.03
C VAL D 512 41.54 -25.53 8.68
N LEU D 513 41.51 -25.46 10.00
CA LEU D 513 42.54 -24.77 10.77
C LEU D 513 43.94 -25.26 10.36
N GLU D 514 44.06 -26.58 10.16
CA GLU D 514 45.34 -27.23 9.84
C GLU D 514 45.93 -26.77 8.52
N GLY D 515 45.07 -26.33 7.59
CA GLY D 515 45.51 -25.99 6.24
C GLY D 515 45.77 -24.53 5.98
N LEU D 516 45.56 -23.69 7.00
CA LEU D 516 45.65 -22.25 6.84
C LEU D 516 46.70 -21.56 7.69
N GLU D 517 47.18 -20.44 7.17
CA GLU D 517 47.98 -19.52 7.94
C GLU D 517 47.13 -18.28 8.11
N ILE D 518 47.05 -17.80 9.34
CA ILE D 518 46.21 -16.65 9.66
C ILE D 518 47.11 -15.57 10.23
N LYS D 519 47.08 -14.40 9.59
CA LYS D 519 47.73 -13.21 10.11
C LYS D 519 46.69 -12.40 10.92
N LEU D 520 47.06 -12.02 12.13
CA LEU D 520 46.16 -11.22 12.94
C LEU D 520 46.68 -9.80 12.99
N VAL D 521 45.86 -8.86 12.52
CA VAL D 521 46.24 -7.47 12.44
C VAL D 521 45.30 -6.63 13.28
N GLU D 522 45.85 -5.62 13.96
CA GLU D 522 45.07 -4.69 14.78
C GLU D 522 45.09 -3.28 14.17
N ASP D 523 45.71 -3.18 13.01
CA ASP D 523 46.05 -1.90 12.39
C ASP D 523 46.17 -2.18 10.90
N VAL D 524 46.18 -1.17 10.06
CA VAL D 524 46.08 -1.43 8.61
C VAL D 524 47.40 -1.27 7.84
N GLY D 525 48.42 -0.72 8.49
CA GLY D 525 49.77 -0.71 7.90
C GLY D 525 50.24 -2.13 7.69
N GLU D 526 50.00 -2.96 8.71
CA GLU D 526 50.34 -4.38 8.70
C GLU D 526 49.88 -5.05 7.42
N VAL D 527 48.61 -4.82 7.08
CA VAL D 527 48.02 -5.37 5.86
C VAL D 527 48.83 -4.93 4.65
N LEU D 528 48.94 -3.62 4.49
CA LEU D 528 49.60 -3.05 3.33
C LEU D 528 51.06 -3.47 3.30
N GLU D 529 51.67 -3.59 4.48
CA GLU D 529 53.03 -4.08 4.56
C GLU D 529 53.15 -5.53 4.10
N TYR D 530 52.18 -6.35 4.52
CA TYR D 530 52.18 -7.79 4.27
C TYR D 530 51.84 -8.11 2.84
N LEU D 531 50.79 -7.47 2.33
CA LEU D 531 50.28 -7.76 0.99
C LEU D 531 51.15 -7.17 -0.11
N LEU D 532 51.57 -5.93 0.07
CA LEU D 532 52.17 -5.18 -1.02
C LEU D 532 53.64 -5.48 -1.31
N LEU D 533 53.94 -5.70 -2.59
CA LEU D 533 55.30 -5.92 -3.05
C LEU D 533 56.11 -4.63 -2.93
N PRO D 534 57.45 -4.73 -2.83
CA PRO D 534 58.26 -3.60 -2.42
C PRO D 534 58.54 -2.57 -3.52
N GLU D 535 58.44 -2.95 -4.79
CA GLU D 535 58.84 -2.07 -5.90
C GLU D 535 57.77 -2.17 -6.99
N PRO D 536 57.35 -1.04 -7.59
CA PRO D 536 56.20 -1.10 -8.49
C PRO D 536 56.53 -1.63 -9.86
N THR D 537 55.49 -2.07 -10.58
CA THR D 537 55.65 -2.72 -11.87
C THR D 537 54.95 -1.95 -13.01
N MET D 538 54.66 -0.68 -12.77
CA MET D 538 53.97 0.16 -13.75
C MET D 538 54.31 1.64 -13.54
N PRO D 539 54.61 2.38 -14.63
CA PRO D 539 54.97 3.78 -14.44
C PRO D 539 53.86 4.53 -13.71
N PRO D 540 54.21 5.54 -12.91
CA PRO D 540 53.19 6.13 -12.05
C PRO D 540 52.07 6.74 -12.87
N VAL D 541 50.96 7.08 -12.21
CA VAL D 541 49.76 7.49 -12.91
C VAL D 541 50.01 8.80 -13.68
N VAL D 542 50.89 9.64 -13.16
CA VAL D 542 51.22 10.90 -13.82
C VAL D 542 52.60 11.45 -13.37
N GLN D 543 53.32 12.11 -14.28
CA GLN D 543 54.57 12.84 -13.98
C GLN D 543 55.58 12.09 -13.10
N SER E 6 -36.76 -20.99 33.08
CA SER E 6 -35.82 -20.51 34.15
C SER E 6 -35.69 -18.97 34.14
N ASP E 7 -34.50 -18.45 34.43
CA ASP E 7 -34.27 -17.00 34.57
C ASP E 7 -34.69 -16.24 33.33
N LEU E 8 -34.62 -16.95 32.21
CA LEU E 8 -35.28 -16.63 30.94
C LEU E 8 -36.81 -16.44 31.01
N GLU E 9 -37.49 -17.25 31.82
CA GLU E 9 -38.90 -17.02 32.11
C GLU E 9 -39.02 -15.72 32.90
N ALA E 10 -38.07 -15.52 33.83
CA ALA E 10 -37.99 -14.27 34.57
C ALA E 10 -37.66 -13.15 33.60
N LEU E 11 -36.85 -13.47 32.59
CA LEU E 11 -36.49 -12.55 31.50
C LEU E 11 -37.70 -12.10 30.69
N ARG E 12 -38.61 -13.03 30.44
CA ARG E 12 -39.88 -12.71 29.81
C ARG E 12 -40.59 -11.65 30.64
N LYS E 13 -40.64 -11.85 31.96
CA LYS E 13 -41.24 -10.85 32.85
C LYS E 13 -40.48 -9.51 32.76
N LYS E 14 -39.16 -9.57 32.70
CA LYS E 14 -38.32 -8.37 32.68
C LYS E 14 -38.55 -7.53 31.44
N ILE E 15 -38.50 -8.18 30.28
CA ILE E 15 -38.67 -7.49 29.00
C ILE E 15 -39.91 -6.60 29.01
N GLU E 16 -40.98 -7.08 29.63
CA GLU E 16 -42.28 -6.38 29.65
C GLU E 16 -42.19 -5.17 30.58
N GLU E 17 -41.64 -5.42 31.78
CA GLU E 17 -41.47 -4.37 32.79
C GLU E 17 -40.76 -3.16 32.22
N VAL E 18 -39.68 -3.44 31.48
CA VAL E 18 -38.86 -2.39 30.87
C VAL E 18 -39.54 -1.86 29.61
N GLY E 19 -40.17 -0.70 29.72
CA GLY E 19 -40.92 -0.11 28.62
C GLY E 19 -40.12 -0.01 27.33
N MET E 20 -40.77 -0.32 26.22
CA MET E 20 -40.16 -0.18 24.89
C MET E 20 -41.22 -0.35 23.80
N PRO E 21 -40.98 0.22 22.60
CA PRO E 21 -42.01 0.15 21.55
C PRO E 21 -42.46 -1.29 21.26
N GLU E 22 -43.73 -1.47 20.93
CA GLU E 22 -44.32 -2.80 20.84
C GLU E 22 -43.68 -3.67 19.75
N ALA E 23 -43.16 -3.02 18.71
CA ALA E 23 -42.39 -3.73 17.67
C ALA E 23 -41.18 -4.41 18.31
N VAL E 24 -40.58 -3.72 19.28
CA VAL E 24 -39.45 -4.28 20.00
C VAL E 24 -39.94 -5.47 20.83
N LYS E 25 -41.08 -5.32 21.50
CA LYS E 25 -41.67 -6.45 22.22
C LYS E 25 -41.83 -7.65 21.25
N THR E 26 -42.46 -7.41 20.10
CA THR E 26 -42.71 -8.47 19.11
C THR E 26 -41.43 -9.19 18.75
N LYS E 27 -40.47 -8.42 18.25
CA LYS E 27 -39.22 -8.98 17.80
C LYS E 27 -38.59 -9.78 18.93
N ALA E 28 -38.45 -9.13 20.08
CA ALA E 28 -37.82 -9.72 21.26
C ALA E 28 -38.46 -11.03 21.69
N LEU E 29 -39.79 -11.05 21.73
CA LEU E 29 -40.52 -12.25 22.19
C LEU E 29 -40.32 -13.42 21.23
N LYS E 30 -40.36 -13.15 19.92
CA LYS E 30 -40.04 -14.16 18.92
C LYS E 30 -38.65 -14.72 19.16
N GLU E 31 -37.69 -13.83 19.43
CA GLU E 31 -36.29 -14.22 19.68
C GLU E 31 -36.25 -15.16 20.88
N LEU E 32 -36.91 -14.75 21.95
CA LEU E 32 -36.98 -15.56 23.16
C LEU E 32 -37.49 -16.96 22.81
N ASP E 33 -38.66 -17.03 22.18
CA ASP E 33 -39.30 -18.31 21.83
C ASP E 33 -38.43 -19.14 20.90
N ARG E 34 -37.93 -18.49 19.85
CA ARG E 34 -37.11 -19.17 18.84
C ARG E 34 -35.80 -19.67 19.44
N LEU E 35 -35.36 -19.03 20.52
CA LEU E 35 -34.23 -19.50 21.32
C LEU E 35 -34.58 -20.77 22.06
N GLU E 36 -35.70 -20.82 22.77
CA GLU E 36 -35.78 -21.93 23.67
C GLU E 36 -35.28 -23.14 22.88
N ARG E 37 -35.93 -23.45 21.78
CA ARG E 37 -35.56 -24.69 21.11
C ARG E 37 -34.04 -24.86 21.07
N MET E 38 -33.32 -23.84 20.61
CA MET E 38 -31.89 -23.99 20.45
C MET E 38 -31.36 -24.58 21.73
N GLN E 39 -30.60 -25.66 21.61
CA GLN E 39 -30.06 -26.33 22.77
C GLN E 39 -28.93 -25.46 23.31
N GLN E 40 -28.87 -25.35 24.63
CA GLN E 40 -28.00 -24.39 25.29
C GLN E 40 -26.53 -24.71 25.01
N GLY E 41 -25.68 -23.72 25.23
CA GLY E 41 -24.25 -23.86 24.99
C GLY E 41 -23.85 -23.76 23.53
N SER E 42 -24.82 -23.78 22.60
CA SER E 42 -24.51 -23.66 21.17
C SER E 42 -24.08 -22.23 20.89
N PRO E 43 -22.91 -22.06 20.24
CA PRO E 43 -22.37 -20.71 20.10
C PRO E 43 -23.43 -19.73 19.63
N GLU E 44 -24.27 -20.19 18.70
CA GLU E 44 -25.47 -19.45 18.33
C GLU E 44 -26.28 -19.08 19.57
N ALA E 45 -26.51 -20.06 20.45
CA ALA E 45 -27.24 -19.83 21.70
C ALA E 45 -26.65 -18.65 22.50
N THR E 46 -25.34 -18.71 22.72
CA THR E 46 -24.64 -17.65 23.46
C THR E 46 -24.96 -16.28 22.87
N VAL E 47 -24.83 -16.21 21.54
CA VAL E 47 -24.94 -14.96 20.79
C VAL E 47 -26.36 -14.40 20.87
N ALA E 48 -27.34 -15.27 20.65
CA ALA E 48 -28.76 -14.88 20.75
C ALA E 48 -29.03 -14.32 22.14
N ARG E 49 -28.55 -15.02 23.16
CA ARG E 49 -28.80 -14.60 24.55
C ARG E 49 -28.20 -13.24 24.83
N THR E 50 -26.98 -13.02 24.35
CA THR E 50 -26.31 -11.74 24.57
C THR E 50 -27.11 -10.62 23.93
N TYR E 51 -27.60 -10.83 22.71
CA TYR E 51 -28.44 -9.83 22.06
C TYR E 51 -29.64 -9.50 22.93
N LEU E 52 -30.34 -10.53 23.39
CA LEU E 52 -31.49 -10.33 24.25
C LEU E 52 -31.11 -9.45 25.43
N ASP E 53 -30.01 -9.82 26.07
CA ASP E 53 -29.51 -9.14 27.27
C ASP E 53 -29.26 -7.66 27.02
N TRP E 54 -28.51 -7.39 25.95
CA TRP E 54 -28.22 -6.02 25.51
C TRP E 54 -29.49 -5.24 25.28
N LEU E 55 -30.40 -5.85 24.52
CA LEU E 55 -31.66 -5.21 24.20
C LEU E 55 -32.36 -4.75 25.47
N THR E 56 -32.35 -5.60 26.49
CA THR E 56 -33.02 -5.29 27.76
C THR E 56 -32.34 -4.18 28.57
N GLU E 57 -31.01 -4.10 28.52
CA GLU E 57 -30.23 -3.21 29.41
C GLU E 57 -30.18 -1.74 28.95
N VAL E 58 -30.29 -1.50 27.65
CA VAL E 58 -30.27 -0.14 27.08
C VAL E 58 -31.48 0.73 27.49
N PRO E 59 -31.24 2.00 27.86
CA PRO E 59 -32.34 2.85 28.37
C PRO E 59 -33.45 3.26 27.37
N TRP E 60 -34.52 2.49 27.37
CA TRP E 60 -35.64 2.68 26.44
C TRP E 60 -36.62 3.83 26.74
N SER E 61 -37.17 3.84 27.94
CA SER E 61 -38.14 4.86 28.36
C SER E 61 -37.70 5.66 29.59
N LYS E 62 -36.75 5.12 30.36
CA LYS E 62 -36.30 5.75 31.61
C LYS E 62 -36.06 7.26 31.47
N ALA E 63 -36.45 8.01 32.49
CA ALA E 63 -36.34 9.48 32.49
C ALA E 63 -35.43 9.98 33.63
N ASP E 64 -35.11 11.28 33.58
CA ASP E 64 -34.20 11.93 34.53
C ASP E 64 -34.63 13.38 34.75
N PRO E 65 -34.87 13.78 36.02
CA PRO E 65 -35.29 15.17 36.26
C PRO E 65 -34.26 16.10 35.72
N GLU E 66 -34.68 17.06 34.89
CA GLU E 66 -33.77 17.87 34.09
C GLU E 66 -34.33 19.27 34.03
N VAL E 67 -33.43 20.25 34.03
CA VAL E 67 -33.83 21.64 34.18
C VAL E 67 -32.98 22.54 33.30
N LEU E 68 -33.49 23.74 33.03
CA LEU E 68 -32.70 24.75 32.31
C LEU E 68 -33.02 26.20 32.67
N ASP E 69 -32.48 26.68 33.78
CA ASP E 69 -32.42 28.11 34.02
C ASP E 69 -31.04 28.55 33.58
N ILE E 70 -31.01 29.46 32.62
CA ILE E 70 -29.76 30.01 32.14
C ILE E 70 -29.00 30.58 33.34
N ASN E 71 -29.68 31.37 34.14
CA ASN E 71 -29.01 32.09 35.22
C ASN E 71 -28.48 31.13 36.28
N HIS E 72 -29.24 30.08 36.58
CA HIS E 72 -28.79 29.10 37.53
C HIS E 72 -27.58 28.48 36.93
N THR E 73 -27.70 28.14 35.65
CA THR E 73 -26.57 27.53 34.95
C THR E 73 -25.44 28.53 34.85
N ARG E 74 -25.76 29.78 34.54
CA ARG E 74 -24.74 30.82 34.51
C ARG E 74 -23.93 30.77 35.78
N GLN E 75 -24.61 30.72 36.92
CA GLN E 75 -23.94 30.68 38.21
C GLN E 75 -23.01 29.48 38.31
N VAL E 76 -23.53 28.30 37.96
CA VAL E 76 -22.75 27.06 38.08
C VAL E 76 -21.41 27.19 37.35
N LEU E 77 -21.48 27.57 36.08
CA LEU E 77 -20.27 27.70 35.27
C LEU E 77 -19.25 28.57 36.00
N ASP E 78 -19.74 29.68 36.55
CA ASP E 78 -18.93 30.50 37.43
C ASP E 78 -18.48 29.69 38.64
N GLU E 79 -19.37 28.86 39.17
CA GLU E 79 -19.05 28.02 40.32
C GLU E 79 -17.92 27.03 40.06
N ASP E 80 -17.80 26.54 38.82
CA ASP E 80 -16.82 25.50 38.46
C ASP E 80 -15.74 25.90 37.42
N HIS E 81 -15.60 27.18 37.13
CA HIS E 81 -14.56 27.64 36.20
C HIS E 81 -14.10 29.05 36.49
N TYR E 82 -12.85 29.34 36.13
CA TYR E 82 -12.32 30.68 36.32
C TYR E 82 -12.23 31.42 34.99
N GLY E 83 -12.59 32.71 35.00
CA GLY E 83 -12.50 33.54 33.82
C GLY E 83 -13.32 32.93 32.70
N LEU E 84 -12.77 32.94 31.49
CA LEU E 84 -13.50 32.46 30.32
C LEU E 84 -14.79 33.24 30.15
N LYS E 85 -14.79 34.51 30.51
CA LYS E 85 -16.03 35.26 30.51
C LYS E 85 -16.65 35.21 29.12
N ASP E 86 -15.87 35.63 28.11
CA ASP E 86 -16.36 35.58 26.75
C ASP E 86 -16.84 34.17 26.40
N VAL E 87 -16.01 33.17 26.70
CA VAL E 87 -16.35 31.77 26.39
C VAL E 87 -17.59 31.32 27.14
N LYS E 88 -17.70 31.72 28.39
CA LYS E 88 -18.83 31.36 29.20
C LYS E 88 -20.08 31.99 28.63
N GLU E 89 -20.05 33.31 28.42
CA GLU E 89 -21.21 34.05 27.91
C GLU E 89 -21.69 33.43 26.60
N ARG E 90 -20.74 33.16 25.70
CA ARG E 90 -21.04 32.64 24.36
C ARG E 90 -21.87 31.37 24.44
N ILE E 91 -21.56 30.53 25.41
CA ILE E 91 -22.25 29.27 25.61
C ILE E 91 -23.73 29.52 25.88
N LEU E 92 -24.01 30.46 26.77
CA LEU E 92 -25.38 30.75 27.15
C LEU E 92 -26.10 31.35 25.94
N GLU E 93 -25.41 32.26 25.25
CA GLU E 93 -25.95 32.84 24.02
C GLU E 93 -26.40 31.72 23.07
N TYR E 94 -25.57 30.68 22.95
CA TYR E 94 -25.97 29.47 22.23
C TYR E 94 -27.12 28.79 22.93
N LEU E 95 -26.90 28.49 24.20
CA LEU E 95 -27.82 27.65 24.90
C LEU E 95 -29.17 28.28 24.76
N ALA E 96 -29.20 29.60 24.81
CA ALA E 96 -30.46 30.28 24.94
C ALA E 96 -31.39 29.88 23.81
N VAL E 97 -30.91 29.97 22.58
CA VAL E 97 -31.76 29.72 21.43
C VAL E 97 -32.35 28.32 21.48
N ARG E 98 -31.55 27.38 21.97
CA ARG E 98 -32.02 26.03 22.12
C ARG E 98 -33.22 26.04 23.07
N GLN E 99 -33.28 27.05 23.93
CA GLN E 99 -34.45 27.23 24.77
C GLN E 99 -35.73 27.52 23.99
N LEU E 100 -35.63 28.36 22.97
CA LEU E 100 -36.82 28.69 22.17
C LEU E 100 -37.39 27.45 21.48
N THR E 101 -36.50 26.61 20.96
CA THR E 101 -36.93 25.44 20.23
C THR E 101 -37.90 24.67 21.14
N GLN E 102 -37.50 24.37 22.37
CA GLN E 102 -38.38 23.67 23.34
C GLN E 102 -38.96 22.40 22.74
N GLY E 103 -38.08 21.56 22.19
CA GLY E 103 -38.48 20.60 21.17
C GLY E 103 -38.93 21.48 20.03
N LEU E 104 -40.12 21.19 19.51
CA LEU E 104 -41.09 22.20 19.17
C LEU E 104 -40.73 23.39 18.26
N ASP E 105 -39.66 23.35 17.46
CA ASP E 105 -39.45 24.51 16.57
C ASP E 105 -40.37 24.61 15.34
N VAL E 106 -40.78 23.51 14.72
CA VAL E 106 -40.43 22.15 15.10
C VAL E 106 -39.26 21.66 14.27
N ARG E 107 -38.55 22.62 13.69
CA ARG E 107 -37.41 22.37 12.80
C ARG E 107 -36.19 23.14 13.30
N ASN E 108 -34.99 22.80 12.80
CA ASN E 108 -33.78 23.60 13.07
C ASN E 108 -33.11 23.41 14.44
N LYS E 109 -33.46 22.32 15.11
CA LYS E 109 -32.77 21.95 16.35
C LYS E 109 -31.38 21.43 16.01
N ALA E 110 -30.58 21.29 17.06
CA ALA E 110 -29.23 20.69 17.00
C ALA E 110 -28.26 21.26 15.95
N PRO E 111 -27.95 22.58 15.99
CA PRO E 111 -26.70 22.94 15.35
C PRO E 111 -25.68 22.83 16.45
N ILE E 112 -25.01 21.69 16.52
CA ILE E 112 -24.28 21.25 17.73
C ILE E 112 -22.93 21.93 17.94
N LEU E 113 -22.38 21.77 19.14
CA LEU E 113 -21.17 22.48 19.55
C LEU E 113 -19.87 21.74 19.26
N VAL E 114 -18.83 22.53 19.02
CA VAL E 114 -17.46 22.08 19.09
C VAL E 114 -16.76 23.00 20.05
N LEU E 115 -15.88 22.42 20.84
CA LEU E 115 -14.99 23.18 21.71
C LEU E 115 -13.58 22.94 21.20
N VAL E 116 -12.92 24.03 20.85
CA VAL E 116 -11.69 23.97 20.09
C VAL E 116 -10.59 24.65 20.88
N GLY E 117 -9.43 23.98 20.95
CA GLY E 117 -8.26 24.57 21.56
C GLY E 117 -7.25 23.52 21.93
N PRO E 118 -6.03 23.97 22.32
CA PRO E 118 -5.01 23.02 22.73
C PRO E 118 -5.53 22.12 23.83
N PRO E 119 -4.93 20.95 24.01
CA PRO E 119 -5.45 20.12 25.08
C PRO E 119 -5.12 20.71 26.45
N GLY E 120 -5.93 20.36 27.45
CA GLY E 120 -5.71 20.78 28.82
C GLY E 120 -6.33 22.12 29.13
N VAL E 121 -7.27 22.57 28.30
CA VAL E 121 -7.86 23.91 28.43
C VAL E 121 -9.23 23.88 29.11
N GLY E 122 -9.66 22.70 29.57
CA GLY E 122 -10.91 22.58 30.30
C GLY E 122 -12.11 22.09 29.49
N LYS E 123 -11.95 21.94 28.18
CA LYS E 123 -13.07 21.64 27.29
C LYS E 123 -14.02 20.58 27.84
N THR E 124 -13.49 19.42 28.23
CA THR E 124 -14.30 18.36 28.82
C THR E 124 -14.91 18.75 30.16
N SER E 125 -14.12 19.46 30.98
CA SER E 125 -14.60 19.96 32.28
C SER E 125 -15.87 20.80 32.17
N LEU E 126 -15.93 21.67 31.17
CA LEU E 126 -17.15 22.46 30.95
C LEU E 126 -18.30 21.54 30.62
N GLY E 127 -18.06 20.61 29.70
CA GLY E 127 -19.05 19.59 29.39
C GLY E 127 -19.59 18.99 30.67
N ARG E 128 -18.67 18.51 31.51
CA ARG E 128 -19.03 17.96 32.82
C ARG E 128 -19.82 18.96 33.67
N SER E 129 -19.45 20.24 33.55
CA SER E 129 -20.11 21.31 34.28
C SER E 129 -21.54 21.55 33.78
N ILE E 130 -21.73 21.60 32.47
CA ILE E 130 -23.05 21.86 31.90
C ILE E 130 -24.05 20.81 32.38
N ALA E 131 -23.72 19.53 32.12
CA ALA E 131 -24.60 18.38 32.37
C ALA E 131 -25.09 18.14 33.82
N ARG E 132 -24.33 18.64 34.78
CA ARG E 132 -24.73 18.78 36.18
C ARG E 132 -25.57 20.04 36.37
N SER E 133 -25.27 21.04 35.55
CA SER E 133 -26.00 22.30 35.54
C SER E 133 -27.42 22.03 35.12
N MET E 134 -27.61 21.04 34.26
CA MET E 134 -28.94 20.61 33.87
C MET E 134 -29.34 19.35 34.60
N ASN E 135 -28.56 19.01 35.63
CA ASN E 135 -28.83 17.86 36.49
C ASN E 135 -29.11 16.60 35.67
N ARG E 136 -28.35 16.40 34.61
CA ARG E 136 -28.47 15.20 33.81
C ARG E 136 -27.10 14.54 33.56
N LYS E 137 -27.15 13.30 33.11
CA LYS E 137 -25.97 12.44 33.14
C LYS E 137 -24.90 12.87 32.14
N PHE E 138 -23.64 12.67 32.53
CA PHE E 138 -22.52 12.97 31.67
C PHE E 138 -21.77 11.71 31.29
N HIS E 139 -21.41 11.63 30.01
CA HIS E 139 -20.63 10.50 29.51
C HIS E 139 -19.57 10.97 28.55
N ARG E 140 -18.42 10.33 28.61
CA ARG E 140 -17.35 10.64 27.68
C ARG E 140 -17.14 9.50 26.69
N ILE E 141 -17.39 9.82 25.42
CA ILE E 141 -17.01 8.96 24.32
C ILE E 141 -15.91 9.70 23.60
N SER E 142 -14.77 9.02 23.39
CA SER E 142 -13.66 9.67 22.69
C SER E 142 -13.47 9.00 21.34
N LEU E 143 -13.22 9.82 20.32
CA LEU E 143 -13.16 9.35 18.93
C LEU E 143 -11.74 9.38 18.34
N GLY E 144 -10.73 9.39 19.22
CA GLY E 144 -9.34 9.53 18.80
C GLY E 144 -8.89 8.43 17.86
N GLY E 145 -8.51 8.83 16.64
CA GLY E 145 -7.97 7.89 15.65
C GLY E 145 -8.83 6.65 15.40
N VAL E 146 -10.13 6.83 15.29
CA VAL E 146 -11.03 5.72 15.03
C VAL E 146 -11.14 5.59 13.52
N ARG E 147 -10.82 4.39 13.02
CA ARG E 147 -10.62 4.19 11.58
C ARG E 147 -11.83 3.65 10.83
N ASP E 148 -12.92 3.38 11.54
CA ASP E 148 -13.99 2.56 10.98
C ASP E 148 -15.39 3.04 11.37
N GLU E 149 -16.37 2.70 10.53
CA GLU E 149 -17.79 2.88 10.80
C GLU E 149 -18.25 1.98 11.93
N ALA E 150 -17.80 0.73 11.91
CA ALA E 150 -18.15 -0.29 12.91
C ALA E 150 -18.22 0.26 14.33
N GLU E 151 -17.27 1.13 14.64
CA GLU E 151 -17.13 1.65 16.00
C GLU E 151 -18.40 2.36 16.46
N ILE E 152 -19.08 3.01 15.52
CA ILE E 152 -20.30 3.76 15.82
C ILE E 152 -21.56 2.91 15.61
N ARG E 153 -21.84 2.58 14.36
CA ARG E 153 -23.03 1.82 13.98
C ARG E 153 -22.87 0.31 14.07
N GLY E 154 -21.67 -0.17 14.35
CA GLY E 154 -21.46 -1.59 14.70
C GLY E 154 -21.43 -2.58 13.54
N HIS E 155 -21.07 -3.82 13.84
CA HIS E 155 -21.13 -4.92 12.87
C HIS E 155 -22.33 -5.80 13.17
N ARG E 156 -22.95 -6.32 12.11
CA ARG E 156 -24.15 -7.14 12.25
C ARG E 156 -23.91 -8.25 13.27
N ARG E 157 -25.00 -8.71 13.88
CA ARG E 157 -24.95 -9.75 14.90
C ARG E 157 -24.31 -11.06 14.38
N THR E 158 -24.44 -11.30 13.09
CA THR E 158 -23.88 -12.51 12.45
C THR E 158 -22.42 -12.72 12.84
N TYR E 159 -21.57 -11.77 12.46
CA TYR E 159 -20.13 -11.99 12.36
C TYR E 159 -19.47 -12.18 13.72
N ILE E 160 -18.31 -12.85 13.72
CA ILE E 160 -17.61 -13.16 14.97
C ILE E 160 -17.17 -11.89 15.70
N GLY E 161 -17.07 -11.98 17.03
CA GLY E 161 -16.80 -10.83 17.87
C GLY E 161 -17.70 -9.66 17.48
N ALA E 162 -18.99 -9.91 17.32
CA ALA E 162 -19.96 -8.88 16.95
C ALA E 162 -20.36 -8.08 18.18
N MET E 163 -20.29 -6.75 18.05
CA MET E 163 -20.67 -5.86 19.15
C MET E 163 -21.32 -4.56 18.66
N PRO E 164 -22.29 -4.03 19.44
CA PRO E 164 -22.91 -2.77 19.08
C PRO E 164 -21.91 -1.65 19.14
N GLY E 165 -22.18 -0.58 18.39
CA GLY E 165 -21.26 0.53 18.31
C GLY E 165 -21.10 1.18 19.66
N LYS E 166 -20.27 2.22 19.71
CA LYS E 166 -20.09 2.98 20.94
C LYS E 166 -21.43 3.56 21.39
N LEU E 167 -22.11 4.23 20.46
CA LEU E 167 -23.37 4.94 20.74
C LEU E 167 -24.34 4.12 21.55
N ILE E 168 -24.52 2.87 21.16
CA ILE E 168 -25.30 1.95 21.95
C ILE E 168 -24.57 1.67 23.25
N HIS E 169 -23.27 1.35 23.17
CA HIS E 169 -22.49 1.05 24.39
C HIS E 169 -22.69 2.13 25.44
N ALA E 170 -22.53 3.38 25.02
CA ALA E 170 -22.68 4.51 25.91
C ALA E 170 -24.04 4.51 26.60
N MET E 171 -25.09 4.23 25.84
CA MET E 171 -26.46 4.38 26.33
C MET E 171 -26.83 3.32 27.35
N LYS E 172 -26.35 2.09 27.18
CA LYS E 172 -26.55 1.07 28.22
C LYS E 172 -25.97 1.60 29.52
N GLN E 173 -24.69 2.00 29.45
CA GLN E 173 -23.92 2.38 30.62
C GLN E 173 -24.44 3.62 31.33
N VAL E 174 -24.95 4.59 30.57
CA VAL E 174 -25.44 5.83 31.17
C VAL E 174 -26.61 5.54 32.12
N GLY E 175 -27.48 4.60 31.73
CA GLY E 175 -28.62 4.21 32.56
C GLY E 175 -29.90 4.99 32.31
N VAL E 176 -29.83 6.00 31.45
CA VAL E 176 -31.00 6.82 31.10
C VAL E 176 -30.98 7.32 29.66
N ILE E 177 -32.11 7.88 29.22
CA ILE E 177 -32.35 8.27 27.82
C ILE E 177 -31.93 9.70 27.44
N ASN E 178 -31.52 10.50 28.42
CA ASN E 178 -31.16 11.90 28.16
C ASN E 178 -29.97 12.42 28.96
N PRO E 179 -28.75 11.94 28.64
CA PRO E 179 -27.56 12.49 29.26
C PRO E 179 -26.83 13.43 28.31
N VAL E 180 -25.98 14.28 28.87
CA VAL E 180 -25.02 14.99 28.04
C VAL E 180 -23.94 13.98 27.66
N ILE E 181 -23.60 13.96 26.38
CA ILE E 181 -22.53 13.11 25.87
C ILE E 181 -21.54 14.01 25.16
N LEU E 182 -20.26 13.82 25.47
CA LEU E 182 -19.20 14.59 24.86
C LEU E 182 -18.33 13.67 24.02
N LEU E 183 -18.34 13.91 22.71
CA LEU E 183 -17.47 13.20 21.78
C LEU E 183 -16.23 14.04 21.57
N ASP E 184 -15.14 13.70 22.24
CA ASP E 184 -13.88 14.41 22.05
C ASP E 184 -12.96 13.57 21.21
N GLN E 185 -11.85 14.18 20.81
CA GLN E 185 -11.09 13.66 19.71
C GLN E 185 -12.03 13.59 18.52
N ILE E 186 -12.83 14.64 18.34
CA ILE E 186 -13.74 14.69 17.21
C ILE E 186 -12.99 14.68 15.89
N ASP E 187 -11.86 15.35 15.86
CA ASP E 187 -11.08 15.49 14.64
C ASP E 187 -9.92 14.51 14.52
N LYS E 188 -9.72 13.67 15.55
CA LYS E 188 -8.66 12.68 15.50
C LYS E 188 -9.12 11.39 14.79
N MET E 189 -10.21 11.47 14.02
CA MET E 189 -10.71 10.34 13.22
C MET E 189 -9.91 10.11 11.93
N SER E 190 -9.08 9.06 11.91
CA SER E 190 -8.51 8.59 10.65
C SER E 190 -9.71 8.29 9.77
N SER E 191 -9.59 8.62 8.49
CA SER E 191 -10.78 8.71 7.64
C SER E 191 -10.78 7.77 6.43
N ASP E 192 -11.79 6.93 6.35
CA ASP E 192 -12.22 6.35 5.08
C ASP E 192 -11.08 5.58 4.40
N TRP E 193 -10.21 4.99 5.22
CA TRP E 193 -9.11 4.20 4.72
C TRP E 193 -9.59 2.82 4.30
N ARG E 194 -10.61 2.33 4.98
CA ARG E 194 -11.48 1.25 4.46
C ARG E 194 -12.85 1.81 4.06
N GLY E 195 -13.33 2.79 4.83
CA GLY E 195 -14.63 3.43 4.60
C GLY E 195 -14.80 4.62 5.52
N ASP E 196 -15.68 5.55 5.16
CA ASP E 196 -15.92 6.76 5.97
C ASP E 196 -16.66 6.39 7.26
N PRO E 197 -16.11 6.78 8.43
CA PRO E 197 -16.84 6.59 9.66
C PRO E 197 -17.54 7.86 10.09
N ALA E 198 -17.12 8.99 9.52
CA ALA E 198 -17.71 10.27 9.89
C ALA E 198 -19.21 10.17 9.63
N SER E 199 -19.58 9.71 8.44
CA SER E 199 -20.98 9.55 8.03
C SER E 199 -21.91 9.13 9.16
N ALA E 200 -21.60 7.99 9.77
CA ALA E 200 -22.41 7.45 10.86
C ALA E 200 -22.66 8.52 11.91
N MET E 201 -21.68 9.39 12.12
CA MET E 201 -21.86 10.54 13.00
C MET E 201 -23.04 11.39 12.52
N LEU E 202 -23.04 11.78 11.25
CA LEU E 202 -24.17 12.57 10.74
C LEU E 202 -25.48 11.90 11.08
N GLU E 203 -25.56 10.60 10.82
CA GLU E 203 -26.69 9.78 11.24
C GLU E 203 -27.05 10.06 12.70
N VAL E 204 -26.01 10.22 13.51
CA VAL E 204 -26.15 10.56 14.93
C VAL E 204 -26.69 11.98 15.15
N LEU E 205 -26.19 12.94 14.37
CA LEU E 205 -26.38 14.36 14.68
C LEU E 205 -27.27 15.12 13.68
N ASP E 206 -28.05 14.41 12.88
CA ASP E 206 -29.07 15.05 12.03
C ASP E 206 -30.44 14.83 12.69
N PRO E 207 -31.05 15.91 13.23
CA PRO E 207 -32.15 15.69 14.15
C PRO E 207 -33.26 14.88 13.53
N GLU E 208 -33.60 15.22 12.29
CA GLU E 208 -34.54 14.46 11.55
C GLU E 208 -34.03 13.04 11.55
N GLN E 209 -32.77 12.89 11.15
CA GLN E 209 -32.26 11.55 10.90
C GLN E 209 -32.20 10.68 12.15
N ASN E 210 -31.79 11.29 13.26
CA ASN E 210 -31.42 10.55 14.47
C ASN E 210 -32.58 9.91 15.22
N ASN E 211 -33.79 10.43 15.07
CA ASN E 211 -34.92 9.89 15.84
C ASN E 211 -34.99 8.38 15.70
N THR E 212 -34.65 7.88 14.52
CA THR E 212 -34.63 6.46 14.28
C THR E 212 -33.20 6.12 13.93
N PHE E 213 -32.28 6.36 14.87
CA PHE E 213 -30.90 5.92 14.71
C PHE E 213 -30.92 4.40 14.73
N THR E 214 -30.24 3.80 13.78
CA THR E 214 -30.27 2.35 13.63
C THR E 214 -28.87 1.78 13.82
N ASP E 215 -28.58 1.27 15.01
CA ASP E 215 -27.35 0.54 15.17
C ASP E 215 -27.57 -0.75 14.42
N HIS E 216 -26.48 -1.47 14.19
CA HIS E 216 -26.54 -2.69 13.41
C HIS E 216 -26.54 -3.94 14.27
N TYR E 217 -25.82 -3.95 15.39
CA TYR E 217 -25.85 -5.12 16.28
C TYR E 217 -27.25 -5.35 16.82
N LEU E 218 -27.90 -4.28 17.26
CA LEU E 218 -29.35 -4.32 17.46
C LEU E 218 -29.95 -4.28 16.07
N ASP E 219 -31.16 -4.80 15.93
CA ASP E 219 -31.89 -4.64 14.68
C ASP E 219 -33.11 -3.74 14.87
N VAL E 220 -33.00 -2.84 15.85
CA VAL E 220 -34.06 -1.93 16.19
C VAL E 220 -33.57 -0.52 15.96
N PRO E 221 -34.33 0.29 15.20
CA PRO E 221 -34.01 1.70 15.28
C PRO E 221 -34.14 2.19 16.71
N TYR E 222 -33.11 2.90 17.18
CA TYR E 222 -33.09 3.52 18.50
C TYR E 222 -33.20 5.03 18.33
N ASP E 223 -33.73 5.72 19.35
CA ASP E 223 -33.92 7.15 19.26
C ASP E 223 -32.94 7.92 20.14
N LEU E 224 -32.20 8.83 19.51
CA LEU E 224 -31.26 9.73 20.18
C LEU E 224 -31.73 11.19 20.12
N SER E 225 -33.06 11.38 20.00
CA SER E 225 -33.62 12.71 19.78
C SER E 225 -33.35 13.64 20.96
N LYS E 226 -33.45 13.09 22.17
CA LYS E 226 -33.29 13.91 23.36
C LYS E 226 -31.85 14.32 23.58
N VAL E 227 -30.91 13.41 23.33
CA VAL E 227 -29.54 13.59 23.84
C VAL E 227 -28.94 14.92 23.42
N PHE E 228 -28.19 15.50 24.35
CA PHE E 228 -27.41 16.71 24.11
C PHE E 228 -26.03 16.24 23.69
N PHE E 229 -25.50 16.84 22.62
CA PHE E 229 -24.16 16.52 22.18
C PHE E 229 -23.23 17.73 22.20
N ILE E 230 -22.06 17.54 22.79
CA ILE E 230 -20.93 18.48 22.72
C ILE E 230 -19.76 17.75 22.08
N THR E 231 -18.95 18.51 21.37
CA THR E 231 -17.80 17.96 20.68
C THR E 231 -16.53 18.67 21.16
N THR E 232 -15.39 18.01 21.06
CA THR E 232 -14.13 18.71 21.30
C THR E 232 -13.11 18.39 20.20
N ALA E 233 -12.16 19.30 20.03
CA ALA E 233 -11.16 19.25 18.96
C ALA E 233 -9.99 20.18 19.28
N ASN E 234 -8.89 20.03 18.55
CA ASN E 234 -7.74 20.92 18.67
C ASN E 234 -7.58 21.84 17.47
N THR E 235 -8.20 21.46 16.36
CA THR E 235 -8.28 22.32 15.19
C THR E 235 -9.42 21.84 14.32
N LEU E 236 -9.91 22.70 13.45
CA LEU E 236 -11.03 22.36 12.58
C LEU E 236 -10.61 21.88 11.19
N GLN E 237 -9.32 21.97 10.88
CA GLN E 237 -8.80 21.54 9.58
C GLN E 237 -8.89 20.04 9.38
N THR E 238 -9.33 19.29 10.39
CA THR E 238 -9.38 17.83 10.30
C THR E 238 -10.80 17.27 10.43
N ILE E 239 -11.82 18.12 10.33
CA ILE E 239 -13.21 17.65 10.28
C ILE E 239 -13.71 17.65 8.84
N PRO E 240 -14.45 16.60 8.44
CA PRO E 240 -15.12 16.69 7.14
C PRO E 240 -16.13 17.84 7.19
N ARG E 241 -16.39 18.46 6.05
CA ARG E 241 -17.31 19.61 6.00
C ARG E 241 -18.74 19.35 6.42
N PRO E 242 -19.25 18.15 6.14
CA PRO E 242 -20.64 17.86 6.49
C PRO E 242 -20.94 18.02 7.96
N LEU E 243 -20.09 17.45 8.81
CA LEU E 243 -20.18 17.67 10.25
C LEU E 243 -19.98 19.16 10.50
N LEU E 244 -18.87 19.67 9.98
CA LEU E 244 -18.44 21.04 10.21
C LEU E 244 -19.50 22.09 9.91
N ASP E 245 -20.20 21.96 8.83
CA ASP E 245 -21.18 23.01 8.54
C ASP E 245 -22.31 23.08 9.57
N ARG E 246 -22.54 22.00 10.29
CA ARG E 246 -23.58 21.99 11.32
C ARG E 246 -22.99 21.96 12.74
N MET E 247 -22.19 22.97 13.05
CA MET E 247 -21.63 23.18 14.39
C MET E 247 -21.55 24.66 14.67
N GLU E 248 -21.74 25.06 15.92
CA GLU E 248 -21.40 26.43 16.37
C GLU E 248 -20.09 26.37 17.16
N VAL E 249 -19.16 27.25 16.83
CA VAL E 249 -17.78 27.14 17.28
C VAL E 249 -17.46 28.02 18.48
N ILE E 250 -17.03 27.39 19.56
CA ILE E 250 -16.50 28.07 20.73
C ILE E 250 -15.01 27.76 20.82
N GLU E 251 -14.19 28.79 21.01
CA GLU E 251 -12.73 28.61 21.07
C GLU E 251 -12.21 28.91 22.47
N ILE E 252 -11.55 27.92 23.05
CA ILE E 252 -10.92 28.04 24.36
C ILE E 252 -9.43 27.81 24.12
N PRO E 253 -8.67 28.88 23.88
CA PRO E 253 -7.37 28.76 23.22
C PRO E 253 -6.15 28.69 24.13
N GLY E 254 -6.34 28.66 25.45
CA GLY E 254 -5.23 28.59 26.39
C GLY E 254 -5.38 29.62 27.51
N TYR E 255 -4.59 29.44 28.57
CA TYR E 255 -4.56 30.39 29.67
C TYR E 255 -3.19 30.97 29.81
N THR E 256 -3.12 32.08 30.54
CA THR E 256 -1.86 32.75 30.83
C THR E 256 -1.48 32.64 32.30
N ASN E 257 -0.18 32.79 32.54
CA ASN E 257 0.43 32.49 33.84
C ASN E 257 -0.40 33.00 35.00
N MET E 258 -0.96 34.19 34.83
CA MET E 258 -1.87 34.77 35.80
C MET E 258 -3.17 33.99 35.81
N GLU E 259 -3.72 33.75 34.63
CA GLU E 259 -4.96 32.99 34.52
C GLU E 259 -4.76 31.58 35.07
N LYS E 260 -3.57 31.01 34.87
CA LYS E 260 -3.25 29.67 35.36
C LYS E 260 -3.08 29.63 36.88
N GLN E 261 -2.40 30.64 37.40
CA GLN E 261 -2.14 30.79 38.83
C GLN E 261 -3.44 30.96 39.60
N ALA E 262 -4.37 31.70 38.99
CA ALA E 262 -5.72 31.84 39.54
C ALA E 262 -6.38 30.47 39.56
N ILE E 263 -6.37 29.80 38.42
CA ILE E 263 -7.03 28.52 38.28
C ILE E 263 -6.47 27.52 39.29
N ALA E 264 -5.17 27.61 39.54
CA ALA E 264 -4.46 26.60 40.32
C ALA E 264 -4.92 26.54 41.77
N ARG E 265 -4.94 27.72 42.42
CA ARG E 265 -5.31 27.81 43.82
C ARG E 265 -6.80 27.52 44.04
N GLN E 266 -7.64 28.03 43.16
CA GLN E 266 -9.09 27.88 43.27
C GLN E 266 -9.57 26.45 43.05
N TYR E 267 -8.97 25.79 42.06
CA TYR E 267 -9.39 24.43 41.66
C TYR E 267 -8.30 23.40 41.77
N LEU E 268 -7.20 23.61 41.05
CA LEU E 268 -6.20 22.55 40.88
C LEU E 268 -5.45 22.15 42.15
N TRP E 269 -5.08 23.13 42.95
CA TRP E 269 -4.31 22.86 44.16
C TRP E 269 -5.19 22.20 45.24
N PRO E 270 -6.39 22.76 45.52
CA PRO E 270 -7.22 22.12 46.53
C PRO E 270 -7.68 20.72 46.17
N LYS E 271 -8.05 20.47 44.92
CA LYS E 271 -8.46 19.12 44.53
C LYS E 271 -7.39 18.12 44.95
N GLN E 272 -6.16 18.40 44.54
CA GLN E 272 -5.04 17.50 44.70
C GLN E 272 -4.68 17.27 46.16
N VAL E 273 -4.75 18.33 46.97
CA VAL E 273 -4.57 18.17 48.40
C VAL E 273 -5.65 17.21 48.88
N ARG E 274 -6.90 17.54 48.55
CA ARG E 274 -8.08 16.78 48.98
C ARG E 274 -8.04 15.36 48.44
N GLU E 275 -7.73 15.25 47.15
CA GLU E 275 -7.60 13.96 46.49
C GLU E 275 -6.59 13.11 47.25
N SER E 276 -5.49 13.75 47.62
CA SER E 276 -4.39 13.10 48.33
C SER E 276 -4.74 12.68 49.77
N GLY E 277 -5.89 13.09 50.27
CA GLY E 277 -6.23 12.88 51.68
C GLY E 277 -5.43 13.82 52.57
N MET E 278 -4.76 14.80 51.95
CA MET E 278 -3.78 15.62 52.62
C MET E 278 -4.39 16.96 53.06
N GLU E 279 -5.71 17.06 53.08
CA GLU E 279 -6.36 18.34 53.34
C GLU E 279 -5.89 18.89 54.69
N GLY E 280 -5.57 20.17 54.70
CA GLY E 280 -5.26 20.90 55.94
C GLY E 280 -3.90 20.64 56.57
N ARG E 281 -3.05 19.85 55.93
CA ARG E 281 -1.72 19.58 56.46
C ARG E 281 -0.61 20.12 55.56
N ILE E 282 -0.99 20.75 54.44
CA ILE E 282 -0.03 21.27 53.47
C ILE E 282 -0.68 22.34 52.59
N GLU E 283 0.13 23.30 52.18
CA GLU E 283 -0.32 24.37 51.30
C GLU E 283 0.87 24.98 50.55
N VAL E 284 0.60 25.60 49.41
CA VAL E 284 1.62 26.25 48.61
C VAL E 284 1.37 27.75 48.54
N THR E 285 2.45 28.52 48.63
CA THR E 285 2.36 29.94 48.38
C THR E 285 2.02 30.16 46.91
N ASP E 286 1.42 31.30 46.60
CA ASP E 286 1.17 31.72 45.21
C ASP E 286 2.49 31.88 44.46
N ALA E 287 3.47 32.49 45.12
CA ALA E 287 4.85 32.55 44.64
C ALA E 287 5.41 31.22 44.16
N ALA E 288 5.18 30.16 44.95
CA ALA E 288 5.58 28.80 44.58
C ALA E 288 4.96 28.42 43.26
N ILE E 289 3.65 28.56 43.17
CA ILE E 289 2.90 28.14 41.99
C ILE E 289 3.49 28.78 40.74
N LEU E 290 3.70 30.09 40.79
CA LEU E 290 4.31 30.79 39.67
C LEU E 290 5.62 30.12 39.30
N ARG E 291 6.33 29.58 40.28
CA ARG E 291 7.52 28.75 40.00
C ARG E 291 7.13 27.51 39.20
N VAL E 292 6.00 26.90 39.52
CA VAL E 292 5.57 25.69 38.83
C VAL E 292 5.17 25.97 37.39
N ILE E 293 4.48 27.07 37.14
CA ILE E 293 4.06 27.41 35.78
C ILE E 293 5.27 27.72 34.90
N SER E 294 6.12 28.65 35.34
CA SER E 294 7.22 29.11 34.50
C SER E 294 8.30 28.06 34.29
N GLU E 295 8.58 27.24 35.31
CA GLU E 295 9.79 26.39 35.32
C GLU E 295 9.60 24.88 35.30
N TYR E 296 8.37 24.40 35.23
CA TYR E 296 8.14 22.96 35.22
C TYR E 296 7.18 22.47 34.15
N THR E 297 6.65 23.39 33.37
CA THR E 297 5.59 23.07 32.44
C THR E 297 5.71 23.94 31.21
N ARG E 298 5.24 23.43 30.08
CA ARG E 298 5.23 24.17 28.84
C ARG E 298 4.04 23.71 27.98
N GLU E 299 3.06 24.59 27.85
CA GLU E 299 1.79 24.25 27.22
C GLU E 299 0.88 25.46 27.29
N ALA E 300 -0.18 25.46 26.49
CA ALA E 300 -1.17 26.52 26.50
C ALA E 300 -2.21 26.30 27.63
N GLY E 301 -2.64 25.07 27.80
CA GLY E 301 -3.65 24.71 28.79
C GLY E 301 -3.04 23.87 29.89
N VAL E 302 -3.70 23.88 31.04
CA VAL E 302 -3.07 23.56 32.32
C VAL E 302 -2.74 22.09 32.63
N ARG E 303 -3.00 21.15 31.69
CA ARG E 303 -2.86 19.71 31.99
C ARG E 303 -1.45 19.21 32.29
N GLY E 304 -0.49 20.17 32.44
CA GLY E 304 0.79 19.95 33.09
C GLY E 304 0.83 20.35 34.55
N LEU E 305 0.23 21.48 34.89
CA LEU E 305 0.19 21.98 36.27
C LEU E 305 -0.55 21.06 37.20
N GLU E 306 -1.67 20.52 36.76
CA GLU E 306 -2.40 19.56 37.58
C GLU E 306 -1.47 18.39 37.87
N ARG E 307 -0.73 17.96 36.85
CA ARG E 307 0.12 16.79 36.95
C ARG E 307 1.29 17.01 37.94
N GLU E 308 1.88 18.21 37.92
CA GLU E 308 2.99 18.57 38.81
C GLU E 308 2.47 18.85 40.22
N LEU E 309 1.43 19.69 40.33
CA LEU E 309 0.78 19.95 41.63
C LEU E 309 0.31 18.64 42.26
N GLY E 310 0.00 17.65 41.43
CA GLY E 310 -0.30 16.30 41.90
C GLY E 310 0.91 15.65 42.56
N LYS E 311 2.04 15.71 41.86
CA LYS E 311 3.31 15.18 42.38
C LYS E 311 3.62 15.71 43.77
N ILE E 312 3.39 17.00 44.01
CA ILE E 312 3.71 17.61 45.29
C ILE E 312 2.83 17.06 46.40
N ALA E 313 1.52 17.07 46.14
CA ALA E 313 0.54 16.68 47.15
C ALA E 313 0.78 15.26 47.61
N ARG E 314 0.97 14.40 46.62
CA ARG E 314 1.29 13.00 46.84
C ARG E 314 2.59 12.86 47.65
N LYS E 315 3.66 13.52 47.22
CA LYS E 315 4.94 13.50 47.96
C LYS E 315 4.65 13.81 49.42
N GLY E 316 3.98 14.94 49.65
CA GLY E 316 3.63 15.41 50.99
C GLY E 316 3.13 14.31 51.91
N ALA E 317 2.14 13.57 51.44
CA ALA E 317 1.55 12.48 52.23
C ALA E 317 2.62 11.53 52.69
N LYS E 318 3.42 11.05 51.73
CA LYS E 318 4.56 10.18 52.00
C LYS E 318 5.45 10.77 53.07
N PHE E 319 5.79 12.04 52.90
CA PHE E 319 6.69 12.76 53.80
C PHE E 319 6.17 12.82 55.24
N TRP E 320 4.90 13.20 55.38
CA TRP E 320 4.25 13.41 56.68
C TRP E 320 4.16 12.15 57.52
N LEU E 321 3.86 11.03 56.86
CA LEU E 321 3.72 9.78 57.57
C LEU E 321 5.06 9.34 58.13
N GLU E 322 6.14 9.77 57.48
CA GLU E 322 7.51 9.39 57.89
C GLU E 322 7.88 9.85 59.32
N GLY E 323 7.60 11.09 59.72
CA GLY E 323 7.21 12.18 58.85
C GLY E 323 7.56 13.43 59.60
N ALA E 324 7.51 14.58 58.96
CA ALA E 324 8.09 15.79 59.56
C ALA E 324 7.21 17.07 59.56
N TRP E 325 5.99 16.96 60.05
CA TRP E 325 5.32 18.13 60.61
C TRP E 325 4.11 17.80 61.45
N GLU E 326 3.63 18.82 62.13
CA GLU E 326 2.30 18.82 62.62
C GLU E 326 1.75 20.11 62.05
N GLY E 327 0.46 20.14 61.77
CA GLY E 327 -0.17 21.28 61.10
C GLY E 327 0.53 21.52 59.79
N LEU E 328 0.42 22.74 59.27
CA LEU E 328 0.98 23.06 57.97
C LEU E 328 2.49 23.06 57.96
N ARG E 329 3.03 22.34 56.99
CA ARG E 329 4.24 22.74 56.34
C ARG E 329 3.62 23.43 55.16
N THR E 330 4.07 24.64 54.87
CA THR E 330 3.54 25.35 53.73
C THR E 330 4.73 25.78 52.92
N ILE E 331 4.55 25.84 51.61
CA ILE E 331 5.67 25.86 50.69
C ILE E 331 5.78 27.19 49.94
N ASP E 332 7.02 27.54 49.62
CA ASP E 332 7.28 28.64 48.74
C ASP E 332 8.37 28.29 47.72
N ALA E 333 8.67 29.23 46.83
CA ALA E 333 9.58 29.00 45.74
C ALA E 333 10.74 28.09 46.11
N SER E 334 11.62 28.56 47.00
CA SER E 334 12.84 27.79 47.35
C SER E 334 12.51 26.38 47.77
N ASP E 335 11.30 26.21 48.31
CA ASP E 335 10.86 24.90 48.75
C ASP E 335 10.34 23.97 47.62
N ILE E 336 10.30 24.42 46.36
CA ILE E 336 9.78 23.59 45.25
C ILE E 336 10.72 22.47 44.74
N PRO E 337 11.97 22.81 44.37
CA PRO E 337 12.83 21.72 43.86
C PRO E 337 12.95 20.55 44.83
N THR E 338 12.74 20.82 46.11
CA THR E 338 12.68 19.77 47.14
C THR E 338 11.60 18.74 46.85
N TYR E 339 10.41 19.21 46.50
CA TYR E 339 9.31 18.30 46.19
C TYR E 339 9.39 17.81 44.76
N LEU E 340 9.74 18.72 43.85
CA LEU E 340 9.50 18.53 42.43
C LEU E 340 10.73 18.27 41.56
N GLY E 341 11.93 18.44 42.11
CA GLY E 341 13.15 18.22 41.33
C GLY E 341 13.68 19.48 40.68
N ILE E 342 14.91 19.40 40.19
CA ILE E 342 15.64 20.57 39.71
C ILE E 342 14.85 21.14 38.53
N PRO E 343 14.74 22.48 38.42
CA PRO E 343 13.80 22.98 37.42
C PRO E 343 14.16 22.51 36.02
N ARG E 344 13.14 22.30 35.19
CA ARG E 344 13.32 21.91 33.80
C ARG E 344 13.75 23.11 32.98
N TYR E 345 12.96 24.19 33.06
CA TYR E 345 13.15 25.36 32.20
C TYR E 345 13.58 26.56 33.04
N ARG E 346 14.84 26.54 33.47
CA ARG E 346 15.34 27.54 34.41
C ARG E 346 15.82 28.87 33.82
N PRO E 347 16.06 28.93 32.48
CA PRO E 347 16.83 30.12 32.05
C PRO E 347 16.14 31.42 32.41
N ASP E 348 16.84 32.53 32.63
CA ASP E 348 18.21 32.86 32.15
C ASP E 348 18.20 33.32 30.71
N LYS E 349 17.05 33.18 30.06
CA LYS E 349 16.90 33.51 28.65
C LYS E 349 17.02 35.01 28.43
N ALA E 350 17.28 35.41 27.20
CA ALA E 350 17.72 34.50 26.13
C ALA E 350 19.20 34.07 26.23
N GLU E 351 20.13 34.97 26.59
CA GLU E 351 19.88 36.37 26.93
C GLU E 351 19.32 37.17 25.76
N THR E 352 18.53 38.18 26.11
CA THR E 352 17.88 39.04 25.16
C THR E 352 18.79 40.17 24.75
N GLU E 353 20.01 40.18 25.30
CA GLU E 353 21.06 41.12 24.88
C GLU E 353 21.36 40.74 23.44
N PRO E 354 20.89 41.55 22.48
CA PRO E 354 20.84 41.16 21.08
C PRO E 354 22.10 40.48 20.58
N GLN E 355 21.92 39.49 19.69
CA GLN E 355 23.01 38.66 19.20
C GLN E 355 23.05 38.69 17.68
N VAL E 356 24.19 38.33 17.12
CA VAL E 356 24.42 38.45 15.69
C VAL E 356 23.93 37.18 15.02
N GLY E 357 23.06 37.37 14.03
CA GLY E 357 22.46 36.25 13.31
C GLY E 357 21.59 35.38 14.21
N THR E 358 20.72 36.03 14.97
CA THR E 358 19.74 35.36 15.81
C THR E 358 18.49 36.20 15.81
N ALA E 359 17.34 35.58 15.57
CA ALA E 359 16.08 36.28 15.53
C ALA E 359 15.00 35.38 16.12
N GLN E 360 14.05 35.99 16.80
CA GLN E 360 13.08 35.25 17.60
C GLN E 360 11.74 35.10 16.91
N GLY E 361 11.41 33.88 16.51
CA GLY E 361 10.17 33.61 15.79
C GLY E 361 9.28 32.74 16.62
N LEU E 362 7.97 32.85 16.41
CA LEU E 362 7.02 32.00 17.11
C LEU E 362 6.34 31.11 16.12
N ALA E 363 5.78 30.05 16.66
CA ALA E 363 5.24 28.96 15.89
C ALA E 363 4.12 28.32 16.67
N TRP E 364 3.26 27.56 15.98
CA TRP E 364 2.13 26.94 16.63
C TRP E 364 1.70 25.63 15.99
N THR E 365 0.91 24.88 16.74
CA THR E 365 0.23 23.68 16.23
C THR E 365 -0.96 23.48 17.14
N PRO E 366 -1.81 22.49 16.84
CA PRO E 366 -3.00 22.30 17.64
C PRO E 366 -2.73 22.20 19.16
N VAL E 367 -1.65 21.51 19.54
CA VAL E 367 -1.33 21.33 20.97
C VAL E 367 -0.84 22.62 21.64
N GLY E 368 -0.42 23.58 20.84
CA GLY E 368 -0.12 24.92 21.33
C GLY E 368 0.83 25.66 20.42
N GLY E 369 1.19 26.86 20.88
CA GLY E 369 2.19 27.67 20.23
C GLY E 369 3.49 27.64 21.01
N THR E 370 4.60 27.58 20.31
CA THR E 370 5.92 27.62 20.93
C THR E 370 6.71 28.79 20.42
N LEU E 371 7.70 29.19 21.21
CA LEU E 371 8.60 30.30 20.89
C LEU E 371 9.94 29.67 20.51
N LEU E 372 10.32 29.80 19.25
CA LEU E 372 11.52 29.13 18.74
C LEU E 372 12.46 30.12 18.09
N THR E 373 13.74 29.99 18.40
CA THR E 373 14.77 30.87 17.87
C THR E 373 15.19 30.42 16.48
N ILE E 374 15.68 31.34 15.67
CA ILE E 374 16.19 31.05 14.33
C ILE E 374 17.60 31.59 14.21
N GLU E 375 18.56 30.76 13.84
CA GLU E 375 19.96 31.18 13.85
C GLU E 375 20.59 31.12 12.48
N VAL E 376 21.36 32.14 12.15
CA VAL E 376 22.12 32.19 10.89
C VAL E 376 23.61 32.46 11.14
N ALA E 377 24.43 31.84 10.30
CA ALA E 377 25.87 32.09 10.29
C ALA E 377 26.26 32.53 8.90
N ALA E 378 26.85 33.71 8.81
CA ALA E 378 27.53 34.12 7.60
C ALA E 378 28.99 33.75 7.80
N VAL E 379 29.53 32.91 6.94
CA VAL E 379 30.94 32.51 7.03
C VAL E 379 31.53 32.77 5.65
N PRO E 380 32.86 32.93 5.54
CA PRO E 380 33.34 33.16 4.20
C PRO E 380 33.29 31.86 3.40
N GLY E 381 33.08 31.97 2.10
CA GLY E 381 32.91 30.82 1.24
C GLY E 381 32.43 31.21 -0.13
N SER E 382 31.83 30.25 -0.83
CA SER E 382 31.46 30.41 -2.24
C SER E 382 30.01 30.83 -2.53
N GLY E 383 29.24 31.15 -1.48
CA GLY E 383 27.82 31.46 -1.65
C GLY E 383 26.90 30.25 -1.72
N LYS E 384 27.17 29.27 -0.87
CA LYS E 384 26.35 28.08 -0.76
C LYS E 384 25.43 28.26 0.42
N LEU E 385 24.15 27.93 0.25
CA LEU E 385 23.15 28.05 1.30
C LEU E 385 22.82 26.68 1.83
N SER E 386 22.82 26.53 3.15
CA SER E 386 22.48 25.26 3.79
C SER E 386 21.38 25.50 4.82
N LEU E 387 20.32 24.70 4.78
CA LEU E 387 19.14 24.90 5.59
C LEU E 387 18.78 23.65 6.42
N THR E 388 19.18 23.65 7.68
CA THR E 388 18.98 22.50 8.55
C THR E 388 18.03 22.85 9.65
N GLY E 389 17.72 21.89 10.51
CA GLY E 389 16.68 22.02 11.52
C GLY E 389 15.42 21.30 11.13
N GLN E 390 15.58 20.33 10.22
CA GLN E 390 14.47 19.54 9.78
C GLN E 390 13.41 20.45 9.23
N LEU E 391 13.84 21.47 8.51
CA LEU E 391 12.95 22.38 7.84
C LEU E 391 12.17 21.65 6.77
N GLY E 392 10.88 21.94 6.63
CA GLY E 392 10.09 21.40 5.55
C GLY E 392 10.48 22.20 4.33
N GLU E 393 9.91 21.87 3.17
CA GLU E 393 10.25 22.57 1.91
C GLU E 393 9.69 23.98 1.75
N VAL E 394 8.46 24.19 2.20
CA VAL E 394 7.81 25.48 2.07
C VAL E 394 8.57 26.52 2.90
N MET E 395 9.13 26.09 4.03
CA MET E 395 9.94 26.97 4.83
C MET E 395 11.22 27.28 4.07
N LYS E 396 11.81 26.28 3.44
CA LYS E 396 13.05 26.48 2.70
C LYS E 396 12.89 27.48 1.55
N GLU E 397 11.71 27.53 0.94
CA GLU E 397 11.42 28.53 -0.09
C GLU E 397 11.35 29.94 0.49
N SER E 398 10.92 30.05 1.74
CA SER E 398 10.84 31.35 2.41
C SER E 398 12.24 31.89 2.75
N ALA E 399 13.19 30.98 3.00
CA ALA E 399 14.58 31.37 3.17
C ALA E 399 15.07 32.01 1.90
N GLN E 400 14.71 31.39 0.78
CA GLN E 400 15.10 31.87 -0.52
C GLN E 400 14.51 33.23 -0.82
N ALA E 401 13.20 33.36 -0.64
CA ALA E 401 12.54 34.63 -0.87
C ALA E 401 13.19 35.72 -0.01
N ALA E 402 13.33 35.45 1.28
CA ALA E 402 13.98 36.37 2.20
C ALA E 402 15.39 36.67 1.74
N LEU E 403 16.14 35.63 1.45
CA LEU E 403 17.53 35.80 1.06
C LEU E 403 17.63 36.59 -0.24
N THR E 404 16.73 36.29 -1.17
CA THR E 404 16.71 36.92 -2.48
C THR E 404 16.28 38.40 -2.41
N TYR E 405 15.35 38.74 -1.52
CA TYR E 405 14.97 40.13 -1.32
C TYR E 405 16.20 40.93 -0.85
N LEU E 406 16.87 40.42 0.18
CA LEU E 406 18.08 41.05 0.70
C LEU E 406 19.12 41.20 -0.38
N ARG E 407 19.22 40.23 -1.27
CA ARG E 407 20.22 40.26 -2.33
C ARG E 407 20.06 41.47 -3.24
N ALA E 408 18.83 41.74 -3.69
CA ALA E 408 18.57 42.89 -4.56
C ALA E 408 18.86 44.24 -3.90
N HIS E 409 18.52 44.36 -2.62
CA HIS E 409 18.65 45.64 -1.90
C HIS E 409 19.95 45.68 -1.09
N THR E 410 21.07 45.59 -1.79
CA THR E 410 22.37 45.56 -1.12
C THR E 410 22.68 46.85 -0.36
N GLN E 411 22.36 47.98 -0.98
CA GLN E 411 22.74 49.29 -0.46
C GLN E 411 21.84 49.73 0.69
N ASP E 412 20.54 49.58 0.49
CA ASP E 412 19.55 50.17 1.38
C ASP E 412 19.83 49.76 2.83
N TYR E 413 20.06 48.46 3.02
CA TYR E 413 20.48 47.92 4.30
C TYR E 413 21.99 47.81 4.31
N GLY E 414 22.54 47.43 5.46
CA GLY E 414 23.98 47.46 5.68
C GLY E 414 24.66 46.17 5.28
N LEU E 415 24.55 45.79 4.01
CA LEU E 415 25.03 44.49 3.53
C LEU E 415 26.34 44.60 2.75
N PRO E 416 27.27 43.65 2.95
CA PRO E 416 28.38 43.59 2.01
C PRO E 416 27.80 43.43 0.62
N GLU E 417 28.43 44.00 -0.40
CA GLU E 417 27.81 44.02 -1.73
C GLU E 417 28.15 42.83 -2.60
N ASP E 418 28.88 41.87 -2.06
CA ASP E 418 29.32 40.72 -2.84
C ASP E 418 29.35 39.42 -2.02
N PHE E 419 28.35 39.24 -1.16
CA PHE E 419 28.27 37.99 -0.41
C PHE E 419 27.86 36.89 -1.36
N TYR E 420 26.91 37.23 -2.23
CA TYR E 420 26.28 36.27 -3.14
C TYR E 420 27.28 35.31 -3.80
N ASN E 421 28.50 35.77 -4.03
CA ASN E 421 29.55 34.88 -4.52
C ASN E 421 30.79 34.84 -3.61
N LYS E 422 30.67 35.32 -2.38
CA LYS E 422 31.81 35.25 -1.46
C LYS E 422 31.54 34.89 0.00
N VAL E 423 30.28 34.59 0.34
CA VAL E 423 29.95 34.02 1.65
C VAL E 423 28.94 32.88 1.52
N ASP E 424 28.93 32.04 2.53
CA ASP E 424 27.93 30.99 2.65
C ASP E 424 27.15 31.21 3.92
N LEU E 425 25.84 31.09 3.81
CA LEU E 425 24.95 31.26 4.95
C LEU E 425 24.52 29.88 5.37
N HIS E 426 24.32 29.68 6.66
CA HIS E 426 23.68 28.48 7.14
C HIS E 426 22.51 28.97 7.96
N VAL E 427 21.32 28.47 7.69
CA VAL E 427 20.16 28.82 8.49
C VAL E 427 19.71 27.62 9.32
N HIS E 428 19.74 27.76 10.64
CA HIS E 428 19.41 26.67 11.54
C HIS E 428 18.30 27.07 12.49
N VAL E 429 17.49 26.09 12.88
CA VAL E 429 16.34 26.32 13.72
C VAL E 429 16.20 25.21 14.74
N PRO E 430 16.88 25.31 15.89
CA PRO E 430 16.75 24.19 16.83
C PRO E 430 15.31 24.03 17.33
N ASP E 431 14.96 22.89 17.93
CA ASP E 431 15.88 21.76 18.12
C ASP E 431 16.07 20.98 16.82
N GLY E 432 17.08 20.12 16.79
CA GLY E 432 17.46 19.39 15.59
C GLY E 432 16.45 18.33 15.16
N ALA E 433 15.87 17.64 16.13
CA ALA E 433 15.02 16.50 15.84
C ALA E 433 13.64 16.86 15.29
N THR E 434 12.91 17.73 16.00
CA THR E 434 11.49 17.93 15.72
C THR E 434 11.29 18.67 14.40
N PRO E 435 10.43 18.16 13.52
CA PRO E 435 10.24 18.82 12.23
C PRO E 435 9.58 20.17 12.36
N LYS E 436 9.83 21.04 11.39
CA LYS E 436 9.28 22.41 11.34
C LYS E 436 9.08 22.82 9.89
N ASP E 437 7.96 23.47 9.59
CA ASP E 437 7.68 23.85 8.22
C ASP E 437 6.86 25.12 8.22
N GLY E 438 6.55 25.63 7.02
CA GLY E 438 5.62 26.73 6.85
C GLY E 438 6.31 28.07 6.62
N PRO E 439 5.59 29.05 6.02
CA PRO E 439 6.20 30.33 5.63
C PRO E 439 5.89 31.51 6.51
N SER E 440 5.27 31.31 7.65
CA SER E 440 4.91 32.43 8.48
C SER E 440 6.09 33.10 9.12
N ALA E 441 7.21 32.39 9.16
CA ALA E 441 8.44 32.98 9.61
C ALA E 441 9.27 33.36 8.40
N GLY E 442 8.69 34.21 7.57
CA GLY E 442 9.40 34.73 6.41
C GLY E 442 10.31 35.85 6.82
N ILE E 443 9.75 36.84 7.49
CA ILE E 443 10.53 38.01 7.86
C ILE E 443 11.64 37.61 8.77
N THR E 444 11.31 36.73 9.68
CA THR E 444 12.19 36.45 10.78
C THR E 444 13.50 35.83 10.30
N MET E 445 13.44 35.08 9.21
CA MET E 445 14.68 34.62 8.59
C MET E 445 15.43 35.78 7.96
N ALA E 446 14.69 36.75 7.41
CA ALA E 446 15.31 37.94 6.81
C ALA E 446 16.07 38.78 7.82
N THR E 447 15.45 38.99 8.98
CA THR E 447 16.09 39.68 10.10
C THR E 447 17.35 38.96 10.59
N ALA E 448 17.29 37.63 10.65
CA ALA E 448 18.43 36.83 11.08
C ALA E 448 19.57 36.95 10.08
N ILE E 449 19.22 36.92 8.80
CA ILE E 449 20.22 36.94 7.75
C ILE E 449 20.92 38.30 7.68
N ALA E 450 20.17 39.39 7.84
CA ALA E 450 20.76 40.72 7.78
C ALA E 450 21.77 40.87 8.92
N SER E 451 21.35 40.49 10.12
CA SER E 451 22.23 40.52 11.28
C SER E 451 23.53 39.83 10.98
N ALA E 452 23.43 38.62 10.45
CA ALA E 452 24.59 37.83 10.17
C ALA E 452 25.52 38.62 9.27
N LEU E 453 24.99 39.03 8.13
CA LEU E 453 25.79 39.77 7.15
C LEU E 453 26.21 41.14 7.66
N SER E 454 25.25 41.87 8.21
CA SER E 454 25.50 43.20 8.74
C SER E 454 26.60 43.13 9.75
N ARG E 455 26.44 42.17 10.67
CA ARG E 455 27.18 42.08 11.90
C ARG E 455 26.51 42.93 12.99
N ARG E 456 25.31 43.44 12.69
CA ARG E 456 24.60 44.26 13.65
C ARG E 456 23.78 43.37 14.53
N PRO E 457 23.96 43.47 15.84
CA PRO E 457 23.08 42.64 16.65
C PRO E 457 21.61 42.86 16.30
N ALA E 458 20.76 42.00 16.83
CA ALA E 458 19.32 42.12 16.63
C ALA E 458 18.64 42.02 17.98
N ARG E 459 17.52 42.71 18.16
CA ARG E 459 16.81 42.64 19.43
C ARG E 459 16.25 41.25 19.66
N MET E 460 16.35 40.80 20.90
CA MET E 460 15.81 39.49 21.29
C MET E 460 14.72 39.65 22.37
N ASP E 461 14.29 40.89 22.61
CA ASP E 461 13.10 41.13 23.42
C ASP E 461 11.92 40.88 22.52
N ILE E 462 12.04 41.33 21.28
CA ILE E 462 10.95 41.25 20.32
C ILE E 462 10.84 39.84 19.76
N ALA E 463 9.61 39.40 19.54
CA ALA E 463 9.34 38.11 18.92
C ALA E 463 8.37 38.37 17.79
N MET E 464 8.67 37.88 16.60
CA MET E 464 8.01 38.38 15.38
C MET E 464 7.49 37.30 14.42
N THR E 465 6.52 37.69 13.58
CA THR E 465 5.88 36.76 12.67
C THR E 465 5.32 37.46 11.47
N GLY E 466 5.43 36.80 10.32
CA GLY E 466 4.94 37.33 9.06
C GLY E 466 5.56 36.57 7.91
N GLU E 467 5.00 36.75 6.72
CA GLU E 467 5.52 36.14 5.50
C GLU E 467 6.16 37.21 4.63
N VAL E 468 6.99 36.80 3.68
CA VAL E 468 7.75 37.76 2.90
C VAL E 468 7.77 37.37 1.44
N SER E 469 7.74 38.38 0.58
CA SER E 469 7.84 38.19 -0.86
C SER E 469 9.08 38.91 -1.39
N LEU E 470 9.37 38.68 -2.67
CA LEU E 470 10.53 39.32 -3.30
C LEU E 470 10.38 40.83 -3.22
N ARG E 471 9.19 41.31 -3.58
CA ARG E 471 8.86 42.72 -3.47
C ARG E 471 9.20 43.24 -2.08
N GLY E 472 9.09 42.38 -1.09
CA GLY E 472 9.46 42.71 0.28
C GLY E 472 8.26 43.01 1.16
N LYS E 473 7.09 42.55 0.72
CA LYS E 473 5.82 42.78 1.44
C LYS E 473 5.57 41.68 2.45
N VAL E 474 5.45 42.07 3.71
CA VAL E 474 4.96 41.16 4.73
C VAL E 474 3.49 40.82 4.41
N MET E 475 3.08 39.59 4.71
CA MET E 475 1.77 39.08 4.28
C MET E 475 1.04 38.43 5.44
N PRO E 476 -0.30 38.39 5.38
CA PRO E 476 -1.02 37.89 6.54
C PRO E 476 -0.71 36.43 6.78
N ILE E 477 -0.87 36.01 8.03
CA ILE E 477 -0.51 34.66 8.46
C ILE E 477 -1.47 34.18 9.55
N GLY E 478 -1.42 32.90 9.89
CA GLY E 478 -2.40 32.29 10.78
C GLY E 478 -1.92 32.11 12.21
N GLY E 479 -2.79 31.54 13.03
CA GLY E 479 -2.43 31.22 14.43
C GLY E 479 -1.90 32.39 15.23
N VAL E 480 -2.65 33.49 15.23
CA VAL E 480 -2.16 34.72 15.85
C VAL E 480 -2.33 34.68 17.36
N LYS E 481 -3.50 34.23 17.83
CA LYS E 481 -3.75 34.15 19.26
C LYS E 481 -2.89 33.08 19.96
N GLU E 482 -2.78 31.90 19.33
CA GLU E 482 -1.95 30.81 19.87
C GLU E 482 -0.49 31.20 20.03
N LYS E 483 0.09 31.76 18.98
CA LYS E 483 1.48 32.21 19.02
C LYS E 483 1.74 33.27 20.09
N LEU E 484 0.85 34.25 20.19
CA LEU E 484 1.08 35.44 21.02
C LEU E 484 0.96 35.11 22.50
N LEU E 485 0.07 34.18 22.82
CA LEU E 485 0.00 33.66 24.19
C LEU E 485 1.41 33.23 24.60
N ALA E 486 1.99 32.35 23.80
CA ALA E 486 3.29 31.78 24.10
C ALA E 486 4.32 32.85 24.31
N ALA E 487 4.25 33.90 23.50
CA ALA E 487 5.13 35.03 23.71
C ALA E 487 4.92 35.60 25.11
N HIS E 488 3.65 35.76 25.47
CA HIS E 488 3.29 36.33 26.77
C HIS E 488 3.79 35.44 27.90
N GLN E 489 3.47 34.16 27.80
CA GLN E 489 3.90 33.18 28.78
C GLN E 489 5.40 33.20 28.89
N ALA E 490 6.04 33.18 27.72
CA ALA E 490 7.49 33.14 27.63
C ALA E 490 8.14 34.26 28.44
N GLY E 491 7.49 35.42 28.48
CA GLY E 491 8.06 36.63 29.06
C GLY E 491 8.49 37.62 27.99
N ILE E 492 7.95 37.46 26.78
CA ILE E 492 8.09 38.47 25.72
C ILE E 492 6.87 39.37 25.75
N HIS E 493 7.07 40.67 25.52
CA HIS E 493 5.99 41.66 25.62
C HIS E 493 6.10 42.76 24.58
N LYS E 494 6.52 42.38 23.37
CA LYS E 494 6.86 43.30 22.29
C LYS E 494 6.81 42.58 20.93
N ILE E 495 5.60 42.32 20.45
CA ILE E 495 5.38 41.51 19.25
C ILE E 495 5.64 42.29 17.95
N VAL E 496 5.57 41.61 16.81
CA VAL E 496 5.58 42.24 15.49
C VAL E 496 4.57 41.46 14.62
N LEU E 497 3.91 42.15 13.69
CA LEU E 497 2.81 41.52 12.97
C LEU E 497 2.52 42.13 11.61
N PRO E 498 2.04 41.30 10.67
CA PRO E 498 1.58 41.86 9.41
C PRO E 498 0.38 42.79 9.66
N LYS E 499 0.24 43.84 8.86
CA LYS E 499 -0.91 44.73 8.99
C LYS E 499 -2.17 43.91 8.83
N ASP E 500 -2.24 43.24 7.69
CA ASP E 500 -3.46 42.56 7.25
C ASP E 500 -3.90 41.53 8.28
N ASN E 501 -3.02 41.23 9.23
CA ASN E 501 -3.39 40.48 10.41
C ASN E 501 -3.78 41.32 11.62
N GLU E 502 -4.15 42.58 11.41
CA GLU E 502 -4.59 43.42 12.52
C GLU E 502 -5.89 42.87 13.10
N ALA E 503 -6.82 42.56 12.22
CA ALA E 503 -8.16 42.09 12.59
C ALA E 503 -8.10 41.00 13.65
N GLN E 504 -7.20 40.05 13.44
CA GLN E 504 -7.10 38.89 14.31
C GLN E 504 -6.87 39.26 15.78
N LEU E 505 -6.45 40.50 16.04
CA LEU E 505 -6.23 40.94 17.40
C LEU E 505 -7.52 41.03 18.22
N GLU E 506 -8.64 41.26 17.55
CA GLU E 506 -9.93 41.33 18.25
C GLU E 506 -10.25 40.03 18.98
N GLU E 507 -9.92 38.89 18.37
CA GLU E 507 -10.21 37.60 19.01
C GLU E 507 -9.37 37.36 20.27
N LEU E 508 -8.20 38.00 20.38
CA LEU E 508 -7.38 37.92 21.59
C LEU E 508 -8.22 38.24 22.83
N PRO E 509 -7.98 37.54 23.96
CA PRO E 509 -8.56 38.08 25.19
C PRO E 509 -7.97 39.47 25.42
N LYS E 510 -8.80 40.43 25.79
CA LYS E 510 -8.40 41.84 25.77
C LYS E 510 -7.31 42.19 26.79
N GLU E 511 -7.37 41.59 27.97
CA GLU E 511 -6.41 41.92 29.04
C GLU E 511 -4.96 41.93 28.57
N VAL E 512 -4.55 40.85 27.90
CA VAL E 512 -3.14 40.74 27.46
C VAL E 512 -2.77 41.93 26.54
N LEU E 513 -3.70 42.38 25.70
CA LEU E 513 -3.39 43.35 24.64
C LEU E 513 -2.51 44.52 25.06
N GLU E 514 -2.80 45.12 26.22
CA GLU E 514 -1.96 46.23 26.74
C GLU E 514 -0.80 45.69 27.59
N GLY E 515 -0.78 44.37 27.77
CA GLY E 515 0.41 43.66 28.22
C GLY E 515 1.37 43.31 27.08
N LEU E 516 1.00 43.66 25.85
CA LEU E 516 1.82 43.39 24.66
C LEU E 516 1.94 44.64 23.80
N GLU E 517 3.15 44.88 23.28
CA GLU E 517 3.39 45.99 22.35
C GLU E 517 3.50 45.45 20.94
N ILE E 518 2.48 45.71 20.14
CA ILE E 518 2.38 45.15 18.79
C ILE E 518 2.65 46.22 17.74
N LYS E 519 3.76 46.06 17.04
CA LYS E 519 4.08 46.89 15.91
C LYS E 519 3.53 46.20 14.67
N LEU E 520 2.63 46.84 13.94
CA LEU E 520 2.12 46.31 12.68
C LEU E 520 2.98 46.80 11.54
N VAL E 521 3.65 45.86 10.88
CA VAL E 521 4.47 46.17 9.74
C VAL E 521 3.66 45.84 8.51
N GLU E 522 3.81 46.62 7.45
CA GLU E 522 3.14 46.34 6.17
C GLU E 522 4.14 45.93 5.09
N ASP E 523 5.41 46.28 5.30
CA ASP E 523 6.50 45.94 4.39
C ASP E 523 7.65 45.48 5.26
N VAL E 524 8.63 44.81 4.67
CA VAL E 524 9.76 44.24 5.41
C VAL E 524 10.69 45.29 6.03
N GLY E 525 11.04 46.31 5.26
CA GLY E 525 12.03 47.26 5.70
C GLY E 525 11.89 47.66 7.15
N GLU E 526 10.64 47.79 7.59
CA GLU E 526 10.29 48.32 8.91
C GLU E 526 10.58 47.32 10.02
N VAL E 527 10.55 46.04 9.68
CA VAL E 527 10.88 44.99 10.64
C VAL E 527 12.35 45.19 11.00
N LEU E 528 13.19 45.18 9.98
CA LEU E 528 14.63 45.27 10.19
C LEU E 528 14.97 46.48 11.04
N GLU E 529 14.50 47.65 10.60
CA GLU E 529 14.70 48.91 11.32
C GLU E 529 14.42 48.78 12.82
N TYR E 530 13.29 48.16 13.15
CA TYR E 530 12.89 48.00 14.54
C TYR E 530 13.83 47.05 15.28
N LEU E 531 14.26 46.00 14.58
CA LEU E 531 15.05 44.92 15.21
C LEU E 531 16.56 45.10 15.26
N LEU E 532 17.11 45.78 14.27
CA LEU E 532 18.57 45.88 14.14
C LEU E 532 19.19 47.14 14.76
N LEU E 533 20.08 46.95 15.73
CA LEU E 533 20.84 48.07 16.29
C LEU E 533 21.60 48.67 15.12
N PRO E 534 21.89 49.99 15.15
CA PRO E 534 22.42 50.65 13.96
C PRO E 534 23.94 50.79 13.97
N GLU E 535 24.60 50.14 14.91
CA GLU E 535 26.06 50.03 14.91
C GLU E 535 26.48 48.56 15.09
N PRO E 536 27.23 48.00 14.12
CA PRO E 536 27.59 46.58 14.23
C PRO E 536 28.61 46.34 15.32
N THR E 537 28.70 45.11 15.80
CA THR E 537 29.63 44.74 16.86
C THR E 537 30.86 43.99 16.31
N MET E 538 30.63 42.88 15.62
CA MET E 538 31.72 42.08 15.03
C MET E 538 32.34 42.81 13.84
N PRO E 539 33.64 42.58 13.59
CA PRO E 539 34.17 43.06 12.32
C PRO E 539 33.46 42.36 11.16
N PRO E 540 33.19 43.07 10.04
CA PRO E 540 32.60 42.44 8.86
C PRO E 540 33.42 41.27 8.35
N VAL E 541 32.80 40.44 7.51
CA VAL E 541 33.24 39.06 7.29
C VAL E 541 34.56 38.92 6.49
N VAL E 542 34.75 39.76 5.48
CA VAL E 542 36.01 39.76 4.71
C VAL E 542 37.23 40.00 5.61
N SER F 6 -28.06 -35.86 58.86
CA SER F 6 -27.09 -36.30 57.83
C SER F 6 -25.69 -35.80 58.16
N ASP F 7 -24.68 -36.50 57.61
CA ASP F 7 -23.28 -36.07 57.71
C ASP F 7 -23.02 -34.90 56.75
N LEU F 8 -23.63 -35.00 55.56
CA LEU F 8 -23.53 -33.95 54.56
C LEU F 8 -24.46 -32.79 54.90
N GLU F 9 -25.57 -33.08 55.59
CA GLU F 9 -26.41 -32.03 56.18
C GLU F 9 -25.85 -31.58 57.56
N ALA F 10 -24.79 -32.25 58.01
CA ALA F 10 -23.92 -31.72 59.07
C ALA F 10 -22.98 -30.68 58.46
N LEU F 11 -22.59 -30.92 57.21
CA LEU F 11 -22.09 -29.84 56.37
C LEU F 11 -23.18 -28.78 56.25
N ARG F 12 -24.41 -29.23 56.06
CA ARG F 12 -25.57 -28.32 56.09
C ARG F 12 -25.60 -27.55 57.41
N LYS F 13 -25.26 -28.21 58.52
CA LYS F 13 -25.26 -27.55 59.83
C LYS F 13 -24.31 -26.35 59.86
N LYS F 14 -23.08 -26.54 59.37
CA LYS F 14 -22.14 -25.43 59.22
C LYS F 14 -22.77 -24.33 58.34
N ILE F 15 -23.33 -24.73 57.20
CA ILE F 15 -23.91 -23.76 56.26
C ILE F 15 -25.03 -22.96 56.95
N GLU F 16 -25.82 -23.63 57.78
CA GLU F 16 -26.90 -22.97 58.51
C GLU F 16 -26.25 -21.98 59.47
N GLU F 17 -25.24 -22.46 60.20
CA GLU F 17 -24.45 -21.61 61.10
C GLU F 17 -24.03 -20.35 60.36
N VAL F 18 -23.34 -20.51 59.24
CA VAL F 18 -22.97 -19.35 58.44
C VAL F 18 -24.26 -18.63 58.02
N GLY F 19 -24.51 -17.46 58.63
CA GLY F 19 -25.62 -16.59 58.24
C GLY F 19 -25.19 -15.62 57.16
N MET F 20 -24.14 -15.98 56.43
CA MET F 20 -23.50 -15.12 55.43
C MET F 20 -23.83 -15.61 54.02
N PRO F 21 -24.62 -14.86 53.26
CA PRO F 21 -25.43 -13.76 53.76
C PRO F 21 -26.88 -14.19 53.75
N GLU F 22 -27.47 -14.26 54.94
CA GLU F 22 -28.89 -13.98 55.10
C GLU F 22 -29.83 -14.86 54.22
N ALA F 23 -30.70 -14.20 53.43
CA ALA F 23 -31.58 -14.86 52.47
C ALA F 23 -30.81 -15.50 51.30
N VAL F 24 -29.58 -15.04 51.08
CA VAL F 24 -28.80 -15.47 49.92
C VAL F 24 -28.29 -16.92 50.05
N LYS F 25 -27.73 -17.27 51.18
CA LYS F 25 -27.52 -18.69 51.47
C LYS F 25 -28.90 -19.34 51.59
N THR F 26 -29.88 -18.59 52.08
CA THR F 26 -31.26 -19.12 52.15
C THR F 26 -31.65 -19.61 50.78
N LYS F 27 -31.28 -18.86 49.74
CA LYS F 27 -31.43 -19.33 48.37
C LYS F 27 -30.67 -20.66 48.24
N ALA F 28 -29.53 -20.77 48.90
CA ALA F 28 -28.87 -22.07 48.90
C ALA F 28 -29.92 -23.12 49.19
N LEU F 29 -30.73 -22.89 50.22
CA LEU F 29 -31.67 -23.89 50.67
C LEU F 29 -32.62 -24.33 49.56
N LYS F 30 -33.24 -23.36 48.91
CA LYS F 30 -34.31 -23.63 47.96
C LYS F 30 -33.76 -24.57 46.91
N GLU F 31 -32.54 -24.32 46.48
CA GLU F 31 -31.83 -25.27 45.64
C GLU F 31 -31.13 -26.31 46.50
N LEU F 32 -31.07 -26.07 47.81
CA LEU F 32 -30.52 -27.06 48.76
C LEU F 32 -31.37 -28.32 48.86
N ASP F 33 -32.68 -28.16 48.96
CA ASP F 33 -33.58 -29.32 49.11
C ASP F 33 -33.50 -30.15 47.83
N ARG F 34 -33.36 -29.42 46.73
CA ARG F 34 -33.54 -29.88 45.36
C ARG F 34 -32.64 -31.07 44.97
N LEU F 35 -31.48 -31.13 45.61
CA LEU F 35 -30.59 -32.28 45.46
C LEU F 35 -31.14 -33.45 46.27
N GLU F 36 -31.70 -33.16 47.44
CA GLU F 36 -32.16 -34.23 48.30
C GLU F 36 -33.46 -34.93 47.89
N ARG F 37 -34.48 -34.18 47.47
CA ARG F 37 -35.68 -34.82 46.96
C ARG F 37 -35.26 -35.30 45.59
N MET F 38 -34.31 -36.23 45.57
CA MET F 38 -33.60 -36.59 44.35
C MET F 38 -32.75 -37.85 44.37
N GLN F 39 -32.21 -38.13 43.18
CA GLN F 39 -31.45 -39.33 42.84
C GLN F 39 -29.99 -39.40 43.35
N GLN F 40 -29.74 -40.31 44.28
CA GLN F 40 -28.36 -40.65 44.66
C GLN F 40 -27.53 -40.92 43.40
N GLY F 41 -28.17 -41.57 42.42
CA GLY F 41 -27.67 -41.61 41.06
C GLY F 41 -27.15 -40.24 40.68
N SER F 42 -25.92 -40.20 40.18
CA SER F 42 -25.07 -39.01 40.27
C SER F 42 -25.52 -37.69 39.62
N PRO F 43 -25.80 -37.68 38.30
CA PRO F 43 -25.56 -36.42 37.56
C PRO F 43 -26.10 -35.13 38.19
N GLU F 44 -27.39 -35.07 38.49
CA GLU F 44 -27.98 -33.85 39.07
C GLU F 44 -27.54 -33.66 40.51
N ALA F 45 -27.37 -34.77 41.24
CA ALA F 45 -26.75 -34.70 42.56
C ALA F 45 -25.43 -33.94 42.45
N THR F 46 -24.59 -34.33 41.49
CA THR F 46 -23.25 -33.75 41.35
C THR F 46 -23.30 -32.26 40.98
N VAL F 47 -24.11 -31.91 39.98
CA VAL F 47 -24.23 -30.50 39.57
C VAL F 47 -24.65 -29.65 40.76
N ALA F 48 -25.71 -30.06 41.44
CA ALA F 48 -26.20 -29.36 42.62
C ALA F 48 -25.06 -29.19 43.62
N ARG F 49 -24.40 -30.30 43.97
CA ARG F 49 -23.31 -30.28 44.95
C ARG F 49 -22.14 -29.42 44.56
N THR F 50 -21.80 -29.38 43.27
CA THR F 50 -20.70 -28.53 42.80
C THR F 50 -21.01 -27.09 43.20
N TYR F 51 -22.17 -26.59 42.76
CA TYR F 51 -22.57 -25.22 43.07
C TYR F 51 -22.51 -24.96 44.58
N LEU F 52 -22.97 -25.91 45.36
CA LEU F 52 -23.01 -25.69 46.81
C LEU F 52 -21.60 -25.47 47.35
N ASP F 53 -20.69 -26.33 46.91
CA ASP F 53 -19.32 -26.35 47.37
C ASP F 53 -18.72 -25.02 47.01
N TRP F 54 -19.03 -24.55 45.81
CA TRP F 54 -18.61 -23.24 45.39
C TRP F 54 -19.02 -22.22 46.44
N LEU F 55 -20.31 -22.19 46.78
CA LEU F 55 -20.80 -21.18 47.75
C LEU F 55 -20.50 -21.53 49.19
N THR F 56 -20.30 -22.81 49.44
CA THR F 56 -20.08 -23.31 50.78
C THR F 56 -18.67 -22.94 51.20
N GLU F 57 -17.74 -23.22 50.31
CA GLU F 57 -16.33 -23.13 50.64
C GLU F 57 -15.69 -21.78 50.29
N VAL F 58 -16.47 -20.79 49.83
CA VAL F 58 -15.90 -19.46 49.48
C VAL F 58 -15.79 -18.54 50.70
N PRO F 59 -15.21 -17.34 50.52
CA PRO F 59 -15.19 -16.38 51.62
C PRO F 59 -16.25 -15.30 51.55
N TRP F 60 -16.99 -15.12 52.64
CA TRP F 60 -17.95 -14.02 52.78
C TRP F 60 -17.44 -12.97 53.73
N SER F 61 -17.06 -13.40 54.93
CA SER F 61 -16.69 -12.48 56.01
C SER F 61 -15.58 -13.06 56.88
N LYS F 62 -14.47 -13.42 56.25
CA LYS F 62 -13.24 -13.76 56.96
C LYS F 62 -12.15 -12.74 56.67
N ALA F 63 -11.80 -11.97 57.68
CA ALA F 63 -10.77 -10.94 57.57
C ALA F 63 -9.61 -11.29 58.50
N ASP F 64 -8.43 -11.49 57.92
CA ASP F 64 -7.16 -11.49 58.66
C ASP F 64 -6.72 -10.03 58.90
N PRO F 65 -5.69 -9.83 59.75
CA PRO F 65 -5.31 -8.46 60.07
C PRO F 65 -4.80 -7.69 58.87
N GLU F 66 -4.94 -6.37 58.91
CA GLU F 66 -4.32 -5.50 57.92
C GLU F 66 -3.62 -4.35 58.63
N VAL F 67 -2.40 -4.04 58.17
CA VAL F 67 -1.65 -2.92 58.71
C VAL F 67 -1.07 -2.10 57.58
N LEU F 68 -0.96 -0.80 57.81
CA LEU F 68 -0.39 0.09 56.85
C LEU F 68 0.53 1.05 57.58
N ASP F 69 1.82 0.72 57.55
CA ASP F 69 2.88 1.66 57.83
C ASP F 69 3.61 1.71 56.53
N ILE F 70 4.15 2.86 56.17
CA ILE F 70 4.95 2.94 54.96
C ILE F 70 6.43 3.02 55.27
N ASN F 71 6.76 3.50 56.48
CA ASN F 71 8.09 3.29 57.01
C ASN F 71 8.36 1.80 57.10
N HIS F 72 7.37 1.07 57.59
CA HIS F 72 7.47 -0.38 57.73
C HIS F 72 7.56 -1.01 56.36
N THR F 73 6.65 -0.63 55.48
CA THR F 73 6.66 -1.10 54.11
C THR F 73 7.85 -0.55 53.36
N ARG F 74 8.36 0.58 53.82
CA ARG F 74 9.59 1.13 53.29
C ARG F 74 10.70 0.12 53.51
N GLN F 75 10.70 -0.49 54.68
CA GLN F 75 11.72 -1.48 55.06
C GLN F 75 11.79 -2.67 54.13
N VAL F 76 10.64 -3.25 53.82
CA VAL F 76 10.60 -4.51 53.05
C VAL F 76 11.31 -4.32 51.72
N LEU F 77 10.84 -3.35 50.95
CA LEU F 77 11.32 -3.18 49.58
C LEU F 77 12.86 -3.17 49.61
N ASP F 78 13.46 -2.32 50.43
CA ASP F 78 14.90 -2.43 50.69
C ASP F 78 15.31 -3.87 51.01
N GLU F 79 14.51 -4.56 51.84
CA GLU F 79 14.80 -5.96 52.19
C GLU F 79 14.76 -6.90 50.98
N ASP F 80 13.67 -6.87 50.22
CA ASP F 80 13.40 -7.88 49.18
C ASP F 80 13.93 -7.49 47.82
N HIS F 81 13.77 -6.24 47.44
CA HIS F 81 14.25 -5.77 46.15
C HIS F 81 15.46 -4.87 46.40
N TYR F 82 16.48 -5.01 45.57
CA TYR F 82 17.66 -4.16 45.64
C TYR F 82 17.61 -3.17 44.49
N GLY F 83 18.16 -1.98 44.69
CA GLY F 83 18.17 -0.93 43.68
C GLY F 83 16.80 -0.31 43.57
N LEU F 84 16.49 0.28 42.43
CA LEU F 84 15.14 0.80 42.17
C LEU F 84 14.64 1.83 43.18
N LYS F 85 15.50 2.76 43.59
CA LYS F 85 15.08 3.82 44.49
C LYS F 85 13.81 4.51 43.97
N ASP F 86 13.85 4.92 42.71
CA ASP F 86 12.82 5.77 42.12
C ASP F 86 11.50 5.05 42.10
N VAL F 87 11.55 3.80 41.66
CA VAL F 87 10.36 2.99 41.58
C VAL F 87 9.90 2.77 43.00
N LYS F 88 10.86 2.48 43.86
CA LYS F 88 10.52 2.14 45.21
C LYS F 88 9.74 3.31 45.78
N GLU F 89 10.23 4.52 45.52
CA GLU F 89 9.54 5.72 45.97
C GLU F 89 8.12 5.81 45.43
N ARG F 90 7.99 5.64 44.13
CA ARG F 90 6.77 6.00 43.41
C ARG F 90 5.64 5.09 43.79
N ILE F 91 5.98 3.86 44.14
CA ILE F 91 5.02 3.01 44.77
C ILE F 91 4.64 3.67 46.09
N LEU F 92 5.65 4.10 46.82
CA LEU F 92 5.45 4.46 48.21
C LEU F 92 4.43 5.55 48.34
N GLU F 93 4.51 6.50 47.41
CA GLU F 93 3.60 7.62 47.40
C GLU F 93 2.20 7.14 47.06
N TYR F 94 2.08 6.18 46.16
CA TYR F 94 0.77 5.63 45.87
C TYR F 94 0.15 5.11 47.16
N LEU F 95 0.94 4.35 47.92
CA LEU F 95 0.43 3.77 49.15
C LEU F 95 0.09 4.84 50.16
N ALA F 96 1.06 5.70 50.46
CA ALA F 96 0.86 6.75 51.45
C ALA F 96 -0.47 7.44 51.24
N VAL F 97 -0.60 8.01 50.05
CA VAL F 97 -1.81 8.67 49.65
C VAL F 97 -2.99 7.73 49.80
N ARG F 98 -2.74 6.43 49.74
CA ARG F 98 -3.81 5.48 49.95
C ARG F 98 -4.37 5.60 51.35
N GLN F 99 -3.51 5.61 52.36
CA GLN F 99 -4.00 5.57 53.74
C GLN F 99 -4.75 6.83 54.02
N LEU F 100 -4.19 7.97 53.64
CA LEU F 100 -4.80 9.24 54.01
C LEU F 100 -6.24 9.25 53.50
N THR F 101 -6.40 8.84 52.27
CA THR F 101 -7.66 8.94 51.58
C THR F 101 -8.65 7.93 52.12
N GLN F 102 -8.16 7.01 52.93
CA GLN F 102 -8.92 5.84 53.33
C GLN F 102 -10.30 6.19 53.85
N GLY F 103 -10.43 7.29 54.57
CA GLY F 103 -11.72 7.71 55.12
C GLY F 103 -12.66 7.82 53.94
N LEU F 104 -12.17 8.51 52.93
CA LEU F 104 -12.51 8.25 51.54
C LEU F 104 -13.93 8.57 51.10
N ASP F 105 -14.73 9.18 51.96
CA ASP F 105 -16.07 9.58 51.55
C ASP F 105 -16.05 11.09 51.52
N VAL F 106 -16.41 11.70 50.39
CA VAL F 106 -16.92 11.00 49.22
C VAL F 106 -15.74 10.69 48.26
N ARG F 107 -14.51 10.87 48.75
CA ARG F 107 -13.35 10.98 47.86
C ARG F 107 -12.73 9.78 47.13
N ASN F 108 -12.79 8.55 47.62
CA ASN F 108 -12.00 7.47 46.99
C ASN F 108 -12.62 6.82 45.73
N LYS F 109 -12.07 7.21 44.58
CA LYS F 109 -12.29 6.54 43.30
C LYS F 109 -10.88 6.28 42.80
N ALA F 110 -10.01 5.96 43.76
CA ALA F 110 -8.56 6.05 43.59
C ALA F 110 -8.06 5.33 42.35
N PRO F 111 -6.88 5.76 41.86
CA PRO F 111 -6.28 5.05 40.74
C PRO F 111 -6.03 3.59 41.05
N ILE F 112 -5.89 2.78 40.00
CA ILE F 112 -5.44 1.40 40.14
C ILE F 112 -4.06 1.38 39.53
N LEU F 113 -3.24 0.40 39.92
CA LEU F 113 -1.85 0.43 39.55
C LEU F 113 -1.54 -0.47 38.37
N VAL F 114 -0.66 0.03 37.53
CA VAL F 114 -0.10 -0.73 36.45
C VAL F 114 1.39 -0.72 36.76
N LEU F 115 2.07 -1.81 36.44
CA LEU F 115 3.50 -1.87 36.63
C LEU F 115 4.11 -2.22 35.26
N VAL F 116 4.02 -1.25 34.35
CA VAL F 116 4.50 -1.41 32.99
C VAL F 116 5.99 -1.76 33.00
N GLY F 117 6.37 -2.74 32.18
CA GLY F 117 7.78 -3.13 32.02
C GLY F 117 8.02 -4.15 30.92
N PRO F 118 9.22 -4.15 30.32
CA PRO F 118 9.47 -5.12 29.27
C PRO F 118 9.52 -6.54 29.84
N PRO F 119 8.97 -7.53 29.12
CA PRO F 119 8.92 -8.89 29.67
C PRO F 119 10.31 -9.38 30.08
N GLY F 120 10.44 -9.75 31.34
CA GLY F 120 11.70 -10.26 31.88
C GLY F 120 12.44 -9.35 32.86
N VAL F 121 11.70 -8.62 33.71
CA VAL F 121 12.33 -7.88 34.82
C VAL F 121 11.40 -7.84 36.03
N GLY F 122 10.93 -9.02 36.44
CA GLY F 122 10.20 -9.21 37.70
C GLY F 122 9.19 -8.14 38.06
N LYS F 123 8.24 -7.94 37.15
CA LYS F 123 7.14 -7.01 37.42
C LYS F 123 6.36 -7.51 38.65
N THR F 124 6.21 -8.83 38.76
CA THR F 124 5.34 -9.46 39.76
C THR F 124 5.81 -9.42 41.22
N SER F 125 7.11 -9.59 41.45
CA SER F 125 7.67 -9.61 42.82
C SER F 125 7.19 -8.42 43.63
N LEU F 126 7.36 -7.24 43.05
CA LEU F 126 7.00 -5.98 43.70
C LEU F 126 5.57 -6.04 44.24
N GLY F 127 4.74 -6.84 43.56
CA GLY F 127 3.46 -7.26 44.10
C GLY F 127 3.63 -7.98 45.43
N ARG F 128 4.55 -8.94 45.49
CA ARG F 128 4.72 -9.74 46.70
C ARG F 128 5.43 -8.96 47.78
N SER F 129 6.40 -8.15 47.41
CA SER F 129 7.05 -7.28 48.37
C SER F 129 5.99 -6.48 49.13
N ILE F 130 5.01 -5.96 48.42
CA ILE F 130 3.94 -5.20 49.04
C ILE F 130 3.12 -6.08 49.97
N ALA F 131 2.68 -7.23 49.46
CA ALA F 131 1.71 -8.04 50.18
C ALA F 131 2.25 -8.41 51.55
N ARG F 132 3.51 -8.81 51.56
CA ARG F 132 4.20 -9.09 52.79
C ARG F 132 4.14 -7.85 53.67
N SER F 133 4.41 -6.71 53.03
CA SER F 133 4.41 -5.42 53.69
C SER F 133 3.05 -5.12 54.28
N MET F 134 2.05 -5.32 53.44
CA MET F 134 0.68 -5.07 53.82
C MET F 134 0.12 -6.25 54.58
N ASN F 135 0.86 -7.35 54.61
CA ASN F 135 0.49 -8.46 55.46
C ASN F 135 -0.92 -8.95 55.17
N ARG F 136 -1.30 -8.98 53.90
CA ARG F 136 -2.55 -9.61 53.49
C ARG F 136 -2.18 -10.61 52.41
N LYS F 137 -3.02 -11.60 52.19
CA LYS F 137 -2.66 -12.67 51.27
C LYS F 137 -2.35 -12.19 49.85
N PHE F 138 -1.54 -12.98 49.14
CA PHE F 138 -1.17 -12.69 47.75
C PHE F 138 -1.69 -13.78 46.83
N HIS F 139 -2.33 -13.39 45.73
CA HIS F 139 -2.72 -14.32 44.67
C HIS F 139 -2.62 -13.69 43.29
N ARG F 140 -2.16 -14.46 42.31
CA ARG F 140 -1.98 -13.95 40.93
C ARG F 140 -2.72 -14.76 39.86
N ILE F 141 -3.16 -14.03 38.84
CA ILE F 141 -3.87 -14.60 37.70
C ILE F 141 -3.47 -13.85 36.44
N SER F 142 -3.50 -14.55 35.30
CA SER F 142 -2.92 -14.05 34.06
C SER F 142 -3.99 -13.84 32.99
N LEU F 143 -4.22 -12.58 32.66
CA LEU F 143 -5.26 -12.19 31.71
C LEU F 143 -4.90 -12.37 30.24
N GLY F 144 -3.67 -12.03 29.88
CA GLY F 144 -3.24 -12.07 28.49
C GLY F 144 -3.58 -13.45 27.94
N GLY F 145 -3.95 -13.52 26.68
CA GLY F 145 -4.48 -14.77 26.14
C GLY F 145 -5.71 -15.19 26.91
N VAL F 146 -6.64 -14.25 27.13
CA VAL F 146 -7.96 -14.57 27.68
C VAL F 146 -9.07 -14.21 26.69
N ARG F 147 -10.04 -15.13 26.52
CA ARG F 147 -11.05 -15.01 25.46
C ARG F 147 -12.49 -14.79 25.88
N ASP F 148 -12.85 -15.12 27.12
CA ASP F 148 -14.27 -15.21 27.50
C ASP F 148 -14.70 -14.29 28.64
N GLU F 149 -15.89 -13.70 28.52
CA GLU F 149 -16.50 -12.94 29.63
C GLU F 149 -16.85 -13.89 30.77
N ALA F 150 -17.44 -15.04 30.42
CA ALA F 150 -17.68 -16.11 31.36
C ALA F 150 -16.34 -16.78 31.73
N GLU F 151 -15.30 -16.43 31.00
CA GLU F 151 -13.94 -16.74 31.42
C GLU F 151 -13.64 -15.98 32.72
N ILE F 152 -14.33 -14.86 32.94
CA ILE F 152 -14.21 -14.04 34.16
C ILE F 152 -15.44 -14.16 35.09
N ARG F 153 -16.45 -14.90 34.65
CA ARG F 153 -17.57 -15.28 35.51
C ARG F 153 -18.19 -16.53 34.97
N GLY F 154 -18.86 -17.28 35.82
CA GLY F 154 -19.39 -18.53 35.36
C GLY F 154 -20.17 -18.42 34.06
N HIS F 155 -19.92 -19.38 33.18
CA HIS F 155 -20.52 -19.42 31.84
C HIS F 155 -22.03 -19.44 31.98
N ARG F 156 -22.50 -20.40 32.78
CA ARG F 156 -23.86 -20.36 33.32
C ARG F 156 -24.06 -21.51 34.32
N ARG F 157 -25.07 -21.36 35.17
CA ARG F 157 -25.23 -22.24 36.34
C ARG F 157 -25.17 -23.71 35.95
N THR F 158 -25.91 -24.06 34.90
CA THR F 158 -26.19 -25.44 34.54
C THR F 158 -25.61 -25.85 33.21
N TYR F 159 -26.22 -25.33 32.14
CA TYR F 159 -26.27 -26.06 30.87
C TYR F 159 -25.33 -25.55 29.78
N ILE F 160 -24.16 -25.13 30.24
CA ILE F 160 -22.93 -25.28 29.47
C ILE F 160 -22.15 -26.19 30.41
N GLY F 161 -21.11 -26.86 29.93
CA GLY F 161 -20.12 -27.46 30.82
C GLY F 161 -19.57 -26.26 31.57
N ALA F 162 -19.77 -26.20 32.89
CA ALA F 162 -19.71 -24.91 33.58
C ALA F 162 -19.28 -24.91 35.05
N MET F 163 -18.84 -23.71 35.47
CA MET F 163 -18.23 -23.43 36.76
C MET F 163 -18.29 -21.90 36.79
N PRO F 164 -17.91 -21.29 37.92
CA PRO F 164 -17.52 -19.89 37.95
C PRO F 164 -16.00 -19.74 38.06
N GLY F 165 -15.42 -19.04 37.08
CA GLY F 165 -14.04 -18.57 37.10
C GLY F 165 -14.06 -17.15 36.58
N LYS F 166 -12.91 -16.47 36.47
CA LYS F 166 -11.56 -16.99 36.74
C LYS F 166 -10.96 -16.36 38.00
N LEU F 167 -11.48 -15.19 38.37
CA LEU F 167 -11.17 -14.55 39.66
C LEU F 167 -11.95 -15.17 40.81
N ILE F 168 -13.17 -15.60 40.52
CA ILE F 168 -14.09 -16.03 41.56
C ILE F 168 -13.59 -17.28 42.24
N HIS F 169 -13.31 -18.33 41.47
CA HIS F 169 -12.79 -19.54 42.09
C HIS F 169 -11.48 -19.17 42.73
N ALA F 170 -10.63 -18.51 41.95
CA ALA F 170 -9.32 -18.12 42.41
C ALA F 170 -9.49 -17.14 43.56
N MET F 171 -10.63 -16.43 43.56
CA MET F 171 -11.01 -15.55 44.66
C MET F 171 -11.14 -16.34 45.95
N LYS F 172 -11.66 -17.57 45.86
CA LYS F 172 -11.70 -18.47 47.03
C LYS F 172 -10.49 -19.43 47.12
N GLN F 173 -9.42 -19.19 46.36
CA GLN F 173 -8.19 -19.96 46.52
C GLN F 173 -7.52 -19.53 47.81
N VAL F 174 -7.52 -18.23 48.03
CA VAL F 174 -7.09 -17.65 49.30
C VAL F 174 -8.34 -17.27 50.07
N GLY F 175 -8.46 -17.74 51.30
CA GLY F 175 -9.73 -17.68 52.04
C GLY F 175 -10.27 -16.29 52.32
N VAL F 176 -9.40 -15.34 52.62
CA VAL F 176 -9.81 -14.05 53.22
C VAL F 176 -10.54 -13.09 52.27
N ILE F 177 -11.43 -12.25 52.82
CA ILE F 177 -12.09 -11.20 52.03
C ILE F 177 -11.13 -10.06 51.70
N ASN F 178 -10.14 -9.85 52.56
CA ASN F 178 -9.27 -8.68 52.49
C ASN F 178 -7.99 -8.79 51.65
N PRO F 179 -7.88 -9.82 50.77
CA PRO F 179 -6.51 -10.12 50.33
C PRO F 179 -5.96 -9.13 49.31
N VAL F 180 -4.89 -9.54 48.65
CA VAL F 180 -4.37 -8.83 47.52
C VAL F 180 -4.42 -9.76 46.34
N ILE F 181 -4.97 -9.25 45.24
CA ILE F 181 -4.79 -9.89 43.96
C ILE F 181 -3.88 -8.99 43.16
N LEU F 182 -3.05 -9.61 42.33
CA LEU F 182 -2.28 -8.88 41.35
C LEU F 182 -2.78 -9.42 40.05
N LEU F 183 -2.73 -8.59 39.01
CA LEU F 183 -3.19 -8.98 37.68
C LEU F 183 -2.09 -8.64 36.71
N ASP F 184 -1.84 -9.52 35.74
CA ASP F 184 -0.77 -9.28 34.77
C ASP F 184 -1.17 -9.65 33.35
N GLN F 185 -0.45 -9.04 32.41
CA GLN F 185 -0.74 -9.21 31.00
C GLN F 185 -2.21 -8.93 30.71
N ILE F 186 -2.75 -7.87 31.31
CA ILE F 186 -4.09 -7.38 30.92
C ILE F 186 -4.01 -6.74 29.52
N ASP F 187 -2.87 -6.14 29.22
CA ASP F 187 -2.63 -5.66 27.85
C ASP F 187 -2.89 -6.76 26.82
N LYS F 188 -2.39 -7.96 27.10
CA LYS F 188 -2.35 -9.06 26.12
C LYS F 188 -3.67 -9.84 25.94
N MET F 189 -4.66 -9.58 26.78
CA MET F 189 -5.82 -10.42 26.80
C MET F 189 -6.67 -10.26 25.54
N SER F 190 -7.36 -11.34 25.19
CA SER F 190 -8.12 -11.48 23.94
C SER F 190 -9.31 -10.53 23.89
N SER F 191 -9.53 -9.92 22.74
CA SER F 191 -10.41 -8.77 22.64
C SER F 191 -11.52 -9.04 21.65
N ASP F 192 -11.16 -8.99 20.37
CA ASP F 192 -12.11 -9.19 19.28
C ASP F 192 -12.44 -10.68 19.09
N TRP F 193 -11.49 -11.55 19.43
CA TRP F 193 -11.61 -13.00 19.17
C TRP F 193 -12.97 -13.58 19.62
N ARG F 194 -13.40 -13.22 20.84
CA ARG F 194 -14.82 -13.28 21.21
C ARG F 194 -15.03 -12.80 22.63
N GLY F 195 -16.31 -12.57 22.96
CA GLY F 195 -16.78 -12.48 24.34
C GLY F 195 -16.00 -11.53 25.23
N ASP F 196 -16.04 -10.23 24.93
CA ASP F 196 -15.13 -9.30 25.59
C ASP F 196 -15.13 -9.44 27.11
N PRO F 197 -13.94 -9.60 27.71
CA PRO F 197 -13.90 -9.43 29.13
C PRO F 197 -13.33 -8.07 29.44
N ALA F 198 -12.70 -7.43 28.45
CA ALA F 198 -11.99 -6.20 28.67
C ALA F 198 -13.00 -5.22 29.24
N SER F 199 -14.23 -5.28 28.74
CA SER F 199 -15.30 -4.52 29.34
C SER F 199 -15.62 -5.10 30.72
N ALA F 200 -15.71 -6.42 30.78
CA ALA F 200 -16.06 -7.07 32.03
C ALA F 200 -15.25 -6.50 33.20
N MET F 201 -13.96 -6.32 32.96
CA MET F 201 -13.04 -5.84 33.99
C MET F 201 -13.45 -4.53 34.62
N LEU F 202 -13.86 -3.60 33.78
CA LEU F 202 -14.23 -2.28 34.26
C LEU F 202 -15.25 -2.46 35.37
N GLU F 203 -16.25 -3.29 35.13
CA GLU F 203 -17.16 -3.72 36.19
C GLU F 203 -16.33 -4.35 37.29
N VAL F 204 -15.34 -5.14 36.89
CA VAL F 204 -14.56 -5.91 37.84
C VAL F 204 -13.85 -5.05 38.86
N LEU F 205 -13.32 -3.91 38.45
CA LEU F 205 -12.51 -3.09 39.34
C LEU F 205 -13.28 -1.95 39.99
N ASP F 206 -14.31 -1.45 39.32
CA ASP F 206 -14.95 -0.19 39.74
C ASP F 206 -15.62 -0.33 41.09
N PRO F 207 -15.37 0.64 42.02
CA PRO F 207 -16.10 0.49 43.26
C PRO F 207 -17.59 0.71 43.07
N GLU F 208 -17.98 1.41 42.01
CA GLU F 208 -19.38 1.83 41.85
C GLU F 208 -20.43 0.71 41.87
N GLN F 209 -20.24 -0.35 41.09
CA GLN F 209 -21.11 -1.52 41.18
C GLN F 209 -20.30 -2.73 41.57
N ASN F 210 -19.17 -2.51 42.23
CA ASN F 210 -18.34 -3.61 42.62
C ASN F 210 -19.01 -4.29 43.75
N ASN F 211 -19.67 -3.48 44.55
CA ASN F 211 -20.38 -4.00 45.66
C ASN F 211 -21.43 -4.94 45.08
N THR F 212 -22.08 -4.49 44.00
CA THR F 212 -23.20 -5.20 43.36
C THR F 212 -22.76 -6.25 42.34
N PHE F 213 -22.35 -7.41 42.81
CA PHE F 213 -21.66 -8.38 41.93
C PHE F 213 -22.29 -9.77 41.71
N THR F 214 -21.92 -10.41 40.61
CA THR F 214 -22.13 -11.87 40.50
C THR F 214 -21.52 -12.47 39.22
N ASP F 215 -21.32 -13.79 39.26
CA ASP F 215 -20.72 -14.58 38.17
C ASP F 215 -21.83 -15.18 37.34
N HIS F 216 -21.72 -15.27 36.03
CA HIS F 216 -22.86 -15.84 35.30
C HIS F 216 -23.14 -17.27 35.83
N TYR F 217 -22.09 -18.02 36.21
CA TYR F 217 -22.29 -19.38 36.76
C TYR F 217 -22.90 -19.25 38.17
N LEU F 218 -23.07 -18.02 38.64
CA LEU F 218 -23.79 -17.72 39.89
C LEU F 218 -24.83 -16.60 39.73
N ASP F 219 -26.09 -16.89 40.04
CA ASP F 219 -27.10 -15.83 40.13
C ASP F 219 -26.86 -14.93 41.35
N VAL F 220 -25.93 -15.33 42.23
CA VAL F 220 -25.80 -14.66 43.51
C VAL F 220 -24.91 -13.41 43.52
N PRO F 221 -25.46 -12.30 44.03
CA PRO F 221 -24.57 -11.18 44.27
C PRO F 221 -23.48 -11.55 45.28
N TYR F 222 -22.42 -10.75 45.27
CA TYR F 222 -21.22 -10.97 46.07
C TYR F 222 -20.58 -9.61 46.23
N ASP F 223 -19.78 -9.42 47.26
CA ASP F 223 -19.07 -8.15 47.44
C ASP F 223 -17.62 -8.36 47.07
N LEU F 224 -16.92 -7.28 46.79
CA LEU F 224 -15.49 -7.35 46.58
C LEU F 224 -14.75 -6.09 46.98
N SER F 225 -15.46 -5.11 47.54
CA SER F 225 -14.90 -3.78 47.80
C SER F 225 -13.58 -3.86 48.55
N LYS F 226 -13.52 -4.77 49.52
CA LYS F 226 -12.40 -4.87 50.45
C LYS F 226 -11.08 -5.37 49.82
N VAL F 227 -11.17 -5.92 48.61
CA VAL F 227 -10.02 -6.51 47.94
C VAL F 227 -9.06 -5.41 47.51
N PHE F 228 -7.83 -5.78 47.21
CA PHE F 228 -6.84 -4.86 46.66
C PHE F 228 -6.35 -5.42 45.34
N PHE F 229 -6.16 -4.52 44.37
CA PHE F 229 -5.79 -4.90 43.02
C PHE F 229 -4.57 -4.14 42.55
N ILE F 230 -3.75 -4.84 41.77
CA ILE F 230 -2.72 -4.18 40.98
C ILE F 230 -2.50 -4.92 39.67
N THR F 231 -1.90 -4.20 38.74
CA THR F 231 -1.83 -4.60 37.35
C THR F 231 -0.39 -4.70 36.88
N THR F 232 -0.18 -5.57 35.90
CA THR F 232 1.11 -5.79 35.30
C THR F 232 0.94 -5.88 33.78
N ALA F 233 1.85 -5.29 33.03
CA ALA F 233 1.77 -5.27 31.57
C ALA F 233 3.12 -4.92 30.96
N ASN F 234 3.27 -5.15 29.66
CA ASN F 234 4.53 -4.82 28.97
C ASN F 234 4.47 -3.49 28.23
N THR F 235 3.31 -3.14 27.69
CA THR F 235 3.14 -1.83 27.05
C THR F 235 1.73 -1.27 27.25
N LEU F 236 1.64 0.06 27.26
CA LEU F 236 0.40 0.78 27.50
C LEU F 236 -0.56 0.71 26.31
N GLN F 237 0.03 0.77 25.11
CA GLN F 237 -0.71 0.91 23.85
C GLN F 237 -1.90 -0.05 23.77
N THR F 238 -1.66 -1.31 24.10
CA THR F 238 -2.66 -2.37 23.96
C THR F 238 -3.83 -2.27 24.93
N ILE F 239 -3.70 -1.52 26.02
CA ILE F 239 -4.75 -1.48 27.03
C ILE F 239 -5.83 -0.49 26.63
N PRO F 240 -7.10 -0.94 26.56
CA PRO F 240 -8.23 -0.03 26.29
C PRO F 240 -8.19 1.21 27.19
N ARG F 241 -8.29 2.39 26.59
CA ARG F 241 -8.22 3.66 27.32
C ARG F 241 -9.09 3.80 28.58
N PRO F 242 -10.26 3.13 28.63
CA PRO F 242 -11.11 3.40 29.78
C PRO F 242 -10.53 2.78 31.03
N LEU F 243 -10.04 1.55 30.91
CA LEU F 243 -9.22 0.95 31.95
C LEU F 243 -7.98 1.82 32.06
N LEU F 244 -7.32 2.01 30.94
CA LEU F 244 -6.08 2.77 30.95
C LEU F 244 -6.29 4.14 31.57
N ASP F 245 -7.49 4.70 31.40
CA ASP F 245 -7.90 5.92 32.13
C ASP F 245 -8.03 5.60 33.62
N ARG F 246 -8.43 4.36 33.90
CA ARG F 246 -8.68 3.91 35.26
C ARG F 246 -7.45 3.75 36.15
N MET F 247 -6.25 3.66 35.57
CA MET F 247 -5.06 3.39 36.40
C MET F 247 -3.92 4.39 36.26
N GLU F 248 -2.95 4.25 37.17
CA GLU F 248 -1.83 5.15 37.32
C GLU F 248 -0.52 4.40 37.08
N VAL F 249 0.31 4.93 36.19
CA VAL F 249 1.50 4.22 35.67
C VAL F 249 2.71 4.16 36.63
N ILE F 250 3.43 3.04 36.57
CA ILE F 250 4.79 2.93 37.08
C ILE F 250 5.61 2.09 36.10
N GLU F 251 6.79 2.58 35.77
CA GLU F 251 7.60 1.98 34.71
C GLU F 251 8.94 1.52 35.26
N ILE F 252 9.25 0.26 35.00
CA ILE F 252 10.61 -0.27 35.21
C ILE F 252 11.20 -0.56 33.81
N PRO F 253 12.10 0.30 33.33
CA PRO F 253 12.54 0.17 31.93
C PRO F 253 13.53 -0.99 31.71
N GLY F 254 14.51 -1.09 32.60
CA GLY F 254 15.52 -2.13 32.52
C GLY F 254 16.16 -2.29 33.90
N TYR F 255 17.31 -2.96 33.95
CA TYR F 255 18.04 -3.11 35.20
C TYR F 255 19.39 -2.48 35.08
N THR F 256 19.65 -1.42 35.83
CA THR F 256 21.02 -1.01 36.00
C THR F 256 21.78 -2.28 36.33
N ASN F 257 23.05 -2.29 36.01
CA ASN F 257 23.85 -3.51 36.01
C ASN F 257 24.01 -4.17 37.38
N MET F 258 24.24 -3.37 38.41
CA MET F 258 24.38 -3.85 39.80
C MET F 258 23.15 -4.53 40.41
N GLU F 259 21.99 -3.89 40.27
CA GLU F 259 20.70 -4.47 40.69
C GLU F 259 20.33 -5.72 39.90
N LYS F 260 20.78 -5.74 38.66
CA LYS F 260 20.64 -6.93 37.84
C LYS F 260 21.48 -7.99 38.52
N GLN F 261 22.76 -7.67 38.75
CA GLN F 261 23.67 -8.61 39.41
C GLN F 261 23.13 -9.09 40.74
N ALA F 262 22.90 -8.13 41.63
CA ALA F 262 22.55 -8.44 43.00
C ALA F 262 21.45 -9.47 42.99
N ILE F 263 20.34 -9.13 42.35
CA ILE F 263 19.19 -10.01 42.33
C ILE F 263 19.61 -11.36 41.77
N ALA F 264 20.42 -11.31 40.71
CA ALA F 264 20.90 -12.50 40.06
C ALA F 264 21.62 -13.33 41.10
N ARG F 265 22.38 -12.65 41.94
CA ARG F 265 23.04 -13.29 43.04
C ARG F 265 22.05 -14.06 43.89
N GLN F 266 20.91 -13.45 44.18
CA GLN F 266 20.07 -13.95 45.28
C GLN F 266 18.91 -14.82 44.85
N TYR F 267 17.94 -14.23 44.16
CA TYR F 267 16.76 -14.99 43.79
C TYR F 267 17.10 -15.85 42.57
N LEU F 268 17.87 -15.28 41.66
CA LEU F 268 18.00 -15.84 40.31
C LEU F 268 18.91 -17.08 40.21
N TRP F 269 20.10 -17.00 40.82
CA TRP F 269 21.13 -18.05 40.70
C TRP F 269 20.75 -19.40 41.31
N PRO F 270 20.28 -19.43 42.58
CA PRO F 270 19.91 -20.72 43.16
C PRO F 270 18.88 -21.49 42.35
N LYS F 271 17.77 -20.85 42.00
CA LYS F 271 16.68 -21.52 41.29
C LYS F 271 17.21 -22.33 40.12
N GLN F 272 18.09 -21.74 39.35
CA GLN F 272 18.79 -22.48 38.32
C GLN F 272 19.59 -23.60 38.98
N VAL F 273 20.23 -23.28 40.10
CA VAL F 273 21.09 -24.24 40.82
C VAL F 273 20.33 -25.52 41.14
N ARG F 274 19.14 -25.37 41.72
CA ARG F 274 18.30 -26.52 42.07
C ARG F 274 17.72 -27.23 40.86
N GLU F 275 17.37 -26.47 39.83
CA GLU F 275 16.56 -27.02 38.73
C GLU F 275 17.24 -28.15 37.94
N SER F 276 18.57 -28.13 37.90
CA SER F 276 19.35 -29.31 37.48
C SER F 276 20.01 -29.94 38.71
N GLY F 277 19.42 -29.67 39.88
CA GLY F 277 19.69 -30.39 41.12
C GLY F 277 21.12 -30.52 41.57
N MET F 278 22.02 -29.72 41.01
CA MET F 278 23.42 -29.74 41.46
C MET F 278 23.56 -28.79 42.64
N GLU F 279 22.81 -29.10 43.69
CA GLU F 279 22.43 -28.11 44.69
C GLU F 279 23.61 -27.50 45.44
N GLY F 280 24.44 -28.33 46.04
CA GLY F 280 25.64 -27.84 46.73
C GLY F 280 26.88 -28.03 45.90
N ARG F 281 26.69 -28.40 44.64
CA ARG F 281 27.78 -28.95 43.85
C ARG F 281 28.72 -27.87 43.32
N ILE F 282 28.19 -26.64 43.13
CA ILE F 282 28.92 -25.60 42.37
C ILE F 282 28.43 -24.18 42.65
N GLU F 283 29.33 -23.20 42.46
CA GLU F 283 28.98 -21.78 42.62
C GLU F 283 29.86 -20.81 41.82
N VAL F 284 29.39 -19.56 41.74
CA VAL F 284 30.06 -18.53 40.92
C VAL F 284 30.62 -17.35 41.72
N THR F 285 31.88 -17.02 41.46
CA THR F 285 32.44 -15.76 41.93
C THR F 285 31.58 -14.64 41.38
N ASP F 286 31.26 -13.65 42.22
CA ASP F 286 30.35 -12.58 41.81
C ASP F 286 30.80 -11.76 40.61
N ALA F 287 32.10 -11.51 40.48
CA ALA F 287 32.60 -10.85 39.29
C ALA F 287 32.31 -11.75 38.08
N ALA F 288 32.45 -13.05 38.25
CA ALA F 288 32.14 -14.00 37.18
C ALA F 288 30.72 -13.79 36.69
N ILE F 289 29.80 -13.50 37.62
CA ILE F 289 28.47 -13.05 37.20
C ILE F 289 28.66 -11.75 36.45
N LEU F 290 29.41 -10.80 37.02
CA LEU F 290 29.65 -9.54 36.34
C LEU F 290 30.09 -9.80 34.91
N ARG F 291 30.93 -10.82 34.71
CA ARG F 291 31.40 -11.19 33.38
C ARG F 291 30.34 -11.85 32.49
N VAL F 292 29.41 -12.61 33.07
CA VAL F 292 28.35 -13.21 32.24
C VAL F 292 27.48 -12.08 31.68
N ILE F 293 27.09 -11.15 32.54
CA ILE F 293 26.21 -10.05 32.14
C ILE F 293 26.86 -9.35 30.96
N SER F 294 28.10 -8.90 31.19
CA SER F 294 28.77 -8.00 30.27
C SER F 294 29.15 -8.65 28.94
N GLU F 295 29.78 -9.82 29.03
CA GLU F 295 30.32 -10.48 27.84
C GLU F 295 29.31 -11.42 27.18
N TYR F 296 28.27 -11.81 27.92
CA TYR F 296 27.29 -12.79 27.42
C TYR F 296 25.84 -12.29 27.44
N THR F 297 25.64 -11.02 27.79
CA THR F 297 24.29 -10.43 27.81
C THR F 297 24.32 -9.02 27.20
N ARG F 298 23.30 -8.71 26.42
CA ARG F 298 23.11 -7.36 25.93
C ARG F 298 21.63 -7.15 25.72
N GLU F 299 20.96 -7.03 26.85
CA GLU F 299 19.52 -6.83 26.87
C GLU F 299 19.19 -6.05 28.11
N ALA F 300 17.98 -5.50 28.14
CA ALA F 300 17.41 -4.89 29.33
C ALA F 300 17.15 -5.93 30.39
N GLY F 301 16.69 -7.09 29.95
CA GLY F 301 16.22 -8.11 30.86
C GLY F 301 17.20 -9.04 31.54
N VAL F 302 16.66 -9.72 32.54
CA VAL F 302 17.24 -10.89 33.16
C VAL F 302 17.24 -12.10 32.22
N ARG F 303 16.28 -12.12 31.29
CA ARG F 303 15.86 -13.38 30.69
C ARG F 303 16.98 -13.96 29.91
N GLY F 304 17.81 -13.09 29.35
CA GLY F 304 19.04 -13.55 28.76
C GLY F 304 19.85 -14.18 29.87
N LEU F 305 19.87 -13.50 31.01
CA LEU F 305 20.71 -13.95 32.10
C LEU F 305 20.37 -15.33 32.61
N GLU F 306 19.09 -15.57 32.88
CA GLU F 306 18.68 -16.79 33.56
C GLU F 306 19.22 -17.92 32.73
N ARG F 307 19.02 -17.81 31.42
CA ARG F 307 19.41 -18.83 30.51
C ARG F 307 20.90 -19.07 30.70
N GLU F 308 21.69 -18.02 30.61
CA GLU F 308 23.12 -18.18 30.68
C GLU F 308 23.45 -18.86 31.98
N LEU F 309 22.86 -18.35 33.05
CA LEU F 309 23.05 -18.95 34.33
C LEU F 309 22.57 -20.37 34.22
N GLY F 310 21.47 -20.56 33.52
CA GLY F 310 20.95 -21.89 33.27
C GLY F 310 22.03 -22.79 32.67
N LYS F 311 22.68 -22.28 31.63
CA LYS F 311 23.63 -23.09 30.89
C LYS F 311 24.73 -23.62 31.80
N ILE F 312 25.32 -22.72 32.57
CA ILE F 312 26.45 -23.05 33.45
C ILE F 312 26.10 -24.25 34.31
N ALA F 313 24.99 -24.17 35.01
CA ALA F 313 24.61 -25.23 35.93
C ALA F 313 24.58 -26.58 35.22
N ARG F 314 23.95 -26.65 34.06
CA ARG F 314 23.74 -27.93 33.41
C ARG F 314 24.93 -28.38 32.56
N LYS F 315 25.92 -27.51 32.44
CA LYS F 315 27.22 -27.90 31.92
C LYS F 315 28.11 -28.37 33.06
N GLY F 316 27.70 -28.10 34.29
CA GLY F 316 28.34 -28.70 35.43
C GLY F 316 28.08 -30.19 35.40
N ALA F 317 26.85 -30.55 35.06
CA ALA F 317 26.39 -31.94 35.13
C ALA F 317 27.12 -32.87 34.17
N LYS F 318 27.43 -32.36 32.98
CA LYS F 318 28.09 -33.19 31.97
C LYS F 318 29.53 -33.27 32.40
N PHE F 319 29.95 -32.23 33.11
CA PHE F 319 31.22 -32.21 33.78
C PHE F 319 31.09 -33.24 34.89
N TRP F 320 29.94 -33.20 35.58
CA TRP F 320 29.61 -34.20 36.58
C TRP F 320 29.06 -35.51 36.07
N LEU F 321 28.86 -35.62 34.77
CA LEU F 321 28.39 -36.88 34.23
C LEU F 321 29.58 -37.40 33.54
N GLU F 322 30.33 -36.51 32.91
CA GLU F 322 31.66 -36.85 32.44
C GLU F 322 32.50 -37.30 33.60
N GLY F 323 32.44 -36.56 34.70
CA GLY F 323 33.34 -36.81 35.82
C GLY F 323 32.80 -36.34 37.16
N ALA F 324 33.22 -36.99 38.23
CA ALA F 324 32.74 -36.65 39.58
C ALA F 324 33.80 -35.93 40.41
N TRP F 325 33.38 -34.88 41.10
CA TRP F 325 34.24 -34.16 42.03
C TRP F 325 33.56 -34.04 43.39
N GLU F 326 34.35 -34.05 44.46
CA GLU F 326 33.81 -33.92 45.81
C GLU F 326 34.10 -32.51 46.31
N GLY F 327 33.06 -31.83 46.82
CA GLY F 327 33.18 -30.50 47.42
C GLY F 327 32.38 -29.45 46.67
N LEU F 328 32.85 -28.22 46.73
CA LEU F 328 32.31 -27.15 45.89
C LEU F 328 33.39 -26.69 44.92
N ARG F 329 33.08 -26.80 43.63
CA ARG F 329 33.89 -26.19 42.59
C ARG F 329 33.40 -24.76 42.44
N THR F 330 34.32 -23.81 42.43
CA THR F 330 33.96 -22.39 42.47
C THR F 330 34.45 -21.67 41.22
N ILE F 331 33.53 -21.01 40.54
CA ILE F 331 33.83 -20.37 39.26
C ILE F 331 34.41 -18.98 39.45
N ASP F 332 35.45 -18.68 38.68
CA ASP F 332 35.94 -17.32 38.56
C ASP F 332 35.69 -16.91 37.13
N ALA F 333 35.80 -15.62 36.85
CA ALA F 333 35.55 -15.10 35.52
C ALA F 333 36.17 -16.00 34.43
N SER F 334 37.48 -16.24 34.55
CA SER F 334 38.25 -17.00 33.55
C SER F 334 37.65 -18.38 33.24
N ASP F 335 37.15 -19.06 34.26
CA ASP F 335 36.55 -20.38 34.07
C ASP F 335 35.24 -20.35 33.28
N ILE F 336 34.64 -19.17 33.08
CA ILE F 336 33.34 -19.06 32.41
C ILE F 336 33.35 -19.51 30.94
N PRO F 337 34.31 -19.01 30.15
CA PRO F 337 34.42 -19.43 28.76
C PRO F 337 34.29 -20.94 28.48
N THR F 338 34.76 -21.80 29.38
CA THR F 338 34.60 -23.25 29.15
C THR F 338 33.13 -23.69 29.34
N TYR F 339 32.36 -22.91 30.10
CA TYR F 339 30.95 -23.24 30.35
C TYR F 339 30.07 -22.71 29.21
N LEU F 340 30.25 -23.33 28.05
CA LEU F 340 29.61 -22.88 26.80
C LEU F 340 29.94 -21.42 26.44
N GLY F 341 30.88 -20.84 27.17
CA GLY F 341 31.16 -19.45 27.00
C GLY F 341 32.08 -19.17 25.83
N ILE F 342 31.95 -17.97 25.31
CA ILE F 342 32.94 -17.30 24.50
C ILE F 342 32.48 -15.84 24.68
N PRO F 343 33.36 -14.85 24.49
CA PRO F 343 32.70 -13.55 24.58
C PRO F 343 32.04 -13.26 23.24
N ARG F 344 30.71 -13.28 23.22
CA ARG F 344 29.93 -13.00 22.03
C ARG F 344 29.21 -11.65 22.17
N TYR F 345 29.67 -10.87 23.15
CA TYR F 345 29.56 -9.42 23.17
C TYR F 345 30.89 -9.07 23.78
N ARG F 346 31.41 -7.87 23.59
CA ARG F 346 32.74 -7.58 24.13
C ARG F 346 32.82 -6.23 24.81
N PRO F 347 33.80 -6.06 25.74
CA PRO F 347 33.75 -4.89 26.60
C PRO F 347 33.82 -3.61 25.78
N ASP F 348 33.12 -2.59 26.24
CA ASP F 348 33.22 -1.28 25.63
C ASP F 348 34.40 -0.53 26.24
N LYS F 349 35.26 -1.25 26.96
CA LYS F 349 36.39 -0.62 27.62
C LYS F 349 37.16 0.20 26.59
N ALA F 350 37.59 1.38 27.01
CA ALA F 350 38.04 2.41 26.10
C ALA F 350 39.56 2.55 26.09
N GLU F 351 40.04 3.26 25.07
CA GLU F 351 41.45 3.61 24.94
C GLU F 351 41.62 5.04 25.43
N THR F 352 41.97 5.19 26.71
CA THR F 352 41.99 6.48 27.40
C THR F 352 42.96 7.50 26.80
N GLU F 353 44.08 7.02 26.26
CA GLU F 353 45.13 7.93 25.80
C GLU F 353 44.56 8.78 24.67
N PRO F 354 44.93 10.07 24.61
CA PRO F 354 44.25 10.95 23.64
C PRO F 354 44.70 10.70 22.21
N GLN F 355 43.82 11.06 21.27
CA GLN F 355 44.05 10.85 19.85
C GLN F 355 43.71 12.13 19.07
N VAL F 356 44.13 12.18 17.81
CA VAL F 356 43.89 13.36 16.96
C VAL F 356 42.81 13.06 15.93
N GLY F 357 41.65 13.69 16.10
CA GLY F 357 40.53 13.52 15.18
C GLY F 357 39.53 12.51 15.70
N THR F 358 39.44 12.42 17.02
CA THR F 358 38.50 11.52 17.66
C THR F 358 37.83 12.21 18.83
N ALA F 359 36.68 11.68 19.22
CA ALA F 359 35.93 12.19 20.35
C ALA F 359 35.03 11.10 20.86
N GLN F 360 35.04 10.87 22.17
CA GLN F 360 34.15 9.88 22.75
C GLN F 360 32.71 10.31 22.54
N GLY F 361 31.79 9.35 22.60
CA GLY F 361 30.38 9.65 22.42
C GLY F 361 29.50 8.65 23.10
N LEU F 362 28.28 9.07 23.41
CA LEU F 362 27.34 8.22 24.11
C LEU F 362 26.04 8.13 23.32
N ALA F 363 25.50 6.91 23.22
CA ALA F 363 24.31 6.63 22.45
C ALA F 363 23.41 5.73 23.26
N TRP F 364 22.19 5.52 22.79
CA TRP F 364 21.22 4.77 23.55
C TRP F 364 20.25 4.03 22.66
N THR F 365 19.96 2.79 23.05
CA THR F 365 19.09 1.87 22.32
C THR F 365 18.01 1.47 23.30
N PRO F 366 16.85 1.01 22.84
CA PRO F 366 15.92 0.46 23.82
C PRO F 366 16.55 -0.62 24.74
N VAL F 367 17.45 -1.43 24.21
CA VAL F 367 18.08 -2.47 25.05
C VAL F 367 18.93 -1.86 26.16
N GLY F 368 19.67 -0.82 25.84
CA GLY F 368 20.63 -0.22 26.79
C GLY F 368 21.31 1.02 26.26
N GLY F 369 22.45 1.39 26.85
CA GLY F 369 23.25 2.54 26.43
C GLY F 369 24.61 2.10 25.89
N THR F 370 25.02 2.63 24.75
CA THR F 370 26.30 2.25 24.15
C THR F 370 27.26 3.43 24.27
N LEU F 371 28.56 3.12 24.26
CA LEU F 371 29.61 4.11 24.18
C LEU F 371 30.18 4.05 22.78
N LEU F 372 29.94 5.09 21.97
CA LEU F 372 30.45 5.15 20.59
C LEU F 372 31.53 6.21 20.42
N THR F 373 32.37 6.01 19.42
CA THR F 373 33.48 6.89 19.15
C THR F 373 33.29 7.48 17.79
N ILE F 374 33.79 8.69 17.62
CA ILE F 374 33.63 9.43 16.37
C ILE F 374 35.01 9.77 15.87
N GLU F 375 35.18 9.78 14.55
CA GLU F 375 36.49 9.98 13.95
C GLU F 375 36.37 10.95 12.80
N VAL F 376 37.37 11.80 12.65
CA VAL F 376 37.35 12.83 11.62
C VAL F 376 38.71 12.90 10.93
N ALA F 377 38.69 13.34 9.68
CA ALA F 377 39.89 13.40 8.88
C ALA F 377 40.15 14.78 8.31
N ALA F 378 41.40 15.22 8.42
CA ALA F 378 41.86 16.43 7.79
C ALA F 378 42.81 16.05 6.68
N VAL F 379 42.41 16.35 5.45
CA VAL F 379 43.20 16.00 4.30
C VAL F 379 43.17 17.19 3.35
N PRO F 380 44.21 17.34 2.52
CA PRO F 380 44.17 18.37 1.48
C PRO F 380 42.92 18.28 0.63
N GLY F 381 42.21 19.39 0.43
CA GLY F 381 40.97 19.34 -0.33
C GLY F 381 40.31 20.66 -0.67
N SER F 382 39.07 20.58 -1.14
CA SER F 382 38.36 21.74 -1.65
C SER F 382 37.05 21.94 -0.91
N GLY F 383 37.04 21.66 0.38
CA GLY F 383 35.84 21.87 1.20
C GLY F 383 34.71 20.86 1.02
N LYS F 384 34.99 19.77 0.31
CA LYS F 384 34.01 18.71 0.18
C LYS F 384 33.87 18.06 1.55
N LEU F 385 32.66 17.66 1.90
CA LEU F 385 32.38 17.12 3.24
C LEU F 385 31.63 15.81 3.09
N SER F 386 32.18 14.76 3.70
CA SER F 386 31.60 13.43 3.64
C SER F 386 31.31 12.99 5.07
N LEU F 387 30.14 12.40 5.26
CA LEU F 387 29.69 11.92 6.56
C LEU F 387 29.23 10.49 6.38
N THR F 388 30.04 9.54 6.85
CA THR F 388 29.74 8.14 6.63
C THR F 388 29.66 7.38 7.96
N GLY F 389 29.13 6.16 7.87
CA GLY F 389 28.78 5.36 9.04
C GLY F 389 27.28 5.17 9.22
N GLN F 390 26.53 5.31 8.12
CA GLN F 390 25.08 5.16 8.14
C GLN F 390 24.40 6.17 9.06
N LEU F 391 24.88 7.41 9.00
CA LEU F 391 24.29 8.49 9.76
C LEU F 391 22.94 8.81 9.16
N GLY F 392 22.06 9.41 9.95
CA GLY F 392 20.74 9.79 9.48
C GLY F 392 20.70 11.29 9.24
N GLU F 393 19.66 11.75 8.55
CA GLU F 393 19.64 13.13 8.03
C GLU F 393 19.80 14.15 9.15
N VAL F 394 19.11 13.90 10.25
CA VAL F 394 19.14 14.75 11.43
C VAL F 394 20.52 14.82 12.04
N MET F 395 21.19 13.68 12.11
CA MET F 395 22.55 13.65 12.63
C MET F 395 23.49 14.35 11.70
N LYS F 396 23.34 14.09 10.41
CA LYS F 396 24.13 14.78 9.41
C LYS F 396 24.06 16.28 9.64
N GLU F 397 22.85 16.81 9.79
CA GLU F 397 22.68 18.24 10.01
C GLU F 397 23.46 18.74 11.22
N SER F 398 23.64 17.86 12.21
CA SER F 398 24.43 18.16 13.40
C SER F 398 25.91 18.38 13.07
N ALA F 399 26.43 17.62 12.11
CA ALA F 399 27.76 17.85 11.55
C ALA F 399 27.89 19.16 10.77
N GLN F 400 26.81 19.60 10.11
CA GLN F 400 26.83 20.84 9.34
C GLN F 400 26.74 22.06 10.25
N ALA F 401 25.89 21.99 11.27
CA ALA F 401 25.79 23.04 12.27
C ALA F 401 27.15 23.26 12.91
N ALA F 402 27.75 22.18 13.40
CA ALA F 402 29.03 22.20 14.12
C ALA F 402 30.22 22.62 13.26
N LEU F 403 30.22 22.22 11.99
CA LEU F 403 31.27 22.65 11.06
C LEU F 403 31.13 24.14 10.82
N THR F 404 29.90 24.60 10.64
CA THR F 404 29.66 25.99 10.29
C THR F 404 30.00 26.92 11.45
N TYR F 405 29.68 26.50 12.68
CA TYR F 405 30.02 27.27 13.87
C TYR F 405 31.54 27.43 14.02
N LEU F 406 32.28 26.36 13.73
CA LEU F 406 33.74 26.42 13.75
C LEU F 406 34.29 27.24 12.59
N ARG F 407 33.59 27.25 11.47
CA ARG F 407 34.02 28.06 10.32
C ARG F 407 34.05 29.55 10.65
N ALA F 408 33.18 29.98 11.57
CA ALA F 408 33.13 31.39 11.99
C ALA F 408 34.23 31.77 13.02
N HIS F 409 34.59 30.82 13.88
CA HIS F 409 35.45 31.10 15.04
C HIS F 409 36.85 30.53 14.87
N THR F 410 37.35 30.52 13.63
CA THR F 410 38.63 29.90 13.32
C THR F 410 39.72 30.43 14.26
N GLN F 411 39.95 31.74 14.18
CA GLN F 411 40.98 32.39 14.99
C GLN F 411 40.82 32.00 16.45
N ASP F 412 39.58 31.98 16.90
CA ASP F 412 39.30 31.78 18.30
C ASP F 412 39.72 30.38 18.80
N TYR F 413 39.66 29.37 17.94
CA TYR F 413 40.07 28.02 18.32
C TYR F 413 41.42 27.57 17.72
N GLY F 414 42.12 28.49 17.05
CA GLY F 414 43.42 28.19 16.46
C GLY F 414 43.32 27.31 15.21
N LEU F 415 42.21 27.43 14.50
CA LEU F 415 42.03 26.74 13.22
C LEU F 415 42.69 27.56 12.12
N PRO F 416 42.93 26.94 10.94
CA PRO F 416 43.39 27.75 9.84
C PRO F 416 42.34 28.82 9.54
N GLU F 417 42.79 30.00 9.16
CA GLU F 417 41.87 31.08 8.82
C GLU F 417 40.90 30.66 7.71
N ASP F 418 41.40 29.91 6.73
CA ASP F 418 40.56 29.41 5.65
C ASP F 418 40.84 27.95 5.28
N PHE F 419 40.67 27.07 6.25
CA PHE F 419 40.66 25.64 5.98
C PHE F 419 39.53 25.29 5.03
N TYR F 420 38.40 26.00 5.19
CA TYR F 420 37.20 25.73 4.43
C TYR F 420 37.44 25.65 2.92
N ASN F 421 38.44 26.37 2.45
CA ASN F 421 38.69 26.47 1.02
C ASN F 421 39.71 25.45 0.51
N LYS F 422 40.43 24.81 1.42
CA LYS F 422 41.57 24.01 1.02
C LYS F 422 41.72 22.65 1.73
N VAL F 423 40.65 22.21 2.37
CA VAL F 423 40.56 20.86 2.94
C VAL F 423 39.25 20.23 2.47
N ASP F 424 39.26 18.93 2.23
CA ASP F 424 38.03 18.14 2.22
C ASP F 424 38.01 17.40 3.56
N LEU F 425 36.82 17.18 4.11
CA LEU F 425 36.68 16.67 5.47
C LEU F 425 35.70 15.49 5.54
N HIS F 426 36.05 14.48 6.32
CA HIS F 426 35.27 13.23 6.41
C HIS F 426 35.02 12.86 7.87
N VAL F 427 33.75 12.64 8.21
CA VAL F 427 33.36 12.29 9.57
C VAL F 427 32.77 10.89 9.59
N HIS F 428 33.32 10.03 10.44
CA HIS F 428 32.95 8.62 10.46
C HIS F 428 32.60 8.18 11.88
N VAL F 429 31.65 7.26 11.99
CA VAL F 429 31.32 6.65 13.27
C VAL F 429 31.22 5.15 13.05
N PRO F 430 32.26 4.38 13.41
CA PRO F 430 32.10 2.95 13.26
C PRO F 430 31.32 2.35 14.44
N ASP F 431 30.75 1.15 14.27
CA ASP F 431 30.86 0.35 13.03
C ASP F 431 29.99 0.90 11.88
N GLY F 432 30.29 0.45 10.66
CA GLY F 432 29.56 0.86 9.46
C GLY F 432 28.20 0.22 9.34
N ALA F 433 28.07 -1.04 9.74
CA ALA F 433 26.82 -1.77 9.58
C ALA F 433 25.66 -1.12 10.32
N THR F 434 25.88 -0.86 11.62
CA THR F 434 24.85 -0.31 12.51
C THR F 434 24.42 1.10 12.12
N PRO F 435 23.10 1.37 12.10
CA PRO F 435 22.63 2.68 11.65
C PRO F 435 22.42 3.62 12.83
N LYS F 436 22.73 4.90 12.64
CA LYS F 436 22.68 5.90 13.73
C LYS F 436 21.90 7.14 13.31
N ASP F 437 21.41 7.87 14.31
CA ASP F 437 20.71 9.11 14.08
C ASP F 437 20.68 9.91 15.39
N GLY F 438 20.01 11.06 15.37
CA GLY F 438 19.81 11.84 16.58
C GLY F 438 20.71 13.05 16.51
N PRO F 439 20.48 14.06 17.37
CA PRO F 439 21.36 15.20 17.29
C PRO F 439 22.24 15.41 18.51
N SER F 440 22.33 14.45 19.43
CA SER F 440 23.01 14.69 20.70
C SER F 440 24.49 14.65 20.53
N ALA F 441 24.92 14.40 19.31
CA ALA F 441 26.33 14.17 19.00
C ALA F 441 27.05 15.45 18.62
N GLY F 442 26.31 16.49 18.27
CA GLY F 442 26.93 17.69 17.77
C GLY F 442 28.25 17.98 18.45
N ILE F 443 28.23 18.07 19.77
CA ILE F 443 29.39 18.58 20.51
C ILE F 443 30.57 17.63 20.37
N THR F 444 30.30 16.33 20.36
CA THR F 444 31.33 15.35 20.19
C THR F 444 31.94 15.55 18.84
N MET F 445 31.08 15.75 17.84
CA MET F 445 31.56 15.92 16.48
C MET F 445 32.39 17.17 16.42
N ALA F 446 31.90 18.23 17.04
CA ALA F 446 32.63 19.50 17.06
C ALA F 446 34.01 19.32 17.68
N THR F 447 34.05 18.67 18.85
CA THR F 447 35.33 18.36 19.52
C THR F 447 36.24 17.62 18.57
N ALA F 448 35.69 16.59 17.95
CA ALA F 448 36.44 15.79 17.01
C ALA F 448 36.93 16.66 15.88
N ILE F 449 35.99 17.41 15.31
CA ILE F 449 36.27 18.23 14.15
C ILE F 449 37.38 19.21 14.45
N ALA F 450 37.29 19.87 15.60
CA ALA F 450 38.27 20.88 15.98
C ALA F 450 39.67 20.28 16.03
N SER F 451 39.81 19.17 16.74
CA SER F 451 41.10 18.49 16.86
C SER F 451 41.59 17.91 15.55
N ALA F 452 40.74 17.88 14.53
CA ALA F 452 41.16 17.49 13.19
C ALA F 452 42.00 18.56 12.52
N LEU F 453 41.58 19.82 12.59
CA LEU F 453 42.16 20.90 11.79
C LEU F 453 43.28 21.59 12.55
N SER F 454 42.96 21.94 13.80
CA SER F 454 43.96 22.07 14.83
C SER F 454 44.47 20.65 14.97
N ARG F 455 45.68 20.47 15.48
CA ARG F 455 46.21 19.14 15.67
C ARG F 455 46.21 18.78 17.13
N ARG F 456 45.76 19.71 17.96
CA ARG F 456 45.71 19.48 19.38
C ARG F 456 44.92 18.22 19.61
N PRO F 457 45.55 17.23 20.25
CA PRO F 457 44.89 16.01 20.66
C PRO F 457 43.64 16.28 21.48
N ALA F 458 42.70 15.34 21.42
CA ALA F 458 41.46 15.44 22.18
C ALA F 458 41.46 14.36 23.27
N ARG F 459 41.32 14.80 24.51
CA ARG F 459 41.27 13.88 25.62
C ARG F 459 40.18 12.85 25.41
N MET F 460 40.43 11.63 25.90
CA MET F 460 39.47 10.56 25.80
C MET F 460 39.28 9.84 27.14
N ASP F 461 39.64 10.53 28.23
CA ASP F 461 39.07 10.23 29.54
C ASP F 461 37.58 10.43 29.45
N ILE F 462 37.21 11.55 28.81
CA ILE F 462 35.87 12.13 28.88
C ILE F 462 34.96 11.70 27.74
N ALA F 463 33.67 11.60 28.05
CA ALA F 463 32.61 11.25 27.08
C ALA F 463 31.51 12.29 27.07
N MET F 464 30.99 12.59 25.89
CA MET F 464 30.14 13.76 25.72
C MET F 464 28.84 13.46 25.02
N THR F 465 27.75 13.89 25.64
CA THR F 465 26.47 13.90 24.98
C THR F 465 25.96 15.33 25.01
N GLY F 466 25.71 15.90 23.84
CA GLY F 466 25.18 17.25 23.73
C GLY F 466 24.77 17.64 22.33
N GLU F 467 23.69 18.41 22.24
CA GLU F 467 23.23 18.98 20.98
C GLU F 467 23.85 20.35 20.82
N VAL F 468 24.07 20.77 19.58
CA VAL F 468 24.65 22.08 19.34
C VAL F 468 23.79 22.91 18.40
N SER F 469 23.52 24.15 18.79
CA SER F 469 22.97 25.13 17.87
C SER F 469 24.10 25.69 17.04
N LEU F 470 23.75 26.37 15.96
CA LEU F 470 24.75 27.01 15.11
C LEU F 470 25.54 28.09 15.90
N ARG F 471 24.91 28.62 16.95
CA ARG F 471 25.54 29.58 17.86
C ARG F 471 26.58 28.96 18.81
N GLY F 472 26.65 27.64 18.89
CA GLY F 472 27.48 26.98 19.89
C GLY F 472 26.79 26.77 21.24
N LYS F 473 25.47 27.00 21.35
CA LYS F 473 24.72 26.71 22.59
C LYS F 473 24.49 25.22 22.73
N VAL F 474 24.54 24.72 23.96
CA VAL F 474 24.34 23.29 24.23
C VAL F 474 22.92 23.02 24.76
N MET F 475 22.12 22.39 23.91
CA MET F 475 20.72 22.09 24.19
C MET F 475 20.65 20.90 25.13
N PRO F 476 19.48 20.64 25.74
CA PRO F 476 19.30 19.43 26.51
C PRO F 476 19.16 18.23 25.63
N ILE F 477 19.32 17.05 26.23
CA ILE F 477 19.27 15.79 25.48
C ILE F 477 18.55 14.68 26.22
N GLY F 478 18.39 13.54 25.57
CA GLY F 478 17.57 12.46 26.09
C GLY F 478 18.35 11.23 26.48
N GLY F 479 17.66 10.30 27.14
CA GLY F 479 18.24 9.02 27.51
C GLY F 479 19.48 9.15 28.36
N VAL F 480 19.44 10.05 29.33
CA VAL F 480 20.62 10.37 30.14
C VAL F 480 21.04 9.27 31.10
N LYS F 481 20.08 8.56 31.69
CA LYS F 481 20.41 7.50 32.62
C LYS F 481 21.26 6.43 31.94
N GLU F 482 20.85 6.05 30.74
CA GLU F 482 21.40 4.88 30.06
C GLU F 482 22.82 5.16 29.57
N LYS F 483 23.07 6.38 29.12
CA LYS F 483 24.36 6.75 28.54
C LYS F 483 25.46 6.73 29.58
N LEU F 484 25.22 7.38 30.72
CA LEU F 484 26.23 7.50 31.76
C LEU F 484 26.52 6.14 32.37
N LEU F 485 25.48 5.34 32.59
CA LEU F 485 25.67 3.94 32.98
C LEU F 485 26.57 3.24 31.98
N ALA F 486 26.22 3.36 30.71
CA ALA F 486 26.99 2.76 29.63
C ALA F 486 28.43 3.20 29.73
N ALA F 487 28.62 4.49 30.04
CA ALA F 487 29.95 5.10 30.19
C ALA F 487 30.67 4.71 31.47
N HIS F 488 29.91 4.60 32.55
CA HIS F 488 30.47 4.20 33.83
C HIS F 488 31.08 2.82 33.70
N GLN F 489 30.26 1.87 33.22
CA GLN F 489 30.69 0.50 32.97
C GLN F 489 31.86 0.42 32.01
N ALA F 490 31.92 1.36 31.07
CA ALA F 490 33.06 1.48 30.20
C ALA F 490 34.32 1.68 31.02
N GLY F 491 34.19 2.43 32.12
CA GLY F 491 35.29 2.69 33.04
C GLY F 491 35.85 4.10 32.91
N ILE F 492 35.08 5.00 32.33
CA ILE F 492 35.43 6.42 32.31
C ILE F 492 34.51 7.15 33.27
N HIS F 493 35.09 7.96 34.15
CA HIS F 493 34.32 8.64 35.20
C HIS F 493 34.22 10.15 34.96
N LYS F 494 34.76 10.62 33.84
CA LYS F 494 34.65 12.01 33.41
C LYS F 494 33.55 12.15 32.38
N ILE F 495 32.70 13.16 32.52
CA ILE F 495 31.53 13.32 31.66
C ILE F 495 31.35 14.78 31.27
N VAL F 496 30.64 14.99 30.16
CA VAL F 496 30.09 16.30 29.83
C VAL F 496 28.59 16.13 29.60
N LEU F 497 27.82 17.18 29.89
CA LEU F 497 26.38 17.13 29.79
C LEU F 497 25.86 18.56 29.85
N PRO F 498 24.69 18.83 29.25
CA PRO F 498 24.13 20.17 29.35
C PRO F 498 23.66 20.51 30.77
N LYS F 499 23.48 21.79 31.06
CA LYS F 499 22.87 22.22 32.33
C LYS F 499 21.44 21.70 32.31
N ASP F 500 20.77 21.97 31.19
CA ASP F 500 19.36 21.64 31.04
C ASP F 500 19.11 20.17 31.39
N ASN F 501 20.10 19.32 31.17
CA ASN F 501 19.98 17.91 31.49
C ASN F 501 20.39 17.54 32.92
N GLU F 502 20.90 18.51 33.67
CA GLU F 502 21.26 18.29 35.08
C GLU F 502 20.08 17.75 35.87
N ALA F 503 18.91 18.31 35.61
CA ALA F 503 17.69 17.91 36.29
C ALA F 503 17.50 16.41 36.37
N GLN F 504 18.12 15.69 35.45
CA GLN F 504 17.94 14.23 35.34
C GLN F 504 19.12 13.40 35.85
N LEU F 505 19.91 13.95 36.77
CA LEU F 505 20.94 13.18 37.47
C LEU F 505 20.40 12.59 38.76
N GLU F 506 19.09 12.70 38.98
CA GLU F 506 18.46 12.09 40.13
C GLU F 506 17.92 10.69 39.80
N GLU F 507 18.28 10.17 38.63
CA GLU F 507 17.84 8.84 38.22
C GLU F 507 18.94 7.79 38.42
N LEU F 508 20.20 8.21 38.32
CA LEU F 508 21.35 7.32 38.53
C LEU F 508 21.48 7.01 40.01
N PRO F 509 21.77 5.75 40.35
CA PRO F 509 21.95 5.50 41.78
C PRO F 509 23.20 6.21 42.25
N LYS F 510 23.19 6.60 43.53
CA LYS F 510 24.28 7.37 44.14
C LYS F 510 25.64 6.71 43.92
N GLU F 511 25.70 5.42 44.20
CA GLU F 511 26.91 4.61 44.10
C GLU F 511 27.60 4.82 42.77
N VAL F 512 26.80 4.94 41.71
CA VAL F 512 27.29 5.34 40.40
C VAL F 512 27.78 6.77 40.48
N LEU F 513 26.95 7.61 41.08
CA LEU F 513 27.25 9.03 41.17
C LEU F 513 28.50 9.36 41.98
N GLU F 514 28.81 8.56 43.00
CA GLU F 514 29.99 8.82 43.84
C GLU F 514 31.23 8.96 42.96
N GLY F 515 31.34 8.09 41.96
CA GLY F 515 32.50 8.11 41.06
C GLY F 515 32.28 8.78 39.71
N LEU F 516 31.46 9.84 39.68
CA LEU F 516 31.19 10.56 38.43
C LEU F 516 31.57 12.03 38.45
N GLU F 517 32.52 12.40 37.58
CA GLU F 517 33.05 13.77 37.47
C GLU F 517 32.33 14.54 36.37
N ILE F 518 31.07 14.85 36.63
CA ILE F 518 30.25 15.50 35.61
C ILE F 518 30.67 16.95 35.44
N LYS F 519 30.67 17.39 34.19
CA LYS F 519 30.86 18.78 33.85
C LYS F 519 29.58 19.26 33.19
N LEU F 520 29.01 20.35 33.70
CA LEU F 520 27.81 20.91 33.13
C LEU F 520 28.19 22.12 32.28
N VAL F 521 27.58 22.22 31.10
CA VAL F 521 27.98 23.21 30.11
C VAL F 521 26.78 23.94 29.58
N GLU F 522 26.89 25.26 29.48
CA GLU F 522 25.85 26.07 28.87
C GLU F 522 26.25 26.47 27.44
N ASP F 523 27.48 26.15 27.06
CA ASP F 523 28.06 26.64 25.82
C ASP F 523 29.17 25.71 25.38
N VAL F 524 29.35 25.61 24.07
CA VAL F 524 30.25 24.62 23.48
C VAL F 524 31.74 24.94 23.65
N GLY F 525 32.08 26.23 23.61
CA GLY F 525 33.45 26.66 23.84
C GLY F 525 33.98 26.16 25.17
N GLU F 526 33.08 26.06 26.15
CA GLU F 526 33.42 25.50 27.44
C GLU F 526 33.96 24.07 27.30
N VAL F 527 33.47 23.35 26.30
CA VAL F 527 33.86 21.96 26.07
C VAL F 527 35.23 21.82 25.40
N LEU F 528 35.51 22.63 24.40
CA LEU F 528 36.73 22.46 23.61
C LEU F 528 37.94 22.79 24.49
N GLU F 529 37.87 23.91 25.21
CA GLU F 529 38.91 24.30 26.18
C GLU F 529 39.20 23.19 27.15
N TYR F 530 38.14 22.48 27.56
CA TYR F 530 38.27 21.44 28.55
C TYR F 530 38.92 20.20 27.97
N LEU F 531 38.70 19.98 26.68
CA LEU F 531 39.08 18.73 26.03
C LEU F 531 40.40 18.81 25.28
N LEU F 532 40.46 19.70 24.31
CA LEU F 532 41.62 19.73 23.43
C LEU F 532 42.88 20.11 24.21
N LEU F 533 43.88 19.23 24.15
CA LEU F 533 45.15 19.43 24.83
C LEU F 533 45.84 20.70 24.32
N PRO F 534 46.67 21.34 25.16
CA PRO F 534 47.05 22.73 24.94
C PRO F 534 47.91 23.01 23.72
N GLU F 535 48.85 22.12 23.39
CA GLU F 535 49.74 22.34 22.23
C GLU F 535 49.61 21.20 21.22
N PRO F 536 49.40 21.53 19.92
CA PRO F 536 49.25 20.53 18.86
C PRO F 536 50.41 19.54 18.79
N THR F 537 50.16 18.37 18.21
CA THR F 537 51.16 17.30 18.15
C THR F 537 51.66 16.95 16.74
N MET F 538 50.89 17.28 15.71
CA MET F 538 51.20 16.82 14.35
C MET F 538 51.39 18.00 13.41
N PRO F 539 52.24 17.85 12.39
CA PRO F 539 52.40 18.97 11.45
C PRO F 539 51.07 19.32 10.76
N PRO F 540 50.85 20.62 10.46
CA PRO F 540 49.65 20.98 9.70
C PRO F 540 49.58 20.24 8.36
N VAL F 541 48.49 20.45 7.62
CA VAL F 541 48.18 19.69 6.38
C VAL F 541 49.33 19.74 5.35
N VAL F 542 49.92 20.92 5.19
CA VAL F 542 51.00 21.22 4.22
C VAL F 542 50.42 21.89 2.97
#